data_8RNC
#
_entry.id   8RNC
#
_cell.length_a   1.00
_cell.length_b   1.00
_cell.length_c   1.00
_cell.angle_alpha   90.00
_cell.angle_beta   90.00
_cell.angle_gamma   90.00
#
_symmetry.space_group_name_H-M   'P 1'
#
loop_
_entity.id
_entity.type
_entity.pdbx_description
1 polymer 'Polymerase acidic protein'
2 polymer 'RNA-directed RNA polymerase catalytic subunit'
3 polymer 'Polymerase basic protein 2'
4 polymer 'Acidic leucine-rich nuclear phosphoprotein 32 family member A'
#
loop_
_entity_poly.entity_id
_entity_poly.type
_entity_poly.pdbx_seq_one_letter_code
_entity_poly.pdbx_strand_id
1 'polypeptide(L)'
;MDTFITRNFQTTIIQKAKNTMAEFSEDPELQPAMLFNICVHLEVCYVISDMNFLDEEGKAYTALEGQGKEQNLRPQYEVI
EGMPRTIAWMVQRSLAQEHGIETPKYLADLFDYKTKRFIEVGITKGLADDYFWKKKEKLGNSMELMIFSYNQDYSLSNES
SLDEEGKGRVLSRLTELQAELSLKNLWQVLIGEEDVEKGIDFKLGQTISRLRDISVPAGFSNFEGMRSYIDNIDPKGAIE
RNLARMSPLVSVTPKKLTWEDLRPIGPHIYNHELPEVPYNAFLLMSDELGLANMTEGKSKKPKTLAKECLEKYSTLRDQT
DPILIMKSEKANENFLWKLWRDCVNTISNEEMSNELQKTNYAKWATGDGLTYQKIMKEVAIDDETMCQEEPKIPNKCRVA
AWVQTEMNLLSTLTSKRALDLPEIGPDVAPVEHVGSERRKYFVNEINYCKASTVMMKYVLFHTSLLNESNASMGKYKVIP
ITNRVVNEKGESFDMLYGLAVKGQSHLRGDTDVVTVVTFEFSSTDPRVDSGKWPKYTVFRIGSLFVSGREKSVYLYCRVN
GTNKIQMKWGMEARRCLLQSMQQMEAIVEQESSIQGYDMTKACFKGDRVNSPKTFSIGTQEGKLVKGSFGKALRVIFTKC
LMHYVFGNAQLEGFSAESRRLLLLIQALKDRKGPWVFDLEGMYSGIEECISNNPWVIQSAYWFNEWLGFEKEGSKVLESV
DEIMDE
;
A,X,D
2 'polypeptide(L)'
;MNINPYFLFIDVPIQAAISTTFPYTGVPPYSHGTGTGYTIDTVIRTHEYSNKGKQYISDVTGCTMVDPTNGPLPEDNEPS
AYAQLDCVLEALDRMDEEHPGLFQAASQNAMETLMVTTVDKLTQGRQTFDWTVCRNQPAATALNTTITSFRLNDLNGADK
GGLIPFCQDIIDSLDRPEMTFFSVKNIKKKLPAKNRKGFLIKRIPMKVKDKITKVEYIKRALSLNTMTKDAERGKLKRRA
IATAGIQIRGFVLVVENLAKNICENLEQSGLPVGGNEKKAKLSNAVAKMLSNCPPGGISMTVTGDNTKWNECLNPRIFLA
MTERITRDSPIWFRDFCSIAPVLFSNKIARLGKGFMITSKTKRLKAQIPCPDLFSIPLERYNEETRAKLKKLKPFFNEEG
TASLSPGMMMGMFNMLSTVLGVAALGIKNIGNKEYLWDGLQSSDDFALFVNAKDEETCMEGINDFYRTCKLLGINMSKKK
SYCNETGMFEFTSMFYRDGFVSNFAMELPSFGVAGVNESADMAIGMTIIKNNMINNGMGPATAQTAIQLFIADYRYTYKC
HRGDSKVEGKRMKIIKELWENTKGRDGLLVADGGPNIYNLRNLHIPEIVLKYNLMDPEYKGRLLHPQNPFVGHLSIEGIK
EADITPAHGPVKKMDYDAVSGTHSWRTKRNRSILNTDQRNMILEEQCYAKCCNLFEACFNSASYRKPVGQHSMLEAMAHR
LRMDARLDYESGRMSKDDFEKAMAHLGEIGYI
;
B,Y,E
3 'polypeptide(L)'
;MTLAKIELLKQLLRDNEAKTVLKQTTVDQYNIIRKFNTSRIEKNPSLRMKWAMCSNFPLALTKGDMANRIPLEYKGIQLK
TNAEDIGTKGQMCSIAAVTWWNTYGPIGDTEGFERVYESFFLRKMRLDNATWGRITFGPVERVRKRVLLNPLTKEMPPDE
ASNVIMEILFPKEAGIPRESTWIHRELIKEKREKLKGTMITPIVLAYMLERELVARRRFLPVAGATSAEFIEMLHCLQGE
NWRQIYHPGGNKLTESRSQSMIVACRKIIRRSIVASNPLELAVEIANKTVIDTEPLKSCLAAIDGGDVACDIIRAALGLK
IRQRQRFGRLELKRISGRGFKNDEEILIGNGTIQKIGIWDGEEEFHVRCGECRGILKKSKMKLEKLLINSAKKEDMRDLI
ILCMVFSQDTRMFQGVRGEINFLNRAGQLLSPMYQLQRYFLNRSNDLFDQWGYEESPKASELHGINESMNASDYTLKGVV
VTRNVIDDFSSTETEKVSITKNLSLIKRTGEVIMGANDVSELESQAQLMITYDTPKMWEMGTTKELVQNTYQWVLKNLVT
LKAQFLLGKEDMFQWDAFEAFESIIPQKMAGQYSGFARAVLKQMRDQEVMKTDQFIKLLPFCFSPPKLRSNGEPYQFLKL
VLKGGGENFIEVRKGSPLFSYNPQTEVLTICGRMMSLKGKIEDEERNRSMGNAVLAGFLVSGKYDPDLGDFKTIEELEKL
KPGEKANILLYQGKPVKVVKRKRYSALSNDISQGIKRQRMTVESMGWALSGWSHPQFEKGGGSGGGSGGSAWSHPQFEK
;
C,F
4 'polypeptide(L)'
;MKHHHHHHPMSDYDIPTTENLYFQGAMEMGRRIHLELRNRTPSDVKELVLDNSRSNEGKLEGLTDEFEELEFLSTINVGL
TSIANLPKLNKLKKLELSDNRVSGGLEVLAEKCPNLTHLNLSGNKIKDLSTIEPLKKLENLKSLDLFNCEVTNLNDYREN
VFKLLPQLTYLDGYDRDDKEAPDSDAEGYVEGLDDEEEDEDEEEYDEDAQVVEDEEDEDEEEEGEEEDVSGEEEEDEEGY
NDGEVDDEEDEEELGEEERGQKRKREPEDEGEDDD
;
G
#
# COMPACT_ATOMS: atom_id res chain seq x y z
N MET A 1 6.56 15.38 48.81
CA MET A 1 7.52 16.49 48.56
C MET A 1 8.59 16.06 47.56
N ASP A 2 9.02 14.80 47.67
CA ASP A 2 10.08 14.30 46.82
C ASP A 2 9.74 14.46 45.34
N THR A 3 8.46 14.33 44.98
CA THR A 3 8.06 14.55 43.59
C THR A 3 8.36 15.97 43.14
N PHE A 4 8.05 16.95 44.00
CA PHE A 4 8.39 18.34 43.68
C PHE A 4 9.88 18.51 43.52
N ILE A 5 10.67 17.87 44.38
CA ILE A 5 12.12 17.99 44.28
C ILE A 5 12.61 17.43 42.95
N THR A 6 12.08 16.27 42.56
CA THR A 6 12.47 15.68 41.28
C THR A 6 12.08 16.57 40.12
N ARG A 7 10.88 17.15 40.16
CA ARG A 7 10.40 17.96 39.04
C ARG A 7 11.18 19.27 38.91
N ASN A 8 11.36 19.99 40.02
CA ASN A 8 11.89 21.34 39.97
C ASN A 8 13.41 21.40 40.07
N PHE A 9 14.09 20.30 40.35
CA PHE A 9 15.53 20.28 40.49
C PHE A 9 16.14 19.26 39.54
N GLN A 10 17.34 19.58 39.06
CA GLN A 10 18.09 18.66 38.22
C GLN A 10 18.57 17.47 39.04
N THR A 11 18.79 16.35 38.36
CA THR A 11 19.28 15.15 39.04
C THR A 11 20.64 15.38 39.67
N THR A 12 21.46 16.26 39.08
CA THR A 12 22.79 16.50 39.64
C THR A 12 22.70 17.16 41.02
N ILE A 13 21.88 18.20 41.14
CA ILE A 13 21.74 18.88 42.42
C ILE A 13 21.15 17.93 43.45
N ILE A 14 20.20 17.08 43.04
CA ILE A 14 19.62 16.10 43.96
C ILE A 14 20.69 15.13 44.43
N GLN A 15 21.56 14.68 43.52
CA GLN A 15 22.64 13.78 43.91
C GLN A 15 23.58 14.45 44.90
N LYS A 16 23.95 15.71 44.65
CA LYS A 16 24.83 16.42 45.58
C LYS A 16 24.19 16.56 46.94
N ALA A 17 22.90 16.92 46.98
CA ALA A 17 22.21 17.05 48.26
C ALA A 17 22.15 15.71 48.98
N LYS A 18 21.87 14.63 48.25
CA LYS A 18 21.82 13.31 48.87
C LYS A 18 23.19 12.91 49.43
N ASN A 19 24.25 13.20 48.69
CA ASN A 19 25.59 12.91 49.20
C ASN A 19 25.88 13.70 50.47
N THR A 20 25.52 14.99 50.47
CA THR A 20 25.74 15.80 51.66
C THR A 20 24.96 15.24 52.85
N MET A 21 23.71 14.85 52.63
CA MET A 21 22.91 14.26 53.70
C MET A 21 23.53 12.97 54.21
N ALA A 22 24.04 12.13 53.30
CA ALA A 22 24.68 10.89 53.70
C ALA A 22 25.91 11.16 54.55
N GLU A 23 26.70 12.17 54.18
CA GLU A 23 27.87 12.52 54.98
C GLU A 23 27.48 12.82 56.43
N PHE A 24 26.30 13.40 56.64
CA PHE A 24 25.81 13.71 57.97
C PHE A 24 24.94 12.59 58.56
N SER A 25 24.80 11.46 57.86
CA SER A 25 24.01 10.34 58.33
C SER A 25 22.52 10.67 58.41
N GLU A 26 22.09 11.72 57.72
CA GLU A 26 20.70 12.14 57.72
C GLU A 26 20.00 11.54 56.51
N ASP A 27 18.86 10.89 56.73
CA ASP A 27 18.13 10.24 55.65
C ASP A 27 17.39 11.29 54.83
N PRO A 28 17.64 11.40 53.52
CA PRO A 28 16.85 12.34 52.71
C PRO A 28 15.37 12.04 52.71
N GLU A 29 14.98 10.76 52.73
CA GLU A 29 13.57 10.41 52.67
C GLU A 29 12.83 10.87 53.92
N LEU A 30 13.44 10.71 55.10
CA LEU A 30 12.79 11.05 56.35
C LEU A 30 12.71 12.56 56.57
N GLN A 31 13.52 13.35 55.87
CA GLN A 31 13.52 14.81 56.01
C GLN A 31 13.49 15.42 54.61
N PRO A 32 12.39 15.26 53.88
CA PRO A 32 12.33 15.84 52.54
C PRO A 32 12.45 17.35 52.52
N ALA A 33 11.95 18.04 53.55
CA ALA A 33 12.10 19.49 53.60
C ALA A 33 13.56 19.89 53.69
N MET A 34 14.35 19.17 54.49
CA MET A 34 15.77 19.45 54.59
C MET A 34 16.47 19.19 53.26
N LEU A 35 16.08 18.12 52.56
CA LEU A 35 16.65 17.86 51.24
C LEU A 35 16.32 18.99 50.27
N PHE A 36 15.08 19.48 50.30
CA PHE A 36 14.72 20.60 49.45
C PHE A 36 15.54 21.84 49.81
N ASN A 37 15.73 22.09 51.10
CA ASN A 37 16.52 23.25 51.50
C ASN A 37 17.95 23.13 51.01
N ILE A 38 18.55 21.95 51.13
CA ILE A 38 19.92 21.76 50.66
C ILE A 38 20.00 21.92 49.15
N CYS A 39 19.01 21.38 48.42
CA CYS A 39 19.00 21.54 46.98
C CYS A 39 18.90 23.01 46.59
N VAL A 40 18.04 23.76 47.28
CA VAL A 40 17.90 25.19 46.99
C VAL A 40 19.20 25.91 47.30
N HIS A 41 19.86 25.54 48.39
CA HIS A 41 21.14 26.16 48.75
C HIS A 41 22.18 25.92 47.67
N LEU A 42 22.30 24.68 47.22
CA LEU A 42 23.25 24.37 46.15
C LEU A 42 22.91 25.12 44.87
N GLU A 43 21.62 25.18 44.53
CA GLU A 43 21.22 25.86 43.30
C GLU A 43 21.53 27.35 43.38
N VAL A 44 21.26 27.98 44.51
CA VAL A 44 21.53 29.41 44.63
C VAL A 44 23.04 29.67 44.62
N CYS A 45 23.82 28.79 45.24
CA CYS A 45 25.26 28.95 45.19
C CYS A 45 25.78 28.87 43.76
N TYR A 46 25.33 27.85 43.01
CA TYR A 46 25.75 27.73 41.62
C TYR A 46 25.30 28.94 40.81
N VAL A 47 24.08 29.42 41.05
CA VAL A 47 23.57 30.58 40.35
C VAL A 47 24.39 31.81 40.65
N ILE A 48 24.86 31.96 41.90
CA ILE A 48 25.70 33.09 42.25
C ILE A 48 27.05 32.99 41.56
N SER A 49 27.62 31.79 41.52
CA SER A 49 28.98 31.63 41.01
C SER A 49 29.07 31.63 39.48
N ASP A 50 27.93 31.62 38.78
CA ASP A 50 27.96 31.53 37.33
C ASP A 50 28.22 32.90 36.71
N MET A 51 28.72 32.88 35.47
CA MET A 51 28.71 34.05 34.59
C MET A 51 29.72 35.11 35.04
N ASN A 52 30.34 34.92 36.20
CA ASN A 52 31.22 35.93 36.77
C ASN A 52 32.66 35.49 36.59
N PHE A 53 33.49 36.34 35.98
CA PHE A 53 34.89 36.04 35.76
C PHE A 53 35.72 37.28 36.05
N LEU A 54 37.04 37.12 36.03
CA LEU A 54 37.97 38.22 36.26
C LEU A 54 38.85 38.40 35.03
N ASP A 55 38.97 39.65 34.59
CA ASP A 55 39.83 39.98 33.47
C ASP A 55 41.29 39.94 33.92
N GLU A 56 42.20 40.04 32.93
CA GLU A 56 43.62 39.99 33.24
C GLU A 56 44.01 41.06 34.26
N GLU A 57 43.40 42.24 34.17
CA GLU A 57 43.67 43.28 35.15
C GLU A 57 43.13 42.93 36.53
N GLY A 58 42.15 42.03 36.61
CA GLY A 58 41.55 41.65 37.87
C GLY A 58 40.24 42.33 38.18
N LYS A 59 39.62 43.01 37.22
CA LYS A 59 38.33 43.65 37.42
C LYS A 59 37.22 42.67 37.04
N ALA A 60 36.20 42.56 37.90
CA ALA A 60 35.11 41.64 37.66
C ALA A 60 34.42 41.96 36.35
N TYR A 61 34.01 40.91 35.63
CA TYR A 61 33.41 41.09 34.31
C TYR A 61 32.62 39.84 33.96
N THR A 62 31.91 39.92 32.84
CA THR A 62 31.11 38.81 32.34
C THR A 62 31.82 38.12 31.18
N ALA A 63 31.69 36.80 31.13
CA ALA A 63 32.21 36.00 30.02
C ALA A 63 31.06 35.22 29.40
N LEU A 64 31.09 35.12 28.07
CA LEU A 64 30.03 34.46 27.34
C LEU A 64 30.14 32.95 27.50
N GLU A 65 29.04 32.26 27.15
CA GLU A 65 28.93 30.82 27.30
C GLU A 65 29.14 30.14 25.96
N GLY A 66 29.61 28.90 26.02
CA GLY A 66 29.94 28.18 24.80
C GLY A 66 31.03 28.83 23.99
N GLN A 67 31.83 29.69 24.61
CA GLN A 67 32.87 30.46 23.92
C GLN A 67 34.08 30.52 24.85
N GLY A 68 34.98 29.55 24.69
CA GLY A 68 36.14 29.46 25.55
C GLY A 68 37.26 30.39 25.14
N LYS A 69 38.10 30.73 26.11
CA LYS A 69 39.29 31.57 25.90
C LYS A 69 40.48 30.74 26.37
N GLU A 70 41.05 29.98 25.45
CA GLU A 70 42.13 29.05 25.76
C GLU A 70 41.70 28.09 26.87
N GLN A 71 42.33 28.16 28.04
CA GLN A 71 42.07 27.22 29.13
C GLN A 71 41.61 27.91 30.40
N ASN A 72 42.27 28.97 30.82
CA ASN A 72 42.06 29.50 32.17
C ASN A 72 40.62 29.96 32.40
N LEU A 73 40.20 31.01 31.71
CA LEU A 73 38.88 31.61 31.91
C LEU A 73 38.51 31.61 33.39
N ARG A 74 39.36 32.25 34.19
CA ARG A 74 39.24 32.19 35.63
C ARG A 74 37.91 32.75 36.08
N PRO A 75 37.08 31.99 36.80
CA PRO A 75 35.81 32.53 37.29
C PRO A 75 35.99 33.39 38.53
N GLN A 76 35.04 34.31 38.72
CA GLN A 76 35.08 35.18 39.90
C GLN A 76 34.90 34.37 41.18
N TYR A 77 33.91 33.49 41.20
CA TYR A 77 33.54 32.74 42.40
C TYR A 77 33.87 31.27 42.21
N GLU A 78 34.61 30.71 43.16
CA GLU A 78 34.87 29.28 43.23
C GLU A 78 33.93 28.68 44.27
N VAL A 79 33.05 27.78 43.83
CA VAL A 79 32.06 27.19 44.72
C VAL A 79 32.75 26.16 45.61
N ILE A 80 32.48 26.24 46.91
CA ILE A 80 33.03 25.30 47.88
C ILE A 80 31.92 24.38 48.36
N GLU A 81 30.69 24.89 48.36
CA GLU A 81 29.55 24.08 48.77
C GLU A 81 29.31 22.95 47.77
N GLY A 82 28.96 21.78 48.30
CA GLY A 82 28.67 20.61 47.49
C GLY A 82 29.80 19.61 47.41
N MET A 83 31.03 20.01 47.71
CA MET A 83 32.14 19.07 47.73
C MET A 83 32.07 18.20 48.97
N PRO A 84 32.74 17.04 48.95
CA PRO A 84 32.85 16.25 50.17
C PRO A 84 33.53 17.06 51.27
N ARG A 85 33.12 16.78 52.52
CA ARG A 85 33.59 17.59 53.63
C ARG A 85 35.11 17.66 53.69
N THR A 86 35.78 16.52 53.51
CA THR A 86 37.23 16.53 53.49
C THR A 86 37.76 17.37 52.34
N ILE A 87 37.20 17.18 51.14
CA ILE A 87 37.67 17.91 49.97
C ILE A 87 37.38 19.40 50.13
N ALA A 88 36.20 19.74 50.66
CA ALA A 88 35.87 21.15 50.87
C ALA A 88 36.82 21.80 51.87
N TRP A 89 37.10 21.09 52.97
CA TRP A 89 38.04 21.62 53.95
C TRP A 89 39.42 21.83 53.34
N MET A 90 39.89 20.86 52.57
CA MET A 90 41.20 21.00 51.95
C MET A 90 41.23 22.14 50.95
N VAL A 91 40.16 22.32 50.17
CA VAL A 91 40.11 23.41 49.21
C VAL A 91 40.13 24.75 49.92
N GLN A 92 39.36 24.87 51.02
CA GLN A 92 39.35 26.11 51.78
C GLN A 92 40.74 26.40 52.34
N ARG A 93 41.40 25.38 52.90
CA ARG A 93 42.74 25.58 53.43
C ARG A 93 43.72 25.98 52.33
N SER A 94 43.62 25.34 51.17
CA SER A 94 44.52 25.67 50.06
C SER A 94 44.32 27.11 49.60
N LEU A 95 43.06 27.54 49.47
CA LEU A 95 42.81 28.93 49.07
C LEU A 95 43.35 29.90 50.11
N ALA A 96 43.11 29.61 51.39
CA ALA A 96 43.58 30.50 52.44
C ALA A 96 45.10 30.62 52.41
N GLN A 97 45.80 29.49 52.27
CA GLN A 97 47.25 29.53 52.22
C GLN A 97 47.74 30.26 50.96
N GLU A 98 47.11 29.98 49.82
CA GLU A 98 47.58 30.58 48.57
C GLU A 98 47.42 32.09 48.57
N HIS A 99 46.29 32.59 49.06
CA HIS A 99 46.03 34.02 49.09
C HIS A 99 46.44 34.66 50.40
N GLY A 100 47.06 33.91 51.31
CA GLY A 100 47.53 34.50 52.55
C GLY A 100 46.43 35.06 53.42
N ILE A 101 45.32 34.35 53.54
CA ILE A 101 44.20 34.77 54.36
C ILE A 101 44.00 33.75 55.48
N GLU A 102 43.35 34.21 56.55
CA GLU A 102 43.07 33.34 57.68
C GLU A 102 42.09 32.25 57.27
N THR A 103 42.34 31.03 57.74
CA THR A 103 41.46 29.91 57.45
C THR A 103 40.20 30.00 58.32
N PRO A 104 39.02 30.12 57.74
CA PRO A 104 37.81 30.19 58.57
C PRO A 104 37.65 28.96 59.44
N LYS A 105 37.19 29.17 60.67
CA LYS A 105 36.94 28.06 61.58
C LYS A 105 35.79 27.19 61.07
N TYR A 106 34.85 27.79 60.34
CA TYR A 106 33.70 27.08 59.79
C TYR A 106 33.83 27.00 58.28
N LEU A 107 33.44 25.86 57.71
CA LEU A 107 33.52 25.67 56.28
C LEU A 107 32.71 26.74 55.55
N ALA A 108 33.27 27.26 54.46
CA ALA A 108 32.63 28.31 53.69
C ALA A 108 31.78 27.71 52.57
N ASP A 109 30.99 28.56 51.93
CA ASP A 109 30.15 28.17 50.80
C ASP A 109 30.81 28.49 49.46
N LEU A 110 31.21 29.74 49.25
CA LEU A 110 31.90 30.15 48.04
C LEU A 110 33.17 30.90 48.41
N PHE A 111 34.01 31.15 47.41
CA PHE A 111 35.17 32.02 47.59
C PHE A 111 35.22 33.01 46.44
N ASP A 112 35.42 34.29 46.76
CA ASP A 112 35.57 35.34 45.78
C ASP A 112 37.05 35.67 45.65
N TYR A 113 37.59 35.50 44.44
CA TYR A 113 38.99 35.84 44.18
C TYR A 113 39.20 37.35 44.21
N LYS A 114 38.26 38.12 43.65
CA LYS A 114 38.42 39.57 43.62
C LYS A 114 38.61 40.12 45.02
N THR A 115 37.60 39.97 45.88
CA THR A 115 37.75 40.39 47.26
C THR A 115 38.69 39.48 48.03
N LYS A 116 38.98 38.30 47.50
CA LYS A 116 39.83 37.32 48.18
C LYS A 116 39.24 36.97 49.55
N ARG A 117 37.97 36.57 49.54
CA ARG A 117 37.25 36.30 50.79
C ARG A 117 36.39 35.07 50.65
N PHE A 118 36.00 34.51 51.79
CA PHE A 118 35.09 33.38 51.84
C PHE A 118 33.68 33.88 52.12
N ILE A 119 32.74 33.50 51.26
CA ILE A 119 31.38 34.01 51.27
C ILE A 119 30.45 32.90 51.73
N GLU A 120 29.57 33.23 52.66
CA GLU A 120 28.54 32.30 53.14
C GLU A 120 27.20 32.74 52.55
N VAL A 121 26.46 31.79 51.97
CA VAL A 121 25.16 32.04 51.37
C VAL A 121 24.10 31.38 52.22
N GLY A 122 23.09 32.15 52.63
CA GLY A 122 22.03 31.65 53.46
C GLY A 122 20.67 31.97 52.89
N ILE A 123 19.68 31.21 53.34
CA ILE A 123 18.29 31.38 52.93
C ILE A 123 17.41 31.32 54.17
N THR A 124 16.25 31.96 54.10
CA THR A 124 15.32 31.97 55.23
C THR A 124 13.92 32.32 54.73
N LYS A 125 12.93 31.96 55.55
CA LYS A 125 11.56 32.38 55.31
C LYS A 125 11.20 33.65 56.08
N GLY A 126 11.98 34.02 57.09
CA GLY A 126 11.75 35.22 57.85
C GLY A 126 12.49 36.41 57.28
N LEU A 127 12.59 37.46 58.09
CA LEU A 127 13.27 38.67 57.65
C LEU A 127 14.74 38.38 57.38
N ALA A 128 15.27 39.00 56.32
CA ALA A 128 16.67 38.80 55.97
C ALA A 128 17.59 39.32 57.06
N ASP A 129 17.23 40.44 57.69
CA ASP A 129 18.10 41.03 58.70
C ASP A 129 18.29 40.10 59.90
N ASP A 130 17.21 39.46 60.35
CA ASP A 130 17.30 38.59 61.51
C ASP A 130 18.23 37.41 61.24
N TYR A 131 18.03 36.73 60.11
CA TYR A 131 18.88 35.60 59.76
C TYR A 131 20.32 36.06 59.56
N PHE A 132 20.51 37.22 58.94
CA PHE A 132 21.85 37.75 58.74
C PHE A 132 22.56 37.96 60.07
N TRP A 133 21.86 38.55 61.04
CA TRP A 133 22.47 38.78 62.35
C TRP A 133 22.77 37.46 63.05
N LYS A 134 21.85 36.49 62.96
CA LYS A 134 22.08 35.20 63.59
C LYS A 134 23.32 34.53 63.00
N LYS A 135 23.43 34.53 61.67
CA LYS A 135 24.57 33.90 61.02
C LYS A 135 25.87 34.64 61.33
N LYS A 136 25.82 35.97 61.38
CA LYS A 136 27.01 36.72 61.75
C LYS A 136 27.46 36.40 63.17
N GLU A 137 26.50 36.31 64.10
CA GLU A 137 26.84 35.96 65.47
C GLU A 137 27.46 34.57 65.53
N LYS A 138 26.88 33.61 64.81
CA LYS A 138 27.40 32.25 64.85
C LYS A 138 28.78 32.14 64.23
N LEU A 139 29.01 32.85 63.13
CA LEU A 139 30.23 32.74 62.34
C LEU A 139 31.20 33.88 62.53
N GLY A 140 30.71 35.10 62.72
CA GLY A 140 31.56 36.25 62.86
C GLY A 140 31.81 36.96 61.54
N ASN A 141 32.70 37.95 61.59
CA ASN A 141 33.01 38.79 60.45
C ASN A 141 34.08 38.18 59.54
N SER A 142 34.61 37.01 59.87
CA SER A 142 35.63 36.39 59.04
C SER A 142 35.12 36.02 57.65
N MET A 143 33.81 35.90 57.47
CA MET A 143 33.22 35.49 56.21
C MET A 143 32.15 36.49 55.80
N GLU A 144 32.16 36.88 54.53
CA GLU A 144 31.10 37.73 54.00
C GLU A 144 29.79 36.96 53.98
N LEU A 145 28.69 37.68 54.18
CA LEU A 145 27.37 37.08 54.32
C LEU A 145 26.45 37.59 53.21
N MET A 146 25.59 36.69 52.72
CA MET A 146 24.60 37.02 51.71
C MET A 146 23.39 36.14 51.97
N ILE A 147 22.31 36.72 52.49
CA ILE A 147 21.12 35.98 52.87
C ILE A 147 19.95 36.47 52.02
N PHE A 148 19.18 35.54 51.46
CA PHE A 148 18.02 35.85 50.65
C PHE A 148 16.79 35.20 51.26
N SER A 149 15.66 35.91 51.20
CA SER A 149 14.41 35.44 51.75
C SER A 149 13.39 35.24 50.63
N TYR A 150 12.38 34.42 50.92
CA TYR A 150 11.36 34.10 49.93
C TYR A 150 10.39 35.24 49.68
N ASN A 151 10.45 36.32 50.47
CA ASN A 151 9.55 37.45 50.31
C ASN A 151 10.19 38.61 49.56
N GLN A 152 11.21 38.33 48.74
CA GLN A 152 11.84 39.34 47.89
C GLN A 152 12.55 40.41 48.71
N ASP A 153 13.30 39.98 49.72
CA ASP A 153 14.18 40.86 50.46
C ASP A 153 15.45 40.09 50.81
N TYR A 154 16.53 40.85 51.05
CA TYR A 154 17.84 40.23 51.23
C TYR A 154 18.71 41.10 52.12
N SER A 155 19.74 40.48 52.68
CA SER A 155 20.75 41.16 53.47
C SER A 155 22.13 40.77 52.95
N LEU A 156 22.91 41.76 52.53
CA LEU A 156 24.23 41.55 51.97
C LEU A 156 25.26 42.28 52.83
N SER A 157 26.34 41.58 53.18
CA SER A 157 27.41 42.22 53.92
C SER A 157 28.04 43.34 53.10
N ASN A 158 28.26 43.10 51.82
CA ASN A 158 28.75 44.11 50.89
C ASN A 158 27.80 44.19 49.71
N GLU A 159 27.39 45.40 49.34
CA GLU A 159 26.41 45.59 48.28
C GLU A 159 27.02 45.50 46.89
N SER A 160 28.35 45.53 46.76
CA SER A 160 29.01 45.46 45.46
C SER A 160 29.42 44.04 45.09
N SER A 161 29.25 43.07 45.98
CA SER A 161 29.67 41.71 45.67
C SER A 161 28.89 41.15 44.50
N LEU A 162 27.59 41.42 44.44
CA LEU A 162 26.71 40.93 43.39
C LEU A 162 26.09 42.10 42.64
N ASP A 163 25.99 41.96 41.32
CA ASP A 163 25.36 42.98 40.50
C ASP A 163 23.84 42.91 40.63
N GLU A 164 23.15 43.82 39.94
CA GLU A 164 21.70 43.80 39.98
C GLU A 164 21.15 42.51 39.37
N GLU A 165 21.74 42.05 38.27
CA GLU A 165 21.22 40.88 37.58
C GLU A 165 21.27 39.64 38.47
N GLY A 166 22.38 39.44 39.18
CA GLY A 166 22.51 38.24 40.00
C GLY A 166 21.48 38.19 41.11
N LYS A 167 21.32 39.30 41.83
CA LYS A 167 20.32 39.34 42.90
C LYS A 167 18.92 39.20 42.33
N GLY A 168 18.64 39.84 41.20
CA GLY A 168 17.33 39.69 40.59
C GLY A 168 17.03 38.28 40.19
N ARG A 169 18.02 37.58 39.61
CA ARG A 169 17.83 36.21 39.18
C ARG A 169 17.63 35.26 40.37
N VAL A 170 18.44 35.42 41.42
CA VAL A 170 18.26 34.56 42.58
C VAL A 170 16.90 34.80 43.22
N LEU A 171 16.49 36.06 43.32
CA LEU A 171 15.19 36.37 43.89
C LEU A 171 14.06 35.83 43.01
N SER A 172 14.22 35.89 41.69
CA SER A 172 13.21 35.33 40.81
C SER A 172 13.09 33.83 40.99
N ARG A 173 14.22 33.13 41.10
CA ARG A 173 14.17 31.70 41.34
C ARG A 173 13.50 31.39 42.67
N LEU A 174 13.83 32.14 43.71
CA LEU A 174 13.21 31.90 45.01
C LEU A 174 11.71 32.17 44.96
N THR A 175 11.29 33.23 44.28
CA THR A 175 9.86 33.54 44.18
C THR A 175 9.13 32.48 43.38
N GLU A 176 9.76 31.98 42.30
CA GLU A 176 9.14 30.90 41.54
C GLU A 176 8.99 29.65 42.39
N LEU A 177 10.03 29.31 43.16
CA LEU A 177 9.93 28.16 44.05
C LEU A 177 8.81 28.35 45.06
N GLN A 178 8.71 29.54 45.63
CA GLN A 178 7.65 29.81 46.59
C GLN A 178 6.27 29.68 45.96
N ALA A 179 6.10 30.23 44.76
CA ALA A 179 4.81 30.17 44.09
C ALA A 179 4.44 28.73 43.76
N GLU A 180 5.40 27.95 43.26
CA GLU A 180 5.12 26.55 42.95
C GLU A 180 4.77 25.77 44.21
N LEU A 181 5.48 26.02 45.30
CA LEU A 181 5.16 25.35 46.56
C LEU A 181 3.76 25.71 47.01
N SER A 182 3.39 27.00 46.93
CA SER A 182 2.06 27.41 47.33
C SER A 182 0.99 26.76 46.46
N LEU A 183 1.25 26.65 45.16
CA LEU A 183 0.30 25.99 44.27
C LEU A 183 0.13 24.52 44.66
N LYS A 184 1.23 23.87 45.05
CA LYS A 184 1.19 22.49 45.52
C LYS A 184 0.88 22.39 47.00
N ASN A 185 0.62 23.50 47.67
CA ASN A 185 0.28 23.55 49.09
C ASN A 185 1.41 23.06 49.99
N LEU A 186 2.62 22.91 49.45
CA LEU A 186 3.76 22.54 50.27
C LEU A 186 4.34 23.71 51.04
N TRP A 187 3.93 24.94 50.73
CA TRP A 187 4.52 26.11 51.37
C TRP A 187 4.28 26.09 52.87
N GLN A 188 3.03 25.95 53.29
CA GLN A 188 2.73 25.91 54.72
C GLN A 188 3.38 24.69 55.37
N VAL A 189 3.32 23.54 54.71
CA VAL A 189 3.94 22.33 55.24
C VAL A 189 5.46 22.52 55.33
N LEU A 190 6.05 23.20 54.36
CA LEU A 190 7.48 23.44 54.38
C LEU A 190 7.88 24.15 55.66
N ILE A 191 8.98 23.70 56.25
CA ILE A 191 9.51 24.24 57.49
C ILE A 191 11.00 24.52 57.30
N GLY A 192 11.42 25.73 57.68
CA GLY A 192 12.73 26.24 57.31
C GLY A 192 13.90 25.53 57.94
N GLU A 193 15.08 26.16 57.88
CA GLU A 193 16.32 25.58 58.37
C GLU A 193 16.44 25.62 59.89
N GLU A 194 15.43 26.12 60.59
CA GLU A 194 15.41 26.09 62.05
C GLU A 194 14.32 25.17 62.61
N ASP A 195 13.26 24.92 61.86
CA ASP A 195 12.18 24.05 62.30
C ASP A 195 12.20 22.67 61.64
N VAL A 196 13.05 22.46 60.63
CA VAL A 196 13.09 21.18 59.92
C VAL A 196 13.63 20.05 60.78
N GLU A 197 14.14 20.35 61.97
CA GLU A 197 14.63 19.33 62.89
C GLU A 197 13.56 18.85 63.86
N LYS A 198 12.31 19.31 63.70
CA LYS A 198 11.22 18.94 64.59
C LYS A 198 10.33 17.85 64.01
N GLY A 199 9.77 18.08 62.83
CA GLY A 199 8.83 17.15 62.22
C GLY A 199 7.40 17.48 62.59
N ILE A 200 6.47 16.81 61.90
CA ILE A 200 5.06 17.04 62.11
C ILE A 200 4.67 16.62 63.52
N ASP A 201 3.70 17.35 64.09
CA ASP A 201 3.19 17.07 65.43
C ASP A 201 1.70 16.79 65.33
N PHE A 202 1.30 15.58 65.72
CA PHE A 202 -0.10 15.18 65.71
C PHE A 202 -0.29 14.16 66.84
N LYS A 203 -0.69 14.64 68.01
CA LYS A 203 -0.84 13.80 69.20
C LYS A 203 -2.31 13.66 69.56
N LEU A 204 -2.66 12.48 70.04
CA LEU A 204 -4.04 12.15 70.37
C LEU A 204 -4.43 12.71 71.73
N GLY A 205 -5.64 13.24 71.82
CA GLY A 205 -6.14 13.82 73.06
C GLY A 205 -6.42 12.76 74.11
N GLN A 206 -7.37 13.05 75.01
CA GLN A 206 -7.71 12.14 76.08
C GLN A 206 -8.88 11.22 75.70
N THR A 207 -9.99 11.80 75.22
CA THR A 207 -11.14 10.97 74.87
C THR A 207 -10.81 10.01 73.74
N ILE A 208 -10.13 10.49 72.70
CA ILE A 208 -9.79 9.62 71.58
C ILE A 208 -8.80 8.55 72.02
N SER A 209 -7.85 8.90 72.89
CA SER A 209 -6.91 7.91 73.39
C SER A 209 -7.64 6.83 74.18
N ARG A 210 -8.62 7.23 75.01
CA ARG A 210 -9.39 6.24 75.76
C ARG A 210 -10.20 5.36 74.82
N LEU A 211 -10.82 5.95 73.80
CA LEU A 211 -11.58 5.17 72.83
C LEU A 211 -10.67 4.16 72.14
N ARG A 212 -9.46 4.57 71.79
CA ARG A 212 -8.49 3.63 71.22
C ARG A 212 -8.16 2.53 72.22
N ASP A 213 -8.01 2.89 73.49
CA ASP A 213 -7.66 1.90 74.50
C ASP A 213 -8.74 0.84 74.64
N ILE A 214 -10.01 1.25 74.63
CA ILE A 214 -11.10 0.29 74.80
C ILE A 214 -11.51 -0.37 73.49
N SER A 215 -11.02 0.11 72.34
CA SER A 215 -11.33 -0.46 71.05
C SER A 215 -10.22 -1.39 70.55
N VAL A 216 -9.60 -2.13 71.47
CA VAL A 216 -8.55 -3.10 71.14
C VAL A 216 -9.18 -4.49 71.14
N PRO A 217 -8.73 -5.41 70.27
CA PRO A 217 -9.31 -6.76 70.29
C PRO A 217 -9.28 -7.41 71.66
N ALA A 218 -9.99 -8.52 71.82
CA ALA A 218 -10.03 -9.20 73.11
C ALA A 218 -8.64 -9.71 73.48
N GLY A 219 -8.37 -9.77 74.78
CA GLY A 219 -7.11 -10.20 75.30
C GLY A 219 -6.09 -9.09 75.52
N PHE A 220 -6.40 -7.86 75.12
CA PHE A 220 -5.53 -6.72 75.31
C PHE A 220 -6.16 -5.73 76.29
N SER A 221 -5.33 -4.87 76.85
CA SER A 221 -5.77 -3.92 77.87
C SER A 221 -5.33 -2.49 77.57
N ASN A 222 -4.66 -2.25 76.44
CA ASN A 222 -4.20 -0.92 76.09
C ASN A 222 -3.67 -0.96 74.67
N PHE A 223 -3.82 0.14 73.95
CA PHE A 223 -3.38 0.16 72.56
C PHE A 223 -1.87 0.10 72.43
N GLU A 224 -1.13 0.54 73.45
CA GLU A 224 0.32 0.32 73.44
C GLU A 224 0.63 -1.17 73.43
N GLY A 225 -0.13 -1.94 74.21
CA GLY A 225 0.07 -3.38 74.22
C GLY A 225 -0.17 -4.01 72.86
N MET A 226 -1.27 -3.62 72.20
CA MET A 226 -1.55 -4.14 70.87
C MET A 226 -0.48 -3.71 69.88
N ARG A 227 -0.02 -2.45 69.97
CA ARG A 227 1.00 -1.99 69.03
C ARG A 227 2.28 -2.80 69.21
N SER A 228 2.71 -3.00 70.45
CA SER A 228 3.91 -3.80 70.69
C SER A 228 3.72 -5.23 70.22
N TYR A 229 2.55 -5.82 70.49
CA TYR A 229 2.29 -7.19 70.07
C TYR A 229 2.36 -7.32 68.56
N ILE A 230 1.76 -6.38 67.84
CA ILE A 230 1.76 -6.46 66.38
C ILE A 230 3.16 -6.22 65.83
N ASP A 231 3.92 -5.32 66.46
CA ASP A 231 5.25 -5.01 65.95
C ASP A 231 6.26 -6.10 66.25
N ASN A 232 6.06 -6.87 67.31
CA ASN A 232 7.04 -7.84 67.77
C ASN A 232 6.68 -9.28 67.46
N ILE A 233 5.50 -9.74 67.89
CA ILE A 233 5.15 -11.15 67.71
C ILE A 233 5.13 -11.50 66.24
N ASP A 234 5.59 -12.72 65.93
CA ASP A 234 5.63 -13.22 64.56
C ASP A 234 4.78 -14.48 64.46
N PRO A 235 3.70 -14.50 63.68
CA PRO A 235 2.98 -15.75 63.46
C PRO A 235 3.68 -16.59 62.40
N LYS A 236 3.89 -17.87 62.70
CA LYS A 236 4.58 -18.80 61.82
C LYS A 236 3.76 -20.06 61.64
N GLY A 237 2.47 -19.90 61.36
CA GLY A 237 1.57 -21.02 61.22
C GLY A 237 0.37 -20.93 62.14
N ALA A 238 0.02 -19.69 62.53
CA ALA A 238 -1.17 -19.51 63.36
C ALA A 238 -2.43 -19.94 62.64
N ILE A 239 -2.49 -19.75 61.32
CA ILE A 239 -3.67 -20.16 60.56
C ILE A 239 -3.88 -21.66 60.68
N GLU A 240 -2.80 -22.44 60.54
CA GLU A 240 -2.93 -23.89 60.64
C GLU A 240 -3.28 -24.31 62.05
N ARG A 241 -2.72 -23.62 63.06
CA ARG A 241 -3.06 -23.94 64.44
C ARG A 241 -4.54 -23.72 64.71
N ASN A 242 -5.10 -22.61 64.22
CA ASN A 242 -6.52 -22.37 64.39
C ASN A 242 -7.35 -23.38 63.62
N LEU A 243 -6.95 -23.69 62.38
CA LEU A 243 -7.69 -24.68 61.59
C LEU A 243 -7.60 -26.06 62.21
N ALA A 244 -6.46 -26.40 62.83
CA ALA A 244 -6.30 -27.73 63.40
C ALA A 244 -7.28 -27.99 64.53
N ARG A 245 -7.90 -26.94 65.09
CA ARG A 245 -8.86 -27.10 66.18
C ARG A 245 -10.28 -26.71 65.80
N MET A 246 -10.48 -25.92 64.76
CA MET A 246 -11.83 -25.52 64.38
C MET A 246 -12.66 -26.76 64.07
N SER A 247 -13.93 -26.71 64.45
CA SER A 247 -14.76 -27.91 64.39
C SER A 247 -14.86 -28.42 62.96
N PRO A 248 -14.88 -29.73 62.75
CA PRO A 248 -15.10 -30.27 61.41
C PRO A 248 -16.54 -30.25 60.94
N LEU A 249 -17.43 -29.59 61.67
CA LEU A 249 -18.82 -29.44 61.27
C LEU A 249 -19.07 -28.22 60.40
N VAL A 250 -18.01 -27.48 60.04
CA VAL A 250 -18.10 -26.33 59.17
C VAL A 250 -17.38 -26.67 57.87
N SER A 251 -18.07 -26.49 56.75
CA SER A 251 -17.49 -26.75 55.44
C SER A 251 -18.50 -26.32 54.39
N VAL A 252 -18.00 -26.09 53.17
CA VAL A 252 -18.86 -25.65 52.07
C VAL A 252 -19.88 -26.69 51.68
N THR A 253 -19.74 -27.93 52.14
CA THR A 253 -20.64 -29.00 51.74
C THR A 253 -20.63 -29.10 50.22
N PRO A 254 -19.52 -29.54 49.62
CA PRO A 254 -19.43 -29.58 48.15
C PRO A 254 -20.11 -30.83 47.61
N LYS A 255 -21.17 -30.63 46.83
CA LYS A 255 -21.91 -31.71 46.21
C LYS A 255 -21.98 -31.49 44.71
N LYS A 256 -21.66 -32.53 43.95
CA LYS A 256 -21.73 -32.43 42.50
C LYS A 256 -23.19 -32.34 42.05
N LEU A 257 -23.43 -31.53 41.02
CA LEU A 257 -24.78 -31.26 40.54
C LEU A 257 -25.03 -32.01 39.25
N THR A 258 -26.11 -32.78 39.22
CA THR A 258 -26.54 -33.53 38.06
C THR A 258 -27.90 -33.02 37.59
N TRP A 259 -28.37 -33.53 36.46
CA TRP A 259 -29.64 -33.07 35.92
C TRP A 259 -30.79 -33.40 36.86
N GLU A 260 -30.74 -34.58 37.49
CA GLU A 260 -31.85 -35.00 38.35
C GLU A 260 -32.07 -34.03 39.50
N ASP A 261 -31.00 -33.45 40.04
CA ASP A 261 -31.16 -32.54 41.17
C ASP A 261 -32.01 -31.34 40.80
N LEU A 262 -31.80 -30.79 39.61
CA LEU A 262 -32.62 -29.67 39.15
C LEU A 262 -34.07 -30.12 39.03
N ARG A 263 -34.98 -29.38 39.67
CA ARG A 263 -36.39 -29.66 39.69
C ARG A 263 -37.16 -28.42 39.31
N PRO A 264 -38.43 -28.55 38.93
CA PRO A 264 -39.21 -27.37 38.56
C PRO A 264 -39.26 -26.37 39.70
N ILE A 265 -39.19 -25.09 39.34
CA ILE A 265 -39.19 -24.02 40.33
C ILE A 265 -40.62 -23.53 40.54
N GLY A 266 -41.01 -23.36 41.79
CA GLY A 266 -42.32 -22.86 42.12
C GLY A 266 -43.42 -23.82 41.75
N PRO A 267 -43.45 -24.99 42.40
CA PRO A 267 -44.52 -25.96 42.13
C PRO A 267 -45.91 -25.46 42.49
N HIS A 268 -46.02 -24.45 43.36
CA HIS A 268 -47.32 -24.01 43.82
C HIS A 268 -48.17 -23.39 42.72
N ILE A 269 -47.54 -22.94 41.62
CA ILE A 269 -48.32 -22.38 40.52
C ILE A 269 -49.19 -23.46 39.90
N TYR A 270 -48.69 -24.69 39.84
CA TYR A 270 -49.48 -25.79 39.29
C TYR A 270 -50.73 -26.05 40.11
N ASN A 271 -50.63 -25.93 41.43
CA ASN A 271 -51.77 -26.23 42.30
C ASN A 271 -52.97 -25.39 41.90
N HIS A 272 -54.13 -26.04 41.76
CA HIS A 272 -55.35 -25.38 41.34
C HIS A 272 -56.13 -24.75 42.47
N GLU A 273 -55.80 -25.08 43.72
CA GLU A 273 -56.52 -24.50 44.85
C GLU A 273 -56.32 -22.99 44.95
N LEU A 274 -55.23 -22.48 44.39
CA LEU A 274 -54.92 -21.06 44.46
C LEU A 274 -55.66 -20.29 43.37
N PRO A 275 -55.89 -19.00 43.57
CA PRO A 275 -56.63 -18.23 42.57
C PRO A 275 -55.82 -17.97 41.32
N GLU A 276 -56.52 -17.80 40.21
CA GLU A 276 -55.87 -17.43 38.96
C GLU A 276 -55.29 -16.03 39.06
N VAL A 277 -54.11 -15.83 38.50
CA VAL A 277 -53.45 -14.53 38.59
C VAL A 277 -54.27 -13.48 37.85
N PRO A 278 -54.44 -12.28 38.39
CA PRO A 278 -55.22 -11.26 37.72
C PRO A 278 -54.36 -10.37 36.82
N TYR A 279 -55.04 -9.54 36.04
CA TYR A 279 -54.40 -8.59 35.13
C TYR A 279 -54.16 -7.30 35.90
N ASN A 280 -52.91 -7.06 36.29
CA ASN A 280 -52.55 -5.89 37.07
C ASN A 280 -51.73 -4.88 36.28
N ALA A 281 -51.60 -5.06 34.97
CA ALA A 281 -50.84 -4.10 34.17
C ALA A 281 -51.60 -2.79 34.06
N PHE A 282 -50.86 -1.73 33.75
CA PHE A 282 -51.46 -0.40 33.77
C PHE A 282 -52.56 -0.25 32.73
N LEU A 283 -52.31 -0.74 31.51
CA LEU A 283 -53.27 -0.61 30.42
C LEU A 283 -53.48 -1.96 29.75
N LEU A 284 -54.63 -2.09 29.10
CA LEU A 284 -54.90 -3.28 28.30
C LEU A 284 -53.89 -3.39 27.16
N MET A 285 -53.49 -4.61 26.85
CA MET A 285 -52.44 -4.85 25.86
C MET A 285 -52.96 -5.55 24.62
N SER A 286 -53.57 -6.73 24.75
CA SER A 286 -54.11 -7.47 23.62
C SER A 286 -55.61 -7.26 23.45
N ASP A 287 -56.22 -6.39 24.25
CA ASP A 287 -57.64 -6.13 24.17
C ASP A 287 -57.98 -4.70 23.78
N GLU A 288 -56.98 -3.85 23.61
CA GLU A 288 -57.25 -2.46 23.26
C GLU A 288 -58.08 -2.39 21.98
N LEU A 289 -59.12 -1.56 22.01
CA LEU A 289 -59.94 -1.28 20.85
C LEU A 289 -59.62 0.12 20.37
N GLY A 290 -59.09 0.22 19.15
CA GLY A 290 -58.69 1.50 18.62
C GLY A 290 -59.79 2.21 17.88
N LEU A 291 -60.33 3.27 18.49
CA LEU A 291 -61.22 4.17 17.77
C LEU A 291 -60.37 4.93 16.77
N ALA A 292 -60.39 4.48 15.52
CA ALA A 292 -59.46 4.93 14.50
C ALA A 292 -60.14 5.95 13.59
N ASN A 293 -59.51 7.10 13.43
CA ASN A 293 -59.97 8.12 12.50
C ASN A 293 -58.86 8.43 11.52
N MET A 294 -59.17 8.35 10.23
CA MET A 294 -58.20 8.74 9.21
C MET A 294 -57.97 10.24 9.27
N THR A 295 -56.70 10.64 9.21
CA THR A 295 -56.32 12.04 9.29
C THR A 295 -55.29 12.34 8.21
N GLU A 296 -55.31 13.58 7.71
CA GLU A 296 -54.36 13.97 6.68
C GLU A 296 -52.92 13.79 7.15
N GLY A 297 -52.68 13.90 8.45
CA GLY A 297 -51.35 13.77 9.00
C GLY A 297 -51.05 14.83 10.04
N LYS A 298 -51.92 15.83 10.13
CA LYS A 298 -51.73 16.91 11.09
C LYS A 298 -51.71 16.35 12.51
N SER A 299 -50.74 16.82 13.30
CA SER A 299 -50.64 16.46 14.71
C SER A 299 -51.38 17.50 15.53
N LYS A 300 -52.35 17.06 16.33
CA LYS A 300 -53.22 17.93 17.08
C LYS A 300 -53.18 17.55 18.56
N LYS A 301 -53.68 18.45 19.39
CA LYS A 301 -53.71 18.20 20.82
C LYS A 301 -54.54 16.96 21.12
N PRO A 302 -54.16 16.17 22.13
CA PRO A 302 -54.91 14.93 22.40
C PRO A 302 -56.38 15.17 22.68
N LYS A 303 -56.73 16.29 23.34
CA LYS A 303 -58.14 16.56 23.63
C LYS A 303 -58.95 16.69 22.36
N THR A 304 -58.45 17.47 21.39
CA THR A 304 -59.16 17.62 20.13
C THR A 304 -59.23 16.30 19.37
N LEU A 305 -58.15 15.52 19.41
CA LEU A 305 -58.16 14.21 18.74
C LEU A 305 -59.24 13.31 19.32
N ALA A 306 -59.31 13.23 20.66
CA ALA A 306 -60.32 12.40 21.29
C ALA A 306 -61.72 12.93 20.98
N LYS A 307 -61.89 14.25 21.00
CA LYS A 307 -63.16 14.85 20.65
C LYS A 307 -63.60 14.38 19.27
N GLU A 308 -62.71 14.50 18.29
CA GLU A 308 -63.07 14.12 16.92
C GLU A 308 -63.35 12.62 16.83
N CYS A 309 -62.53 11.80 17.50
CA CYS A 309 -62.73 10.36 17.44
C CYS A 309 -64.10 9.96 17.98
N LEU A 310 -64.51 10.57 19.09
CA LEU A 310 -65.86 10.31 19.60
C LEU A 310 -66.91 10.88 18.66
N GLU A 311 -66.63 12.04 18.06
CA GLU A 311 -67.58 12.63 17.13
C GLU A 311 -67.90 11.69 15.97
N LYS A 312 -66.88 10.99 15.47
CA LYS A 312 -67.13 10.03 14.40
C LYS A 312 -68.09 8.93 14.86
N TYR A 313 -67.89 8.43 16.08
CA TYR A 313 -68.73 7.36 16.63
C TYR A 313 -69.74 8.00 17.59
N SER A 314 -70.84 8.48 17.01
CA SER A 314 -71.85 9.15 17.81
C SER A 314 -72.55 8.19 18.77
N THR A 315 -72.74 6.94 18.35
CA THR A 315 -73.46 5.99 19.19
C THR A 315 -72.74 5.77 20.53
N LEU A 316 -71.42 5.60 20.48
CA LEU A 316 -70.66 5.41 21.71
C LEU A 316 -70.46 6.71 22.47
N ARG A 317 -70.33 7.84 21.75
CA ARG A 317 -70.16 9.12 22.41
C ARG A 317 -71.39 9.48 23.23
N ASP A 318 -72.58 9.24 22.68
CA ASP A 318 -73.83 9.62 23.32
C ASP A 318 -74.47 8.51 24.14
N GLN A 319 -73.83 7.35 24.24
CA GLN A 319 -74.38 6.30 25.08
C GLN A 319 -74.44 6.78 26.52
N THR A 320 -75.60 6.59 27.16
CA THR A 320 -75.81 7.09 28.50
C THR A 320 -76.51 6.09 29.43
N ASP A 321 -76.89 4.93 28.94
CA ASP A 321 -77.52 3.89 29.76
C ASP A 321 -76.62 2.66 29.76
N PRO A 322 -75.78 2.47 30.77
CA PRO A 322 -74.84 1.35 30.74
C PRO A 322 -75.53 0.03 31.05
N ILE A 323 -74.83 -1.05 30.70
CA ILE A 323 -75.26 -2.41 31.02
C ILE A 323 -74.12 -3.05 31.79
N LEU A 324 -74.20 -2.99 33.11
CA LEU A 324 -73.14 -3.53 33.96
C LEU A 324 -72.93 -5.01 33.68
N ILE A 325 -71.75 -5.38 33.18
CA ILE A 325 -71.42 -6.78 32.99
C ILE A 325 -70.86 -7.37 34.29
N MET A 326 -70.07 -6.60 35.02
CA MET A 326 -69.55 -7.04 36.31
C MET A 326 -68.94 -5.88 37.09
N LYS A 327 -69.36 -5.73 38.34
CA LYS A 327 -68.74 -4.80 39.29
C LYS A 327 -67.82 -5.63 40.19
N SER A 328 -66.53 -5.35 40.15
CA SER A 328 -65.55 -6.36 40.57
C SER A 328 -65.69 -6.77 42.02
N GLU A 329 -65.25 -5.93 42.95
CA GLU A 329 -65.47 -6.24 44.36
C GLU A 329 -65.85 -5.02 45.20
N LYS A 330 -65.23 -3.87 44.95
CA LYS A 330 -65.34 -2.71 45.82
C LYS A 330 -65.80 -1.45 45.09
N ALA A 331 -65.35 -1.23 43.86
CA ALA A 331 -65.70 -0.01 43.16
C ALA A 331 -67.20 0.09 42.99
N ASN A 332 -67.68 1.33 42.91
CA ASN A 332 -69.11 1.61 42.81
C ASN A 332 -69.46 1.90 41.35
N GLU A 333 -70.47 1.20 40.85
CA GLU A 333 -70.88 1.38 39.46
C GLU A 333 -71.31 2.82 39.19
N ASN A 334 -72.06 3.41 40.12
CA ASN A 334 -72.54 4.78 39.91
C ASN A 334 -71.37 5.74 39.80
N PHE A 335 -70.40 5.64 40.71
CA PHE A 335 -69.25 6.54 40.66
C PHE A 335 -68.53 6.42 39.33
N LEU A 336 -68.22 5.19 38.92
CA LEU A 336 -67.43 5.01 37.69
C LEU A 336 -68.21 5.48 36.47
N TRP A 337 -69.50 5.15 36.38
CA TRP A 337 -70.27 5.56 35.21
C TRP A 337 -70.42 7.07 35.14
N LYS A 338 -70.71 7.72 36.27
CA LYS A 338 -70.84 9.17 36.26
C LYS A 338 -69.51 9.83 35.92
N LEU A 339 -68.41 9.29 36.44
CA LEU A 339 -67.09 9.84 36.12
C LEU A 339 -66.80 9.69 34.63
N TRP A 340 -67.13 8.54 34.05
CA TRP A 340 -66.91 8.36 32.62
C TRP A 340 -67.77 9.31 31.79
N ARG A 341 -69.02 9.53 32.22
CA ARG A 341 -69.88 10.47 31.51
C ARG A 341 -69.32 11.88 31.57
N ASP A 342 -68.81 12.28 32.74
CA ASP A 342 -68.15 13.58 32.85
C ASP A 342 -66.92 13.64 31.96
N CYS A 343 -66.18 12.54 31.87
CA CYS A 343 -65.03 12.50 30.97
C CYS A 343 -65.46 12.76 29.52
N VAL A 344 -66.50 12.06 29.08
CA VAL A 344 -66.94 12.21 27.70
C VAL A 344 -67.44 13.63 27.46
N ASN A 345 -68.20 14.18 28.41
CA ASN A 345 -68.70 15.54 28.25
C ASN A 345 -67.56 16.55 28.18
N THR A 346 -66.55 16.39 29.04
CA THR A 346 -65.41 17.31 29.01
C THR A 346 -64.66 17.19 27.70
N ILE A 347 -64.45 15.96 27.22
CA ILE A 347 -63.73 15.78 25.96
C ILE A 347 -64.51 16.41 24.81
N SER A 348 -65.83 16.22 24.79
CA SER A 348 -66.66 16.71 23.71
C SER A 348 -67.09 18.16 23.89
N ASN A 349 -66.71 18.81 24.99
CA ASN A 349 -67.09 20.19 25.21
C ASN A 349 -66.38 21.11 24.21
N GLU A 350 -67.01 22.25 23.94
CA GLU A 350 -66.46 23.19 22.96
C GLU A 350 -65.14 23.79 23.44
N GLU A 351 -64.98 23.99 24.74
CA GLU A 351 -63.78 24.64 25.26
C GLU A 351 -62.58 23.72 25.15
N MET A 352 -61.41 24.31 24.86
CA MET A 352 -60.18 23.53 24.76
C MET A 352 -59.72 22.98 26.09
N SER A 353 -60.24 23.50 27.20
CA SER A 353 -59.84 23.00 28.52
C SER A 353 -60.13 21.51 28.63
N ASN A 354 -59.19 20.78 29.21
CA ASN A 354 -59.30 19.33 29.39
C ASN A 354 -59.30 18.96 30.86
N GLU A 355 -59.88 19.80 31.71
CA GLU A 355 -59.99 19.55 33.14
C GLU A 355 -61.43 19.25 33.50
N LEU A 356 -61.62 18.33 34.44
CA LEU A 356 -62.96 17.93 34.82
C LEU A 356 -63.76 19.13 35.31
N GLN A 357 -65.00 19.24 34.81
CA GLN A 357 -65.87 20.35 35.18
C GLN A 357 -66.58 20.13 36.51
N LYS A 358 -66.59 18.91 37.02
CA LYS A 358 -67.23 18.65 38.30
C LYS A 358 -66.30 19.04 39.46
N THR A 359 -65.14 18.41 39.54
CA THR A 359 -64.10 18.67 40.53
C THR A 359 -64.51 18.22 41.93
N ASN A 360 -65.73 17.75 42.13
CA ASN A 360 -66.21 17.31 43.44
C ASN A 360 -66.69 15.87 43.44
N TYR A 361 -67.41 15.45 42.40
CA TYR A 361 -67.81 14.06 42.29
C TYR A 361 -66.59 13.16 42.10
N ALA A 362 -65.63 13.60 41.28
CA ALA A 362 -64.42 12.81 41.09
C ALA A 362 -63.66 12.62 42.39
N LYS A 363 -63.74 13.59 43.30
CA LYS A 363 -63.00 13.49 44.55
C LYS A 363 -63.37 12.22 45.31
N TRP A 364 -64.64 11.82 45.25
CA TRP A 364 -65.08 10.59 45.88
C TRP A 364 -65.06 9.41 44.93
N ALA A 365 -65.18 9.66 43.62
CA ALA A 365 -65.05 8.58 42.66
C ALA A 365 -63.65 7.98 42.70
N THR A 366 -62.62 8.83 42.78
CA THR A 366 -61.24 8.37 42.85
C THR A 366 -60.81 7.97 44.25
N GLY A 367 -61.63 8.26 45.27
CA GLY A 367 -61.28 7.88 46.63
C GLY A 367 -60.24 8.76 47.28
N ASP A 368 -60.02 9.97 46.78
CA ASP A 368 -59.05 10.86 47.40
C ASP A 368 -59.44 11.21 48.83
N GLY A 369 -60.75 11.41 49.07
CA GLY A 369 -61.21 11.75 50.41
C GLY A 369 -61.17 10.60 51.38
N LEU A 370 -61.09 9.37 50.88
CA LEU A 370 -61.03 8.18 51.75
C LEU A 370 -59.58 7.97 52.20
N THR A 371 -59.13 8.88 53.07
CA THR A 371 -57.78 8.84 53.59
C THR A 371 -57.79 9.16 55.08
N TYR A 372 -56.83 8.60 55.80
CA TYR A 372 -56.72 8.84 57.23
C TYR A 372 -56.18 10.23 57.51
N GLN A 373 -56.51 10.75 58.69
CA GLN A 373 -56.05 12.07 59.12
C GLN A 373 -54.96 11.90 60.16
N LYS A 374 -53.81 12.52 59.90
CA LYS A 374 -52.65 12.36 60.75
C LYS A 374 -52.75 13.22 62.01
N ILE A 375 -52.45 12.62 63.16
CA ILE A 375 -52.44 13.33 64.43
C ILE A 375 -51.02 13.35 64.98
N MET A 376 -50.84 14.01 66.11
CA MET A 376 -49.51 14.10 66.71
C MET A 376 -49.20 12.84 67.51
N LYS A 377 -47.92 12.66 67.81
CA LYS A 377 -47.47 11.42 68.44
C LYS A 377 -48.06 11.22 69.83
N GLU A 378 -48.29 12.31 70.57
CA GLU A 378 -48.70 12.17 71.96
C GLU A 378 -50.03 11.43 72.08
N VAL A 379 -51.01 11.82 71.27
CA VAL A 379 -52.32 11.18 71.34
C VAL A 379 -52.20 9.70 70.96
N ALA A 380 -51.39 9.40 69.94
CA ALA A 380 -51.20 8.01 69.56
C ALA A 380 -50.60 7.20 70.70
N ILE A 381 -49.63 7.78 71.41
CA ILE A 381 -49.06 7.11 72.58
C ILE A 381 -50.14 6.85 73.61
N ASP A 382 -50.95 7.87 73.89
CA ASP A 382 -51.96 7.73 74.95
C ASP A 382 -53.07 6.77 74.54
N ASP A 383 -53.56 6.88 73.30
CA ASP A 383 -54.64 6.02 72.85
C ASP A 383 -54.17 4.57 72.76
N GLU A 384 -55.07 3.64 73.07
CA GLU A 384 -54.74 2.22 73.07
C GLU A 384 -55.15 1.50 71.80
N THR A 385 -56.08 2.04 71.03
CA THR A 385 -56.57 1.39 69.82
C THR A 385 -55.75 1.74 68.59
N MET A 386 -54.78 2.65 68.69
CA MET A 386 -53.93 3.01 67.57
C MET A 386 -52.79 2.01 67.48
N CYS A 387 -53.04 0.90 66.79
CA CYS A 387 -52.06 -0.15 66.61
C CYS A 387 -51.29 0.05 65.31
N GLN A 388 -50.49 -0.94 64.94
CA GLN A 388 -49.69 -0.91 63.72
C GLN A 388 -50.26 -1.91 62.72
N GLU A 389 -50.48 -1.45 61.50
CA GLU A 389 -51.04 -2.32 60.47
C GLU A 389 -50.10 -3.48 60.20
N GLU A 390 -50.65 -4.69 60.14
CA GLU A 390 -49.85 -5.85 59.78
C GLU A 390 -49.42 -5.74 58.32
N PRO A 391 -48.21 -6.17 57.98
CA PRO A 391 -47.78 -6.12 56.58
C PRO A 391 -48.73 -6.94 55.70
N LYS A 392 -48.99 -6.41 54.50
CA LYS A 392 -49.86 -7.08 53.54
C LYS A 392 -48.99 -7.81 52.53
N ILE A 393 -48.93 -9.14 52.67
CA ILE A 393 -48.11 -9.96 51.77
C ILE A 393 -48.87 -10.20 50.47
N PRO A 394 -48.19 -10.36 49.35
CA PRO A 394 -48.89 -10.64 48.09
C PRO A 394 -49.52 -12.02 48.12
N ASN A 395 -50.61 -12.17 47.37
CA ASN A 395 -51.31 -13.45 47.30
C ASN A 395 -50.46 -14.47 46.57
N LYS A 396 -50.67 -15.74 46.90
CA LYS A 396 -50.00 -16.85 46.24
C LYS A 396 -50.98 -17.43 45.22
N CYS A 397 -50.73 -17.15 43.94
CA CYS A 397 -51.65 -17.45 42.86
C CYS A 397 -51.14 -18.63 42.04
N ARG A 398 -51.87 -18.93 40.97
CA ARG A 398 -51.58 -20.05 40.09
C ARG A 398 -51.36 -19.54 38.66
N VAL A 399 -51.03 -20.47 37.77
CA VAL A 399 -50.78 -20.11 36.38
C VAL A 399 -52.11 -19.74 35.72
N ALA A 400 -52.17 -18.54 35.16
CA ALA A 400 -53.36 -18.09 34.45
C ALA A 400 -53.30 -18.61 33.01
N ALA A 401 -54.22 -18.15 32.17
CA ALA A 401 -54.22 -18.46 30.76
C ALA A 401 -54.13 -17.25 29.85
N TRP A 402 -54.54 -16.07 30.33
CA TRP A 402 -54.52 -14.88 29.49
C TRP A 402 -53.10 -14.44 29.18
N VAL A 403 -52.15 -14.73 30.07
CA VAL A 403 -50.77 -14.31 29.84
C VAL A 403 -50.21 -14.99 28.61
N GLN A 404 -50.46 -16.29 28.47
CA GLN A 404 -49.96 -17.01 27.31
C GLN A 404 -50.59 -16.49 26.02
N THR A 405 -51.91 -16.27 26.04
CA THR A 405 -52.58 -15.78 24.84
C THR A 405 -52.08 -14.40 24.45
N GLU A 406 -51.87 -13.52 25.43
CA GLU A 406 -51.33 -12.21 25.11
C GLU A 406 -49.91 -12.31 24.60
N MET A 407 -49.11 -13.21 25.17
CA MET A 407 -47.75 -13.40 24.67
C MET A 407 -47.79 -13.82 23.21
N ASN A 408 -48.70 -14.72 22.85
CA ASN A 408 -48.82 -15.14 21.47
C ASN A 408 -49.29 -13.99 20.59
N LEU A 409 -50.31 -13.25 21.03
CA LEU A 409 -50.97 -12.29 20.15
C LEU A 409 -50.12 -11.04 19.92
N LEU A 410 -49.45 -10.56 20.96
CA LEU A 410 -48.60 -9.37 20.81
C LEU A 410 -47.37 -9.65 19.95
N SER A 411 -47.08 -10.91 19.66
CA SER A 411 -45.91 -11.30 18.88
C SER A 411 -46.28 -11.76 17.47
N THR A 412 -47.30 -11.15 16.88
CA THR A 412 -47.74 -11.47 15.52
C THR A 412 -47.79 -10.21 14.69
N LEU A 413 -47.54 -10.36 13.40
CA LEU A 413 -47.61 -9.22 12.49
C LEU A 413 -49.03 -8.68 12.40
N THR A 414 -49.13 -7.37 12.24
CA THR A 414 -50.40 -6.70 11.98
C THR A 414 -50.20 -5.71 10.84
N SER A 415 -51.25 -5.54 10.04
CA SER A 415 -51.16 -4.61 8.92
C SER A 415 -50.88 -3.19 9.38
N LYS A 416 -51.15 -2.88 10.65
CA LYS A 416 -50.96 -1.54 11.19
C LYS A 416 -49.56 -1.40 11.77
N ARG A 417 -48.90 -0.29 11.46
CA ARG A 417 -47.59 0.02 12.01
C ARG A 417 -47.63 1.41 12.63
N ALA A 418 -47.02 1.54 13.81
CA ALA A 418 -46.95 2.81 14.53
C ALA A 418 -45.51 3.25 14.80
N LEU A 419 -44.64 2.31 15.16
CA LEU A 419 -43.25 2.64 15.48
C LEU A 419 -42.58 3.33 14.29
N ASP A 420 -42.27 4.61 14.45
CA ASP A 420 -41.51 5.36 13.46
C ASP A 420 -40.31 5.99 14.14
N LEU A 421 -39.23 6.14 13.40
CA LEU A 421 -37.98 6.63 13.95
C LEU A 421 -37.43 7.78 13.11
N PRO A 422 -36.73 8.71 13.72
CA PRO A 422 -36.20 9.85 12.96
C PRO A 422 -35.11 9.40 12.00
N GLU A 423 -34.92 10.20 10.97
CA GLU A 423 -33.89 9.93 9.97
C GLU A 423 -32.50 10.17 10.57
N ILE A 424 -31.49 9.64 9.89
CA ILE A 424 -30.09 9.90 10.21
C ILE A 424 -29.38 10.33 8.93
N GLY A 425 -28.14 10.74 9.09
CA GLY A 425 -27.38 11.28 7.99
C GLY A 425 -27.08 10.24 6.93
N PRO A 426 -26.67 10.69 5.74
CA PRO A 426 -26.32 9.73 4.68
C PRO A 426 -25.19 8.82 5.12
N ASP A 427 -25.25 7.57 4.68
CA ASP A 427 -24.25 6.56 5.01
C ASP A 427 -23.26 6.45 3.87
N VAL A 428 -22.00 6.80 4.13
CA VAL A 428 -20.97 6.79 3.12
C VAL A 428 -19.96 5.67 3.31
N ALA A 429 -19.70 5.25 4.54
CA ALA A 429 -18.78 4.16 4.76
C ALA A 429 -19.47 2.81 4.51
N PRO A 430 -18.74 1.80 4.05
CA PRO A 430 -19.36 0.47 3.92
C PRO A 430 -19.95 -0.05 5.21
N VAL A 431 -19.31 0.22 6.35
CA VAL A 431 -19.80 -0.32 7.62
C VAL A 431 -21.18 0.22 7.93
N GLU A 432 -21.38 1.52 7.74
CA GLU A 432 -22.71 2.08 7.99
C GLU A 432 -23.71 1.65 6.93
N HIS A 433 -23.25 1.29 5.73
CA HIS A 433 -24.16 0.70 4.76
C HIS A 433 -24.67 -0.65 5.24
N VAL A 434 -23.77 -1.49 5.74
CA VAL A 434 -24.19 -2.77 6.31
C VAL A 434 -25.13 -2.54 7.49
N GLY A 435 -24.79 -1.58 8.34
CA GLY A 435 -25.66 -1.26 9.46
C GLY A 435 -27.05 -0.83 9.02
N SER A 436 -27.13 -0.01 7.96
CA SER A 436 -28.41 0.43 7.45
C SER A 436 -29.21 -0.74 6.91
N GLU A 437 -28.56 -1.66 6.19
CA GLU A 437 -29.26 -2.84 5.68
C GLU A 437 -29.82 -3.66 6.84
N ARG A 438 -29.02 -3.90 7.87
CA ARG A 438 -29.49 -4.66 9.02
C ARG A 438 -30.64 -3.95 9.71
N ARG A 439 -30.50 -2.63 9.90
CA ARG A 439 -31.54 -1.87 10.57
C ARG A 439 -32.85 -1.95 9.80
N LYS A 440 -32.80 -1.81 8.48
CA LYS A 440 -34.00 -1.91 7.66
C LYS A 440 -34.63 -3.30 7.79
N TYR A 441 -33.80 -4.34 7.71
CA TYR A 441 -34.33 -5.70 7.82
C TYR A 441 -34.98 -5.92 9.17
N PHE A 442 -34.49 -5.27 10.22
CA PHE A 442 -35.07 -5.42 11.55
C PHE A 442 -36.39 -4.67 11.66
N VAL A 443 -36.40 -3.39 11.25
CA VAL A 443 -37.61 -2.60 11.44
C VAL A 443 -38.73 -3.14 10.56
N ASN A 444 -38.40 -3.67 9.39
CA ASN A 444 -39.43 -4.27 8.54
C ASN A 444 -40.15 -5.40 9.26
N GLU A 445 -39.53 -5.97 10.30
CA GLU A 445 -40.11 -7.07 11.06
C GLU A 445 -40.79 -6.57 12.33
N ILE A 446 -40.10 -5.74 13.11
CA ILE A 446 -40.63 -5.33 14.40
C ILE A 446 -41.83 -4.39 14.23
N ASN A 447 -41.77 -3.48 13.24
CA ASN A 447 -42.77 -2.43 13.14
C ASN A 447 -44.19 -2.98 13.10
N TYR A 448 -44.39 -4.12 12.47
CA TYR A 448 -45.73 -4.64 12.22
C TYR A 448 -46.22 -5.59 13.31
N CYS A 449 -45.43 -5.82 14.35
CA CYS A 449 -45.90 -6.64 15.47
C CYS A 449 -46.71 -5.79 16.43
N LYS A 450 -47.77 -6.39 16.99
CA LYS A 450 -48.67 -5.62 17.86
C LYS A 450 -47.97 -5.15 19.13
N ALA A 451 -46.94 -5.88 19.57
CA ALA A 451 -46.21 -5.45 20.75
C ALA A 451 -45.60 -4.07 20.55
N SER A 452 -45.16 -3.76 19.33
CA SER A 452 -44.64 -2.42 19.07
C SER A 452 -45.72 -1.37 19.27
N THR A 453 -46.93 -1.64 18.78
CA THR A 453 -48.03 -0.69 18.98
C THR A 453 -48.34 -0.52 20.45
N VAL A 454 -48.35 -1.61 21.21
CA VAL A 454 -48.62 -1.52 22.64
C VAL A 454 -47.54 -0.70 23.33
N MET A 455 -46.27 -0.93 22.97
CA MET A 455 -45.18 -0.18 23.56
C MET A 455 -45.30 1.31 23.26
N MET A 456 -45.62 1.65 22.02
CA MET A 456 -45.79 3.06 21.67
C MET A 456 -46.96 3.67 22.41
N LYS A 457 -48.05 2.92 22.57
CA LYS A 457 -49.18 3.42 23.34
C LYS A 457 -48.78 3.69 24.78
N TYR A 458 -48.04 2.78 25.40
CA TYR A 458 -47.59 2.98 26.77
C TYR A 458 -46.70 4.22 26.87
N VAL A 459 -45.76 4.35 25.93
CA VAL A 459 -44.83 5.48 25.97
C VAL A 459 -45.57 6.79 25.82
N LEU A 460 -46.49 6.86 24.85
CA LEU A 460 -47.24 8.09 24.63
C LEU A 460 -48.11 8.41 25.84
N PHE A 461 -48.77 7.40 26.42
CA PHE A 461 -49.61 7.65 27.57
C PHE A 461 -48.81 8.19 28.74
N HIS A 462 -47.64 7.60 29.00
CA HIS A 462 -46.84 8.05 30.13
C HIS A 462 -46.24 9.43 29.88
N THR A 463 -45.85 9.72 28.63
CA THR A 463 -45.37 11.06 28.31
C THR A 463 -46.47 12.09 28.56
N SER A 464 -47.68 11.81 28.09
CA SER A 464 -48.78 12.73 28.30
C SER A 464 -49.11 12.87 29.78
N LEU A 465 -49.03 11.76 30.53
CA LEU A 465 -49.30 11.81 31.95
C LEU A 465 -48.28 12.69 32.67
N LEU A 466 -46.99 12.54 32.32
CA LEU A 466 -45.97 13.37 32.93
C LEU A 466 -46.18 14.84 32.58
N ASN A 467 -46.49 15.12 31.32
CA ASN A 467 -46.71 16.52 30.92
C ASN A 467 -47.89 17.12 31.67
N GLU A 468 -48.99 16.37 31.78
CA GLU A 468 -50.15 16.87 32.51
C GLU A 468 -49.83 17.09 33.99
N SER A 469 -49.12 16.13 34.60
CA SER A 469 -48.78 16.26 36.01
C SER A 469 -47.92 17.50 36.26
N ASN A 470 -46.91 17.70 35.43
CA ASN A 470 -46.05 18.87 35.61
C ASN A 470 -46.83 20.16 35.38
N ALA A 471 -47.62 20.20 34.31
CA ALA A 471 -48.39 21.42 34.00
C ALA A 471 -49.51 21.62 35.01
N SER A 472 -50.28 20.58 35.29
CA SER A 472 -51.40 20.64 36.22
C SER A 472 -51.06 19.83 37.46
N MET A 473 -51.15 20.47 38.63
CA MET A 473 -50.74 19.87 39.89
C MET A 473 -51.90 19.49 40.78
N GLY A 474 -52.81 20.42 41.06
CA GLY A 474 -53.87 20.19 42.01
C GLY A 474 -55.27 20.26 41.43
N LYS A 475 -55.42 19.88 40.16
CA LYS A 475 -56.71 19.86 39.50
C LYS A 475 -56.87 18.54 38.75
N TYR A 476 -58.04 17.94 38.84
CA TYR A 476 -58.32 16.72 38.10
C TYR A 476 -58.29 16.99 36.60
N LYS A 477 -57.70 16.07 35.85
CA LYS A 477 -57.49 16.25 34.42
C LYS A 477 -58.05 15.05 33.67
N VAL A 478 -58.33 15.25 32.38
CA VAL A 478 -58.77 14.20 31.47
C VAL A 478 -57.68 13.98 30.44
N ILE A 479 -57.31 12.72 30.23
CA ILE A 479 -56.18 12.36 29.38
C ILE A 479 -56.60 11.24 28.44
N PRO A 480 -56.72 11.50 27.13
CA PRO A 480 -56.96 10.38 26.21
C PRO A 480 -55.74 9.48 26.09
N ILE A 481 -55.99 8.19 25.92
CA ILE A 481 -54.91 7.22 25.68
C ILE A 481 -54.76 7.15 24.17
N THR A 482 -53.95 8.05 23.63
CA THR A 482 -53.85 8.27 22.19
C THR A 482 -52.70 7.47 21.58
N ASN A 483 -52.83 7.16 20.30
CA ASN A 483 -51.74 6.56 19.53
C ASN A 483 -51.90 6.97 18.07
N ARG A 484 -50.80 6.86 17.32
CA ARG A 484 -50.81 7.17 15.89
C ARG A 484 -50.34 5.94 15.13
N VAL A 485 -51.08 5.55 14.11
CA VAL A 485 -50.87 4.30 13.40
C VAL A 485 -50.90 4.57 11.91
N VAL A 486 -49.84 4.22 11.20
CA VAL A 486 -49.76 4.35 9.76
C VAL A 486 -49.94 2.98 9.14
N ASN A 487 -50.88 2.87 8.20
CA ASN A 487 -51.09 1.62 7.49
C ASN A 487 -50.12 1.50 6.32
N GLU A 488 -50.09 0.33 5.71
CA GLU A 488 -49.15 0.08 4.61
C GLU A 488 -49.35 1.08 3.47
N LYS A 489 -50.56 1.62 3.32
CA LYS A 489 -50.83 2.59 2.26
C LYS A 489 -50.42 4.00 2.61
N GLY A 490 -49.96 4.24 3.84
CA GLY A 490 -49.51 5.56 4.24
C GLY A 490 -50.56 6.43 4.89
N GLU A 491 -51.73 5.87 5.23
CA GLU A 491 -52.78 6.64 5.88
C GLU A 491 -52.50 6.72 7.38
N SER A 492 -52.39 7.94 7.91
CA SER A 492 -51.98 8.17 9.29
C SER A 492 -53.22 8.25 10.18
N PHE A 493 -53.76 7.09 10.51
CA PHE A 493 -54.88 7.02 11.43
C PHE A 493 -54.46 7.48 12.82
N ASP A 494 -55.36 8.18 13.50
CA ASP A 494 -55.22 8.48 14.91
C ASP A 494 -56.17 7.58 15.69
N MET A 495 -55.64 6.90 16.70
CA MET A 495 -56.40 5.90 17.45
C MET A 495 -56.60 6.40 18.88
N LEU A 496 -57.86 6.43 19.30
CA LEU A 496 -58.22 6.70 20.68
C LEU A 496 -58.56 5.36 21.34
N TYR A 497 -57.83 5.03 22.41
CA TYR A 497 -58.00 3.76 23.09
C TYR A 497 -58.78 3.87 24.39
N GLY A 498 -59.15 5.08 24.80
CA GLY A 498 -59.87 5.27 26.03
C GLY A 498 -59.55 6.63 26.61
N LEU A 499 -59.96 6.81 27.87
CA LEU A 499 -59.73 8.04 28.61
C LEU A 499 -59.21 7.69 29.99
N ALA A 500 -58.66 8.69 30.67
CA ALA A 500 -58.19 8.49 32.03
C ALA A 500 -58.32 9.79 32.81
N VAL A 501 -58.88 9.70 34.00
CA VAL A 501 -58.94 10.83 34.93
C VAL A 501 -57.67 10.81 35.78
N LYS A 502 -56.94 11.92 35.76
CA LYS A 502 -55.78 12.11 36.61
C LYS A 502 -56.21 12.91 37.83
N GLY A 503 -55.83 12.42 39.01
CA GLY A 503 -56.20 13.07 40.25
C GLY A 503 -55.35 14.30 40.55
N GLN A 504 -55.05 14.52 41.82
CA GLN A 504 -54.26 15.67 42.25
C GLN A 504 -52.82 15.21 42.42
N SER A 505 -51.93 15.73 41.57
CA SER A 505 -50.54 15.30 41.52
C SER A 505 -49.60 16.29 42.21
N HIS A 506 -50.11 17.09 43.15
CA HIS A 506 -49.28 18.07 43.83
C HIS A 506 -48.34 17.36 44.80
N LEU A 507 -47.18 16.94 44.31
CA LEU A 507 -46.25 16.12 45.07
C LEU A 507 -44.85 16.70 44.97
N ARG A 508 -44.24 17.00 46.11
CA ARG A 508 -42.86 17.46 46.11
C ARG A 508 -41.89 16.33 45.79
N GLY A 509 -42.09 15.15 46.39
CA GLY A 509 -41.23 14.03 46.17
C GLY A 509 -41.59 13.25 44.92
N ASP A 510 -40.78 12.24 44.64
CA ASP A 510 -40.98 11.37 43.48
C ASP A 510 -41.69 10.08 43.82
N THR A 511 -41.36 9.45 44.95
CA THR A 511 -42.00 8.21 45.34
C THR A 511 -43.47 8.40 45.72
N ASP A 512 -43.93 9.64 45.89
CA ASP A 512 -45.32 9.87 46.23
C ASP A 512 -46.22 9.39 45.10
N VAL A 513 -47.37 8.84 45.47
CA VAL A 513 -48.29 8.19 44.54
C VAL A 513 -49.34 9.19 44.08
N VAL A 514 -49.71 9.09 42.80
CA VAL A 514 -50.79 9.88 42.23
C VAL A 514 -51.78 8.90 41.60
N THR A 515 -53.07 9.12 41.87
CA THR A 515 -54.11 8.20 41.45
C THR A 515 -54.68 8.59 40.09
N VAL A 516 -54.87 7.60 39.23
CA VAL A 516 -55.49 7.79 37.92
C VAL A 516 -56.47 6.65 37.68
N VAL A 517 -57.61 6.97 37.09
CA VAL A 517 -58.63 5.99 36.76
C VAL A 517 -58.69 5.86 35.24
N THR A 518 -58.63 4.63 34.74
CA THR A 518 -58.57 4.36 33.31
C THR A 518 -59.87 3.73 32.85
N PHE A 519 -60.47 4.31 31.81
CA PHE A 519 -61.57 3.72 31.07
C PHE A 519 -61.06 3.35 29.69
N GLU A 520 -61.24 2.08 29.31
CA GLU A 520 -60.62 1.53 28.12
C GLU A 520 -61.67 0.88 27.23
N PHE A 521 -61.69 1.26 25.95
CA PHE A 521 -62.54 0.57 24.99
C PHE A 521 -61.98 -0.82 24.72
N SER A 522 -62.87 -1.80 24.59
CA SER A 522 -62.44 -3.15 24.28
C SER A 522 -63.56 -3.89 23.56
N SER A 523 -63.18 -4.96 22.87
CA SER A 523 -64.14 -5.81 22.17
C SER A 523 -64.29 -7.17 22.84
N THR A 524 -63.74 -7.36 24.02
CA THR A 524 -63.74 -8.64 24.72
C THR A 524 -64.77 -8.60 25.84
N ASP A 525 -65.71 -9.54 25.83
CA ASP A 525 -66.65 -9.68 26.92
C ASP A 525 -66.00 -10.46 28.05
N PRO A 526 -65.85 -9.89 29.25
CA PRO A 526 -65.08 -10.58 30.29
C PRO A 526 -65.68 -11.90 30.73
N ARG A 527 -66.98 -12.10 30.52
CA ARG A 527 -67.62 -13.33 30.97
C ARG A 527 -67.00 -14.57 30.33
N VAL A 528 -66.32 -14.40 29.19
CA VAL A 528 -65.65 -15.54 28.57
C VAL A 528 -64.60 -16.12 29.52
N ASP A 529 -63.89 -15.25 30.23
CA ASP A 529 -62.93 -15.68 31.25
C ASP A 529 -62.94 -14.62 32.36
N SER A 530 -63.75 -14.87 33.39
CA SER A 530 -63.91 -13.90 34.47
C SER A 530 -62.74 -13.89 35.43
N GLY A 531 -61.88 -14.92 35.40
CA GLY A 531 -60.73 -14.95 36.30
C GLY A 531 -59.66 -13.95 35.93
N LYS A 532 -59.61 -13.52 34.67
CA LYS A 532 -58.63 -12.53 34.23
C LYS A 532 -58.96 -11.13 34.70
N TRP A 533 -60.22 -10.85 34.99
CA TRP A 533 -60.68 -9.49 35.29
C TRP A 533 -61.41 -9.47 36.63
N PRO A 534 -60.69 -9.71 37.73
CA PRO A 534 -61.27 -9.48 39.06
C PRO A 534 -61.05 -8.07 39.58
N LYS A 535 -60.23 -7.26 38.90
CA LYS A 535 -59.92 -5.91 39.32
C LYS A 535 -60.66 -4.85 38.52
N TYR A 536 -61.53 -5.25 37.59
CA TYR A 536 -62.11 -4.33 36.61
C TYR A 536 -63.62 -4.31 36.72
N THR A 537 -64.19 -3.11 36.73
CA THR A 537 -65.63 -2.90 36.63
C THR A 537 -65.93 -2.42 35.22
N VAL A 538 -66.78 -3.14 34.49
CA VAL A 538 -66.95 -2.92 33.07
C VAL A 538 -68.42 -2.70 32.75
N PHE A 539 -68.67 -2.09 31.61
CA PHE A 539 -69.99 -1.87 31.06
C PHE A 539 -70.08 -2.58 29.71
N ARG A 540 -71.14 -2.28 28.96
CA ARG A 540 -71.28 -2.69 27.56
C ARG A 540 -71.88 -1.49 26.83
N ILE A 541 -71.01 -0.63 26.28
CA ILE A 541 -71.43 0.67 25.82
C ILE A 541 -71.82 0.66 24.33
N GLY A 542 -71.85 -0.52 23.72
CA GLY A 542 -72.51 -0.60 22.44
C GLY A 542 -71.90 -1.68 21.56
N SER A 543 -71.85 -1.39 20.27
CA SER A 543 -71.27 -2.31 19.30
C SER A 543 -70.81 -1.52 18.08
N LEU A 544 -69.99 -2.16 17.25
CA LEU A 544 -69.44 -1.51 16.08
C LEU A 544 -69.21 -2.54 14.98
N PHE A 545 -69.14 -2.05 13.74
CA PHE A 545 -68.82 -2.85 12.58
C PHE A 545 -67.46 -2.45 12.06
N VAL A 546 -66.55 -3.41 11.93
CA VAL A 546 -65.25 -3.13 11.35
C VAL A 546 -65.31 -3.25 9.83
N SER A 547 -65.95 -4.32 9.34
CA SER A 547 -66.13 -4.51 7.91
C SER A 547 -67.50 -5.06 7.55
N GLY A 548 -68.41 -5.21 8.51
CA GLY A 548 -69.69 -5.83 8.28
C GLY A 548 -70.00 -6.89 9.32
N ARG A 549 -68.99 -7.27 10.09
CA ARG A 549 -69.13 -8.25 11.17
C ARG A 549 -69.29 -7.48 12.47
N GLU A 550 -70.52 -7.41 12.97
CA GLU A 550 -70.81 -6.66 14.18
C GLU A 550 -70.11 -7.28 15.37
N LYS A 551 -69.48 -6.45 16.20
CA LYS A 551 -68.85 -6.92 17.43
C LYS A 551 -69.11 -5.90 18.54
N SER A 552 -69.36 -6.41 19.73
CA SER A 552 -69.69 -5.54 20.86
C SER A 552 -68.52 -4.62 21.18
N VAL A 553 -68.79 -3.64 22.05
CA VAL A 553 -67.82 -2.66 22.49
C VAL A 553 -68.12 -2.35 23.94
N TYR A 554 -67.22 -2.73 24.84
CA TYR A 554 -67.32 -2.53 26.27
C TYR A 554 -66.31 -1.50 26.75
N LEU A 555 -66.53 -1.01 27.97
CA LEU A 555 -65.65 -0.05 28.61
C LEU A 555 -65.17 -0.64 29.93
N TYR A 556 -63.86 -0.90 30.02
CA TYR A 556 -63.24 -1.41 31.23
C TYR A 556 -62.78 -0.24 32.09
N CYS A 557 -63.32 -0.12 33.30
CA CYS A 557 -63.02 0.97 34.20
C CYS A 557 -62.25 0.44 35.41
N ARG A 558 -61.15 1.10 35.76
CA ARG A 558 -60.37 0.64 36.91
C ARG A 558 -59.58 1.81 37.50
N VAL A 559 -59.50 1.84 38.82
CA VAL A 559 -58.71 2.83 39.55
C VAL A 559 -57.32 2.26 39.79
N ASN A 560 -56.29 3.10 39.64
CA ASN A 560 -54.91 2.66 39.79
C ASN A 560 -54.09 3.85 40.28
N GLY A 561 -52.81 3.58 40.57
CA GLY A 561 -51.92 4.62 41.04
C GLY A 561 -50.51 4.47 40.54
N THR A 562 -49.85 5.58 40.23
CA THR A 562 -48.48 5.56 39.73
C THR A 562 -47.62 6.55 40.50
N ASN A 563 -46.39 6.76 40.04
CA ASN A 563 -45.49 7.72 40.67
C ASN A 563 -44.50 8.22 39.61
N LYS A 564 -43.81 9.30 39.95
CA LYS A 564 -42.94 9.95 38.98
C LYS A 564 -41.88 9.00 38.43
N ILE A 565 -41.48 8.01 39.21
CA ILE A 565 -40.43 7.08 38.75
C ILE A 565 -40.96 6.21 37.62
N GLN A 566 -42.03 5.45 37.90
CA GLN A 566 -42.65 4.67 36.84
C GLN A 566 -43.15 5.57 35.73
N MET A 567 -43.57 6.79 36.08
CA MET A 567 -44.06 7.73 35.08
C MET A 567 -42.97 8.08 34.07
N LYS A 568 -41.74 8.30 34.55
CA LYS A 568 -40.62 8.54 33.66
C LYS A 568 -40.26 7.27 32.88
N TRP A 569 -40.16 6.14 33.59
CA TRP A 569 -39.77 4.91 32.92
C TRP A 569 -40.73 4.55 31.80
N GLY A 570 -41.98 5.03 31.88
CA GLY A 570 -42.91 4.83 30.77
C GLY A 570 -42.38 5.38 29.46
N MET A 571 -41.76 6.56 29.51
CA MET A 571 -41.18 7.14 28.31
C MET A 571 -39.80 6.58 28.00
N GLU A 572 -39.21 5.81 28.91
CA GLU A 572 -37.97 5.10 28.66
C GLU A 572 -38.18 3.64 28.32
N ALA A 573 -39.42 3.22 28.10
CA ALA A 573 -39.74 1.85 27.73
C ALA A 573 -39.35 1.53 26.30
N ARG A 574 -39.00 2.54 25.50
CA ARG A 574 -38.57 2.32 24.13
C ARG A 574 -37.27 1.52 24.05
N ARG A 575 -36.47 1.52 25.11
CA ARG A 575 -35.20 0.79 25.09
C ARG A 575 -35.39 -0.69 24.86
N CYS A 576 -36.60 -1.22 25.08
CA CYS A 576 -36.86 -2.61 24.72
C CYS A 576 -36.40 -2.88 23.30
N LEU A 577 -36.73 -1.97 22.38
CA LEU A 577 -36.30 -2.12 21.00
C LEU A 577 -34.80 -2.40 20.92
N LEU A 578 -34.00 -1.58 21.61
CA LEU A 578 -32.56 -1.79 21.61
C LEU A 578 -32.22 -3.19 22.11
N GLN A 579 -32.81 -3.59 23.24
CA GLN A 579 -32.54 -4.92 23.77
C GLN A 579 -32.91 -6.00 22.76
N SER A 580 -33.92 -5.73 21.92
CA SER A 580 -34.29 -6.70 20.90
C SER A 580 -33.26 -6.78 19.78
N MET A 581 -32.61 -5.66 19.46
CA MET A 581 -31.70 -5.65 18.33
C MET A 581 -30.32 -6.17 18.73
N GLN A 582 -29.77 -5.64 19.83
CA GLN A 582 -28.41 -6.02 20.25
C GLN A 582 -28.19 -7.52 20.09
N GLN A 583 -28.97 -8.32 20.83
CA GLN A 583 -28.75 -9.75 20.80
C GLN A 583 -28.82 -10.29 19.39
N MET A 584 -29.88 -9.95 18.64
CA MET A 584 -29.97 -10.43 17.27
C MET A 584 -28.76 -9.98 16.47
N GLU A 585 -28.35 -8.72 16.62
CA GLU A 585 -27.12 -8.28 15.98
C GLU A 585 -25.99 -9.26 16.26
N ALA A 586 -25.74 -9.53 17.56
CA ALA A 586 -24.70 -10.48 17.91
C ALA A 586 -24.91 -11.78 17.15
N ILE A 587 -26.13 -12.32 17.18
CA ILE A 587 -26.42 -13.55 16.46
C ILE A 587 -25.91 -13.44 15.03
N VAL A 588 -26.39 -12.42 14.32
CA VAL A 588 -26.01 -12.27 12.91
C VAL A 588 -24.49 -12.20 12.80
N GLU A 589 -23.87 -11.41 13.67
CA GLU A 589 -22.41 -11.26 13.60
C GLU A 589 -21.72 -12.61 13.74
N GLN A 590 -22.21 -13.43 14.68
CA GLN A 590 -21.64 -14.77 14.81
C GLN A 590 -21.68 -15.51 13.48
N GLU A 591 -22.82 -15.48 12.82
CA GLU A 591 -22.94 -16.11 11.51
C GLU A 591 -21.91 -15.54 10.54
N SER A 592 -21.76 -14.22 10.54
CA SER A 592 -20.80 -13.59 9.64
C SER A 592 -19.39 -14.06 9.94
N SER A 593 -19.11 -14.40 11.19
CA SER A 593 -17.79 -14.87 11.57
C SER A 593 -17.50 -16.21 10.89
N ILE A 594 -18.54 -17.02 10.68
CA ILE A 594 -18.36 -18.35 10.13
C ILE A 594 -17.95 -18.26 8.67
N GLN A 595 -18.83 -17.73 7.82
CA GLN A 595 -18.52 -17.51 6.42
C GLN A 595 -18.46 -16.02 6.13
N GLY A 596 -17.57 -15.66 5.20
CA GLY A 596 -17.05 -14.30 5.16
C GLY A 596 -18.11 -13.25 4.86
N TYR A 597 -19.00 -13.54 3.91
CA TYR A 597 -19.92 -12.51 3.43
C TYR A 597 -20.94 -12.18 4.52
N ASP A 598 -21.83 -11.25 4.23
CA ASP A 598 -22.84 -10.77 5.18
C ASP A 598 -24.13 -11.55 4.97
N MET A 599 -24.75 -11.97 6.07
CA MET A 599 -25.81 -12.96 6.03
C MET A 599 -27.17 -12.38 6.41
N THR A 600 -27.24 -11.08 6.71
CA THR A 600 -28.48 -10.53 7.26
C THR A 600 -29.67 -10.80 6.35
N LYS A 601 -29.43 -10.92 5.05
CA LYS A 601 -30.47 -11.40 4.13
C LYS A 601 -30.63 -12.91 4.23
N ALA A 602 -29.55 -13.63 4.52
CA ALA A 602 -29.63 -15.09 4.59
C ALA A 602 -30.35 -15.55 5.85
N CYS A 603 -30.00 -14.99 7.00
CA CYS A 603 -30.66 -15.40 8.24
C CYS A 603 -32.15 -15.06 8.21
N PHE A 604 -32.49 -13.89 7.68
CA PHE A 604 -33.89 -13.47 7.65
C PHE A 604 -34.68 -14.27 6.62
N LYS A 605 -34.29 -14.17 5.34
CA LYS A 605 -35.02 -14.79 4.26
C LYS A 605 -34.30 -15.97 3.62
N GLY A 606 -33.00 -16.10 3.83
CA GLY A 606 -32.24 -17.15 3.19
C GLY A 606 -31.79 -16.77 1.78
N ASP A 607 -30.86 -17.55 1.26
CA ASP A 607 -30.33 -17.35 -0.08
C ASP A 607 -30.13 -18.71 -0.72
N ARG A 608 -29.60 -18.71 -1.95
CA ARG A 608 -29.42 -19.94 -2.70
C ARG A 608 -28.37 -20.86 -2.09
N VAL A 609 -27.55 -20.35 -1.16
CA VAL A 609 -26.48 -21.15 -0.58
C VAL A 609 -26.76 -21.52 0.88
N ASN A 610 -27.51 -20.70 1.62
CA ASN A 610 -27.81 -20.96 3.02
C ASN A 610 -29.30 -20.90 3.26
N SER A 611 -29.80 -21.86 4.02
CA SER A 611 -31.22 -21.88 4.35
C SER A 611 -31.55 -20.78 5.35
N PRO A 612 -32.80 -20.31 5.38
CA PRO A 612 -33.17 -19.32 6.39
C PRO A 612 -32.95 -19.85 7.79
N LYS A 613 -32.50 -18.98 8.68
CA LYS A 613 -32.23 -19.38 10.06
C LYS A 613 -33.53 -19.55 10.83
N THR A 614 -33.63 -20.65 11.56
CA THR A 614 -34.83 -20.98 12.33
C THR A 614 -34.43 -21.31 13.75
N PHE A 615 -35.12 -20.71 14.72
CA PHE A 615 -34.94 -21.00 16.12
C PHE A 615 -36.05 -21.94 16.58
N SER A 616 -36.00 -22.33 17.85
CA SER A 616 -37.10 -23.06 18.48
C SER A 616 -37.91 -22.04 19.29
N ILE A 617 -39.19 -21.90 18.99
CA ILE A 617 -39.98 -20.76 19.45
C ILE A 617 -41.10 -21.19 20.40
N GLY A 618 -41.80 -22.27 20.07
CA GLY A 618 -42.97 -22.67 20.82
C GLY A 618 -43.06 -24.17 20.95
N THR A 619 -44.30 -24.65 21.08
CA THR A 619 -44.57 -26.07 21.22
C THR A 619 -46.07 -26.30 21.04
N GLN A 620 -46.44 -27.56 20.84
CA GLN A 620 -47.84 -27.94 20.74
C GLN A 620 -47.94 -29.46 20.89
N GLU A 621 -48.82 -29.91 21.77
CA GLU A 621 -49.00 -31.34 22.04
C GLU A 621 -47.68 -32.01 22.41
N GLY A 622 -46.82 -31.28 23.13
CA GLY A 622 -45.52 -31.79 23.48
C GLY A 622 -44.51 -31.78 22.36
N LYS A 623 -44.83 -31.18 21.23
CA LYS A 623 -43.95 -31.13 20.07
C LYS A 623 -43.44 -29.70 19.90
N LEU A 624 -42.15 -29.49 20.14
CA LEU A 624 -41.55 -28.18 19.95
C LEU A 624 -41.60 -27.79 18.48
N VAL A 625 -41.75 -26.50 18.23
CA VAL A 625 -41.90 -25.96 16.88
C VAL A 625 -40.83 -24.91 16.64
N LYS A 626 -40.32 -24.89 15.41
CA LYS A 626 -39.34 -23.89 15.00
C LYS A 626 -40.05 -22.57 14.71
N GLY A 627 -39.26 -21.58 14.33
CA GLY A 627 -39.75 -20.25 14.05
C GLY A 627 -38.74 -19.42 13.31
N SER A 628 -39.21 -18.61 12.37
CA SER A 628 -38.33 -17.82 11.53
C SER A 628 -37.49 -16.87 12.39
N PHE A 629 -36.47 -16.29 11.75
CA PHE A 629 -35.64 -15.31 12.45
C PHE A 629 -36.46 -14.11 12.90
N GLY A 630 -37.34 -13.62 12.04
CA GLY A 630 -38.19 -12.50 12.41
C GLY A 630 -39.09 -12.83 13.57
N LYS A 631 -39.66 -14.04 13.58
CA LYS A 631 -40.52 -14.43 14.69
C LYS A 631 -39.74 -14.51 16.00
N ALA A 632 -38.50 -15.01 15.94
CA ALA A 632 -37.68 -15.04 17.14
C ALA A 632 -37.36 -13.64 17.64
N LEU A 633 -37.08 -12.72 16.71
CA LEU A 633 -36.86 -11.33 17.10
C LEU A 633 -38.11 -10.75 17.75
N ARG A 634 -39.28 -11.06 17.19
CA ARG A 634 -40.53 -10.61 17.79
C ARG A 634 -40.70 -11.18 19.20
N VAL A 635 -40.38 -12.45 19.37
CA VAL A 635 -40.53 -13.08 20.68
C VAL A 635 -39.63 -12.39 21.69
N ILE A 636 -38.39 -12.08 21.29
CA ILE A 636 -37.47 -11.41 22.21
C ILE A 636 -37.98 -10.01 22.54
N PHE A 637 -38.48 -9.28 21.54
CA PHE A 637 -39.00 -7.94 21.80
C PHE A 637 -40.19 -7.98 22.74
N THR A 638 -41.10 -8.94 22.54
CA THR A 638 -42.24 -9.06 23.44
C THR A 638 -41.80 -9.48 24.84
N LYS A 639 -40.77 -10.33 24.93
CA LYS A 639 -40.25 -10.69 26.24
C LYS A 639 -39.73 -9.46 26.97
N CYS A 640 -38.99 -8.59 26.26
CA CYS A 640 -38.50 -7.37 26.89
C CYS A 640 -39.66 -6.46 27.30
N LEU A 641 -40.65 -6.32 26.42
CA LEU A 641 -41.80 -5.47 26.74
C LEU A 641 -42.52 -5.97 27.99
N MET A 642 -42.69 -7.29 28.11
CA MET A 642 -43.32 -7.84 29.30
C MET A 642 -42.42 -7.69 30.52
N HIS A 643 -41.11 -7.87 30.36
CA HIS A 643 -40.20 -7.60 31.46
C HIS A 643 -40.38 -6.19 31.99
N TYR A 644 -40.73 -5.25 31.11
CA TYR A 644 -41.05 -3.91 31.58
C TYR A 644 -42.42 -3.88 32.26
N VAL A 645 -43.48 -4.20 31.50
CA VAL A 645 -44.83 -3.89 31.95
C VAL A 645 -45.14 -4.58 33.26
N PHE A 646 -44.75 -5.86 33.39
CA PHE A 646 -44.98 -6.62 34.61
C PHE A 646 -43.79 -6.55 35.56
N GLY A 647 -43.04 -5.46 35.53
CA GLY A 647 -41.84 -5.34 36.33
C GLY A 647 -42.10 -4.73 37.69
N ASN A 648 -41.50 -5.34 38.71
CA ASN A 648 -41.57 -4.86 40.09
C ASN A 648 -40.50 -5.61 40.86
N ALA A 649 -40.52 -5.47 42.19
CA ALA A 649 -39.50 -6.11 43.01
C ALA A 649 -39.47 -7.62 42.80
N GLN A 650 -40.65 -8.24 42.66
CA GLN A 650 -40.70 -9.68 42.48
C GLN A 650 -39.97 -10.10 41.21
N LEU A 651 -40.16 -9.36 40.11
CA LEU A 651 -39.51 -9.73 38.86
C LEU A 651 -38.00 -9.65 38.98
N GLU A 652 -37.48 -8.60 39.63
CA GLU A 652 -36.05 -8.47 39.80
C GLU A 652 -35.50 -9.61 40.66
N GLY A 653 -36.16 -9.87 41.79
CA GLY A 653 -35.71 -10.94 42.66
C GLY A 653 -35.77 -12.30 42.00
N PHE A 654 -36.72 -12.48 41.08
CA PHE A 654 -36.82 -13.75 40.38
C PHE A 654 -35.73 -13.89 39.32
N SER A 655 -35.54 -12.86 38.49
CA SER A 655 -34.56 -12.97 37.41
C SER A 655 -33.14 -13.05 37.95
N ALA A 656 -32.77 -12.13 38.84
CA ALA A 656 -31.40 -12.08 39.32
C ALA A 656 -31.02 -13.33 40.10
N GLU A 657 -32.00 -14.12 40.54
CA GLU A 657 -31.74 -15.32 41.31
C GLU A 657 -31.92 -16.60 40.51
N SER A 658 -32.76 -16.60 39.48
CA SER A 658 -32.86 -17.73 38.57
C SER A 658 -31.74 -17.72 37.53
N ARG A 659 -31.04 -16.60 37.38
CA ARG A 659 -29.85 -16.60 36.55
C ARG A 659 -28.83 -17.60 37.07
N ARG A 660 -28.82 -17.86 38.39
CA ARG A 660 -27.91 -18.86 38.92
C ARG A 660 -28.19 -20.22 38.30
N LEU A 661 -29.46 -20.63 38.28
CA LEU A 661 -29.83 -21.90 37.67
C LEU A 661 -29.61 -21.87 36.17
N LEU A 662 -29.85 -20.73 35.52
CA LEU A 662 -29.60 -20.64 34.08
C LEU A 662 -28.14 -20.92 33.76
N LEU A 663 -27.23 -20.29 34.51
CA LEU A 663 -25.81 -20.51 34.27
C LEU A 663 -25.39 -21.91 34.67
N LEU A 664 -26.01 -22.49 35.71
CA LEU A 664 -25.70 -23.87 36.07
C LEU A 664 -26.12 -24.83 34.96
N ILE A 665 -27.29 -24.60 34.36
CA ILE A 665 -27.72 -25.42 33.24
C ILE A 665 -26.79 -25.25 32.05
N GLN A 666 -26.37 -24.01 31.79
CA GLN A 666 -25.43 -23.77 30.70
C GLN A 666 -24.13 -24.52 30.92
N ALA A 667 -23.63 -24.51 32.15
CA ALA A 667 -22.42 -25.26 32.47
C ALA A 667 -22.65 -26.76 32.28
N LEU A 668 -23.80 -27.26 32.71
CA LEU A 668 -24.08 -28.69 32.58
C LEU A 668 -24.13 -29.10 31.11
N LYS A 669 -24.73 -28.27 30.26
CA LYS A 669 -24.83 -28.59 28.84
C LYS A 669 -23.46 -28.64 28.18
N ASP A 670 -22.45 -27.98 28.77
CA ASP A 670 -21.08 -28.05 28.28
C ASP A 670 -20.26 -29.08 29.03
N ARG A 671 -20.89 -29.88 29.90
CA ARG A 671 -20.21 -30.96 30.59
C ARG A 671 -19.05 -30.46 31.44
N LYS A 672 -19.21 -29.28 32.04
CA LYS A 672 -18.23 -28.78 32.98
C LYS A 672 -18.33 -29.42 34.36
N GLY A 673 -19.37 -30.22 34.60
CA GLY A 673 -19.51 -30.91 35.85
C GLY A 673 -19.60 -29.96 37.03
N PRO A 674 -20.45 -28.94 36.93
CA PRO A 674 -20.52 -27.94 38.00
C PRO A 674 -20.92 -28.57 39.32
N TRP A 675 -20.28 -28.10 40.39
CA TRP A 675 -20.62 -28.51 41.75
C TRP A 675 -21.35 -27.37 42.45
N VAL A 676 -22.22 -27.73 43.38
CA VAL A 676 -23.01 -26.75 44.11
C VAL A 676 -22.85 -27.01 45.60
N PHE A 677 -23.07 -25.96 46.39
CA PHE A 677 -22.88 -25.98 47.83
C PHE A 677 -24.20 -26.16 48.58
N ASP A 678 -25.21 -25.36 48.25
CA ASP A 678 -26.54 -25.46 48.86
C ASP A 678 -27.56 -25.20 47.76
N LEU A 679 -28.04 -26.27 47.13
CA LEU A 679 -28.99 -26.12 46.03
C LEU A 679 -30.35 -25.66 46.54
N GLU A 680 -30.84 -26.28 47.61
CA GLU A 680 -32.14 -25.90 48.14
C GLU A 680 -32.18 -24.44 48.53
N GLY A 681 -31.04 -23.88 48.96
CA GLY A 681 -30.99 -22.46 49.25
C GLY A 681 -31.28 -21.61 48.03
N MET A 682 -30.64 -21.94 46.90
CA MET A 682 -30.90 -21.20 45.67
C MET A 682 -32.34 -21.37 45.23
N TYR A 683 -32.86 -22.59 45.31
CA TYR A 683 -34.23 -22.83 44.90
C TYR A 683 -35.21 -22.04 45.74
N SER A 684 -35.00 -22.01 47.06
CA SER A 684 -35.87 -21.24 47.94
C SER A 684 -35.76 -19.75 47.62
N GLY A 685 -34.54 -19.26 47.41
CA GLY A 685 -34.39 -17.86 47.05
C GLY A 685 -35.17 -17.50 45.80
N ILE A 686 -35.10 -18.36 44.77
CA ILE A 686 -35.82 -18.10 43.54
C ILE A 686 -37.32 -18.14 43.78
N GLU A 687 -37.81 -19.18 44.45
CA GLU A 687 -39.25 -19.41 44.55
C GLU A 687 -39.92 -18.54 45.59
N GLU A 688 -39.17 -17.80 46.41
CA GLU A 688 -39.78 -16.80 47.27
C GLU A 688 -40.12 -15.50 46.52
N CYS A 689 -40.11 -15.53 45.19
CA CYS A 689 -40.49 -14.38 44.38
C CYS A 689 -41.70 -14.64 43.49
N ILE A 690 -42.13 -15.89 43.36
CA ILE A 690 -43.29 -16.23 42.53
C ILE A 690 -44.52 -16.15 43.44
N SER A 691 -45.07 -14.95 43.59
CA SER A 691 -46.24 -14.75 44.44
C SER A 691 -47.47 -14.33 43.65
N ASN A 692 -47.44 -13.17 42.98
CA ASN A 692 -48.62 -12.72 42.25
C ASN A 692 -48.32 -12.01 40.93
N ASN A 693 -47.07 -11.93 40.50
CA ASN A 693 -46.77 -11.23 39.26
C ASN A 693 -47.05 -12.14 38.08
N PRO A 694 -47.95 -11.78 37.16
CA PRO A 694 -48.27 -12.71 36.07
C PRO A 694 -47.06 -13.09 35.23
N TRP A 695 -46.17 -12.13 34.95
CA TRP A 695 -45.00 -12.49 34.17
C TRP A 695 -44.07 -13.40 34.94
N VAL A 696 -43.95 -13.22 36.26
CA VAL A 696 -43.10 -14.10 37.04
C VAL A 696 -43.65 -15.53 37.02
N ILE A 697 -44.97 -15.68 37.18
CA ILE A 697 -45.55 -17.02 37.17
C ILE A 697 -45.37 -17.67 35.81
N GLN A 698 -45.59 -16.92 34.72
CA GLN A 698 -45.42 -17.51 33.40
C GLN A 698 -43.96 -17.80 33.11
N SER A 699 -43.05 -16.97 33.60
CA SER A 699 -41.63 -17.25 33.44
C SER A 699 -41.26 -18.53 34.17
N ALA A 700 -41.80 -18.73 35.37
CA ALA A 700 -41.55 -19.99 36.08
C ALA A 700 -42.11 -21.17 35.30
N TYR A 701 -43.31 -21.03 34.75
CA TYR A 701 -43.92 -22.13 33.99
C TYR A 701 -43.08 -22.48 32.77
N TRP A 702 -42.67 -21.47 32.01
CA TRP A 702 -41.85 -21.71 30.83
C TRP A 702 -40.49 -22.27 31.21
N PHE A 703 -39.92 -21.80 32.32
CA PHE A 703 -38.66 -22.35 32.78
C PHE A 703 -38.79 -23.84 33.09
N ASN A 704 -39.87 -24.22 33.76
CA ASN A 704 -40.06 -25.64 34.06
C ASN A 704 -40.22 -26.45 32.78
N GLU A 705 -41.00 -25.94 31.84
CA GLU A 705 -41.21 -26.67 30.58
C GLU A 705 -39.90 -26.82 29.82
N TRP A 706 -39.12 -25.74 29.73
CA TRP A 706 -37.85 -25.80 29.01
C TRP A 706 -36.86 -26.70 29.72
N LEU A 707 -36.86 -26.71 31.05
CA LEU A 707 -35.99 -27.62 31.78
C LEU A 707 -36.37 -29.06 31.51
N GLY A 708 -37.67 -29.34 31.44
CA GLY A 708 -38.09 -30.67 31.05
C GLY A 708 -37.61 -31.05 29.66
N PHE A 709 -37.70 -30.10 28.72
CA PHE A 709 -37.21 -30.35 27.37
C PHE A 709 -35.72 -30.66 27.37
N GLU A 710 -34.95 -29.87 28.11
CA GLU A 710 -33.50 -30.10 28.19
C GLU A 710 -33.20 -31.44 28.83
N LYS A 711 -33.96 -31.82 29.86
CA LYS A 711 -33.78 -33.11 30.49
C LYS A 711 -34.04 -34.24 29.51
N GLU A 712 -35.10 -34.13 28.72
CA GLU A 712 -35.41 -35.19 27.77
C GLU A 712 -34.41 -35.24 26.63
N GLY A 713 -33.85 -34.10 26.24
CA GLY A 713 -32.87 -34.05 25.18
C GLY A 713 -31.45 -34.33 25.59
N SER A 714 -31.17 -34.37 26.90
CA SER A 714 -29.82 -34.64 27.37
C SER A 714 -29.36 -36.06 27.09
N LYS A 715 -30.26 -36.95 26.66
CA LYS A 715 -29.88 -38.35 26.49
C LYS A 715 -28.76 -38.52 25.48
N VAL A 716 -28.67 -37.63 24.50
CA VAL A 716 -27.62 -37.71 23.49
C VAL A 716 -26.33 -37.10 24.03
N MET B 1 -50.33 -23.40 18.84
CA MET B 1 -48.92 -23.31 19.30
C MET B 1 -48.79 -22.28 20.42
N ASN B 2 -48.05 -22.63 21.46
CA ASN B 2 -47.80 -21.76 22.60
C ASN B 2 -46.35 -21.28 22.54
N ILE B 3 -46.16 -19.96 22.49
CA ILE B 3 -44.81 -19.43 22.37
C ILE B 3 -44.07 -19.62 23.69
N ASN B 4 -42.74 -19.61 23.63
CA ASN B 4 -41.92 -19.74 24.83
C ASN B 4 -40.58 -19.06 24.59
N PRO B 5 -40.36 -17.87 25.14
CA PRO B 5 -39.06 -17.19 24.93
C PRO B 5 -37.87 -18.00 25.42
N TYR B 6 -38.03 -18.76 26.51
CA TYR B 6 -36.90 -19.53 27.03
C TYR B 6 -36.33 -20.48 25.99
N PHE B 7 -37.15 -20.90 25.02
CA PHE B 7 -36.66 -21.81 24.00
C PHE B 7 -35.53 -21.21 23.18
N LEU B 8 -35.37 -19.87 23.21
CA LEU B 8 -34.23 -19.27 22.54
C LEU B 8 -32.92 -19.87 23.03
N PHE B 9 -32.85 -20.26 24.31
CA PHE B 9 -31.63 -20.83 24.86
C PHE B 9 -31.38 -22.25 24.36
N ILE B 10 -32.35 -22.89 23.73
CA ILE B 10 -32.11 -24.20 23.15
C ILE B 10 -31.15 -24.10 21.97
N ASP B 11 -31.28 -23.02 21.19
CA ASP B 11 -30.45 -22.81 20.02
C ASP B 11 -29.34 -21.79 20.24
N VAL B 12 -29.21 -21.25 21.44
CA VAL B 12 -28.18 -20.25 21.74
C VAL B 12 -27.63 -20.47 23.13
N PRO B 13 -26.33 -20.26 23.36
CA PRO B 13 -25.81 -20.33 24.73
C PRO B 13 -26.37 -19.21 25.59
N ILE B 14 -26.46 -19.48 26.89
CA ILE B 14 -27.06 -18.51 27.80
C ILE B 14 -26.23 -17.24 27.83
N GLN B 15 -24.90 -17.37 27.88
CA GLN B 15 -24.05 -16.19 27.94
C GLN B 15 -24.27 -15.29 26.73
N ALA B 16 -24.42 -15.88 25.55
CA ALA B 16 -24.66 -15.07 24.36
C ALA B 16 -25.95 -14.26 24.49
N ALA B 17 -27.02 -14.88 24.98
CA ALA B 17 -28.30 -14.21 25.17
C ALA B 17 -28.53 -13.81 26.62
N ILE B 18 -27.45 -13.59 27.38
CA ILE B 18 -27.59 -13.24 28.79
C ILE B 18 -28.25 -11.89 28.97
N SER B 19 -28.05 -10.98 28.01
CA SER B 19 -28.59 -9.63 28.17
C SER B 19 -30.10 -9.64 28.32
N THR B 20 -30.78 -10.55 27.64
CA THR B 20 -32.24 -10.60 27.69
C THR B 20 -32.77 -11.11 29.03
N THR B 21 -31.97 -11.87 29.77
CA THR B 21 -32.44 -12.40 31.05
C THR B 21 -32.68 -11.27 32.06
N PHE B 22 -31.77 -10.32 32.13
CA PHE B 22 -31.89 -9.22 33.08
C PHE B 22 -33.05 -8.31 32.71
N PRO B 23 -33.97 -7.97 33.65
CA PRO B 23 -35.07 -7.04 33.38
C PRO B 23 -34.67 -5.57 33.58
N TYR B 24 -33.59 -5.16 32.92
CA TYR B 24 -33.10 -3.79 33.06
C TYR B 24 -33.77 -2.86 32.06
N THR B 25 -35.10 -2.91 32.02
CA THR B 25 -35.91 -1.94 31.31
C THR B 25 -37.12 -1.45 32.10
N GLY B 26 -37.57 -2.19 33.10
CA GLY B 26 -38.72 -1.81 33.89
C GLY B 26 -38.36 -0.82 34.97
N VAL B 27 -39.33 -0.58 35.84
CA VAL B 27 -39.17 0.39 36.92
C VAL B 27 -38.37 -0.25 38.04
N PRO B 28 -37.22 0.31 38.43
CA PRO B 28 -36.45 -0.30 39.51
C PRO B 28 -37.22 -0.23 40.82
N PRO B 29 -37.03 -1.19 41.72
CA PRO B 29 -37.76 -1.15 42.99
C PRO B 29 -37.45 0.12 43.76
N TYR B 30 -38.48 0.67 44.39
CA TYR B 30 -38.33 1.86 45.23
C TYR B 30 -39.22 1.73 46.46
N SER B 31 -38.81 2.36 47.54
CA SER B 31 -39.56 2.31 48.80
C SER B 31 -40.81 3.16 48.73
N THR B 34 -41.02 2.78 55.50
CA THR B 34 -40.02 3.40 56.36
C THR B 34 -38.77 2.55 56.44
N GLY B 35 -37.60 3.20 56.44
CA GLY B 35 -36.34 2.51 56.56
C GLY B 35 -35.94 2.14 57.98
N THR B 36 -36.72 2.58 58.97
CA THR B 36 -36.39 2.25 60.36
C THR B 36 -36.45 0.75 60.60
N GLY B 37 -37.42 0.07 60.00
CA GLY B 37 -37.49 -1.38 60.16
C GLY B 37 -36.26 -2.06 59.61
N TYR B 38 -35.83 -1.66 58.41
CA TYR B 38 -34.64 -2.26 57.81
C TYR B 38 -33.40 -1.97 58.63
N THR B 39 -33.26 -0.74 59.13
CA THR B 39 -32.10 -0.39 59.95
C THR B 39 -32.07 -1.22 61.23
N ILE B 40 -33.23 -1.35 61.88
CA ILE B 40 -33.28 -2.14 63.11
C ILE B 40 -32.95 -3.60 62.81
N ASP B 41 -33.44 -4.12 61.68
CA ASP B 41 -33.12 -5.49 61.31
C ASP B 41 -31.63 -5.65 61.06
N THR B 42 -31.00 -4.67 60.41
CA THR B 42 -29.57 -4.74 60.16
C THR B 42 -28.78 -4.73 61.46
N VAL B 43 -29.16 -3.86 62.39
CA VAL B 43 -28.52 -3.84 63.70
C VAL B 43 -28.68 -5.19 64.39
N ILE B 44 -29.89 -5.74 64.31
CA ILE B 44 -30.18 -7.01 64.98
C ILE B 44 -29.30 -8.11 64.41
N ARG B 45 -29.20 -8.19 63.08
CA ARG B 45 -28.37 -9.21 62.46
C ARG B 45 -26.90 -9.00 62.80
N THR B 46 -26.44 -7.74 62.79
CA THR B 46 -25.03 -7.49 63.08
C THR B 46 -24.67 -7.94 64.48
N HIS B 47 -25.52 -7.65 65.47
CA HIS B 47 -25.21 -8.08 66.83
C HIS B 47 -25.43 -9.58 67.01
N GLU B 48 -26.37 -10.17 66.26
CA GLU B 48 -26.64 -11.59 66.40
C GLU B 48 -25.45 -12.42 65.95
N TYR B 49 -24.81 -12.04 64.85
CA TYR B 49 -23.67 -12.80 64.34
C TYR B 49 -22.50 -12.79 65.32
N SER B 50 -22.41 -11.77 66.18
CA SER B 50 -21.30 -11.60 67.10
C SER B 50 -21.75 -11.63 68.56
N ASN B 51 -22.93 -12.19 68.84
CA ASN B 51 -23.46 -12.17 70.19
C ASN B 51 -22.60 -12.98 71.16
N LYS B 52 -21.82 -13.94 70.66
CA LYS B 52 -20.99 -14.76 71.54
C LYS B 52 -19.70 -14.07 71.95
N GLY B 53 -19.38 -12.92 71.37
CA GLY B 53 -18.18 -12.20 71.73
C GLY B 53 -18.23 -11.71 73.16
N LYS B 54 -17.31 -10.79 73.47
CA LYS B 54 -17.23 -10.20 74.80
C LYS B 54 -18.10 -8.96 74.84
N GLN B 55 -19.09 -8.96 75.73
CA GLN B 55 -20.04 -7.86 75.84
C GLN B 55 -19.65 -6.99 77.03
N TYR B 56 -19.36 -5.71 76.75
CA TYR B 56 -19.01 -4.78 77.81
C TYR B 56 -19.73 -3.46 77.56
N ILE B 57 -19.45 -2.48 78.40
CA ILE B 57 -20.10 -1.17 78.35
C ILE B 57 -19.03 -0.11 78.22
N SER B 58 -19.10 0.68 77.15
CA SER B 58 -18.12 1.73 76.95
C SER B 58 -18.26 2.80 78.01
N ASP B 59 -17.16 3.12 78.68
CA ASP B 59 -17.15 4.14 79.72
C ASP B 59 -16.86 5.53 79.19
N VAL B 60 -16.72 5.69 77.88
CA VAL B 60 -16.50 7.00 77.27
C VAL B 60 -17.84 7.53 76.76
N THR B 61 -18.74 6.61 76.40
CA THR B 61 -20.04 6.97 75.87
C THR B 61 -21.21 6.29 76.57
N GLY B 62 -20.99 5.20 77.27
CA GLY B 62 -22.05 4.52 77.99
C GLY B 62 -22.88 3.57 77.14
N CYS B 63 -22.51 3.35 75.89
CA CYS B 63 -23.26 2.47 75.00
C CYS B 63 -22.67 1.07 75.02
N THR B 64 -23.54 0.06 74.99
CA THR B 64 -23.09 -1.32 75.02
C THR B 64 -22.26 -1.64 73.78
N MET B 65 -21.21 -2.45 73.97
CA MET B 65 -20.33 -2.86 72.90
C MET B 65 -20.14 -4.36 72.93
N VAL B 66 -20.08 -4.97 71.75
CA VAL B 66 -19.84 -6.39 71.58
C VAL B 66 -18.56 -6.56 70.77
N ASP B 67 -17.63 -7.35 71.31
CA ASP B 67 -16.31 -7.53 70.71
C ASP B 67 -16.16 -8.98 70.24
N PRO B 68 -16.27 -9.25 68.94
CA PRO B 68 -16.11 -10.65 68.49
C PRO B 68 -14.66 -11.04 68.23
N THR B 69 -13.76 -10.09 68.04
CA THR B 69 -12.39 -10.42 67.69
C THR B 69 -11.76 -11.32 68.74
N ASN B 70 -10.98 -12.30 68.29
CA ASN B 70 -10.39 -13.32 69.15
C ASN B 70 -11.45 -14.07 69.94
N GLY B 71 -12.68 -14.09 69.44
CA GLY B 71 -13.77 -14.76 70.11
C GLY B 71 -13.80 -16.25 69.80
N PRO B 72 -14.82 -16.93 70.29
CA PRO B 72 -14.92 -18.38 70.06
C PRO B 72 -14.94 -18.70 68.57
N LEU B 73 -14.26 -19.78 68.20
CA LEU B 73 -14.26 -20.21 66.81
C LEU B 73 -15.63 -20.76 66.45
N PRO B 74 -16.23 -20.35 65.33
CA PRO B 74 -17.58 -20.83 65.02
C PRO B 74 -17.61 -22.34 64.86
N GLU B 75 -18.72 -22.94 65.32
CA GLU B 75 -18.94 -24.38 65.19
C GLU B 75 -20.10 -24.68 64.26
N ASP B 76 -20.48 -23.73 63.41
CA ASP B 76 -21.59 -23.91 62.48
C ASP B 76 -21.34 -23.06 61.25
N ASN B 77 -22.08 -23.38 60.18
CA ASN B 77 -21.93 -22.66 58.93
C ASN B 77 -22.49 -21.25 58.99
N GLU B 78 -23.18 -20.88 60.06
CA GLU B 78 -23.77 -19.56 60.14
C GLU B 78 -22.68 -18.49 60.08
N PRO B 79 -23.02 -17.28 59.64
CA PRO B 79 -22.00 -16.23 59.54
C PRO B 79 -21.34 -15.98 60.89
N SER B 80 -20.03 -15.74 60.85
CA SER B 80 -19.23 -15.53 62.05
C SER B 80 -18.36 -14.30 61.87
N ALA B 81 -18.41 -13.39 62.86
CA ALA B 81 -17.52 -12.23 62.91
C ALA B 81 -16.34 -12.46 63.84
N TYR B 82 -16.17 -13.68 64.34
CA TYR B 82 -15.11 -14.01 65.29
C TYR B 82 -13.82 -14.22 64.51
N ALA B 83 -13.10 -13.13 64.27
CA ALA B 83 -11.86 -13.15 63.53
C ALA B 83 -10.68 -13.22 64.49
N GLN B 84 -9.76 -14.15 64.23
CA GLN B 84 -8.58 -14.32 65.06
C GLN B 84 -7.49 -13.36 64.59
N LEU B 85 -6.97 -12.56 65.52
CA LEU B 85 -6.00 -11.53 65.15
C LEU B 85 -4.71 -12.15 64.63
N ASP B 86 -4.27 -13.25 65.24
CA ASP B 86 -3.01 -13.87 64.82
C ASP B 86 -3.09 -14.33 63.37
N CYS B 87 -4.24 -14.88 62.96
CA CYS B 87 -4.38 -15.32 61.58
C CYS B 87 -4.36 -14.13 60.62
N VAL B 88 -4.98 -13.01 61.00
CA VAL B 88 -4.94 -11.82 60.17
C VAL B 88 -3.50 -11.35 60.01
N LEU B 89 -2.75 -11.32 61.10
CA LEU B 89 -1.35 -10.89 61.02
C LEU B 89 -0.54 -11.87 60.18
N GLU B 90 -0.85 -13.16 60.26
CA GLU B 90 -0.16 -14.14 59.43
C GLU B 90 -0.42 -13.89 57.95
N ALA B 91 -1.67 -13.62 57.60
CA ALA B 91 -1.99 -13.32 56.20
C ALA B 91 -1.27 -12.05 55.74
N LEU B 92 -1.27 -11.02 56.59
CA LEU B 92 -0.57 -9.78 56.23
C LEU B 92 0.92 -10.02 56.05
N ASP B 93 1.52 -10.84 56.92
CA ASP B 93 2.93 -11.14 56.81
C ASP B 93 3.23 -11.91 55.54
N ARG B 94 2.37 -12.85 55.16
CA ARG B 94 2.57 -13.58 53.91
C ARG B 94 2.47 -12.64 52.72
N MET B 95 1.50 -11.72 52.74
CA MET B 95 1.42 -10.74 51.67
C MET B 95 2.68 -9.88 51.61
N ASP B 96 3.18 -9.45 52.77
CA ASP B 96 4.39 -8.64 52.79
C ASP B 96 5.58 -9.39 52.24
N GLU B 97 5.71 -10.67 52.59
CA GLU B 97 6.81 -11.46 52.07
C GLU B 97 6.68 -11.65 50.55
N GLU B 98 5.46 -11.84 50.07
CA GLU B 98 5.25 -12.06 48.64
C GLU B 98 5.45 -10.80 47.80
N HIS B 99 5.60 -9.63 48.42
CA HIS B 99 5.78 -8.40 47.68
C HIS B 99 6.95 -7.61 48.26
N PRO B 100 7.73 -6.92 47.41
CA PRO B 100 8.89 -6.19 47.92
C PRO B 100 8.51 -4.87 48.58
N GLY B 101 8.55 -4.83 49.91
CA GLY B 101 8.27 -3.62 50.65
C GLY B 101 7.08 -2.84 50.14
N LEU B 102 6.03 -3.54 49.69
CA LEU B 102 4.85 -2.85 49.19
C LEU B 102 4.18 -2.04 50.30
N PHE B 103 4.11 -2.61 51.50
CA PHE B 103 3.46 -1.90 52.61
C PHE B 103 4.16 -0.57 52.88
N GLN B 104 5.49 -0.58 52.94
CA GLN B 104 6.22 0.65 53.23
C GLN B 104 5.99 1.69 52.14
N ALA B 105 6.08 1.27 50.88
CA ALA B 105 5.90 2.22 49.78
C ALA B 105 4.50 2.81 49.81
N ALA B 106 3.49 1.97 50.00
CA ALA B 106 2.11 2.45 50.02
C ALA B 106 1.88 3.40 51.17
N SER B 107 2.37 3.05 52.37
CA SER B 107 2.18 3.93 53.52
C SER B 107 2.89 5.26 53.33
N GLN B 108 4.12 5.23 52.81
CA GLN B 108 4.84 6.48 52.59
C GLN B 108 4.12 7.36 51.57
N ASN B 109 3.67 6.76 50.48
CA ASN B 109 2.95 7.55 49.47
C ASN B 109 1.66 8.13 50.04
N ALA B 110 0.95 7.34 50.84
CA ALA B 110 -0.27 7.84 51.48
C ALA B 110 0.05 9.01 52.39
N MET B 111 1.12 8.91 53.17
CA MET B 111 1.51 10.02 54.05
C MET B 111 1.86 11.26 53.24
N GLU B 112 2.61 11.09 52.15
CA GLU B 112 3.01 12.24 51.35
C GLU B 112 1.80 12.93 50.74
N THR B 113 0.90 12.16 50.13
CA THR B 113 -0.30 12.76 49.55
C THR B 113 -1.23 13.30 50.62
N LEU B 114 -1.13 12.81 51.85
CA LEU B 114 -1.92 13.35 52.94
C LEU B 114 -1.40 14.71 53.39
N MET B 115 -0.08 14.85 53.48
CA MET B 115 0.50 16.13 53.86
C MET B 115 0.24 17.20 52.81
N VAL B 116 -0.17 16.81 51.61
CA VAL B 116 -0.50 17.76 50.55
C VAL B 116 -2.00 17.98 50.40
N THR B 117 -2.82 17.12 51.00
CA THR B 117 -4.27 17.24 50.85
C THR B 117 -4.81 18.44 51.62
N THR B 118 -5.82 19.08 51.06
CA THR B 118 -6.50 20.20 51.69
C THR B 118 -7.81 19.75 52.31
N VAL B 119 -8.34 20.59 53.20
CA VAL B 119 -9.58 20.25 53.88
C VAL B 119 -10.73 20.17 52.87
N ASP B 120 -10.70 21.03 51.85
CA ASP B 120 -11.82 21.10 50.92
C ASP B 120 -12.05 19.81 50.15
N LYS B 121 -11.08 18.88 50.15
CA LYS B 121 -11.32 17.59 49.53
C LYS B 121 -12.48 16.88 50.17
N LEU B 122 -12.77 17.17 51.45
CA LEU B 122 -13.90 16.56 52.13
C LEU B 122 -15.23 17.02 51.56
N THR B 123 -15.25 18.07 50.74
CA THR B 123 -16.49 18.53 50.14
C THR B 123 -16.99 17.58 49.05
N GLN B 124 -16.13 16.73 48.50
CA GLN B 124 -16.54 15.77 47.51
C GLN B 124 -17.31 14.63 48.16
N GLY B 125 -17.76 13.69 47.33
CA GLY B 125 -18.51 12.55 47.82
C GLY B 125 -20.00 12.74 47.70
N ARG B 126 -20.75 12.14 48.63
CA ARG B 126 -22.21 12.15 48.61
C ARG B 126 -22.71 12.85 49.87
N GLN B 127 -24.02 12.77 50.09
CA GLN B 127 -24.63 13.36 51.29
C GLN B 127 -23.96 12.80 52.54
N THR B 128 -23.83 13.66 53.56
CA THR B 128 -23.16 13.31 54.79
C THR B 128 -24.04 13.68 55.97
N PHE B 129 -23.87 12.94 57.07
CA PHE B 129 -24.60 13.23 58.29
C PHE B 129 -24.08 14.51 58.92
N ASP B 130 -25.00 15.42 59.22
CA ASP B 130 -24.69 16.68 59.89
C ASP B 130 -25.29 16.63 61.29
N TRP B 131 -24.43 16.81 62.30
CA TRP B 131 -24.86 16.70 63.69
C TRP B 131 -25.43 17.99 64.21
N THR B 132 -25.01 19.14 63.66
CA THR B 132 -25.60 20.41 64.09
C THR B 132 -27.10 20.42 63.88
N VAL B 133 -27.58 19.69 62.87
CA VAL B 133 -29.02 19.53 62.64
C VAL B 133 -29.46 18.08 62.77
N CYS B 134 -28.53 17.12 62.90
CA CYS B 134 -28.87 15.71 63.00
C CYS B 134 -29.70 15.26 61.80
N ARG B 135 -29.19 15.55 60.61
CA ARG B 135 -29.87 15.19 59.37
C ARG B 135 -28.82 14.74 58.37
N ASN B 136 -29.24 14.61 57.10
CA ASN B 136 -28.34 14.34 55.99
C ASN B 136 -28.31 15.58 55.10
N GLN B 137 -27.12 16.15 54.92
CA GLN B 137 -26.95 17.38 54.16
C GLN B 137 -25.81 17.19 53.17
N PRO B 138 -25.77 18.00 52.12
CA PRO B 138 -24.68 17.87 51.15
C PRO B 138 -23.33 18.04 51.83
N ALA B 139 -22.33 17.29 51.34
CA ALA B 139 -21.03 17.28 51.98
C ALA B 139 -20.48 18.69 52.16
N ALA B 140 -20.61 19.53 51.13
CA ALA B 140 -20.10 20.89 51.23
C ALA B 140 -20.78 21.66 52.35
N THR B 141 -22.11 21.59 52.42
CA THR B 141 -22.83 22.31 53.44
C THR B 141 -22.50 21.78 54.83
N ALA B 142 -22.40 20.46 54.98
CA ALA B 142 -22.07 19.89 56.28
C ALA B 142 -20.68 20.34 56.74
N LEU B 143 -19.70 20.29 55.82
CA LEU B 143 -18.35 20.73 56.18
C LEU B 143 -18.35 22.20 56.56
N ASN B 144 -19.06 23.04 55.79
CA ASN B 144 -19.10 24.45 56.10
C ASN B 144 -19.73 24.69 57.47
N THR B 145 -20.83 23.99 57.78
CA THR B 145 -21.49 24.17 59.06
C THR B 145 -20.60 23.73 60.22
N THR B 146 -19.90 22.61 60.06
CA THR B 146 -19.01 22.17 61.12
C THR B 146 -17.84 23.13 61.30
N ILE B 147 -17.32 23.67 60.20
CA ILE B 147 -16.26 24.67 60.30
C ILE B 147 -16.76 25.89 61.05
N THR B 148 -17.97 26.35 60.73
CA THR B 148 -18.54 27.51 61.40
C THR B 148 -18.72 27.23 62.89
N SER B 149 -19.24 26.05 63.24
CA SER B 149 -19.46 25.72 64.64
C SER B 149 -18.16 25.65 65.40
N PHE B 150 -17.12 25.06 64.80
CA PHE B 150 -15.83 24.93 65.48
C PHE B 150 -15.26 26.29 65.85
N ARG B 151 -15.53 27.32 65.05
CA ARG B 151 -14.99 28.64 65.34
C ARG B 151 -15.44 29.15 66.71
N LEU B 152 -16.62 28.71 67.17
CA LEU B 152 -17.16 29.22 68.44
C LEU B 152 -16.48 28.61 69.64
N ASN B 153 -16.07 27.34 69.54
CA ASN B 153 -15.52 26.61 70.69
C ASN B 153 -14.00 26.64 70.72
N ASP B 154 -13.38 27.64 70.09
CA ASP B 154 -11.93 27.74 70.02
C ASP B 154 -11.36 26.46 69.39
N LEU B 155 -11.72 26.30 68.12
CA LEU B 155 -11.19 25.24 67.28
C LEU B 155 -10.81 25.86 65.94
N ASN B 156 -9.60 25.59 65.47
CA ASN B 156 -9.13 26.19 64.23
C ASN B 156 -8.16 25.24 63.55
N GLY B 157 -7.93 25.48 62.28
CA GLY B 157 -7.13 24.60 61.45
C GLY B 157 -7.71 24.53 60.05
N ALA B 158 -9.02 24.75 59.93
CA ALA B 158 -9.61 24.87 58.61
C ALA B 158 -9.03 26.05 57.85
N ASP B 159 -8.89 27.19 58.53
CA ASP B 159 -8.20 28.33 57.92
C ASP B 159 -6.73 28.02 57.68
N LYS B 160 -6.16 27.10 58.47
CA LYS B 160 -4.77 26.70 58.29
C LYS B 160 -4.56 25.87 57.03
N GLY B 161 -5.64 25.44 56.35
CA GLY B 161 -5.50 24.75 55.09
C GLY B 161 -5.54 23.24 55.19
N GLY B 162 -4.36 22.63 55.23
CA GLY B 162 -4.22 21.20 55.12
C GLY B 162 -5.14 20.36 55.99
N LEU B 163 -5.29 19.08 55.65
CA LEU B 163 -6.17 18.20 56.38
C LEU B 163 -5.61 17.81 57.75
N ILE B 164 -4.30 17.92 57.94
CA ILE B 164 -3.70 17.57 59.24
C ILE B 164 -4.27 18.45 60.36
N PRO B 165 -4.23 19.78 60.26
CA PRO B 165 -4.82 20.59 61.34
C PRO B 165 -6.31 20.35 61.53
N PHE B 166 -7.05 20.10 60.45
CA PHE B 166 -8.47 19.85 60.60
C PHE B 166 -8.72 18.56 61.37
N CYS B 167 -7.96 17.51 61.07
CA CYS B 167 -8.11 16.28 61.84
C CYS B 167 -7.64 16.47 63.27
N GLN B 168 -6.60 17.27 63.48
CA GLN B 168 -6.09 17.48 64.83
C GLN B 168 -7.12 18.20 65.69
N ASP B 169 -7.71 19.28 65.17
CA ASP B 169 -8.70 19.98 65.98
C ASP B 169 -10.02 19.23 66.05
N ILE B 170 -10.31 18.36 65.07
CA ILE B 170 -11.45 17.46 65.20
C ILE B 170 -11.24 16.53 66.39
N ILE B 171 -10.04 15.96 66.50
CA ILE B 171 -9.75 15.08 67.64
C ILE B 171 -9.77 15.87 68.93
N ASP B 172 -9.33 17.12 68.90
CA ASP B 172 -9.39 17.97 70.08
C ASP B 172 -10.83 18.21 70.51
N SER B 173 -11.74 18.41 69.55
CA SER B 173 -13.12 18.76 69.87
C SER B 173 -13.77 17.72 70.77
N LEU B 174 -13.32 16.47 70.71
CA LEU B 174 -13.93 15.42 71.52
C LEU B 174 -13.66 15.61 73.01
N ASP B 175 -12.82 16.57 73.40
CA ASP B 175 -12.48 16.77 74.80
C ASP B 175 -13.07 18.04 75.41
N ARG B 176 -13.60 18.95 74.59
CA ARG B 176 -14.12 20.20 75.11
C ARG B 176 -15.29 19.91 76.05
N PRO B 177 -15.32 20.51 77.24
CA PRO B 177 -16.42 20.20 78.18
C PRO B 177 -17.79 20.57 77.66
N GLU B 178 -17.88 21.49 76.71
CA GLU B 178 -19.15 21.85 76.07
C GLU B 178 -18.96 21.80 74.57
N MET B 179 -20.00 22.21 73.85
CA MET B 179 -19.92 22.30 72.38
C MET B 179 -21.03 23.23 71.92
N THR B 180 -20.66 24.40 71.42
CA THR B 180 -21.61 25.40 70.95
C THR B 180 -21.65 25.39 69.43
N PHE B 181 -22.83 25.68 68.89
CA PHE B 181 -23.03 25.69 67.45
C PHE B 181 -24.30 26.47 67.14
N PHE B 182 -24.63 26.56 65.86
CA PHE B 182 -25.85 27.19 65.39
C PHE B 182 -26.82 26.11 64.92
N SER B 183 -28.05 26.17 65.43
CA SER B 183 -29.10 25.24 65.05
C SER B 183 -30.24 26.00 64.39
N VAL B 184 -30.95 25.31 63.50
CA VAL B 184 -32.09 25.90 62.81
C VAL B 184 -33.28 25.91 63.75
N LYS B 185 -33.90 27.08 63.91
CA LYS B 185 -35.06 27.28 64.75
C LYS B 185 -36.21 27.73 63.85
N ASN B 186 -37.21 26.86 63.68
CA ASN B 186 -38.37 27.18 62.84
C ASN B 186 -39.40 27.90 63.72
N ILE B 187 -39.15 29.19 63.94
CA ILE B 187 -39.97 29.97 64.84
C ILE B 187 -41.30 30.28 64.17
N LYS B 188 -42.38 30.17 64.94
CA LYS B 188 -43.72 30.53 64.47
C LYS B 188 -43.95 32.02 64.66
N LYS B 189 -44.53 32.65 63.64
CA LYS B 189 -44.79 34.08 63.67
C LYS B 189 -46.14 34.39 63.04
N ILE B 201 -50.20 32.59 60.20
CA ILE B 201 -49.04 32.00 60.86
C ILE B 201 -48.01 31.56 59.81
N LYS B 202 -46.74 31.78 60.13
CA LYS B 202 -45.64 31.40 59.25
C LYS B 202 -44.55 30.74 60.07
N ARG B 203 -43.80 29.84 59.42
CA ARG B 203 -42.67 29.15 60.04
C ARG B 203 -41.41 29.69 59.41
N ILE B 204 -40.70 30.55 60.13
CA ILE B 204 -39.51 31.23 59.63
C ILE B 204 -38.28 30.58 60.27
N PRO B 205 -37.28 30.15 59.48
CA PRO B 205 -36.08 29.57 60.07
C PRO B 205 -35.04 30.61 60.44
N MET B 206 -34.50 30.51 61.65
CA MET B 206 -33.45 31.39 62.14
C MET B 206 -32.32 30.56 62.71
N LYS B 207 -31.23 31.24 63.07
CA LYS B 207 -30.08 30.60 63.70
C LYS B 207 -30.13 30.83 65.20
N VAL B 208 -30.05 29.75 65.97
CA VAL B 208 -30.07 29.83 67.43
C VAL B 208 -28.79 29.21 67.95
N LYS B 209 -28.09 29.93 68.83
CA LYS B 209 -26.85 29.45 69.43
C LYS B 209 -27.19 28.39 70.46
N ASP B 210 -26.98 27.13 70.10
CA ASP B 210 -27.28 26.00 70.97
C ASP B 210 -25.99 25.41 71.49
N LYS B 211 -26.10 24.71 72.64
CA LYS B 211 -24.97 24.06 73.27
C LYS B 211 -25.34 22.64 73.66
N ILE B 212 -24.37 21.74 73.58
CA ILE B 212 -24.53 20.36 74.01
C ILE B 212 -23.30 19.94 74.81
N THR B 213 -23.49 18.92 75.65
CA THR B 213 -22.44 18.48 76.56
C THR B 213 -21.43 17.61 75.81
N LYS B 214 -20.47 17.05 76.55
CA LYS B 214 -19.43 16.25 75.93
C LYS B 214 -19.95 14.89 75.47
N VAL B 215 -20.75 14.23 76.31
CA VAL B 215 -21.27 12.91 75.95
C VAL B 215 -22.18 13.01 74.74
N GLU B 216 -23.05 14.03 74.72
CA GLU B 216 -23.94 14.21 73.57
C GLU B 216 -23.15 14.46 72.30
N TYR B 217 -22.09 15.28 72.37
CA TYR B 217 -21.29 15.53 71.18
C TYR B 217 -20.57 14.28 70.71
N ILE B 218 -20.05 13.48 71.65
CA ILE B 218 -19.39 12.23 71.27
C ILE B 218 -20.38 11.31 70.56
N LYS B 219 -21.58 11.18 71.12
CA LYS B 219 -22.59 10.35 70.48
C LYS B 219 -22.94 10.87 69.10
N ARG B 220 -23.08 12.19 68.96
CA ARG B 220 -23.41 12.75 67.65
C ARG B 220 -22.31 12.48 66.64
N ALA B 221 -21.04 12.63 67.05
CA ALA B 221 -19.94 12.38 66.14
C ALA B 221 -19.87 10.92 65.74
N LEU B 222 -20.12 10.01 66.68
CA LEU B 222 -20.05 8.59 66.39
C LEU B 222 -21.30 8.05 65.69
N SER B 223 -22.38 8.83 65.65
CA SER B 223 -23.62 8.34 65.07
C SER B 223 -23.49 8.17 63.57
N LEU B 224 -24.15 7.14 63.04
CA LEU B 224 -24.18 6.85 61.61
C LEU B 224 -25.62 6.96 61.14
N ASN B 225 -25.90 7.92 60.26
CA ASN B 225 -27.25 8.07 59.75
C ASN B 225 -27.55 6.98 58.73
N THR B 226 -28.83 6.66 58.58
CA THR B 226 -29.25 5.54 57.74
C THR B 226 -30.28 6.01 56.70
N MET B 227 -30.31 5.30 55.58
CA MET B 227 -31.28 5.55 54.52
C MET B 227 -31.50 4.25 53.78
N THR B 228 -32.60 4.18 53.04
CA THR B 228 -32.95 2.98 52.28
C THR B 228 -32.27 3.01 50.92
N LYS B 229 -31.65 1.89 50.56
CA LYS B 229 -30.98 1.75 49.27
C LYS B 229 -32.03 1.40 48.21
N ASP B 230 -32.79 2.41 47.80
CA ASP B 230 -33.89 2.20 46.87
C ASP B 230 -33.41 2.01 45.44
N ALA B 231 -32.31 2.65 45.06
CA ALA B 231 -31.87 2.62 43.67
C ALA B 231 -31.51 1.23 43.17
N GLU B 232 -31.33 0.26 44.06
CA GLU B 232 -30.95 -1.09 43.65
C GLU B 232 -31.88 -1.59 42.56
N ARG B 233 -31.33 -2.40 41.66
CA ARG B 233 -32.07 -2.92 40.51
C ARG B 233 -32.35 -4.41 40.60
N GLY B 234 -31.37 -5.21 41.00
CA GLY B 234 -31.51 -6.66 40.93
C GLY B 234 -31.56 -7.36 42.27
N LYS B 235 -32.30 -6.80 43.23
CA LYS B 235 -32.46 -7.43 44.53
C LYS B 235 -33.86 -7.14 45.06
N LEU B 236 -34.58 -8.20 45.41
CA LEU B 236 -35.93 -8.04 45.92
C LEU B 236 -35.93 -7.41 47.32
N LYS B 237 -35.11 -7.93 48.22
CA LYS B 237 -35.08 -7.44 49.59
C LYS B 237 -34.23 -6.18 49.69
N ARG B 238 -34.70 -5.23 50.48
CA ARG B 238 -34.08 -3.91 50.56
C ARG B 238 -32.95 -3.90 51.58
N ARG B 239 -31.89 -3.16 51.24
CA ARG B 239 -30.76 -2.97 52.13
C ARG B 239 -30.65 -1.49 52.49
N ALA B 240 -30.07 -1.23 53.66
CA ALA B 240 -29.93 0.12 54.18
C ALA B 240 -28.49 0.60 54.00
N ILE B 241 -28.32 1.79 53.44
CA ILE B 241 -27.02 2.40 53.25
C ILE B 241 -26.82 3.46 54.34
N ALA B 242 -25.60 3.55 54.85
CA ALA B 242 -25.29 4.43 55.97
C ALA B 242 -24.40 5.57 55.50
N THR B 243 -24.72 6.78 55.97
CA THR B 243 -23.93 7.97 55.74
C THR B 243 -23.30 8.40 57.07
N ALA B 244 -22.01 8.72 57.02
CA ALA B 244 -21.26 9.10 58.21
C ALA B 244 -21.05 10.60 58.27
N GLY B 245 -20.62 11.07 59.43
CA GLY B 245 -20.41 12.48 59.64
C GLY B 245 -19.10 12.98 59.04
N ILE B 246 -18.92 14.30 59.14
CA ILE B 246 -17.70 14.91 58.61
C ILE B 246 -16.50 14.63 59.50
N GLN B 247 -16.71 14.25 60.75
CA GLN B 247 -15.62 13.99 61.67
C GLN B 247 -14.95 12.64 61.45
N ILE B 248 -15.52 11.80 60.57
CA ILE B 248 -14.89 10.56 60.15
C ILE B 248 -14.40 10.61 58.72
N ARG B 249 -14.80 11.62 57.94
CA ARG B 249 -14.51 11.63 56.52
C ARG B 249 -13.01 11.72 56.24
N GLY B 250 -12.28 12.53 57.00
CA GLY B 250 -10.86 12.66 56.76
C GLY B 250 -10.10 11.37 57.02
N PHE B 251 -10.38 10.73 58.17
CA PHE B 251 -9.67 9.51 58.51
C PHE B 251 -10.06 8.38 57.58
N VAL B 252 -11.35 8.23 57.29
CA VAL B 252 -11.80 7.18 56.37
C VAL B 252 -11.17 7.41 55.00
N LEU B 253 -11.09 8.66 54.57
CA LEU B 253 -10.47 8.96 53.28
C LEU B 253 -9.01 8.57 53.26
N VAL B 254 -8.27 8.89 54.32
CA VAL B 254 -6.85 8.56 54.34
C VAL B 254 -6.64 7.06 54.32
N VAL B 255 -7.39 6.33 55.15
CA VAL B 255 -7.23 4.88 55.18
C VAL B 255 -7.62 4.27 53.84
N GLU B 256 -8.68 4.78 53.22
CA GLU B 256 -9.10 4.27 51.92
C GLU B 256 -8.03 4.52 50.87
N ASN B 257 -7.40 5.69 50.90
CA ASN B 257 -6.32 5.97 49.95
C ASN B 257 -5.15 5.02 50.16
N LEU B 258 -4.80 4.77 51.43
CA LEU B 258 -3.72 3.82 51.70
C LEU B 258 -4.05 2.43 51.19
N ALA B 259 -5.28 1.98 51.43
CA ALA B 259 -5.69 0.65 50.97
C ALA B 259 -5.71 0.58 49.46
N LYS B 260 -6.13 1.66 48.80
CA LYS B 260 -6.09 1.71 47.34
C LYS B 260 -4.66 1.59 46.84
N ASN B 261 -3.73 2.32 47.48
CA ASN B 261 -2.34 2.24 47.09
C ASN B 261 -1.83 0.81 47.21
N ILE B 262 -2.18 0.13 48.31
CA ILE B 262 -1.71 -1.24 48.49
C ILE B 262 -2.33 -2.18 47.46
N CYS B 263 -3.65 -2.08 47.26
CA CYS B 263 -4.37 -3.05 46.44
C CYS B 263 -4.12 -2.84 44.95
N GLU B 264 -3.73 -1.63 44.54
CA GLU B 264 -3.50 -1.40 43.12
C GLU B 264 -2.39 -2.29 42.59
N ASN B 265 -1.31 -2.44 43.36
CA ASN B 265 -0.23 -3.32 42.93
C ASN B 265 -0.66 -4.79 42.95
N LEU B 266 -1.44 -5.18 43.97
CA LEU B 266 -1.88 -6.56 44.07
C LEU B 266 -2.62 -6.99 42.81
N GLU B 267 -2.07 -7.97 42.10
CA GLU B 267 -2.72 -8.46 40.89
C GLU B 267 -4.03 -9.17 41.19
N GLN B 268 -4.30 -9.51 42.44
CA GLN B 268 -5.52 -10.20 42.82
C GLN B 268 -6.69 -9.26 43.06
N SER B 269 -6.48 -7.94 42.99
CA SER B 269 -7.48 -6.96 43.35
C SER B 269 -8.17 -6.44 42.09
N GLY B 270 -9.50 -6.53 42.06
CA GLY B 270 -10.25 -6.01 40.93
C GLY B 270 -10.40 -4.51 40.93
N LEU B 271 -10.27 -3.89 42.11
CA LEU B 271 -10.37 -2.45 42.25
C LEU B 271 -8.98 -1.82 42.31
N PRO B 272 -8.87 -0.52 41.99
CA PRO B 272 -9.90 0.43 41.57
C PRO B 272 -10.05 0.49 40.05
N VAL B 273 -9.37 -0.43 39.33
CA VAL B 273 -9.44 -0.40 37.87
C VAL B 273 -10.87 -0.70 37.42
N GLY B 274 -11.34 0.08 36.45
CA GLY B 274 -12.68 -0.09 35.93
C GLY B 274 -12.69 -0.03 34.42
N GLY B 275 -13.62 -0.77 33.83
CA GLY B 275 -13.76 -0.80 32.39
C GLY B 275 -13.05 -1.96 31.74
N ASN B 276 -12.47 -1.74 30.55
CA ASN B 276 -11.80 -2.81 29.83
C ASN B 276 -10.58 -3.31 30.60
N GLU B 277 -10.05 -2.50 31.50
CA GLU B 277 -8.94 -2.94 32.33
C GLU B 277 -9.33 -4.15 33.16
N LYS B 278 -10.54 -4.12 33.73
CA LYS B 278 -11.00 -5.22 34.56
C LYS B 278 -11.18 -6.49 33.74
N LYS B 279 -11.71 -6.35 32.52
CA LYS B 279 -11.81 -7.50 31.63
C LYS B 279 -10.43 -8.06 31.31
N ALA B 280 -9.47 -7.18 31.06
CA ALA B 280 -8.11 -7.61 30.78
C ALA B 280 -7.56 -8.41 31.95
N LYS B 281 -7.76 -7.91 33.17
CA LYS B 281 -7.29 -8.60 34.36
C LYS B 281 -7.95 -9.97 34.50
N LEU B 282 -9.26 -10.02 34.28
CA LEU B 282 -10.00 -11.26 34.39
C LEU B 282 -9.48 -12.32 33.42
N SER B 283 -9.38 -11.95 32.14
CA SER B 283 -8.92 -12.88 31.13
C SER B 283 -7.47 -13.29 31.38
N ASN B 284 -6.64 -12.33 31.78
CA ASN B 284 -5.24 -12.64 32.06
C ASN B 284 -5.12 -13.62 33.22
N ALA B 285 -5.92 -13.43 34.26
CA ALA B 285 -5.87 -14.32 35.41
C ALA B 285 -6.31 -15.72 35.04
N VAL B 286 -7.41 -15.84 34.29
CA VAL B 286 -7.88 -17.17 33.93
C VAL B 286 -6.87 -17.86 33.01
N ALA B 287 -6.26 -17.11 32.08
CA ALA B 287 -5.23 -17.67 31.22
C ALA B 287 -4.03 -18.12 32.03
N LYS B 288 -3.62 -17.31 33.00
CA LYS B 288 -2.51 -17.69 33.88
C LYS B 288 -2.79 -19.00 34.58
N MET B 289 -3.98 -19.11 35.17
CA MET B 289 -4.30 -20.33 35.91
C MET B 289 -4.38 -21.53 34.98
N LEU B 290 -4.93 -21.34 33.79
CA LEU B 290 -4.94 -22.43 32.81
C LEU B 290 -3.52 -22.87 32.46
N SER B 291 -2.60 -21.91 32.33
CA SER B 291 -1.21 -22.24 32.04
C SER B 291 -0.57 -23.01 33.20
N ASN B 292 -0.88 -22.61 34.44
CA ASN B 292 -0.20 -23.18 35.60
C ASN B 292 -0.69 -24.56 35.98
N CYS B 293 -1.74 -25.08 35.35
CA CYS B 293 -2.30 -26.36 35.75
C CYS B 293 -1.28 -27.47 35.55
N PRO B 294 -1.18 -28.44 36.46
CA PRO B 294 -0.29 -29.58 36.25
C PRO B 294 -0.79 -30.47 35.12
N PRO B 295 -0.05 -31.52 34.77
CA PRO B 295 -0.49 -32.38 33.65
C PRO B 295 -1.64 -33.27 34.04
N GLY B 296 -2.76 -33.13 33.34
CA GLY B 296 -3.95 -33.90 33.63
C GLY B 296 -4.71 -33.45 34.85
N GLY B 297 -4.21 -32.45 35.57
CA GLY B 297 -4.94 -31.92 36.70
C GLY B 297 -6.07 -31.02 36.28
N ILE B 298 -6.88 -30.64 37.26
CA ILE B 298 -8.09 -29.84 37.03
C ILE B 298 -7.95 -28.52 37.77
N SER B 299 -8.30 -27.43 37.08
CA SER B 299 -8.35 -26.10 37.67
C SER B 299 -9.82 -25.70 37.72
N MET B 300 -10.43 -25.83 38.89
CA MET B 300 -11.84 -25.49 39.07
C MET B 300 -11.98 -24.03 39.46
N THR B 301 -13.02 -23.40 38.92
CA THR B 301 -13.35 -22.02 39.23
C THR B 301 -14.59 -21.97 40.10
N VAL B 302 -14.48 -21.28 41.22
CA VAL B 302 -15.58 -21.03 42.13
C VAL B 302 -16.12 -19.64 41.81
N THR B 303 -17.34 -19.60 41.29
CA THR B 303 -18.09 -18.35 41.14
C THR B 303 -18.72 -18.02 42.48
N GLY B 304 -18.15 -17.04 43.18
CA GLY B 304 -18.57 -16.69 44.52
C GLY B 304 -19.26 -15.34 44.54
N ASP B 305 -20.24 -15.21 45.43
CA ASP B 305 -20.98 -13.96 45.64
C ASP B 305 -21.17 -13.84 47.16
N ASN B 306 -20.23 -13.14 47.80
CA ASN B 306 -20.24 -13.07 49.26
C ASN B 306 -21.47 -12.34 49.77
N THR B 307 -21.98 -12.79 50.91
CA THR B 307 -23.11 -12.15 51.57
C THR B 307 -22.74 -11.87 53.02
N LYS B 308 -23.40 -10.87 53.60
CA LYS B 308 -23.04 -10.37 54.92
C LYS B 308 -21.57 -9.96 54.94
N TRP B 309 -21.13 -9.35 53.84
CA TRP B 309 -19.73 -8.98 53.68
C TRP B 309 -19.32 -7.86 54.61
N ASN B 310 -20.28 -7.08 55.13
CA ASN B 310 -19.97 -5.99 56.03
C ASN B 310 -20.59 -6.14 57.40
N GLU B 311 -21.46 -7.12 57.61
CA GLU B 311 -22.03 -7.41 58.92
C GLU B 311 -21.19 -8.40 59.72
N CYS B 312 -20.03 -8.80 59.18
CA CYS B 312 -19.12 -9.71 59.86
C CYS B 312 -17.71 -9.17 60.00
N LEU B 313 -17.40 -8.03 59.39
CA LEU B 313 -16.05 -7.45 59.44
C LEU B 313 -15.95 -6.51 60.64
N ASN B 314 -15.19 -6.92 61.64
CA ASN B 314 -15.01 -6.11 62.84
C ASN B 314 -14.05 -4.96 62.53
N PRO B 315 -14.35 -3.72 62.95
CA PRO B 315 -13.38 -2.64 62.77
C PRO B 315 -12.09 -2.83 63.53
N ARG B 316 -12.09 -3.68 64.57
CA ARG B 316 -10.85 -3.94 65.29
C ARG B 316 -9.84 -4.65 64.40
N ILE B 317 -10.31 -5.57 63.56
CA ILE B 317 -9.42 -6.21 62.60
C ILE B 317 -8.82 -5.17 61.66
N PHE B 318 -9.61 -4.18 61.27
CA PHE B 318 -9.10 -3.13 60.40
C PHE B 318 -8.09 -2.25 61.14
N LEU B 319 -8.29 -2.03 62.44
CA LEU B 319 -7.29 -1.33 63.23
C LEU B 319 -5.97 -2.10 63.24
N ALA B 320 -6.05 -3.41 63.46
CA ALA B 320 -4.86 -4.23 63.44
C ALA B 320 -4.18 -4.19 62.08
N MET B 321 -4.97 -4.23 61.01
CA MET B 321 -4.40 -4.19 59.66
C MET B 321 -3.72 -2.86 59.41
N THR B 322 -4.31 -1.75 59.87
CA THR B 322 -3.67 -0.46 59.70
C THR B 322 -2.36 -0.40 60.45
N GLU B 323 -2.33 -0.91 61.69
CA GLU B 323 -1.10 -0.87 62.46
C GLU B 323 -0.01 -1.75 61.82
N ARG B 324 -0.38 -2.92 61.33
CA ARG B 324 0.61 -3.81 60.71
C ARG B 324 1.10 -3.25 59.38
N ILE B 325 0.21 -2.61 58.63
CA ILE B 325 0.59 -2.08 57.32
C ILE B 325 1.61 -0.96 57.47
N THR B 326 1.51 -0.16 58.53
CA THR B 326 2.41 0.95 58.79
C THR B 326 3.52 0.55 59.77
N ARG B 327 4.00 -0.68 59.65
CA ARG B 327 4.98 -1.20 60.60
C ARG B 327 6.14 -0.25 60.79
N ASP B 328 6.65 0.33 59.71
CA ASP B 328 7.79 1.24 59.74
C ASP B 328 7.32 2.58 59.15
N SER B 329 6.87 3.47 60.02
CA SER B 329 6.40 4.79 59.61
C SER B 329 6.45 5.70 60.82
N PRO B 330 6.37 7.02 60.62
CA PRO B 330 6.40 7.93 61.76
C PRO B 330 5.26 7.64 62.72
N ILE B 331 5.53 7.83 64.02
CA ILE B 331 4.54 7.53 65.04
C ILE B 331 3.30 8.41 64.84
N TRP B 332 3.49 9.67 64.44
CA TRP B 332 2.35 10.55 64.27
C TRP B 332 1.44 10.06 63.17
N PHE B 333 2.00 9.62 62.04
CA PHE B 333 1.16 9.10 60.97
C PHE B 333 0.48 7.80 61.39
N ARG B 334 1.19 6.93 62.10
CA ARG B 334 0.57 5.69 62.56
C ARG B 334 -0.62 5.97 63.46
N ASP B 335 -0.48 6.93 64.38
CA ASP B 335 -1.60 7.32 65.22
C ASP B 335 -2.72 7.93 64.39
N PHE B 336 -2.39 8.78 63.42
CA PHE B 336 -3.42 9.45 62.65
C PHE B 336 -4.26 8.47 61.83
N CYS B 337 -3.60 7.53 61.16
CA CYS B 337 -4.31 6.60 60.30
C CYS B 337 -5.04 5.51 61.08
N SER B 338 -4.79 5.40 62.38
CA SER B 338 -5.49 4.42 63.21
C SER B 338 -6.73 5.00 63.87
N ILE B 339 -7.05 6.27 63.61
CA ILE B 339 -8.22 6.88 64.24
C ILE B 339 -9.51 6.37 63.61
N ALA B 340 -9.52 6.16 62.29
CA ALA B 340 -10.75 5.72 61.63
C ALA B 340 -11.23 4.37 62.14
N PRO B 341 -10.37 3.34 62.27
CA PRO B 341 -10.85 2.09 62.88
C PRO B 341 -11.38 2.28 64.29
N VAL B 342 -10.81 3.20 65.05
CA VAL B 342 -11.29 3.45 66.41
C VAL B 342 -12.68 4.05 66.38
N LEU B 343 -12.88 5.06 65.52
CA LEU B 343 -14.19 5.69 65.42
C LEU B 343 -15.24 4.70 64.93
N PHE B 344 -14.86 3.82 64.00
CA PHE B 344 -15.81 2.85 63.50
C PHE B 344 -16.09 1.74 64.51
N SER B 345 -15.09 1.40 65.34
CA SER B 345 -15.28 0.34 66.33
C SER B 345 -16.21 0.77 67.46
N ASN B 346 -16.48 2.06 67.59
CA ASN B 346 -17.37 2.58 68.63
C ASN B 346 -18.50 3.38 68.03
N LYS B 347 -18.90 3.06 66.80
CA LYS B 347 -19.91 3.82 66.10
C LYS B 347 -21.29 3.58 66.72
N ILE B 348 -22.21 4.48 66.40
CA ILE B 348 -23.60 4.36 66.79
C ILE B 348 -24.44 4.58 65.53
N ALA B 349 -25.60 3.91 65.49
CA ALA B 349 -26.47 3.94 64.32
C ALA B 349 -27.75 4.69 64.64
N ARG B 350 -28.06 5.71 63.84
CA ARG B 350 -29.37 6.33 63.91
C ARG B 350 -30.40 5.41 63.28
N LEU B 351 -31.67 5.67 63.61
CA LEU B 351 -32.76 4.74 63.28
C LEU B 351 -33.87 5.50 62.54
N GLY B 352 -33.73 5.59 61.22
CA GLY B 352 -34.79 6.04 60.34
C GLY B 352 -35.69 7.12 60.91
N LYS B 353 -36.99 7.00 60.65
CA LYS B 353 -37.98 7.95 61.13
C LYS B 353 -39.01 7.33 62.05
N GLY B 354 -38.95 6.03 62.30
CA GLY B 354 -39.82 5.37 63.25
C GLY B 354 -41.04 4.75 62.58
N PHE B 355 -41.68 3.85 63.31
CA PHE B 355 -42.85 3.14 62.82
C PHE B 355 -44.08 4.03 62.86
N MET B 356 -45.13 3.59 62.16
CA MET B 356 -46.39 4.31 62.07
C MET B 356 -47.51 3.42 62.58
N ILE B 357 -48.29 3.94 63.53
CA ILE B 357 -49.40 3.21 64.13
C ILE B 357 -50.69 3.90 63.74
N THR B 358 -51.70 3.10 63.37
CA THR B 358 -52.97 3.62 62.89
C THR B 358 -54.11 2.81 63.47
N SER B 359 -55.25 3.47 63.65
CA SER B 359 -56.52 2.84 63.98
C SER B 359 -57.49 3.08 62.84
N LYS B 360 -58.08 2.00 62.34
CA LYS B 360 -59.01 2.08 61.22
C LYS B 360 -60.44 2.35 61.66
N THR B 361 -60.77 2.09 62.92
CA THR B 361 -62.10 2.42 63.42
C THR B 361 -62.33 3.91 63.54
N LYS B 362 -61.26 4.71 63.52
CA LYS B 362 -61.36 6.15 63.61
C LYS B 362 -60.63 6.86 62.48
N ARG B 363 -60.10 6.12 61.50
CA ARG B 363 -59.39 6.71 60.37
C ARG B 363 -58.24 7.60 60.86
N LEU B 364 -57.50 7.11 61.86
CA LEU B 364 -56.43 7.88 62.48
C LEU B 364 -55.10 7.19 62.24
N LYS B 365 -54.05 7.99 62.03
CA LYS B 365 -52.71 7.45 61.85
C LYS B 365 -51.71 8.43 62.44
N ALA B 366 -50.57 7.90 62.87
CA ALA B 366 -49.53 8.74 63.46
C ALA B 366 -48.20 8.01 63.38
N GLN B 367 -47.17 8.70 62.91
CA GLN B 367 -45.83 8.14 62.92
C GLN B 367 -45.19 8.36 64.28
N ILE B 368 -44.60 7.30 64.83
CA ILE B 368 -43.99 7.34 66.16
C ILE B 368 -42.50 7.58 65.99
N PRO B 369 -41.96 8.71 66.45
CA PRO B 369 -40.52 8.91 66.33
C PRO B 369 -39.73 7.85 67.08
N CYS B 370 -38.56 7.51 66.57
CA CYS B 370 -37.76 6.45 67.16
C CYS B 370 -37.51 6.61 68.65
N PRO B 371 -37.18 7.80 69.16
CA PRO B 371 -36.95 7.91 70.62
C PRO B 371 -38.11 7.38 71.44
N ASP B 372 -39.32 7.37 70.89
CA ASP B 372 -40.49 6.85 71.58
C ASP B 372 -40.78 5.40 71.23
N LEU B 373 -39.82 4.68 70.66
CA LEU B 373 -40.05 3.29 70.27
C LEU B 373 -40.58 2.49 71.45
N PHE B 374 -39.99 2.66 72.62
CA PHE B 374 -40.35 1.87 73.80
C PHE B 374 -41.27 2.63 74.75
N SER B 375 -41.76 3.81 74.35
CA SER B 375 -42.80 4.48 75.11
C SER B 375 -44.16 3.83 74.94
N ILE B 376 -44.29 2.89 74.01
CA ILE B 376 -45.55 2.22 73.72
C ILE B 376 -45.46 0.77 74.21
N PRO B 377 -46.53 0.17 74.71
CA PRO B 377 -46.50 -1.26 74.96
C PRO B 377 -46.22 -2.01 73.67
N LEU B 378 -45.26 -2.93 73.72
CA LEU B 378 -44.87 -3.66 72.52
C LEU B 378 -46.03 -4.48 71.95
N GLU B 379 -47.05 -4.75 72.75
CA GLU B 379 -48.20 -5.51 72.28
C GLU B 379 -49.00 -4.79 71.21
N ARG B 380 -48.62 -3.56 70.84
CA ARG B 380 -49.33 -2.81 69.81
C ARG B 380 -48.62 -2.80 68.47
N TYR B 381 -47.29 -2.97 68.46
CA TYR B 381 -46.59 -3.15 67.20
C TYR B 381 -46.95 -4.52 66.60
N ASN B 382 -46.71 -4.66 65.31
CA ASN B 382 -46.92 -5.95 64.67
C ASN B 382 -45.94 -6.97 65.23
N GLU B 383 -46.34 -8.25 65.17
CA GLU B 383 -45.55 -9.30 65.82
C GLU B 383 -44.10 -9.26 65.35
N GLU B 384 -43.87 -9.00 64.06
CA GLU B 384 -42.50 -8.97 63.56
C GLU B 384 -41.71 -7.83 64.20
N THR B 385 -42.26 -6.61 64.15
CA THR B 385 -41.61 -5.49 64.82
C THR B 385 -41.59 -5.70 66.33
N ARG B 386 -42.57 -6.42 66.87
CA ARG B 386 -42.54 -6.77 68.29
C ARG B 386 -41.27 -7.53 68.62
N ALA B 387 -40.98 -8.60 67.87
CA ALA B 387 -39.76 -9.36 68.10
C ALA B 387 -38.53 -8.50 67.84
N LYS B 388 -38.56 -7.68 66.79
CA LYS B 388 -37.42 -6.84 66.48
C LYS B 388 -37.07 -5.93 67.66
N LEU B 389 -38.08 -5.31 68.27
CA LEU B 389 -37.82 -4.41 69.38
C LEU B 389 -37.44 -5.18 70.65
N LYS B 390 -38.08 -6.34 70.87
CA LYS B 390 -37.72 -7.15 72.03
C LYS B 390 -36.27 -7.61 71.95
N LYS B 391 -35.73 -7.74 70.74
CA LYS B 391 -34.33 -8.10 70.58
C LYS B 391 -33.41 -6.89 70.54
N LEU B 392 -33.90 -5.73 70.10
CA LEU B 392 -33.09 -4.52 70.04
C LEU B 392 -33.03 -3.77 71.37
N LYS B 393 -33.89 -4.09 72.32
CA LYS B 393 -33.90 -3.37 73.59
C LYS B 393 -32.54 -3.28 74.25
N PRO B 394 -31.73 -4.33 74.34
CA PRO B 394 -30.48 -4.23 75.11
C PRO B 394 -29.55 -3.13 74.62
N PHE B 395 -29.47 -2.90 73.31
CA PHE B 395 -28.54 -1.93 72.74
C PHE B 395 -29.19 -0.60 72.42
N PHE B 396 -30.46 -0.39 72.78
CA PHE B 396 -31.15 0.84 72.43
C PHE B 396 -30.71 1.98 73.34
N ASN B 397 -30.26 3.07 72.73
CA ASN B 397 -29.89 4.26 73.48
C ASN B 397 -31.13 5.08 73.80
N GLU B 398 -31.09 5.77 74.93
CA GLU B 398 -32.25 6.55 75.37
C GLU B 398 -32.61 7.63 74.36
N GLU B 399 -31.62 8.15 73.62
CA GLU B 399 -31.88 9.23 72.69
C GLU B 399 -32.60 8.77 71.43
N GLY B 400 -32.56 7.46 71.13
CA GLY B 400 -33.20 6.95 69.93
C GLY B 400 -32.20 6.44 68.91
N THR B 401 -31.09 5.91 69.38
CA THR B 401 -30.06 5.35 68.52
C THR B 401 -29.68 3.97 69.04
N ALA B 402 -29.15 3.14 68.15
CA ALA B 402 -28.75 1.78 68.46
C ALA B 402 -27.23 1.70 68.55
N SER B 403 -26.73 1.09 69.62
CA SER B 403 -25.29 0.90 69.80
C SER B 403 -24.85 -0.23 68.89
N LEU B 404 -24.09 0.09 67.84
CA LEU B 404 -23.66 -0.88 66.84
C LEU B 404 -22.15 -0.81 66.74
N SER B 405 -21.46 -1.51 67.64
CA SER B 405 -20.01 -1.59 67.61
C SER B 405 -19.54 -2.56 66.53
N PRO B 406 -19.93 -3.83 66.60
CA PRO B 406 -19.39 -4.81 65.65
C PRO B 406 -19.93 -4.60 64.26
N GLY B 407 -19.15 -5.07 63.28
CA GLY B 407 -19.56 -5.01 61.89
C GLY B 407 -19.40 -3.62 61.30
N MET B 408 -19.62 -3.55 60.00
CA MET B 408 -19.50 -2.33 59.22
C MET B 408 -20.74 -2.14 58.37
N MET B 409 -21.05 -0.88 58.10
CA MET B 409 -22.07 -0.50 57.13
C MET B 409 -21.46 -0.48 55.73
N MET B 410 -22.30 -0.75 54.74
CA MET B 410 -21.83 -0.91 53.38
C MET B 410 -21.24 0.39 52.82
N GLY B 411 -20.09 0.26 52.15
CA GLY B 411 -19.53 1.35 51.37
C GLY B 411 -18.42 2.14 52.02
N MET B 412 -18.07 1.85 53.26
CA MET B 412 -17.06 2.67 53.95
C MET B 412 -15.64 2.23 53.60
N PHE B 413 -15.23 1.05 54.05
CA PHE B 413 -13.91 0.50 53.74
C PHE B 413 -14.04 -0.51 52.62
N ASN B 414 -14.23 -0.01 51.40
CA ASN B 414 -14.22 -0.91 50.25
C ASN B 414 -12.81 -1.40 49.97
N MET B 415 -11.85 -0.48 49.95
CA MET B 415 -10.47 -0.84 49.62
C MET B 415 -9.84 -1.72 50.69
N LEU B 416 -10.06 -1.38 51.96
CA LEU B 416 -9.47 -2.15 53.05
C LEU B 416 -10.06 -3.56 53.11
N SER B 417 -11.38 -3.68 52.91
CA SER B 417 -11.99 -5.00 52.88
C SER B 417 -11.50 -5.79 51.68
N THR B 418 -11.30 -5.14 50.54
CA THR B 418 -10.73 -5.82 49.38
C THR B 418 -9.32 -6.30 49.69
N VAL B 419 -8.53 -5.49 50.40
CA VAL B 419 -7.18 -5.90 50.76
C VAL B 419 -7.21 -7.10 51.68
N LEU B 420 -8.14 -7.13 52.64
CA LEU B 420 -8.27 -8.31 53.50
C LEU B 420 -8.65 -9.54 52.67
N GLY B 421 -9.58 -9.38 51.74
CA GLY B 421 -9.93 -10.51 50.89
C GLY B 421 -8.77 -11.01 50.06
N VAL B 422 -7.97 -10.09 49.53
CA VAL B 422 -6.79 -10.48 48.75
C VAL B 422 -5.77 -11.16 49.65
N ALA B 423 -5.66 -10.71 50.90
CA ALA B 423 -4.78 -11.39 51.85
C ALA B 423 -5.23 -12.83 52.05
N ALA B 424 -6.55 -13.04 52.18
CA ALA B 424 -7.06 -14.40 52.28
C ALA B 424 -6.75 -15.20 51.02
N LEU B 425 -6.92 -14.59 49.86
CA LEU B 425 -6.67 -15.30 48.60
C LEU B 425 -5.22 -15.72 48.48
N GLY B 426 -4.28 -14.85 48.85
CA GLY B 426 -2.88 -15.05 48.59
C GLY B 426 -2.17 -16.06 49.44
N ILE B 427 -2.84 -16.63 50.44
CA ILE B 427 -2.21 -17.68 51.23
C ILE B 427 -1.78 -18.83 50.35
N LYS B 428 -2.62 -19.18 49.36
CA LYS B 428 -2.30 -20.08 48.26
C LYS B 428 -2.06 -21.52 48.70
N ASN B 429 -2.09 -21.83 49.98
CA ASN B 429 -1.88 -23.21 50.41
C ASN B 429 -2.12 -23.31 51.91
N ILE B 430 -2.51 -24.51 52.35
CA ILE B 430 -2.74 -24.80 53.76
C ILE B 430 -2.27 -26.23 54.00
N GLY B 431 -1.22 -26.38 54.81
CA GLY B 431 -0.71 -27.70 55.14
C GLY B 431 0.10 -28.37 54.05
N ASN B 432 0.54 -27.61 53.04
CA ASN B 432 1.31 -28.18 51.93
C ASN B 432 0.54 -29.28 51.21
N LYS B 433 -0.78 -29.14 51.15
CA LYS B 433 -1.59 -30.09 50.41
C LYS B 433 -1.39 -29.90 48.91
N GLU B 434 -1.57 -30.99 48.17
CA GLU B 434 -1.26 -30.99 46.74
C GLU B 434 -2.30 -30.20 45.95
N TYR B 435 -2.36 -28.89 46.18
CA TYR B 435 -3.22 -28.01 45.41
C TYR B 435 -2.71 -26.58 45.58
N LEU B 436 -3.32 -25.66 44.84
CA LEU B 436 -3.02 -24.24 44.99
C LEU B 436 -4.29 -23.47 44.65
N TRP B 437 -4.34 -22.21 45.09
CA TRP B 437 -5.48 -21.39 44.75
C TRP B 437 -5.06 -19.93 44.60
N ASP B 438 -5.84 -19.21 43.79
CA ASP B 438 -5.63 -17.80 43.55
C ASP B 438 -6.88 -17.26 42.87
N GLY B 439 -7.11 -15.97 42.98
CA GLY B 439 -8.32 -15.43 42.42
C GLY B 439 -8.39 -13.93 42.36
N LEU B 440 -9.60 -13.46 42.08
CA LEU B 440 -9.90 -12.03 41.96
C LEU B 440 -10.90 -11.68 43.05
N GLN B 441 -10.67 -10.58 43.76
CA GLN B 441 -11.57 -10.11 44.79
C GLN B 441 -11.82 -8.63 44.59
N SER B 442 -13.08 -8.21 44.75
CA SER B 442 -13.44 -6.80 44.63
C SER B 442 -14.73 -6.57 45.40
N SER B 443 -14.60 -6.00 46.60
CA SER B 443 -15.72 -5.37 47.28
C SER B 443 -16.97 -6.23 47.25
N ASP B 444 -16.91 -7.40 47.88
CA ASP B 444 -18.04 -8.32 48.06
C ASP B 444 -18.27 -9.23 46.87
N ASP B 445 -17.39 -9.25 45.87
CA ASP B 445 -17.49 -10.18 44.75
C ASP B 445 -16.13 -10.80 44.52
N PHE B 446 -16.03 -12.12 44.68
CA PHE B 446 -14.79 -12.84 44.51
C PHE B 446 -14.99 -14.04 43.60
N ALA B 447 -14.02 -14.27 42.73
CA ALA B 447 -13.95 -15.47 41.91
C ALA B 447 -12.65 -16.19 42.22
N LEU B 448 -12.74 -17.47 42.56
CA LEU B 448 -11.58 -18.22 43.01
C LEU B 448 -11.22 -19.28 41.97
N PHE B 449 -9.93 -19.64 41.93
CA PHE B 449 -9.43 -20.71 41.08
C PHE B 449 -8.60 -21.64 41.94
N VAL B 450 -8.88 -22.93 41.86
CA VAL B 450 -8.18 -23.94 42.63
C VAL B 450 -7.65 -24.99 41.67
N ASN B 451 -6.33 -25.18 41.65
CA ASN B 451 -5.69 -26.15 40.79
C ASN B 451 -5.24 -27.35 41.62
N ALA B 452 -5.55 -28.55 41.13
CA ALA B 452 -5.14 -29.77 41.79
C ALA B 452 -5.06 -30.88 40.75
N LYS B 453 -4.91 -32.12 41.22
CA LYS B 453 -4.78 -33.28 40.35
C LYS B 453 -6.09 -34.04 40.17
N ASP B 454 -7.20 -33.52 40.70
CA ASP B 454 -8.50 -34.17 40.56
C ASP B 454 -9.54 -33.28 41.21
N GLU B 455 -10.81 -33.61 40.97
CA GLU B 455 -11.91 -32.81 41.53
C GLU B 455 -11.92 -32.89 43.05
N GLU B 456 -11.66 -34.08 43.61
CA GLU B 456 -11.74 -34.23 45.05
C GLU B 456 -10.76 -33.29 45.75
N THR B 457 -9.53 -33.23 45.25
CA THR B 457 -8.57 -32.31 45.85
C THR B 457 -8.94 -30.86 45.57
N CYS B 458 -9.57 -30.59 44.43
CA CYS B 458 -10.05 -29.24 44.16
C CYS B 458 -11.02 -28.77 45.25
N MET B 459 -11.97 -29.63 45.62
CA MET B 459 -12.90 -29.25 46.67
C MET B 459 -12.28 -29.32 48.06
N GLU B 460 -11.28 -30.18 48.27
CA GLU B 460 -10.52 -30.08 49.52
C GLU B 460 -9.93 -28.68 49.67
N GLY B 461 -9.34 -28.18 48.58
CA GLY B 461 -8.79 -26.83 48.61
C GLY B 461 -9.87 -25.77 48.78
N ILE B 462 -11.01 -25.94 48.12
CA ILE B 462 -12.09 -24.98 48.25
C ILE B 462 -12.58 -24.93 49.70
N ASN B 463 -12.74 -26.09 50.32
CA ASN B 463 -13.16 -26.13 51.72
C ASN B 463 -12.12 -25.50 52.63
N ASP B 464 -10.84 -25.75 52.37
CA ASP B 464 -9.80 -25.13 53.18
C ASP B 464 -9.84 -23.60 53.05
N PHE B 465 -10.03 -23.10 51.83
CA PHE B 465 -10.14 -21.66 51.64
C PHE B 465 -11.37 -21.09 52.34
N TYR B 466 -12.48 -21.83 52.29
CA TYR B 466 -13.68 -21.37 53.00
C TYR B 466 -13.43 -21.28 54.50
N ARG B 467 -12.78 -22.30 55.06
CA ARG B 467 -12.44 -22.28 56.48
C ARG B 467 -11.54 -21.10 56.80
N THR B 468 -10.52 -20.87 55.97
CA THR B 468 -9.61 -19.75 56.22
C THR B 468 -10.35 -18.42 56.16
N CYS B 469 -11.27 -18.27 55.21
CA CYS B 469 -12.07 -17.06 55.16
C CYS B 469 -12.88 -16.90 56.44
N LYS B 470 -13.43 -18.00 56.96
CA LYS B 470 -14.21 -17.92 58.18
C LYS B 470 -13.35 -17.49 59.37
N LEU B 471 -12.03 -17.55 59.25
CA LEU B 471 -11.15 -17.13 60.33
C LEU B 471 -10.85 -15.63 60.28
N LEU B 472 -11.40 -14.91 59.31
CA LEU B 472 -11.18 -13.47 59.19
C LEU B 472 -12.48 -12.68 59.21
N GLY B 473 -13.61 -13.35 59.47
CA GLY B 473 -14.91 -12.72 59.38
C GLY B 473 -15.55 -12.77 58.00
N ILE B 474 -14.82 -13.26 57.00
CA ILE B 474 -15.37 -13.42 55.66
C ILE B 474 -16.17 -14.72 55.62
N ASN B 475 -17.38 -14.66 55.06
CA ASN B 475 -18.28 -15.81 55.03
C ASN B 475 -18.89 -15.89 53.63
N MET B 476 -18.24 -16.66 52.74
CA MET B 476 -18.76 -16.79 51.39
C MET B 476 -20.15 -17.42 51.41
N SER B 477 -21.01 -16.95 50.51
CA SER B 477 -22.40 -17.39 50.48
C SER B 477 -22.46 -18.76 49.82
N LYS B 478 -22.88 -19.77 50.59
CA LYS B 478 -23.06 -21.10 50.04
C LYS B 478 -24.32 -21.23 49.20
N LYS B 479 -25.19 -20.22 49.20
CA LYS B 479 -26.40 -20.23 48.42
C LYS B 479 -26.28 -19.45 47.11
N LYS B 480 -25.47 -18.41 47.08
CA LYS B 480 -25.30 -17.57 45.90
C LYS B 480 -24.05 -17.91 45.12
N SER B 481 -23.37 -19.00 45.45
CA SER B 481 -22.11 -19.38 44.83
C SER B 481 -22.20 -20.79 44.28
N TYR B 482 -21.35 -21.08 43.30
CA TYR B 482 -21.26 -22.42 42.73
C TYR B 482 -19.85 -22.63 42.21
N CYS B 483 -19.57 -23.85 41.77
CA CYS B 483 -18.25 -24.22 41.29
C CYS B 483 -18.38 -24.99 39.99
N ASN B 484 -17.41 -24.80 39.10
CA ASN B 484 -17.41 -25.51 37.82
C ASN B 484 -15.97 -25.59 37.32
N GLU B 485 -15.81 -26.04 36.09
CA GLU B 485 -14.48 -26.12 35.48
C GLU B 485 -14.05 -24.74 34.98
N THR B 486 -12.74 -24.51 35.01
CA THR B 486 -12.22 -23.22 34.56
C THR B 486 -12.56 -22.99 33.10
N GLY B 487 -12.80 -21.72 32.76
CA GLY B 487 -13.22 -21.34 31.44
C GLY B 487 -14.68 -20.93 31.33
N MET B 488 -15.40 -20.88 32.44
CA MET B 488 -16.80 -20.44 32.43
C MET B 488 -17.16 -20.00 33.84
N PHE B 489 -17.39 -18.71 34.01
CA PHE B 489 -17.75 -18.15 35.32
C PHE B 489 -18.23 -16.72 35.12
N GLU B 490 -18.49 -16.04 36.22
CA GLU B 490 -18.92 -14.64 36.18
C GLU B 490 -18.30 -13.88 37.35
N PHE B 491 -17.88 -12.65 37.08
CA PHE B 491 -17.27 -11.79 38.07
C PHE B 491 -17.88 -10.40 37.94
N THR B 492 -18.53 -9.93 39.00
CA THR B 492 -19.12 -8.60 39.04
C THR B 492 -20.00 -8.36 37.81
N SER B 493 -20.85 -9.33 37.52
CA SER B 493 -21.83 -9.26 36.44
C SER B 493 -21.19 -9.23 35.06
N MET B 494 -19.93 -9.66 34.94
CA MET B 494 -19.28 -9.87 33.65
C MET B 494 -19.05 -11.36 33.46
N PHE B 495 -19.52 -11.89 32.35
CA PHE B 495 -19.53 -13.32 32.12
C PHE B 495 -18.38 -13.72 31.21
N TYR B 496 -17.62 -14.74 31.63
CA TYR B 496 -16.54 -15.29 30.84
C TYR B 496 -16.90 -16.72 30.47
N ARG B 497 -16.75 -17.06 29.19
CA ARG B 497 -17.04 -18.41 28.71
C ARG B 497 -16.20 -18.66 27.47
N ASP B 498 -15.28 -19.63 27.56
CA ASP B 498 -14.48 -20.06 26.41
C ASP B 498 -13.78 -18.88 25.76
N GLY B 499 -13.29 -17.96 26.58
CA GLY B 499 -12.57 -16.79 26.11
C GLY B 499 -13.47 -15.64 25.71
N PHE B 500 -14.78 -15.86 25.63
CA PHE B 500 -15.69 -14.81 25.23
C PHE B 500 -16.23 -14.08 26.47
N VAL B 501 -15.89 -12.80 26.59
CA VAL B 501 -16.35 -11.99 27.70
C VAL B 501 -17.40 -11.01 27.19
N SER B 502 -18.66 -11.42 27.26
CA SER B 502 -19.75 -10.51 26.90
C SER B 502 -19.88 -9.42 27.95
N ASN B 503 -19.66 -8.17 27.58
CA ASN B 503 -20.01 -7.09 28.49
C ASN B 503 -21.52 -7.07 28.61
N PHE B 504 -22.03 -7.60 29.72
CA PHE B 504 -23.49 -7.68 29.87
C PHE B 504 -24.12 -6.33 29.61
N ALA B 505 -24.99 -6.28 28.60
CA ALA B 505 -25.54 -5.01 28.13
C ALA B 505 -26.46 -4.42 29.19
N MET B 506 -25.89 -3.58 30.06
CA MET B 506 -26.64 -2.94 31.14
C MET B 506 -26.55 -1.43 31.05
N GLU B 507 -25.82 -0.88 30.08
CA GLU B 507 -25.75 0.55 29.87
C GLU B 507 -26.94 1.08 29.09
N LEU B 508 -27.97 0.26 28.89
CA LEU B 508 -29.17 0.73 28.21
C LEU B 508 -29.79 1.94 28.87
N PRO B 509 -29.93 2.00 30.21
CA PRO B 509 -30.53 3.19 30.81
C PRO B 509 -29.57 4.37 30.83
N SER B 510 -29.03 4.73 29.66
CA SER B 510 -28.13 5.87 29.56
C SER B 510 -28.37 6.69 28.29
N PHE B 511 -29.41 6.37 27.52
CA PHE B 511 -29.67 7.06 26.27
C PHE B 511 -30.64 8.22 26.41
N GLY B 512 -31.11 8.51 27.62
CA GLY B 512 -31.92 9.69 27.83
C GLY B 512 -31.11 10.96 27.77
N VAL B 513 -31.80 12.08 27.51
CA VAL B 513 -31.12 13.36 27.47
C VAL B 513 -30.40 13.61 28.78
N ALA B 514 -29.19 14.16 28.69
CA ALA B 514 -28.37 14.39 29.87
C ALA B 514 -28.92 15.48 30.78
N GLY B 515 -29.88 16.27 30.31
CA GLY B 515 -30.51 17.28 31.13
C GLY B 515 -29.57 18.34 31.65
N VAL B 516 -28.68 18.85 30.80
CA VAL B 516 -27.82 19.99 31.13
C VAL B 516 -28.02 21.14 30.14
N ASN B 517 -28.09 20.82 28.85
CA ASN B 517 -28.62 21.73 27.84
C ASN B 517 -28.62 21.04 26.48
N GLU B 518 -29.11 21.72 25.45
CA GLU B 518 -29.29 21.08 24.15
C GLU B 518 -27.97 20.53 23.61
N SER B 519 -27.03 21.41 23.32
CA SER B 519 -25.78 20.99 22.70
C SER B 519 -25.02 20.02 23.58
N ALA B 520 -24.94 20.31 24.88
CA ALA B 520 -24.23 19.42 25.79
C ALA B 520 -24.91 18.07 25.90
N ASP B 521 -26.25 18.05 25.98
CA ASP B 521 -26.96 16.79 26.05
C ASP B 521 -26.70 15.95 24.80
N MET B 522 -26.73 16.60 23.64
CA MET B 522 -26.47 15.89 22.38
C MET B 522 -25.06 15.32 22.34
N ALA B 523 -24.07 16.13 22.72
CA ALA B 523 -22.70 15.65 22.71
C ALA B 523 -22.53 14.47 23.66
N ILE B 524 -23.12 14.57 24.85
CA ILE B 524 -23.02 13.48 25.82
C ILE B 524 -23.67 12.22 25.27
N GLY B 525 -24.84 12.36 24.65
CA GLY B 525 -25.52 11.19 24.12
C GLY B 525 -24.72 10.50 23.04
N MET B 526 -24.19 11.28 22.10
CA MET B 526 -23.42 10.68 21.01
C MET B 526 -22.13 10.06 21.52
N THR B 527 -21.46 10.72 22.45
CA THR B 527 -20.26 10.13 23.03
C THR B 527 -20.60 8.85 23.79
N ILE B 528 -21.75 8.80 24.45
CA ILE B 528 -22.17 7.58 25.12
C ILE B 528 -22.38 6.48 24.10
N ILE B 529 -23.01 6.80 22.97
CA ILE B 529 -23.25 5.80 21.94
C ILE B 529 -21.92 5.25 21.42
N LYS B 530 -20.97 6.15 21.12
CA LYS B 530 -19.70 5.72 20.57
C LYS B 530 -18.90 4.91 21.59
N ASN B 531 -18.93 5.31 22.85
CA ASN B 531 -18.23 4.55 23.89
C ASN B 531 -18.84 3.18 24.06
N ASN B 532 -20.17 3.07 24.00
CA ASN B 532 -20.81 1.77 24.07
C ASN B 532 -20.40 0.90 22.88
N MET B 533 -20.36 1.50 21.68
CA MET B 533 -19.88 0.75 20.52
C MET B 533 -18.47 0.22 20.76
N ILE B 534 -17.59 1.06 21.30
CA ILE B 534 -16.21 0.64 21.51
C ILE B 534 -16.13 -0.48 22.53
N ASN B 535 -16.86 -0.35 23.63
CA ASN B 535 -16.67 -1.22 24.79
C ASN B 535 -17.56 -2.47 24.76
N ASN B 536 -18.87 -2.28 24.70
CA ASN B 536 -19.82 -3.37 24.92
C ASN B 536 -20.13 -4.17 23.67
N GLY B 537 -19.50 -3.87 22.54
CA GLY B 537 -19.77 -4.62 21.34
C GLY B 537 -21.11 -4.31 20.71
N MET B 538 -21.66 -3.13 20.99
CA MET B 538 -22.91 -2.73 20.36
C MET B 538 -22.73 -2.68 18.84
N GLY B 539 -23.55 -3.45 18.13
CA GLY B 539 -23.40 -3.58 16.70
C GLY B 539 -23.75 -2.31 15.96
N PRO B 540 -23.25 -2.17 14.73
CA PRO B 540 -23.54 -0.93 13.98
C PRO B 540 -25.02 -0.66 13.80
N ALA B 541 -25.82 -1.69 13.54
CA ALA B 541 -27.26 -1.49 13.45
C ALA B 541 -27.83 -1.01 14.78
N THR B 542 -27.36 -1.59 15.87
CA THR B 542 -27.81 -1.16 17.19
C THR B 542 -27.43 0.29 17.46
N ALA B 543 -26.23 0.69 17.05
CA ALA B 543 -25.83 2.07 17.24
C ALA B 543 -26.67 3.02 16.39
N GLN B 544 -26.98 2.64 15.16
CA GLN B 544 -27.83 3.48 14.33
C GLN B 544 -29.22 3.63 14.92
N THR B 545 -29.79 2.52 15.40
CA THR B 545 -31.11 2.61 16.03
C THR B 545 -31.05 3.40 17.33
N ALA B 546 -29.95 3.31 18.08
CA ALA B 546 -29.79 4.12 19.27
C ALA B 546 -29.74 5.59 18.93
N ILE B 547 -29.03 5.94 17.86
CA ILE B 547 -29.02 7.32 17.40
C ILE B 547 -30.44 7.77 17.06
N GLN B 548 -31.18 6.91 16.37
CA GLN B 548 -32.55 7.26 16.01
C GLN B 548 -33.41 7.50 17.24
N LEU B 549 -33.39 6.57 18.19
CA LEU B 549 -34.23 6.71 19.39
C LEU B 549 -33.81 7.91 20.20
N PHE B 550 -32.50 8.13 20.34
CA PHE B 550 -32.03 9.28 21.11
C PHE B 550 -32.45 10.58 20.46
N ILE B 551 -32.38 10.65 19.13
CA ILE B 551 -32.80 11.88 18.45
C ILE B 551 -34.29 12.10 18.62
N ALA B 552 -35.08 11.02 18.55
CA ALA B 552 -36.51 11.16 18.80
C ALA B 552 -36.77 11.74 20.19
N ASP B 553 -36.14 11.16 21.21
CA ASP B 553 -36.34 11.63 22.57
C ASP B 553 -35.83 13.06 22.74
N TYR B 554 -34.70 13.39 22.12
CA TYR B 554 -34.13 14.72 22.23
C TYR B 554 -35.03 15.76 21.60
N ARG B 555 -35.59 15.46 20.42
CA ARG B 555 -36.52 16.38 19.79
C ARG B 555 -37.78 16.54 20.64
N TYR B 556 -38.30 15.43 21.17
CA TYR B 556 -39.54 15.52 21.95
C TYR B 556 -39.34 16.31 23.23
N THR B 557 -38.22 16.10 23.93
CA THR B 557 -38.04 16.69 25.24
C THR B 557 -37.85 18.20 25.17
N TYR B 558 -37.26 18.71 24.10
CA TYR B 558 -37.00 20.13 23.95
C TYR B 558 -37.97 20.80 22.98
N LYS B 559 -39.04 20.12 22.59
CA LYS B 559 -40.09 20.71 21.77
C LYS B 559 -39.51 21.38 20.53
N CYS B 560 -38.67 20.64 19.81
CA CYS B 560 -38.06 21.13 18.57
C CYS B 560 -37.98 19.95 17.59
N HIS B 561 -39.02 19.80 16.77
CA HIS B 561 -39.04 18.80 15.71
C HIS B 561 -38.69 19.47 14.39
N ARG B 562 -38.72 18.68 13.32
CA ARG B 562 -38.43 19.22 11.99
C ARG B 562 -39.39 20.37 11.68
N GLY B 563 -38.85 21.45 11.11
CA GLY B 563 -39.68 22.58 10.77
C GLY B 563 -40.77 22.23 9.77
N ASP B 564 -40.48 21.32 8.84
CA ASP B 564 -41.48 20.93 7.85
C ASP B 564 -42.68 20.25 8.51
N SER B 565 -42.44 19.42 9.52
CA SER B 565 -43.51 18.63 10.12
C SER B 565 -44.59 19.55 10.69
N LYS B 566 -45.84 19.07 10.61
CA LYS B 566 -47.02 19.85 10.98
C LYS B 566 -47.29 19.86 12.48
N VAL B 567 -46.33 19.44 13.31
CA VAL B 567 -46.55 19.46 14.74
C VAL B 567 -46.69 20.90 15.23
N GLU B 568 -47.52 21.09 16.24
CA GLU B 568 -47.79 22.40 16.80
C GLU B 568 -47.08 22.59 18.14
N GLY B 569 -46.64 23.82 18.38
CA GLY B 569 -45.98 24.14 19.63
C GLY B 569 -45.57 25.60 19.64
N LYS B 570 -45.24 26.07 20.84
CA LYS B 570 -44.80 27.46 20.98
C LYS B 570 -43.53 27.71 20.17
N ARG B 571 -42.44 27.01 20.52
CA ARG B 571 -41.20 27.13 19.77
C ARG B 571 -41.32 26.55 18.37
N MET B 572 -42.27 25.64 18.15
CA MET B 572 -42.40 25.00 16.85
C MET B 572 -42.81 26.01 15.78
N LYS B 573 -43.66 26.98 16.13
CA LYS B 573 -44.02 28.00 15.15
C LYS B 573 -42.79 28.80 14.72
N ILE B 574 -41.92 29.14 15.68
CA ILE B 574 -40.73 29.89 15.34
C ILE B 574 -39.78 29.04 14.52
N ILE B 575 -39.70 27.75 14.83
CA ILE B 575 -38.88 26.84 14.03
C ILE B 575 -39.40 26.79 12.60
N LYS B 576 -40.72 26.71 12.43
CA LYS B 576 -41.31 26.74 11.11
C LYS B 576 -40.93 28.02 10.38
N GLU B 577 -41.05 29.16 11.06
CA GLU B 577 -40.65 30.43 10.45
C GLU B 577 -39.21 30.37 9.98
N LEU B 578 -38.31 29.94 10.86
CA LEU B 578 -36.89 29.87 10.51
C LEU B 578 -36.65 28.91 9.35
N TRP B 579 -37.52 27.91 9.19
CA TRP B 579 -37.28 26.90 8.17
C TRP B 579 -37.23 27.54 6.77
N GLU B 580 -38.15 28.45 6.48
CA GLU B 580 -38.16 29.11 5.18
C GLU B 580 -37.52 30.50 5.20
N ASN B 581 -37.38 31.12 6.37
CA ASN B 581 -36.67 32.40 6.44
C ASN B 581 -35.19 32.26 6.12
N THR B 582 -34.67 31.04 6.16
CA THR B 582 -33.27 30.76 5.83
C THR B 582 -33.21 29.75 4.69
N LYS B 583 -32.36 30.03 3.71
CA LYS B 583 -32.28 29.16 2.53
C LYS B 583 -31.61 27.84 2.85
N GLY B 584 -30.35 27.90 3.28
CA GLY B 584 -29.62 26.69 3.61
C GLY B 584 -30.31 25.89 4.69
N ARG B 585 -30.93 24.77 4.31
CA ARG B 585 -31.76 24.00 5.22
C ARG B 585 -31.05 22.76 5.76
N ASP B 586 -29.82 22.49 5.31
CA ASP B 586 -29.04 21.36 5.82
C ASP B 586 -28.10 21.76 6.94
N GLY B 587 -28.09 23.03 7.34
CA GLY B 587 -27.17 23.50 8.36
C GLY B 587 -27.83 23.74 9.70
N LEU B 588 -29.15 23.65 9.76
CA LEU B 588 -29.84 23.86 11.02
C LEU B 588 -29.55 22.71 11.98
N LEU B 589 -29.66 23.01 13.27
CA LEU B 589 -29.40 22.03 14.31
C LEU B 589 -30.67 21.28 14.66
N VAL B 590 -30.50 20.05 15.17
CA VAL B 590 -31.65 19.25 15.58
C VAL B 590 -32.46 19.97 16.65
N ALA B 591 -31.86 20.93 17.35
CA ALA B 591 -32.61 21.78 18.25
C ALA B 591 -33.35 22.90 17.51
N ASP B 592 -33.00 23.15 16.26
CA ASP B 592 -33.69 24.12 15.41
C ASP B 592 -34.46 23.44 14.29
N GLY B 593 -34.90 22.21 14.53
CA GLY B 593 -35.66 21.48 13.53
C GLY B 593 -34.88 21.10 12.30
N GLY B 594 -33.54 21.11 12.39
CA GLY B 594 -32.72 20.72 11.26
C GLY B 594 -32.73 19.23 11.05
N PRO B 595 -32.32 18.78 9.86
CA PRO B 595 -32.28 17.35 9.59
C PRO B 595 -31.10 16.70 10.28
N ASN B 596 -31.34 15.51 10.84
CA ASN B 596 -30.27 14.76 11.47
C ASN B 596 -29.20 14.40 10.44
N ILE B 597 -27.94 14.48 10.86
CA ILE B 597 -26.82 14.22 9.96
C ILE B 597 -25.87 13.22 10.59
N TYR B 598 -26.04 12.97 11.89
CA TYR B 598 -25.11 12.11 12.61
C TYR B 598 -25.25 10.67 12.15
N ASN B 599 -24.11 10.00 12.00
CA ASN B 599 -24.05 8.59 11.67
C ASN B 599 -22.89 7.98 12.46
N LEU B 600 -22.61 6.69 12.20
CA LEU B 600 -21.56 6.02 12.94
C LEU B 600 -20.20 6.68 12.69
N ARG B 601 -19.94 7.10 11.47
CA ARG B 601 -18.61 7.59 11.11
C ARG B 601 -18.24 8.88 11.82
N ASN B 602 -19.22 9.68 12.26
CA ASN B 602 -18.96 11.00 12.81
C ASN B 602 -19.71 11.21 14.11
N LEU B 603 -19.63 10.23 15.01
CA LEU B 603 -20.12 10.42 16.37
C LEU B 603 -19.12 11.18 17.24
N HIS B 604 -17.87 11.30 16.79
CA HIS B 604 -16.81 11.94 17.55
C HIS B 604 -16.66 13.41 17.24
N ILE B 605 -17.48 13.97 16.35
CA ILE B 605 -17.40 15.37 15.93
C ILE B 605 -18.63 16.09 16.47
N PRO B 606 -18.48 17.22 17.15
CA PRO B 606 -19.66 18.01 17.50
C PRO B 606 -20.38 18.46 16.23
N GLU B 607 -21.71 18.52 16.31
CA GLU B 607 -22.46 18.81 15.10
C GLU B 607 -22.27 20.25 14.64
N ILE B 608 -22.07 21.19 15.57
CA ILE B 608 -21.93 22.58 15.18
C ILE B 608 -20.78 22.74 14.19
N VAL B 609 -19.64 22.11 14.49
CA VAL B 609 -18.55 22.10 13.52
C VAL B 609 -18.91 21.22 12.33
N LEU B 610 -19.70 20.16 12.56
CA LEU B 610 -20.09 19.27 11.47
C LEU B 610 -20.90 20.00 10.41
N LYS B 611 -21.84 20.85 10.84
CA LYS B 611 -22.72 21.57 9.93
C LYS B 611 -22.23 22.98 9.63
N TYR B 612 -21.00 23.30 10.00
CA TYR B 612 -20.51 24.67 9.83
C TYR B 612 -20.51 25.07 8.36
N ASN B 613 -20.08 24.16 7.48
CA ASN B 613 -20.08 24.47 6.05
C ASN B 613 -21.49 24.65 5.52
N LEU B 614 -22.42 23.79 5.95
CA LEU B 614 -23.76 23.79 5.41
C LEU B 614 -24.62 24.95 5.90
N MET B 615 -24.22 25.61 6.98
CA MET B 615 -24.99 26.74 7.50
C MET B 615 -25.00 27.87 6.48
N ASP B 616 -25.78 28.92 6.81
CA ASP B 616 -25.80 30.15 6.04
C ASP B 616 -25.08 31.26 6.80
N PRO B 617 -24.50 32.23 6.10
CA PRO B 617 -23.74 33.27 6.82
C PRO B 617 -24.55 33.97 7.89
N GLU B 618 -25.81 34.31 7.59
CA GLU B 618 -26.65 34.92 8.59
C GLU B 618 -26.91 33.97 9.76
N TYR B 619 -27.17 32.70 9.45
CA TYR B 619 -27.47 31.73 10.51
C TYR B 619 -26.27 31.54 11.43
N LYS B 620 -25.09 31.35 10.86
CA LYS B 620 -23.90 31.14 11.69
C LYS B 620 -23.54 32.40 12.46
N GLY B 621 -23.73 33.57 11.84
CA GLY B 621 -23.49 34.81 12.56
C GLY B 621 -24.42 34.97 13.75
N ARG B 622 -25.70 34.65 13.57
CA ARG B 622 -26.67 34.78 14.65
C ARG B 622 -26.40 33.76 15.74
N LEU B 623 -26.22 32.49 15.37
CA LEU B 623 -26.06 31.44 16.36
C LEU B 623 -24.73 31.55 17.08
N LEU B 624 -23.64 31.74 16.34
CA LEU B 624 -22.31 31.84 16.91
C LEU B 624 -21.93 33.30 17.16
N HIS B 625 -22.78 34.03 17.85
CA HIS B 625 -22.46 35.41 18.19
C HIS B 625 -21.40 35.42 19.29
N PRO B 626 -20.43 36.34 19.24
CA PRO B 626 -19.45 36.40 20.33
C PRO B 626 -20.08 36.59 21.69
N GLN B 627 -21.15 37.39 21.76
CA GLN B 627 -21.89 37.60 23.00
C GLN B 627 -23.30 37.06 22.83
N ASN B 628 -23.75 36.27 23.79
CA ASN B 628 -25.09 35.70 23.78
C ASN B 628 -25.69 35.90 25.17
N PRO B 629 -26.87 36.54 25.28
CA PRO B 629 -27.51 36.62 26.60
C PRO B 629 -27.86 35.25 27.16
N PHE B 630 -27.91 34.21 26.31
CA PHE B 630 -28.17 32.86 26.76
C PHE B 630 -26.91 32.16 27.28
N VAL B 631 -25.74 32.75 27.06
CA VAL B 631 -24.46 32.19 27.49
C VAL B 631 -23.88 33.10 28.56
N GLY B 632 -23.50 32.50 29.69
CA GLY B 632 -22.90 33.26 30.77
C GLY B 632 -21.61 32.62 31.23
N HIS B 633 -20.73 33.46 31.78
CA HIS B 633 -19.44 32.96 32.27
C HIS B 633 -19.65 31.92 33.37
N LEU B 634 -20.51 32.25 34.35
CA LEU B 634 -20.73 31.35 35.47
C LEU B 634 -21.37 30.04 35.03
N SER B 635 -21.94 29.98 33.83
CA SER B 635 -22.51 28.75 33.31
C SER B 635 -21.45 27.80 32.76
N ILE B 636 -20.18 28.22 32.72
CA ILE B 636 -19.14 27.41 32.09
C ILE B 636 -18.62 26.30 32.99
N GLU B 637 -19.02 26.27 34.26
CA GLU B 637 -18.46 25.31 35.20
C GLU B 637 -18.53 23.88 34.66
N GLY B 638 -19.65 23.51 34.06
CA GLY B 638 -19.86 22.16 33.58
C GLY B 638 -19.40 21.90 32.17
N ILE B 639 -18.71 22.84 31.52
CA ILE B 639 -18.31 22.65 30.14
C ILE B 639 -17.28 21.53 30.00
N LYS B 640 -16.63 21.13 31.09
CA LYS B 640 -15.61 20.08 31.02
C LYS B 640 -16.20 18.69 31.28
N GLU B 641 -16.79 18.50 32.45
CA GLU B 641 -17.22 17.19 32.91
C GLU B 641 -18.73 17.17 33.11
N ALA B 642 -19.38 16.13 32.60
CA ALA B 642 -20.82 15.95 32.75
C ALA B 642 -21.08 14.98 33.90
N ASP B 643 -21.79 15.44 34.92
CA ASP B 643 -22.09 14.61 36.07
C ASP B 643 -23.02 13.47 35.69
N LYS B 652 -20.33 10.28 38.15
CA LYS B 652 -19.18 10.14 37.27
C LYS B 652 -18.97 11.39 36.44
N LYS B 653 -17.71 11.83 36.36
CA LYS B 653 -17.34 13.02 35.61
C LYS B 653 -16.93 12.60 34.21
N MET B 654 -17.81 12.80 33.23
CA MET B 654 -17.58 12.39 31.85
C MET B 654 -17.20 13.59 31.01
N ASP B 655 -16.13 13.45 30.23
CA ASP B 655 -15.67 14.53 29.37
C ASP B 655 -16.45 14.54 28.06
N TYR B 656 -16.97 15.71 27.69
CA TYR B 656 -17.71 15.88 26.45
C TYR B 656 -17.21 17.11 25.73
N ASP B 657 -17.32 17.09 24.41
CA ASP B 657 -16.88 18.20 23.56
C ASP B 657 -18.11 18.90 22.99
N ALA B 658 -18.23 20.19 23.26
CA ALA B 658 -19.33 20.99 22.74
C ALA B 658 -18.80 22.26 22.11
N VAL B 659 -19.70 23.15 21.70
CA VAL B 659 -19.32 24.41 21.06
C VAL B 659 -20.14 25.53 21.66
N SER B 660 -19.48 26.67 21.89
CA SER B 660 -20.16 27.83 22.42
C SER B 660 -21.22 28.32 21.43
N GLY B 661 -22.40 28.62 21.94
CA GLY B 661 -23.48 29.08 21.10
C GLY B 661 -24.72 29.36 21.92
N THR B 662 -25.77 29.79 21.22
CA THR B 662 -27.02 30.13 21.90
C THR B 662 -27.57 28.95 22.68
N HIS B 663 -27.30 27.73 22.24
CA HIS B 663 -27.81 26.53 22.88
C HIS B 663 -26.94 26.05 24.02
N SER B 664 -26.04 26.89 24.52
CA SER B 664 -25.17 26.57 25.65
C SER B 664 -25.69 27.19 26.95
N TRP B 665 -27.01 27.25 27.11
CA TRP B 665 -27.62 27.95 28.22
C TRP B 665 -27.69 27.05 29.46
N ARG B 666 -28.22 27.61 30.55
CA ARG B 666 -28.34 26.91 31.82
C ARG B 666 -29.78 27.01 32.31
N THR B 667 -30.20 26.00 33.07
CA THR B 667 -31.56 25.96 33.58
C THR B 667 -31.68 26.85 34.81
N LYS B 668 -32.94 27.10 35.20
CA LYS B 668 -33.21 27.92 36.37
C LYS B 668 -32.92 27.16 37.65
N ARG B 669 -32.47 27.89 38.66
CA ARG B 669 -32.17 27.28 39.95
C ARG B 669 -33.46 26.78 40.61
N ASN B 670 -33.31 25.73 41.41
CA ASN B 670 -34.45 25.15 42.12
C ASN B 670 -34.69 25.85 43.44
N GLU B 684 -23.19 31.57 56.63
CA GLU B 684 -22.16 32.27 55.87
C GLU B 684 -22.26 31.91 54.39
N GLU B 685 -23.44 31.46 53.97
CA GLU B 685 -23.65 31.03 52.60
C GLU B 685 -23.35 32.17 51.64
N GLN B 686 -24.15 33.24 51.70
CA GLN B 686 -23.97 34.35 50.78
C GLN B 686 -22.59 34.96 50.93
N CYS B 687 -22.07 34.99 52.16
CA CYS B 687 -20.74 35.50 52.40
C CYS B 687 -19.72 34.85 51.48
N TYR B 688 -19.53 33.54 51.64
CA TYR B 688 -18.54 32.82 50.83
C TYR B 688 -18.90 32.89 49.35
N ALA B 689 -20.18 32.69 49.03
CA ALA B 689 -20.59 32.62 47.63
C ALA B 689 -20.26 33.91 46.89
N LYS B 690 -20.68 35.04 47.43
CA LYS B 690 -20.45 36.31 46.76
C LYS B 690 -19.00 36.75 46.85
N CYS B 691 -18.29 36.40 47.93
CA CYS B 691 -16.86 36.70 47.96
C CYS B 691 -16.14 35.98 46.82
N CYS B 692 -16.42 34.69 46.64
CA CYS B 692 -15.78 33.94 45.57
C CYS B 692 -16.21 34.47 44.21
N ASN B 693 -17.49 34.77 44.04
CA ASN B 693 -17.98 35.29 42.76
C ASN B 693 -17.28 36.60 42.42
N LEU B 694 -17.17 37.51 43.39
CA LEU B 694 -16.51 38.79 43.14
C LEU B 694 -15.03 38.59 42.83
N PHE B 695 -14.36 37.70 43.57
CA PHE B 695 -12.96 37.45 43.28
C PHE B 695 -12.78 36.94 41.86
N GLU B 696 -13.64 36.01 41.43
CA GLU B 696 -13.57 35.53 40.05
C GLU B 696 -13.79 36.66 39.06
N ALA B 697 -14.79 37.50 39.32
CA ALA B 697 -15.08 38.60 38.40
C ALA B 697 -13.92 39.60 38.34
N CYS B 698 -13.17 39.74 39.43
CA CYS B 698 -12.01 40.62 39.43
C CYS B 698 -10.83 39.97 38.71
N PHE B 699 -10.40 38.81 39.21
CA PHE B 699 -9.34 38.03 38.58
C PHE B 699 -10.01 36.93 37.75
N ASN B 700 -10.19 37.21 36.45
CA ASN B 700 -10.84 36.23 35.58
C ASN B 700 -10.02 34.95 35.45
N SER B 701 -8.73 34.99 35.76
CA SER B 701 -7.90 33.80 35.68
C SER B 701 -8.18 32.84 36.83
N ALA B 702 -8.79 33.31 37.92
CA ALA B 702 -9.02 32.45 39.06
C ALA B 702 -9.95 31.30 38.71
N SER B 703 -10.96 31.55 37.88
CA SER B 703 -11.95 30.53 37.58
C SER B 703 -11.34 29.31 36.91
N TYR B 704 -10.14 29.43 36.34
CA TYR B 704 -9.51 28.33 35.60
C TYR B 704 -8.45 27.60 36.42
N ARG B 705 -7.53 28.34 37.03
CA ARG B 705 -6.43 27.74 37.78
C ARG B 705 -6.38 28.33 39.19
N LYS B 706 -5.87 27.52 40.12
CA LYS B 706 -5.79 27.95 41.50
C LYS B 706 -4.93 29.20 41.62
N PRO B 707 -5.42 30.26 42.27
CA PRO B 707 -4.57 31.44 42.49
C PRO B 707 -3.45 31.15 43.48
N VAL B 708 -2.44 32.01 43.47
CA VAL B 708 -1.29 31.87 44.34
C VAL B 708 -0.97 33.22 44.97
N GLY B 709 -0.73 33.21 46.28
CA GLY B 709 -0.41 34.42 47.02
C GLY B 709 -0.51 34.21 48.51
N GLN B 710 0.34 34.91 49.28
CA GLN B 710 0.38 34.79 50.73
C GLN B 710 -0.15 36.06 51.38
N HIS B 711 -1.21 36.64 50.81
CA HIS B 711 -1.75 37.89 51.31
C HIS B 711 -3.27 37.82 51.31
N SER B 712 -3.88 38.71 52.08
CA SER B 712 -5.33 38.74 52.21
C SER B 712 -5.98 39.00 50.86
N MET B 713 -7.14 38.37 50.66
CA MET B 713 -7.87 38.55 49.41
C MET B 713 -8.22 40.03 49.20
N LEU B 714 -8.60 40.71 50.29
CA LEU B 714 -9.05 42.09 50.18
C LEU B 714 -7.99 42.98 49.54
N GLU B 715 -6.74 42.85 49.97
CA GLU B 715 -5.69 43.71 49.44
C GLU B 715 -5.37 43.38 47.99
N ALA B 716 -5.41 42.10 47.62
CA ALA B 716 -5.23 41.74 46.22
C ALA B 716 -6.30 42.37 45.35
N MET B 717 -7.57 42.24 45.78
CA MET B 717 -8.67 42.84 45.02
C MET B 717 -8.52 44.35 44.97
N ALA B 718 -8.12 44.98 46.08
CA ALA B 718 -7.98 46.42 46.10
C ALA B 718 -6.90 46.89 45.13
N HIS B 719 -5.74 46.24 45.15
CA HIS B 719 -4.67 46.60 44.23
C HIS B 719 -5.10 46.41 42.79
N ARG B 720 -5.72 45.27 42.49
CA ARG B 720 -6.15 45.00 41.12
C ARG B 720 -7.16 46.04 40.67
N LEU B 721 -8.11 46.38 41.54
CA LEU B 721 -9.14 47.35 41.17
C LEU B 721 -8.56 48.75 41.00
N ARG B 722 -7.59 49.13 41.83
CA ARG B 722 -6.94 50.42 41.65
C ARG B 722 -6.24 50.48 40.30
N MET B 723 -5.48 49.42 39.97
CA MET B 723 -4.79 49.40 38.68
C MET B 723 -5.79 49.45 37.52
N ASP B 724 -6.88 48.67 37.64
CA ASP B 724 -7.89 48.65 36.60
C ASP B 724 -8.56 50.01 36.42
N ALA B 725 -8.86 50.71 37.53
CA ALA B 725 -9.45 52.02 37.42
C ALA B 725 -8.51 53.00 36.74
N ARG B 726 -7.23 52.98 37.11
CA ARG B 726 -6.27 53.87 36.47
C ARG B 726 -6.18 53.58 34.97
N LEU B 727 -6.13 52.29 34.61
CA LEU B 727 -6.03 51.93 33.20
C LEU B 727 -7.29 52.31 32.43
N ASP B 728 -8.46 52.12 33.04
CA ASP B 728 -9.70 52.50 32.39
C ASP B 728 -9.75 54.00 32.13
N TYR B 729 -9.33 54.81 33.11
CA TYR B 729 -9.31 56.25 32.89
C TYR B 729 -8.30 56.63 31.81
N GLU B 730 -7.07 56.14 31.93
CA GLU B 730 -6.03 56.49 30.97
C GLU B 730 -6.44 56.12 29.56
N SER B 731 -7.27 55.09 29.40
CA SER B 731 -7.80 54.69 28.11
C SER B 731 -9.06 55.47 27.72
N GLY B 732 -9.56 56.32 28.61
CA GLY B 732 -10.77 57.07 28.34
C GLY B 732 -12.06 56.34 28.58
N ARG B 733 -12.01 55.11 29.11
CA ARG B 733 -13.21 54.33 29.35
C ARG B 733 -13.95 54.75 30.61
N MET B 734 -13.33 55.56 31.46
CA MET B 734 -13.95 56.03 32.69
C MET B 734 -13.79 57.54 32.79
N SER B 735 -14.81 58.22 33.31
CA SER B 735 -14.76 59.66 33.44
C SER B 735 -13.98 60.07 34.69
N LYS B 736 -13.67 61.37 34.78
CA LYS B 736 -12.88 61.86 35.90
C LYS B 736 -13.65 61.77 37.22
N ASP B 737 -14.92 62.19 37.22
CA ASP B 737 -15.74 62.03 38.41
C ASP B 737 -15.82 60.57 38.81
N ASP B 738 -15.91 59.67 37.82
CA ASP B 738 -15.88 58.24 38.10
C ASP B 738 -14.59 57.84 38.79
N PHE B 739 -13.45 58.32 38.28
CA PHE B 739 -12.18 57.99 38.91
C PHE B 739 -12.16 58.47 40.36
N GLU B 740 -12.58 59.71 40.60
CA GLU B 740 -12.53 60.25 41.95
C GLU B 740 -13.43 59.47 42.89
N LYS B 741 -14.63 59.09 42.41
CA LYS B 741 -15.51 58.27 43.24
C LYS B 741 -14.88 56.92 43.57
N ALA B 742 -14.28 56.28 42.56
CA ALA B 742 -13.66 54.98 42.79
C ALA B 742 -12.52 55.08 43.79
N MET B 743 -11.71 56.13 43.67
CA MET B 743 -10.57 56.27 44.56
C MET B 743 -11.03 56.62 45.97
N ALA B 744 -12.09 57.42 46.09
CA ALA B 744 -12.65 57.69 47.40
C ALA B 744 -13.13 56.41 48.06
N HIS B 745 -13.81 55.55 47.30
CA HIS B 745 -14.26 54.27 47.85
C HIS B 745 -13.07 53.41 48.27
N LEU B 746 -12.04 53.34 47.42
CA LEU B 746 -10.87 52.54 47.75
C LEU B 746 -10.18 53.05 49.01
N GLY B 747 -10.04 54.37 49.15
CA GLY B 747 -9.48 54.92 50.38
C GLY B 747 -10.33 54.59 51.59
N GLU B 748 -11.66 54.69 51.43
CA GLU B 748 -12.55 54.28 52.51
C GLU B 748 -12.29 52.82 52.90
N ILE B 749 -11.93 52.00 51.91
CA ILE B 749 -11.60 50.55 52.09
C ILE B 749 -10.30 50.45 52.90
N GLY B 750 -9.40 51.41 52.73
CA GLY B 750 -8.11 51.49 53.44
C GLY B 750 -7.00 50.74 52.72
N TYR B 751 -6.77 51.06 51.44
CA TYR B 751 -5.74 50.45 50.57
C TYR B 751 -4.91 51.41 49.70
N ILE B 752 -5.32 52.67 49.62
CA ILE B 752 -4.65 53.74 48.82
C ILE B 752 -3.47 54.53 49.41
N MET C 1 -17.83 49.40 34.57
CA MET C 1 -17.99 48.11 35.32
C MET C 1 -17.04 48.07 36.51
N THR C 2 -15.86 48.68 36.35
CA THR C 2 -14.92 48.76 37.45
C THR C 2 -15.51 49.59 38.60
N LEU C 3 -16.24 50.65 38.28
CA LEU C 3 -16.97 51.38 39.31
C LEU C 3 -18.05 50.49 39.94
N ALA C 4 -18.77 49.74 39.11
CA ALA C 4 -19.73 48.79 39.65
C ALA C 4 -19.01 47.75 40.50
N LYS C 5 -17.81 47.35 40.09
CA LYS C 5 -17.03 46.41 40.88
C LYS C 5 -16.70 46.98 42.25
N ILE C 6 -16.25 48.24 42.30
CA ILE C 6 -15.86 48.84 43.57
C ILE C 6 -17.09 49.07 44.45
N GLU C 7 -18.21 49.45 43.84
CA GLU C 7 -19.43 49.65 44.61
C GLU C 7 -19.92 48.33 45.20
N LEU C 8 -19.88 47.25 44.40
CA LEU C 8 -20.26 45.94 44.92
C LEU C 8 -19.31 45.51 46.04
N LEU C 9 -18.01 45.76 45.87
CA LEU C 9 -17.05 45.43 46.93
C LEU C 9 -17.35 46.20 48.20
N LYS C 10 -17.64 47.49 48.09
CA LYS C 10 -17.94 48.29 49.27
C LYS C 10 -19.20 47.77 49.97
N GLN C 11 -20.25 47.50 49.18
CA GLN C 11 -21.48 47.00 49.77
C GLN C 11 -21.25 45.66 50.46
N LEU C 12 -20.45 44.79 49.85
CA LEU C 12 -20.16 43.51 50.47
C LEU C 12 -19.37 43.68 51.76
N LEU C 13 -18.39 44.59 51.77
CA LEU C 13 -17.60 44.84 52.97
C LEU C 13 -18.42 45.48 54.08
N ARG C 14 -19.50 46.19 53.75
CA ARG C 14 -20.30 46.83 54.79
C ARG C 14 -20.73 45.82 55.84
N ASP C 15 -20.96 44.57 55.43
CA ASP C 15 -21.22 43.50 56.38
C ASP C 15 -19.91 43.05 57.03
N ASN C 16 -19.99 42.71 58.32
CA ASN C 16 -18.78 42.35 59.06
C ASN C 16 -18.25 40.97 58.66
N GLU C 17 -19.14 40.05 58.27
CA GLU C 17 -18.67 38.72 57.88
C GLU C 17 -17.74 38.79 56.69
N ALA C 18 -18.10 39.60 55.68
CA ALA C 18 -17.23 39.76 54.52
C ALA C 18 -15.90 40.38 54.93
N LYS C 19 -15.93 41.39 55.80
CA LYS C 19 -14.70 42.03 56.25
C LYS C 19 -13.78 41.03 56.94
N THR C 20 -14.33 40.18 57.80
CA THR C 20 -13.49 39.26 58.56
C THR C 20 -12.98 38.13 57.69
N VAL C 21 -13.80 37.62 56.77
CA VAL C 21 -13.33 36.52 55.92
C VAL C 21 -12.29 37.01 54.93
N LEU C 22 -12.53 38.17 54.30
CA LEU C 22 -11.61 38.67 53.29
C LEU C 22 -10.24 38.95 53.90
N LYS C 23 -10.22 39.57 55.08
CA LYS C 23 -8.97 39.90 55.74
C LYS C 23 -8.31 38.69 56.41
N GLN C 24 -8.99 37.56 56.45
CA GLN C 24 -8.48 36.35 57.10
C GLN C 24 -7.91 35.34 56.10
N THR C 25 -8.66 35.03 55.06
CA THR C 25 -8.24 34.02 54.10
C THR C 25 -7.25 34.63 53.10
N THR C 26 -6.07 34.03 53.00
CA THR C 26 -5.09 34.49 52.02
C THR C 26 -5.58 34.14 50.61
N VAL C 27 -4.82 34.58 49.61
CA VAL C 27 -5.21 34.31 48.22
C VAL C 27 -5.20 32.81 47.95
N ASP C 28 -4.22 32.10 48.50
CA ASP C 28 -4.13 30.67 48.26
C ASP C 28 -5.37 29.94 48.78
N GLN C 29 -5.87 30.35 49.95
CA GLN C 29 -7.02 29.68 50.56
C GLN C 29 -8.31 29.90 49.78
N TYR C 30 -8.32 30.82 48.81
CA TYR C 30 -9.54 31.14 48.09
C TYR C 30 -10.22 29.88 47.57
N ASN C 31 -9.43 28.91 47.09
CA ASN C 31 -10.00 27.69 46.53
C ASN C 31 -11.00 27.08 47.51
N ILE C 32 -10.59 26.91 48.76
CA ILE C 32 -11.48 26.31 49.76
C ILE C 32 -12.77 27.12 49.83
N ILE C 33 -12.65 28.44 49.86
CA ILE C 33 -13.83 29.30 49.98
C ILE C 33 -14.79 29.01 48.83
N ARG C 34 -14.26 28.81 47.62
CA ARG C 34 -15.14 28.62 46.48
C ARG C 34 -15.90 27.30 46.60
N LYS C 35 -15.32 26.30 47.25
CA LYS C 35 -15.91 24.97 47.21
C LYS C 35 -17.05 24.81 48.22
N PHE C 36 -17.33 25.84 49.02
CA PHE C 36 -18.41 25.78 50.00
C PHE C 36 -19.74 26.21 49.36
N ASN C 37 -20.15 25.45 48.35
CA ASN C 37 -21.43 25.64 47.70
C ASN C 37 -22.47 24.71 48.31
N THR C 38 -23.73 24.92 47.91
CA THR C 38 -24.83 24.15 48.49
C THR C 38 -24.68 22.66 48.18
N SER C 39 -24.29 22.32 46.95
CA SER C 39 -24.24 20.94 46.50
C SER C 39 -25.60 20.26 46.52
N ARG C 40 -26.67 21.05 46.37
CA ARG C 40 -28.02 20.51 46.27
C ARG C 40 -28.28 20.09 44.82
N ILE C 41 -27.45 19.15 44.37
CA ILE C 41 -27.49 18.71 42.98
C ILE C 41 -28.83 18.05 42.68
N GLU C 42 -29.34 18.29 41.48
CA GLU C 42 -30.60 17.68 41.06
C GLU C 42 -30.48 16.16 41.10
N LYS C 43 -31.49 15.49 41.65
CA LYS C 43 -31.43 14.05 41.80
C LYS C 43 -31.65 13.32 40.48
N ASN C 44 -32.46 13.88 39.59
CA ASN C 44 -32.77 13.26 38.30
C ASN C 44 -32.77 14.34 37.22
N PRO C 45 -31.66 14.50 36.49
CA PRO C 45 -31.63 15.56 35.48
C PRO C 45 -32.68 15.43 34.40
N SER C 46 -33.04 14.21 34.02
CA SER C 46 -34.03 14.02 32.96
C SER C 46 -35.37 14.63 33.33
N LEU C 47 -35.88 14.28 34.52
CA LEU C 47 -37.16 14.81 34.95
C LEU C 47 -37.11 16.34 35.09
N ARG C 48 -36.03 16.85 35.68
CA ARG C 48 -35.89 18.30 35.83
C ARG C 48 -35.95 18.99 34.47
N MET C 49 -35.17 18.49 33.51
CA MET C 49 -35.15 19.13 32.20
C MET C 49 -36.51 19.03 31.52
N LYS C 50 -37.16 17.88 31.63
CA LYS C 50 -38.49 17.72 31.04
C LYS C 50 -39.46 18.73 31.61
N TRP C 51 -39.48 18.87 32.93
CA TRP C 51 -40.39 19.83 33.57
C TRP C 51 -40.04 21.25 33.16
N ALA C 52 -38.75 21.59 33.13
CA ALA C 52 -38.34 22.96 32.84
C ALA C 52 -38.71 23.36 31.43
N MET C 53 -38.55 22.46 30.46
CA MET C 53 -38.86 22.81 29.07
C MET C 53 -40.33 23.16 28.89
N CYS C 54 -41.20 22.67 29.76
CA CYS C 54 -42.63 22.98 29.67
C CYS C 54 -43.00 24.24 30.46
N SER C 55 -42.09 24.80 31.23
CA SER C 55 -42.39 25.98 32.01
C SER C 55 -42.38 27.23 31.12
N ASN C 56 -43.02 28.29 31.62
CA ASN C 56 -43.18 29.50 30.82
C ASN C 56 -41.83 30.13 30.47
N PHE C 57 -40.93 30.21 31.45
CA PHE C 57 -39.61 30.83 31.24
C PHE C 57 -38.58 30.09 32.07
N PRO C 58 -38.06 28.98 31.56
CA PRO C 58 -37.04 28.23 32.32
C PRO C 58 -35.64 28.79 32.14
N LEU C 59 -35.39 29.41 30.98
CA LEU C 59 -34.07 29.94 30.68
C LEU C 59 -33.71 31.04 31.67
N ALA C 60 -32.48 31.00 32.16
CA ALA C 60 -31.96 32.00 33.10
C ALA C 60 -31.04 32.94 32.35
N LEU C 61 -31.57 34.10 31.95
CA LEU C 61 -30.83 35.07 31.17
C LEU C 61 -30.03 35.99 32.09
N THR C 62 -28.81 36.31 31.69
CA THR C 62 -27.98 37.23 32.44
C THR C 62 -28.40 38.67 32.15
N LYS C 63 -28.48 39.47 33.21
CA LYS C 63 -28.88 40.86 33.06
C LYS C 63 -27.97 41.58 32.08
N GLY C 64 -28.56 42.34 31.18
CA GLY C 64 -27.77 43.06 30.20
C GLY C 64 -28.68 43.83 29.25
N ASP C 65 -28.04 44.41 28.23
CA ASP C 65 -28.75 45.19 27.23
C ASP C 65 -29.22 44.36 26.04
N MET C 66 -28.92 43.06 26.01
CA MET C 66 -29.32 42.23 24.88
C MET C 66 -30.84 42.13 24.81
N ALA C 67 -31.51 42.05 25.96
CA ALA C 67 -32.95 41.82 25.96
C ALA C 67 -33.71 42.86 25.14
N ASN C 68 -33.22 44.11 25.12
CA ASN C 68 -33.94 45.16 24.41
C ASN C 68 -34.03 44.87 22.91
N ARG C 69 -33.14 44.04 22.37
CA ARG C 69 -33.24 43.66 20.96
C ARG C 69 -34.52 42.90 20.68
N ILE C 70 -35.07 42.21 21.68
CA ILE C 70 -36.23 41.34 21.52
C ILE C 70 -37.32 41.84 22.44
N PRO C 71 -38.57 41.96 21.98
CA PRO C 71 -39.66 42.34 22.89
C PRO C 71 -39.95 41.23 23.88
N LEU C 72 -40.60 41.62 24.99
CA LEU C 72 -41.02 40.63 25.98
C LEU C 72 -42.07 39.69 25.43
N GLU C 73 -42.67 39.99 24.28
CA GLU C 73 -43.66 39.12 23.67
C GLU C 73 -43.71 39.44 22.19
N TYR C 74 -43.35 38.47 21.35
CA TYR C 74 -43.24 38.66 19.90
C TYR C 74 -44.29 37.82 19.20
N LYS C 75 -45.04 38.46 18.30
CA LYS C 75 -46.08 37.77 17.54
C LYS C 75 -47.07 37.07 18.47
N GLY C 76 -47.36 37.70 19.59
CA GLY C 76 -48.26 37.11 20.56
C GLY C 76 -47.68 35.94 21.32
N ILE C 77 -46.36 35.79 21.33
CA ILE C 77 -45.68 34.69 22.00
C ILE C 77 -44.78 35.29 23.07
N GLN C 78 -44.97 34.85 24.31
CA GLN C 78 -44.16 35.36 25.42
C GLN C 78 -42.73 34.84 25.31
N LEU C 79 -41.76 35.75 25.43
CA LEU C 79 -40.35 35.40 25.31
C LEU C 79 -39.59 35.61 26.61
N LYS C 80 -39.64 36.80 27.19
CA LYS C 80 -38.86 37.12 28.38
C LYS C 80 -39.70 37.93 29.34
N THR C 81 -39.29 37.92 30.61
CA THR C 81 -40.00 38.60 31.68
C THR C 81 -39.05 39.51 32.44
N ASN C 82 -39.62 40.58 33.01
CA ASN C 82 -38.85 41.56 33.76
C ASN C 82 -38.85 41.29 35.27
N ALA C 83 -39.44 40.18 35.70
CA ALA C 83 -39.44 39.86 37.12
C ALA C 83 -38.02 39.60 37.61
N GLU C 84 -37.75 40.00 38.84
CA GLU C 84 -36.41 39.82 39.40
C GLU C 84 -36.16 38.34 39.69
N ASP C 85 -34.88 38.02 39.87
CA ASP C 85 -34.44 36.66 40.16
C ASP C 85 -33.57 36.67 41.40
N ILE C 86 -33.59 35.55 42.12
CA ILE C 86 -32.80 35.39 43.33
C ILE C 86 -31.65 34.41 43.13
N GLY C 87 -31.86 33.35 42.34
CA GLY C 87 -30.79 32.40 42.11
C GLY C 87 -29.63 32.99 41.33
N THR C 88 -29.93 33.75 40.28
CA THR C 88 -28.90 34.33 39.42
C THR C 88 -28.97 35.85 39.34
N LYS C 89 -30.00 36.49 39.90
CA LYS C 89 -30.13 37.94 39.93
C LYS C 89 -30.28 38.54 38.54
N GLY C 90 -30.63 37.73 37.55
CA GLY C 90 -30.82 38.21 36.19
C GLY C 90 -32.29 38.27 35.81
N GLN C 91 -32.60 37.82 34.60
CA GLN C 91 -33.97 37.76 34.10
C GLN C 91 -34.30 36.33 33.70
N MET C 92 -35.57 36.12 33.34
CA MET C 92 -36.04 34.83 32.88
C MET C 92 -36.40 34.93 31.39
N CYS C 93 -36.37 33.78 30.72
CA CYS C 93 -36.61 33.74 29.29
C CYS C 93 -37.06 32.33 28.91
N SER C 94 -37.44 32.18 27.65
CA SER C 94 -37.92 30.92 27.12
C SER C 94 -37.20 30.60 25.81
N ILE C 95 -37.21 29.30 25.48
CA ILE C 95 -36.53 28.85 24.27
C ILE C 95 -37.07 29.55 23.02
N ALA C 96 -38.26 30.14 23.11
CA ALA C 96 -38.78 30.89 21.98
C ALA C 96 -37.84 32.01 21.59
N ALA C 97 -37.32 32.75 22.57
CA ALA C 97 -36.36 33.81 22.28
C ALA C 97 -35.09 33.25 21.68
N VAL C 98 -34.65 32.08 22.15
CA VAL C 98 -33.44 31.46 21.60
C VAL C 98 -33.65 31.15 20.12
N THR C 99 -34.81 30.56 19.79
CA THR C 99 -35.09 30.24 18.40
C THR C 99 -35.18 31.50 17.55
N TRP C 100 -35.79 32.56 18.09
CA TRP C 100 -35.86 33.81 17.36
C TRP C 100 -34.46 34.38 17.12
N TRP C 101 -33.60 34.31 18.13
CA TRP C 101 -32.22 34.77 17.97
C TRP C 101 -31.51 33.98 16.88
N ASN C 102 -31.71 32.65 16.87
CA ASN C 102 -31.18 31.86 15.76
C ASN C 102 -31.81 32.26 14.44
N THR C 103 -33.01 32.83 14.46
CA THR C 103 -33.69 33.27 13.25
C THR C 103 -33.27 34.70 12.87
N TYR C 104 -33.47 35.65 13.78
CA TYR C 104 -33.10 37.04 13.54
C TYR C 104 -32.20 37.54 14.67
N GLY C 105 -31.89 38.84 14.66
CA GLY C 105 -31.09 39.43 15.70
C GLY C 105 -29.71 39.83 15.21
N PRO C 106 -28.83 40.21 16.13
CA PRO C 106 -27.49 40.64 15.73
C PRO C 106 -26.73 39.53 15.02
N ILE C 107 -25.91 39.93 14.04
CA ILE C 107 -25.07 39.02 13.28
C ILE C 107 -23.63 39.18 13.76
N GLY C 108 -23.03 38.09 14.21
CA GLY C 108 -21.71 38.11 14.80
C GLY C 108 -20.60 37.95 13.79
N ASP C 109 -19.42 37.61 14.30
CA ASP C 109 -18.22 37.46 13.49
C ASP C 109 -17.92 35.99 13.27
N THR C 110 -17.65 35.61 12.03
CA THR C 110 -17.37 34.23 11.68
C THR C 110 -15.88 33.89 11.70
N GLU C 111 -15.00 34.88 11.84
CA GLU C 111 -13.57 34.62 11.76
C GLU C 111 -13.11 33.69 12.88
N GLY C 112 -13.58 33.94 14.11
CA GLY C 112 -13.02 33.25 15.26
C GLY C 112 -13.06 31.74 15.16
N PHE C 113 -14.09 31.20 14.50
CA PHE C 113 -14.24 29.76 14.44
C PHE C 113 -13.25 29.09 13.50
N GLU C 114 -12.62 29.85 12.61
CA GLU C 114 -11.65 29.23 11.70
C GLU C 114 -10.48 28.64 12.47
N ARG C 115 -10.02 29.33 13.51
CA ARG C 115 -8.84 28.92 14.26
C ARG C 115 -9.13 28.52 15.70
N VAL C 116 -10.12 29.15 16.35
CA VAL C 116 -10.35 28.88 17.77
C VAL C 116 -10.64 27.40 17.99
N TYR C 117 -11.56 26.84 17.21
CA TYR C 117 -11.90 25.42 17.31
C TYR C 117 -11.13 24.62 16.27
N GLU C 118 -9.80 24.76 16.32
CA GLU C 118 -8.96 24.13 15.32
C GLU C 118 -9.01 22.61 15.43
N SER C 119 -9.05 22.08 16.65
CA SER C 119 -9.03 20.63 16.83
C SER C 119 -10.27 19.98 16.22
N PHE C 120 -11.44 20.57 16.43
CA PHE C 120 -12.66 19.98 15.89
C PHE C 120 -12.66 19.99 14.37
N PHE C 121 -12.25 21.10 13.76
CA PHE C 121 -12.22 21.17 12.31
C PHE C 121 -11.14 20.26 11.74
N LEU C 122 -10.04 20.05 12.46
CA LEU C 122 -9.06 19.06 12.04
C LEU C 122 -9.63 17.65 12.11
N ARG C 123 -10.43 17.37 13.13
CA ARG C 123 -11.13 16.09 13.19
C ARG C 123 -12.01 15.90 11.96
N LYS C 124 -12.79 16.94 11.63
CA LYS C 124 -13.66 16.85 10.47
C LYS C 124 -12.87 16.68 9.19
N MET C 125 -11.72 17.36 9.08
CA MET C 125 -10.89 17.24 7.89
C MET C 125 -10.34 15.83 7.77
N ARG C 126 -9.89 15.24 8.89
CA ARG C 126 -9.38 13.88 8.86
C ARG C 126 -10.48 12.88 8.50
N LEU C 127 -11.72 13.16 8.93
CA LEU C 127 -12.82 12.28 8.56
C LEU C 127 -13.16 12.40 7.08
N ASP C 128 -13.28 13.63 6.58
CA ASP C 128 -13.76 13.85 5.22
C ASP C 128 -12.82 13.25 4.19
N ASN C 129 -11.51 13.50 4.35
CA ASN C 129 -10.54 13.05 3.36
C ASN C 129 -10.12 11.60 3.55
N ALA C 130 -10.63 10.93 4.58
CA ALA C 130 -10.29 9.53 4.80
C ALA C 130 -10.82 8.67 3.67
N THR C 131 -10.11 7.58 3.39
CA THR C 131 -10.48 6.63 2.34
C THR C 131 -10.87 5.31 2.98
N TRP C 132 -12.07 4.82 2.65
CA TRP C 132 -12.56 3.57 3.19
C TRP C 132 -12.24 2.42 2.24
N GLY C 133 -12.31 1.21 2.77
CA GLY C 133 -12.03 0.02 1.99
C GLY C 133 -13.02 -1.10 2.23
N ARG C 134 -12.53 -2.34 2.17
CA ARG C 134 -13.39 -3.49 2.34
C ARG C 134 -13.69 -3.72 3.82
N ILE C 135 -14.58 -4.67 4.08
CA ILE C 135 -14.92 -5.10 5.43
C ILE C 135 -14.58 -6.58 5.56
N THR C 136 -13.79 -6.92 6.57
CA THR C 136 -13.42 -8.30 6.84
C THR C 136 -14.26 -8.79 8.02
N PHE C 137 -15.20 -9.69 7.73
CA PHE C 137 -16.15 -10.16 8.74
C PHE C 137 -15.55 -11.24 9.64
N GLY C 138 -14.37 -11.76 9.35
CA GLY C 138 -13.77 -12.78 10.15
C GLY C 138 -13.43 -12.27 11.54
N PRO C 139 -13.16 -13.19 12.47
CA PRO C 139 -12.83 -12.76 13.83
C PRO C 139 -11.57 -11.90 13.86
N VAL C 140 -11.55 -10.95 14.78
CA VAL C 140 -10.46 -10.00 14.92
C VAL C 140 -9.82 -10.21 16.29
N GLU C 141 -8.50 -10.36 16.30
CA GLU C 141 -7.76 -10.46 17.54
C GLU C 141 -7.44 -9.05 18.04
N ARG C 142 -7.85 -8.74 19.28
CA ARG C 142 -7.67 -7.42 19.85
C ARG C 142 -6.92 -7.54 21.17
N VAL C 143 -6.03 -6.58 21.40
CA VAL C 143 -5.23 -6.52 22.62
C VAL C 143 -5.60 -5.25 23.36
N ARG C 144 -5.66 -5.34 24.68
CA ARG C 144 -5.93 -4.18 25.51
C ARG C 144 -4.65 -3.37 25.67
N LYS C 145 -4.70 -2.10 25.28
CA LYS C 145 -3.52 -1.24 25.25
C LYS C 145 -3.88 0.13 25.80
N ARG C 146 -2.86 0.81 26.32
CA ARG C 146 -2.99 2.20 26.78
C ARG C 146 -2.79 3.10 25.56
N VAL C 147 -3.88 3.67 25.07
CA VAL C 147 -3.87 4.43 23.83
C VAL C 147 -4.33 5.85 24.11
N LEU C 148 -3.83 6.78 23.31
CA LEU C 148 -4.22 8.18 23.37
C LEU C 148 -5.49 8.37 22.55
N LEU C 149 -6.56 8.80 23.22
CA LEU C 149 -7.86 8.86 22.56
C LEU C 149 -7.86 9.87 21.42
N ASN C 150 -7.23 11.04 21.62
CA ASN C 150 -7.28 12.09 20.63
C ASN C 150 -5.87 12.60 20.31
N PRO C 151 -5.61 13.00 19.07
CA PRO C 151 -4.30 13.58 18.76
C PRO C 151 -4.09 14.90 19.47
N LEU C 152 -2.82 15.20 19.75
CA LEU C 152 -2.44 16.40 20.48
C LEU C 152 -1.45 17.20 19.64
N THR C 153 -1.61 18.52 19.66
CA THR C 153 -0.68 19.38 18.95
C THR C 153 0.73 19.25 19.51
N LYS C 154 0.85 19.26 20.84
CA LYS C 154 2.14 19.08 21.49
C LYS C 154 1.88 18.55 22.90
N GLU C 155 2.08 17.25 23.09
CA GLU C 155 1.78 16.63 24.38
C GLU C 155 2.70 17.17 25.46
N MET C 156 2.12 17.58 26.58
CA MET C 156 2.87 18.11 27.71
C MET C 156 2.17 17.67 28.99
N PRO C 157 2.88 17.66 30.11
CA PRO C 157 2.25 17.28 31.38
C PRO C 157 1.23 18.31 31.83
N PRO C 158 0.28 17.93 32.70
CA PRO C 158 -0.80 18.86 33.03
C PRO C 158 -0.35 20.20 33.57
N ASP C 159 0.67 20.24 34.43
CA ASP C 159 1.10 21.50 35.02
C ASP C 159 1.67 22.42 33.94
N GLU C 160 2.52 21.88 33.07
CA GLU C 160 3.04 22.68 31.97
C GLU C 160 1.92 23.15 31.06
N ALA C 161 0.91 22.30 30.85
CA ALA C 161 -0.23 22.70 30.04
C ALA C 161 -0.94 23.90 30.65
N SER C 162 -1.20 23.85 31.96
CA SER C 162 -1.88 24.96 32.61
C SER C 162 -1.04 26.23 32.54
N ASN C 163 0.27 26.11 32.80
CA ASN C 163 1.12 27.29 32.74
C ASN C 163 1.14 27.89 31.34
N VAL C 164 1.20 27.04 30.31
CA VAL C 164 1.19 27.52 28.94
C VAL C 164 -0.14 28.20 28.61
N ILE C 165 -1.25 27.63 29.07
CA ILE C 165 -2.55 28.23 28.81
C ILE C 165 -2.62 29.62 29.43
N MET C 166 -2.16 29.73 30.68
CA MET C 166 -2.15 31.04 31.34
C MET C 166 -1.25 32.02 30.59
N GLU C 167 -0.07 31.57 30.17
CA GLU C 167 0.83 32.44 29.43
C GLU C 167 0.26 32.84 28.08
N ILE C 168 -0.66 32.05 27.54
CA ILE C 168 -1.26 32.38 26.25
C ILE C 168 -2.37 33.39 26.41
N LEU C 169 -3.42 33.03 27.15
CA LEU C 169 -4.66 33.80 27.16
C LEU C 169 -4.86 34.62 28.43
N PHE C 170 -3.86 34.67 29.30
CA PHE C 170 -3.91 35.50 30.51
C PHE C 170 -2.62 36.31 30.58
N PRO C 171 -2.52 37.39 29.81
CA PRO C 171 -1.27 38.17 29.82
C PRO C 171 -0.89 38.66 31.21
N LYS C 172 -1.86 39.06 32.02
CA LYS C 172 -1.59 39.42 33.39
C LYS C 172 -1.46 38.15 34.24
N GLU C 173 -0.89 38.31 35.43
CA GLU C 173 -0.64 37.20 36.33
C GLU C 173 0.29 36.17 35.68
N ALA C 174 1.48 36.64 35.33
CA ALA C 174 2.49 35.81 34.66
C ALA C 174 3.84 36.01 35.33
N GLY C 175 3.88 35.89 36.66
CA GLY C 175 5.10 36.14 37.39
C GLY C 175 6.14 35.08 37.14
N ILE C 176 7.37 35.51 36.86
CA ILE C 176 8.55 34.63 36.81
C ILE C 176 8.27 33.43 35.90
N PRO C 177 8.30 33.60 34.58
CA PRO C 177 8.12 32.45 33.70
C PRO C 177 9.11 31.34 34.03
N ARG C 178 8.60 30.11 34.09
CA ARG C 178 9.39 28.97 34.50
C ARG C 178 10.22 28.46 33.31
N GLU C 179 10.81 27.28 33.46
CA GLU C 179 11.63 26.68 32.43
C GLU C 179 10.73 25.84 31.51
N SER C 180 9.54 26.40 31.21
CA SER C 180 8.57 25.77 30.31
C SER C 180 8.11 26.67 29.17
N THR C 181 8.13 27.99 29.31
CA THR C 181 7.68 28.84 28.22
C THR C 181 8.72 28.89 27.10
N TRP C 182 10.00 28.89 27.45
CA TRP C 182 11.03 28.88 26.42
C TRP C 182 10.97 27.62 25.58
N ILE C 183 10.65 26.48 26.20
CA ILE C 183 10.52 25.24 25.45
C ILE C 183 9.36 25.34 24.46
N HIS C 184 8.24 25.92 24.88
CA HIS C 184 7.04 26.00 24.06
C HIS C 184 6.81 27.40 23.50
N ARG C 185 7.88 28.14 23.25
CA ARG C 185 7.73 29.51 22.76
C ARG C 185 6.99 29.53 21.42
N GLU C 186 7.29 28.60 20.53
CA GLU C 186 6.62 28.57 19.24
C GLU C 186 5.13 28.34 19.40
N LEU C 187 4.75 27.38 20.27
CA LEU C 187 3.34 27.15 20.53
C LEU C 187 2.69 28.39 21.14
N ILE C 188 3.40 29.04 22.08
CA ILE C 188 2.85 30.23 22.72
C ILE C 188 2.52 31.28 21.67
N LYS C 189 3.49 31.58 20.79
CA LYS C 189 3.27 32.66 19.83
C LYS C 189 2.24 32.27 18.79
N GLU C 190 2.25 31.01 18.35
CA GLU C 190 1.27 30.57 17.35
C GLU C 190 -0.15 30.69 17.89
N LYS C 191 -0.40 30.12 19.07
CA LYS C 191 -1.74 30.19 19.63
C LYS C 191 -2.13 31.61 19.96
N ARG C 192 -1.17 32.42 20.46
CA ARG C 192 -1.46 33.80 20.77
C ARG C 192 -1.93 34.54 19.53
N GLU C 193 -1.19 34.41 18.42
CA GLU C 193 -1.59 35.09 17.19
C GLU C 193 -2.92 34.57 16.68
N LYS C 194 -3.13 33.25 16.74
CA LYS C 194 -4.36 32.68 16.20
C LYS C 194 -5.58 33.15 16.97
N LEU C 195 -5.51 33.15 18.30
CA LEU C 195 -6.66 33.50 19.12
C LEU C 195 -6.88 35.01 19.24
N LYS C 196 -5.91 35.83 18.85
CA LYS C 196 -6.11 37.26 18.88
C LYS C 196 -7.17 37.67 17.86
N GLY C 197 -8.00 38.64 18.24
CA GLY C 197 -9.09 39.08 17.41
C GLY C 197 -10.42 38.42 17.70
N THR C 198 -10.53 37.70 18.82
CA THR C 198 -11.75 37.01 19.19
C THR C 198 -12.45 37.76 20.32
N MET C 199 -13.66 37.29 20.65
CA MET C 199 -14.42 37.84 21.76
C MET C 199 -15.07 36.75 22.61
N ILE C 200 -14.69 35.49 22.42
CA ILE C 200 -15.26 34.41 23.21
C ILE C 200 -14.78 34.52 24.65
N THR C 201 -15.59 34.00 25.57
CA THR C 201 -15.23 34.05 26.98
C THR C 201 -13.92 33.29 27.20
N PRO C 202 -13.01 33.83 28.01
CA PRO C 202 -11.69 33.19 28.14
C PRO C 202 -11.74 31.76 28.63
N ILE C 203 -12.71 31.40 29.47
CA ILE C 203 -12.74 30.05 30.04
C ILE C 203 -12.96 29.01 28.95
N VAL C 204 -13.79 29.34 27.96
CA VAL C 204 -14.02 28.41 26.85
C VAL C 204 -12.71 28.13 26.12
N LEU C 205 -11.97 29.20 25.81
CA LEU C 205 -10.68 29.03 25.13
C LEU C 205 -9.71 28.25 25.99
N ALA C 206 -9.69 28.49 27.30
CA ALA C 206 -8.80 27.77 28.18
C ALA C 206 -9.12 26.28 28.18
N TYR C 207 -10.39 25.92 28.27
CA TYR C 207 -10.76 24.51 28.25
C TYR C 207 -10.43 23.87 26.91
N MET C 208 -10.68 24.59 25.81
CA MET C 208 -10.36 24.03 24.50
C MET C 208 -8.86 23.81 24.35
N LEU C 209 -8.05 24.76 24.82
CA LEU C 209 -6.61 24.59 24.78
C LEU C 209 -6.17 23.41 25.65
N GLU C 210 -6.80 23.26 26.82
CA GLU C 210 -6.48 22.11 27.66
C GLU C 210 -6.76 20.80 26.93
N ARG C 211 -7.90 20.74 26.23
CA ARG C 211 -8.18 19.55 25.43
C ARG C 211 -7.13 19.36 24.34
N GLU C 212 -6.72 20.47 23.71
CA GLU C 212 -5.78 20.40 22.59
C GLU C 212 -4.37 20.06 23.02
N LEU C 213 -4.03 20.24 24.29
CA LEU C 213 -2.68 20.02 24.79
C LEU C 213 -2.58 18.86 25.76
N VAL C 214 -3.38 18.86 26.83
CA VAL C 214 -3.30 17.81 27.84
C VAL C 214 -3.74 16.50 27.22
N ALA C 215 -2.98 15.44 27.47
CA ALA C 215 -3.24 14.14 26.88
C ALA C 215 -4.37 13.42 27.61
N ARG C 216 -5.12 12.63 26.85
CA ARG C 216 -6.18 11.78 27.38
C ARG C 216 -5.89 10.36 26.93
N ARG C 217 -5.62 9.46 27.88
CA ARG C 217 -5.24 8.10 27.57
C ARG C 217 -6.14 7.13 28.31
N ARG C 218 -6.38 5.97 27.68
CA ARG C 218 -7.29 4.99 28.25
C ARG C 218 -6.90 3.60 27.77
N PHE C 219 -7.36 2.60 28.53
CA PHE C 219 -7.24 1.21 28.11
C PHE C 219 -8.33 0.88 27.10
N LEU C 220 -7.94 0.42 25.92
CA LEU C 220 -8.89 0.10 24.87
C LEU C 220 -8.48 -1.19 24.18
N PRO C 221 -9.45 -1.95 23.66
CA PRO C 221 -9.13 -3.11 22.81
C PRO C 221 -8.87 -2.67 21.39
N VAL C 222 -7.63 -2.86 20.93
CA VAL C 222 -7.21 -2.37 19.62
C VAL C 222 -6.60 -3.51 18.83
N ALA C 223 -6.67 -3.39 17.50
CA ALA C 223 -6.04 -4.35 16.60
C ALA C 223 -5.58 -3.59 15.37
N GLY C 224 -4.27 -3.53 15.16
CA GLY C 224 -3.72 -2.80 14.04
C GLY C 224 -3.06 -1.50 14.47
N ALA C 225 -3.24 -0.46 13.67
CA ALA C 225 -2.63 0.83 13.99
C ALA C 225 -3.09 1.30 15.38
N THR C 226 -2.30 2.21 15.95
CA THR C 226 -2.57 2.69 17.30
C THR C 226 -2.45 4.20 17.44
N SER C 227 -2.10 4.92 16.38
CA SER C 227 -2.00 6.37 16.47
C SER C 227 -3.37 6.95 16.79
N ALA C 228 -3.37 8.12 17.42
CA ALA C 228 -4.63 8.75 17.84
C ALA C 228 -5.57 8.93 16.67
N GLU C 229 -5.04 9.12 15.46
CA GLU C 229 -5.90 9.30 14.29
C GLU C 229 -6.79 8.09 14.08
N PHE C 230 -6.24 6.89 14.24
CA PHE C 230 -7.03 5.68 14.11
C PHE C 230 -7.91 5.44 15.34
N ILE C 231 -7.44 5.86 16.53
CA ILE C 231 -8.24 5.67 17.73
C ILE C 231 -9.50 6.52 17.70
N GLU C 232 -9.44 7.71 17.10
CA GLU C 232 -10.64 8.53 16.97
C GLU C 232 -11.77 7.73 16.34
N MET C 233 -11.48 6.95 15.31
CA MET C 233 -12.47 6.19 14.57
C MET C 233 -12.54 4.73 15.01
N LEU C 234 -11.93 4.39 16.14
CA LEU C 234 -11.89 2.99 16.56
C LEU C 234 -13.29 2.40 16.68
N HIS C 235 -14.28 3.24 16.99
CA HIS C 235 -15.64 2.72 17.14
C HIS C 235 -16.16 2.13 15.83
N CYS C 236 -15.71 2.67 14.69
CA CYS C 236 -16.12 2.14 13.39
C CYS C 236 -15.10 1.17 12.81
N LEU C 237 -13.81 1.45 12.98
CA LEU C 237 -12.79 0.60 12.37
C LEU C 237 -12.86 -0.82 12.93
N GLN C 238 -12.83 -0.95 14.25
CA GLN C 238 -12.70 -2.24 14.90
C GLN C 238 -14.06 -2.94 14.94
N GLY C 239 -14.13 -4.05 15.65
CA GLY C 239 -15.34 -4.84 15.77
C GLY C 239 -15.01 -6.23 16.25
N GLU C 240 -15.84 -6.80 17.12
CA GLU C 240 -15.53 -8.11 17.67
C GLU C 240 -15.41 -9.16 16.57
N ASN C 241 -16.30 -9.12 15.59
CA ASN C 241 -16.29 -10.05 14.47
C ASN C 241 -16.43 -9.32 13.15
N TRP C 242 -15.75 -8.19 13.02
CA TRP C 242 -15.74 -7.43 11.77
C TRP C 242 -14.69 -6.34 11.85
N ARG C 243 -14.03 -6.10 10.73
CA ARG C 243 -12.97 -5.11 10.63
C ARG C 243 -13.15 -4.31 9.35
N GLN C 244 -12.75 -3.05 9.38
CA GLN C 244 -12.86 -2.17 8.23
C GLN C 244 -11.52 -1.53 7.94
N ILE C 245 -11.26 -1.30 6.66
CA ILE C 245 -10.03 -0.67 6.19
C ILE C 245 -10.23 0.84 6.18
N TYR C 246 -9.30 1.56 6.80
CA TYR C 246 -9.44 3.00 6.97
C TYR C 246 -8.07 3.65 6.94
N HIS C 247 -7.93 4.71 6.14
CA HIS C 247 -6.71 5.49 6.08
C HIS C 247 -7.05 6.95 6.36
N PRO C 248 -6.70 7.50 7.52
CA PRO C 248 -7.15 8.86 7.86
C PRO C 248 -6.51 9.89 6.95
N GLY C 249 -7.23 11.00 6.78
CA GLY C 249 -6.75 12.10 5.96
C GLY C 249 -5.44 12.67 6.46
N SER C 256 9.44 9.61 12.19
CA SER C 256 9.38 11.05 12.41
C SER C 256 10.31 11.44 13.55
N ARG C 257 9.81 12.22 14.51
CA ARG C 257 10.63 12.62 15.65
C ARG C 257 11.06 11.44 16.51
N SER C 258 10.27 10.37 16.54
CA SER C 258 10.55 9.26 17.44
C SER C 258 11.91 8.64 17.16
N GLN C 259 12.19 8.32 15.89
CA GLN C 259 13.46 7.72 15.54
C GLN C 259 14.62 8.65 15.88
N SER C 260 14.44 9.95 15.61
CA SER C 260 15.49 10.91 15.93
C SER C 260 15.78 10.92 17.43
N MET C 261 14.73 10.91 18.27
CA MET C 261 14.97 10.95 19.71
C MET C 261 15.64 9.67 20.17
N ILE C 262 15.23 8.53 19.61
CA ILE C 262 15.88 7.27 19.95
C ILE C 262 17.36 7.37 19.67
N VAL C 263 17.72 7.83 18.47
CA VAL C 263 19.12 7.91 18.08
C VAL C 263 19.87 8.88 18.98
N ALA C 264 19.27 10.04 19.27
CA ALA C 264 19.94 11.03 20.11
C ALA C 264 20.18 10.49 21.51
N CYS C 265 19.19 9.83 22.09
CA CYS C 265 19.36 9.26 23.42
C CYS C 265 20.43 8.19 23.44
N ARG C 266 20.45 7.33 22.41
CA ARG C 266 21.50 6.32 22.34
C ARG C 266 22.87 6.95 22.23
N LYS C 267 23.00 7.99 21.40
CA LYS C 267 24.29 8.66 21.25
C LYS C 267 24.72 9.30 22.55
N ILE C 268 23.79 9.94 23.27
CA ILE C 268 24.12 10.54 24.55
C ILE C 268 24.58 9.47 25.54
N ILE C 269 23.88 8.34 25.58
CA ILE C 269 24.25 7.27 26.49
C ILE C 269 25.66 6.78 26.19
N ARG C 270 25.96 6.55 24.91
CA ARG C 270 27.28 6.05 24.54
C ARG C 270 28.36 7.08 24.85
N ARG C 271 28.08 8.36 24.62
CA ARG C 271 29.05 9.41 24.91
C ARG C 271 29.33 9.48 26.42
N SER C 272 28.28 9.42 27.24
CA SER C 272 28.46 9.63 28.67
C SER C 272 29.04 8.41 29.37
N ILE C 273 28.71 7.20 28.90
CA ILE C 273 29.14 6.01 29.62
C ILE C 273 30.66 5.93 29.67
N VAL C 274 31.31 6.20 28.53
CA VAL C 274 32.75 6.00 28.44
C VAL C 274 33.49 6.85 29.46
N ALA C 275 32.95 8.01 29.82
CA ALA C 275 33.59 8.88 30.78
C ALA C 275 33.22 8.46 32.21
N SER C 276 33.90 9.08 33.17
CA SER C 276 33.56 8.90 34.58
C SER C 276 32.46 9.88 34.97
N ASN C 277 31.68 9.51 35.97
CA ASN C 277 30.49 10.26 36.38
C ASN C 277 29.59 10.51 35.17
N PRO C 278 29.07 9.45 34.55
CA PRO C 278 28.29 9.63 33.32
C PRO C 278 27.05 10.48 33.48
N LEU C 279 26.44 10.51 34.68
CA LEU C 279 25.13 11.13 34.83
C LEU C 279 25.18 12.62 34.50
N GLU C 280 26.14 13.34 35.08
CA GLU C 280 26.18 14.78 34.89
C GLU C 280 26.43 15.13 33.42
N LEU C 281 27.37 14.45 32.78
CA LEU C 281 27.63 14.71 31.37
C LEU C 281 26.40 14.40 30.52
N ALA C 282 25.74 13.27 30.81
CA ALA C 282 24.57 12.89 30.05
C ALA C 282 23.45 13.92 30.18
N VAL C 283 23.19 14.39 31.40
CA VAL C 283 22.12 15.36 31.59
C VAL C 283 22.50 16.70 30.96
N GLU C 284 23.78 17.08 31.04
CA GLU C 284 24.22 18.30 30.38
C GLU C 284 23.92 18.23 28.88
N ILE C 285 24.29 17.13 28.24
CA ILE C 285 24.06 17.02 26.80
C ILE C 285 22.56 16.94 26.51
N ALA C 286 21.81 16.25 27.36
CA ALA C 286 20.38 16.08 27.12
C ALA C 286 19.64 17.41 27.16
N ASN C 287 19.87 18.20 28.21
CA ASN C 287 19.20 19.49 28.33
C ASN C 287 19.85 20.57 27.47
N LYS C 288 21.05 20.32 26.94
CA LYS C 288 21.66 21.23 25.98
C LYS C 288 21.36 20.84 24.54
N THR C 289 20.73 19.69 24.31
CA THR C 289 20.37 19.29 22.96
C THR C 289 19.09 19.98 22.52
N VAL C 290 18.76 19.84 21.24
CA VAL C 290 17.57 20.47 20.67
C VAL C 290 17.18 19.67 19.43
N ILE C 291 15.87 19.58 19.17
CA ILE C 291 15.41 19.01 17.92
C ILE C 291 14.61 20.05 17.15
N ASP C 292 15.34 20.88 16.39
CA ASP C 292 14.80 21.77 15.36
C ASP C 292 13.97 22.92 15.90
N THR C 293 13.45 22.81 17.12
CA THR C 293 12.81 23.96 17.74
C THR C 293 12.83 23.94 19.26
N GLU C 294 13.41 22.93 19.91
CA GLU C 294 13.09 22.68 21.31
C GLU C 294 14.10 21.71 21.88
N PRO C 295 14.40 21.79 23.18
CA PRO C 295 15.27 20.80 23.80
C PRO C 295 14.63 19.42 23.76
N LEU C 296 15.40 18.42 24.18
CA LEU C 296 14.92 17.04 24.19
C LEU C 296 13.76 16.84 25.16
N LYS C 297 13.56 17.76 26.11
CA LYS C 297 12.40 17.69 26.99
C LYS C 297 11.19 18.33 26.31
N SER C 298 10.94 17.95 25.05
CA SER C 298 9.70 18.30 24.37
C SER C 298 9.03 17.11 23.70
N CYS C 299 9.76 16.05 23.38
CA CYS C 299 9.18 14.80 22.90
C CYS C 299 9.39 13.65 23.87
N LEU C 300 10.47 13.68 24.64
CA LEU C 300 10.63 12.72 25.73
C LEU C 300 9.48 12.81 26.71
N ALA C 301 9.14 14.05 27.12
CA ALA C 301 8.01 14.27 28.00
C ALA C 301 6.68 14.02 27.32
N ALA C 302 6.66 13.87 25.99
CA ALA C 302 5.41 13.68 25.28
C ALA C 302 4.96 12.22 25.34
N ILE C 303 5.77 11.31 24.81
CA ILE C 303 5.40 9.91 24.76
C ILE C 303 5.56 9.27 26.13
N ASP C 304 4.79 8.21 26.36
CA ASP C 304 4.88 7.42 27.59
C ASP C 304 5.97 6.37 27.42
N GLY C 305 6.96 6.39 28.31
CA GLY C 305 8.04 5.42 28.22
C GLY C 305 8.78 5.52 26.91
N GLY C 306 9.11 4.36 26.35
CA GLY C 306 9.85 4.30 25.10
C GLY C 306 11.03 3.36 25.17
N ASP C 307 12.04 3.59 24.34
CA ASP C 307 13.22 2.75 24.34
C ASP C 307 13.98 2.91 25.65
N VAL C 308 14.78 1.88 25.99
CA VAL C 308 15.47 1.88 27.27
C VAL C 308 16.37 3.11 27.39
N ALA C 309 17.00 3.52 26.29
CA ALA C 309 17.84 4.72 26.33
C ALA C 309 17.02 5.94 26.72
N CYS C 310 15.83 6.09 26.15
CA CYS C 310 14.98 7.22 26.52
C CYS C 310 14.56 7.15 27.98
N ASP C 311 14.27 5.95 28.48
CA ASP C 311 13.91 5.82 29.89
C ASP C 311 15.07 6.23 30.79
N ILE C 312 16.29 5.79 30.44
CA ILE C 312 17.45 6.15 31.25
C ILE C 312 17.69 7.65 31.22
N ILE C 313 17.55 8.27 30.05
CA ILE C 313 17.74 9.71 29.95
C ILE C 313 16.67 10.45 30.74
N ARG C 314 15.42 10.02 30.64
CA ARG C 314 14.35 10.64 31.41
C ARG C 314 14.63 10.53 32.91
N ALA C 315 15.12 9.37 33.35
CA ALA C 315 15.52 9.24 34.74
C ALA C 315 16.63 10.21 35.09
N ALA C 316 17.61 10.37 34.19
CA ALA C 316 18.65 11.37 34.40
C ALA C 316 18.07 12.77 34.45
N LEU C 317 17.14 13.06 33.54
CA LEU C 317 16.39 14.31 33.58
C LEU C 317 15.26 14.16 34.60
N GLY C 318 14.36 15.15 34.65
CA GLY C 318 13.21 15.05 35.52
C GLY C 318 11.96 14.66 34.76
N LEU C 319 11.59 13.39 34.81
CA LEU C 319 10.42 12.89 34.11
C LEU C 319 10.02 11.55 34.72
N LYS C 320 8.80 11.13 34.42
CA LYS C 320 8.26 9.88 34.94
C LYS C 320 8.38 8.78 33.89
N ILE C 321 8.89 7.63 34.32
CA ILE C 321 9.14 6.49 33.44
C ILE C 321 8.40 5.28 34.01
N ARG C 322 7.80 4.49 33.11
CA ARG C 322 7.16 3.26 33.54
C ARG C 322 8.18 2.34 34.19
N GLN C 323 7.78 1.71 35.29
CA GLN C 323 8.71 0.96 36.13
C GLN C 323 8.90 -0.48 35.68
N ARG C 324 8.65 -0.76 34.40
CA ARG C 324 8.89 -2.10 33.88
C ARG C 324 10.39 -2.39 33.86
N GLN C 325 10.75 -3.63 34.18
CA GLN C 325 12.14 -4.05 34.23
C GLN C 325 12.65 -4.37 32.83
N ARG C 326 13.63 -3.62 32.34
CA ARG C 326 14.16 -3.85 31.01
C ARG C 326 15.42 -4.70 31.12
N PHE C 327 15.38 -5.88 30.49
CA PHE C 327 16.54 -6.76 30.38
C PHE C 327 16.78 -7.02 28.91
N GLY C 328 17.83 -6.41 28.35
CA GLY C 328 18.03 -6.46 26.92
C GLY C 328 16.91 -5.72 26.22
N ARG C 329 16.02 -6.48 25.57
CA ARG C 329 14.79 -5.93 25.02
C ARG C 329 13.55 -6.31 25.82
N LEU C 330 13.63 -7.30 26.69
CA LEU C 330 12.46 -7.75 27.43
C LEU C 330 11.98 -6.70 28.41
N GLU C 331 10.67 -6.48 28.44
CA GLU C 331 10.01 -5.74 29.49
C GLU C 331 9.35 -6.75 30.42
N LEU C 332 9.79 -6.76 31.68
CA LEU C 332 9.35 -7.74 32.66
C LEU C 332 8.56 -7.02 33.76
N LYS C 333 7.44 -7.61 34.14
CA LYS C 333 6.64 -7.13 35.26
C LYS C 333 6.43 -8.29 36.22
N ARG C 334 6.97 -8.17 37.42
CA ARG C 334 6.81 -9.23 38.41
C ARG C 334 5.34 -9.40 38.78
N ILE C 335 4.93 -10.65 38.97
CA ILE C 335 3.58 -10.97 39.40
C ILE C 335 3.54 -11.43 40.86
N SER C 336 4.49 -12.27 41.26
CA SER C 336 4.54 -12.80 42.60
C SER C 336 5.92 -13.36 42.87
N GLY C 337 6.11 -13.90 44.07
CA GLY C 337 7.37 -14.52 44.44
C GLY C 337 8.48 -13.52 44.68
N ARG C 338 9.44 -13.89 45.52
CA ARG C 338 10.62 -13.09 45.78
C ARG C 338 11.86 -13.91 45.46
N GLY C 339 12.75 -13.34 44.64
CA GLY C 339 13.95 -14.01 44.23
C GLY C 339 15.16 -13.48 45.00
N PHE C 340 15.86 -14.39 45.67
CA PHE C 340 17.05 -14.04 46.44
C PHE C 340 18.24 -14.07 45.50
N LYS C 341 18.86 -12.93 45.27
CA LYS C 341 20.02 -12.84 44.38
C LYS C 341 21.26 -13.22 45.18
N ASN C 342 21.75 -14.44 44.98
CA ASN C 342 22.92 -14.95 45.69
C ASN C 342 24.00 -15.29 44.69
N ASP C 343 25.25 -14.98 45.03
CA ASP C 343 26.36 -15.28 44.14
C ASP C 343 26.67 -16.77 44.14
N GLU C 344 26.98 -17.31 42.98
CA GLU C 344 27.24 -18.73 42.81
C GLU C 344 28.25 -18.92 41.69
N GLU C 345 28.99 -20.02 41.78
CA GLU C 345 30.01 -20.39 40.81
C GLU C 345 29.45 -21.50 39.92
N ILE C 346 29.28 -21.20 38.64
CA ILE C 346 28.65 -22.12 37.69
C ILE C 346 29.58 -22.33 36.51
N LEU C 347 29.72 -23.59 36.09
CA LEU C 347 30.51 -23.90 34.91
C LEU C 347 29.68 -23.67 33.66
N ILE C 348 30.26 -22.98 32.68
CA ILE C 348 29.57 -22.68 31.44
C ILE C 348 29.83 -23.82 30.46
N GLY C 349 28.94 -23.94 29.46
CA GLY C 349 29.07 -25.00 28.49
C GLY C 349 30.40 -24.98 27.76
N ASN C 350 31.03 -23.81 27.64
CA ASN C 350 32.35 -23.70 27.04
C ASN C 350 33.44 -24.34 27.89
N GLY C 351 33.14 -24.70 29.14
CA GLY C 351 34.10 -25.28 30.04
C GLY C 351 34.64 -24.31 31.07
N THR C 352 34.48 -23.01 30.86
CA THR C 352 34.91 -22.03 31.83
C THR C 352 33.92 -21.96 32.99
N ILE C 353 34.40 -21.41 34.11
CA ILE C 353 33.60 -21.28 35.33
C ILE C 353 33.46 -19.81 35.66
N GLN C 354 32.22 -19.36 35.84
CA GLN C 354 31.92 -17.96 36.09
C GLN C 354 31.19 -17.82 37.42
N LYS C 355 31.54 -16.76 38.15
CA LYS C 355 30.91 -16.43 39.42
C LYS C 355 29.91 -15.30 39.17
N ILE C 356 28.62 -15.62 39.24
CA ILE C 356 27.56 -14.67 38.90
C ILE C 356 26.40 -14.82 39.88
N GLY C 357 25.50 -13.85 39.85
CA GLY C 357 24.35 -13.87 40.73
C GLY C 357 23.20 -14.67 40.14
N ILE C 358 22.64 -15.56 40.96
CA ILE C 358 21.51 -16.40 40.57
C ILE C 358 20.36 -16.13 41.51
N TRP C 359 19.15 -16.28 41.00
CA TRP C 359 17.93 -15.99 41.76
C TRP C 359 17.40 -17.30 42.35
N ASP C 360 17.61 -17.48 43.65
CA ASP C 360 16.95 -18.57 44.35
C ASP C 360 15.49 -18.25 44.57
N GLY C 361 14.63 -19.25 44.42
CA GLY C 361 13.21 -19.10 44.62
C GLY C 361 12.45 -19.02 43.32
N GLU C 362 11.15 -19.28 43.40
CA GLU C 362 10.27 -19.25 42.25
C GLU C 362 9.76 -17.84 42.01
N GLU C 363 9.50 -17.52 40.74
CA GLU C 363 9.00 -16.21 40.37
C GLU C 363 8.24 -16.31 39.05
N GLU C 364 7.43 -15.27 38.79
CA GLU C 364 6.65 -15.18 37.56
C GLU C 364 6.65 -13.74 37.08
N PHE C 365 6.75 -13.56 35.78
CA PHE C 365 6.79 -12.24 35.18
C PHE C 365 5.95 -12.21 33.91
N HIS C 366 5.16 -11.15 33.75
CA HIS C 366 4.65 -10.79 32.43
C HIS C 366 5.81 -10.29 31.60
N VAL C 367 5.94 -10.81 30.38
CA VAL C 367 7.07 -10.53 29.52
C VAL C 367 6.55 -9.94 28.21
N ARG C 368 7.18 -8.85 27.76
CA ARG C 368 6.84 -8.22 26.51
C ARG C 368 8.10 -7.94 25.71
N CYS C 369 7.98 -8.03 24.39
CA CYS C 369 9.09 -7.74 23.48
C CYS C 369 8.51 -7.38 22.13
N GLY C 370 8.64 -6.11 21.74
CA GLY C 370 8.05 -5.66 20.50
C GLY C 370 6.55 -5.84 20.49
N GLU C 371 6.07 -6.77 19.66
CA GLU C 371 4.65 -7.07 19.57
C GLU C 371 4.28 -8.38 20.26
N CYS C 372 5.24 -9.06 20.90
CA CYS C 372 5.00 -10.34 21.54
C CYS C 372 4.76 -10.14 23.02
N ARG C 373 3.68 -10.75 23.53
CA ARG C 373 3.36 -10.75 24.95
C ARG C 373 3.34 -12.19 25.44
N GLY C 374 3.60 -12.35 26.74
CA GLY C 374 3.55 -13.69 27.31
C GLY C 374 3.68 -13.66 28.81
N ILE C 375 3.55 -14.85 29.39
CA ILE C 375 3.71 -15.07 30.82
C ILE C 375 4.81 -16.09 31.02
N LEU C 376 5.78 -15.77 31.88
CA LEU C 376 6.91 -16.64 32.16
C LEU C 376 6.91 -17.00 33.63
N LYS C 377 7.08 -18.29 33.93
CA LYS C 377 7.20 -18.77 35.30
C LYS C 377 8.50 -19.55 35.39
N LYS C 378 9.39 -19.11 36.29
CA LYS C 378 10.72 -19.69 36.38
C LYS C 378 11.07 -19.99 37.83
N SER C 379 11.80 -21.07 38.01
CA SER C 379 12.42 -21.42 39.29
C SER C 379 13.92 -21.21 39.18
N LYS C 380 14.60 -21.36 40.31
CA LYS C 380 16.04 -21.15 40.33
C LYS C 380 16.72 -22.12 39.37
N MET C 381 17.63 -21.60 38.54
CA MET C 381 18.41 -22.42 37.61
C MET C 381 17.51 -23.25 36.70
N LYS C 382 16.31 -22.75 36.38
CA LYS C 382 15.42 -23.48 35.49
C LYS C 382 14.22 -22.63 35.06
N LEU C 383 13.88 -22.71 33.78
CA LEU C 383 12.63 -22.16 33.28
C LEU C 383 11.54 -23.21 33.39
N GLU C 384 10.37 -22.81 33.87
CA GLU C 384 9.27 -23.73 34.13
C GLU C 384 8.18 -23.68 33.09
N LYS C 385 7.67 -22.49 32.77
CA LYS C 385 6.55 -22.38 31.85
C LYS C 385 6.64 -21.05 31.11
N LEU C 386 6.15 -21.05 29.87
CA LEU C 386 6.10 -19.84 29.06
C LEU C 386 4.89 -19.93 28.14
N LEU C 387 4.01 -18.93 28.22
CA LEU C 387 2.82 -18.84 27.38
C LEU C 387 2.91 -17.59 26.52
N ILE C 388 2.67 -17.74 25.22
CA ILE C 388 2.84 -16.66 24.26
C ILE C 388 1.65 -16.65 23.30
N ASN C 389 1.50 -15.54 22.59
CA ASN C 389 0.58 -15.43 21.47
C ASN C 389 1.37 -15.21 20.19
N SER C 390 0.82 -15.72 19.08
CA SER C 390 1.50 -15.59 17.79
C SER C 390 1.37 -14.16 17.29
N ALA C 391 2.47 -13.41 17.35
CA ALA C 391 2.51 -12.03 16.90
C ALA C 391 3.40 -11.84 15.68
N LYS C 392 4.68 -12.22 15.79
CA LYS C 392 5.61 -12.08 14.68
C LYS C 392 6.80 -13.01 14.92
N LYS C 393 7.32 -13.59 13.84
CA LYS C 393 8.39 -14.57 13.96
C LYS C 393 9.62 -13.96 14.62
N GLU C 394 10.03 -12.77 14.16
CA GLU C 394 11.20 -12.12 14.75
C GLU C 394 10.97 -11.81 16.21
N ASP C 395 9.81 -11.23 16.54
CA ASP C 395 9.52 -10.88 17.93
C ASP C 395 9.42 -12.13 18.79
N MET C 396 8.80 -13.19 18.27
CA MET C 396 8.68 -14.42 19.05
C MET C 396 10.05 -15.03 19.33
N ARG C 397 10.93 -15.05 18.32
CA ARG C 397 12.27 -15.59 18.52
C ARG C 397 13.01 -14.76 19.56
N ASP C 398 12.93 -13.43 19.45
CA ASP C 398 13.59 -12.57 20.42
C ASP C 398 13.07 -12.84 21.83
N LEU C 399 11.76 -12.95 21.97
CA LEU C 399 11.17 -13.22 23.28
C LEU C 399 11.67 -14.54 23.84
N ILE C 400 11.64 -15.60 23.03
CA ILE C 400 12.07 -16.91 23.51
C ILE C 400 13.52 -16.86 23.97
N ILE C 401 14.40 -16.32 23.12
CA ILE C 401 15.82 -16.32 23.45
C ILE C 401 16.10 -15.46 24.68
N LEU C 402 15.50 -14.27 24.75
CA LEU C 402 15.79 -13.39 25.86
C LEU C 402 15.25 -13.94 27.17
N CYS C 403 14.03 -14.49 27.17
CA CYS C 403 13.52 -15.12 28.37
C CYS C 403 14.38 -16.32 28.75
N MET C 404 14.91 -17.02 27.76
CA MET C 404 15.81 -18.15 28.04
C MET C 404 17.04 -17.67 28.80
N VAL C 405 17.69 -16.63 28.28
CA VAL C 405 18.90 -16.13 28.93
C VAL C 405 18.57 -15.59 30.31
N PHE C 406 17.46 -14.85 30.43
CA PHE C 406 17.11 -14.26 31.72
C PHE C 406 16.82 -15.34 32.77
N SER C 407 16.13 -16.40 32.37
CA SER C 407 15.76 -17.44 33.33
C SER C 407 16.98 -18.11 33.94
N GLN C 408 18.15 -17.99 33.31
CA GLN C 408 19.38 -18.60 33.82
C GLN C 408 19.23 -20.11 33.95
N ASP C 409 18.51 -20.71 32.99
CA ASP C 409 18.34 -22.16 32.98
C ASP C 409 19.70 -22.83 32.75
N THR C 410 19.95 -23.91 33.50
CA THR C 410 21.20 -24.63 33.35
C THR C 410 21.40 -25.11 31.93
N ARG C 411 20.31 -25.44 31.22
CA ARG C 411 20.43 -25.85 29.83
C ARG C 411 21.00 -24.74 28.97
N MET C 412 20.60 -23.49 29.23
CA MET C 412 21.15 -22.37 28.49
C MET C 412 22.65 -22.26 28.69
N PHE C 413 23.12 -22.41 29.93
CA PHE C 413 24.55 -22.40 30.18
C PHE C 413 25.26 -23.55 29.47
N GLN C 414 24.67 -24.75 29.53
CA GLN C 414 25.28 -25.90 28.90
C GLN C 414 25.22 -25.85 27.38
N GLY C 415 24.42 -24.96 26.81
CA GLY C 415 24.30 -24.81 25.37
C GLY C 415 25.30 -23.87 24.74
N VAL C 416 26.18 -23.25 25.52
CA VAL C 416 27.17 -22.35 24.95
C VAL C 416 28.24 -23.15 24.23
N ARG C 417 28.71 -22.64 23.09
CA ARG C 417 29.71 -23.33 22.28
C ARG C 417 30.88 -22.46 21.84
N GLY C 418 30.73 -21.14 21.81
CA GLY C 418 31.79 -20.27 21.33
C GLY C 418 32.65 -19.69 22.43
N GLU C 419 32.62 -18.36 22.57
CA GLU C 419 33.37 -17.67 23.60
C GLU C 419 32.63 -16.40 23.96
N ILE C 420 32.90 -15.90 25.17
CA ILE C 420 32.22 -14.72 25.70
C ILE C 420 33.31 -13.74 26.15
N ASN C 421 33.72 -12.85 25.25
CA ASN C 421 34.66 -11.78 25.59
C ASN C 421 34.29 -10.48 24.89
N PHE C 422 33.01 -10.29 24.59
CA PHE C 422 32.60 -9.16 23.77
C PHE C 422 32.57 -7.88 24.61
N LEU C 423 32.39 -6.75 23.91
CA LEU C 423 32.31 -5.44 24.53
C LEU C 423 31.19 -4.67 23.84
N ASN C 424 31.14 -3.37 24.08
CA ASN C 424 30.18 -2.47 23.45
C ASN C 424 30.90 -1.54 22.49
N ARG C 425 30.14 -0.62 21.89
CA ARG C 425 30.75 0.37 21.02
C ARG C 425 31.72 1.27 21.78
N ALA C 426 31.52 1.40 23.09
CA ALA C 426 32.43 2.18 23.92
C ALA C 426 33.64 1.37 24.39
N GLY C 427 33.66 0.07 24.13
CA GLY C 427 34.80 -0.75 24.52
C GLY C 427 34.88 -1.02 26.00
N GLN C 428 33.87 -1.71 26.53
CA GLN C 428 33.84 -2.09 27.94
C GLN C 428 33.41 -3.54 28.07
N LEU C 429 33.94 -4.22 29.08
CA LEU C 429 33.57 -5.60 29.35
C LEU C 429 32.31 -5.64 30.19
N LEU C 430 31.30 -6.36 29.71
CA LEU C 430 30.00 -6.41 30.37
C LEU C 430 29.94 -7.60 31.33
N SER C 431 28.87 -7.62 32.12
CA SER C 431 28.65 -8.74 33.01
C SER C 431 28.33 -9.99 32.20
N PRO C 432 28.60 -11.19 32.75
CA PRO C 432 28.39 -12.40 31.95
C PRO C 432 26.97 -12.56 31.45
N MET C 433 25.98 -12.02 32.16
CA MET C 433 24.60 -12.14 31.70
C MET C 433 24.40 -11.47 30.35
N TYR C 434 24.87 -10.24 30.20
CA TYR C 434 24.69 -9.53 28.94
C TYR C 434 25.62 -10.08 27.85
N GLN C 435 26.79 -10.57 28.23
CA GLN C 435 27.64 -11.25 27.25
C GLN C 435 26.94 -12.47 26.69
N LEU C 436 26.29 -13.25 27.56
CA LEU C 436 25.53 -14.41 27.10
C LEU C 436 24.34 -13.97 26.25
N GLN C 437 23.68 -12.88 26.64
CA GLN C 437 22.59 -12.35 25.82
C GLN C 437 23.06 -12.07 24.40
N ARG C 438 24.17 -11.34 24.27
CA ARG C 438 24.67 -11.01 22.94
C ARG C 438 25.10 -12.27 22.19
N TYR C 439 25.75 -13.20 22.88
CA TYR C 439 26.18 -14.43 22.22
C TYR C 439 24.99 -15.20 21.66
N PHE C 440 23.94 -15.35 22.45
CA PHE C 440 22.80 -16.15 22.02
C PHE C 440 22.00 -15.44 20.94
N LEU C 441 21.85 -14.12 21.04
CA LEU C 441 21.15 -13.38 20.00
C LEU C 441 21.91 -13.44 18.68
N ASN C 442 23.25 -13.31 18.74
CA ASN C 442 24.06 -13.43 17.53
C ASN C 442 23.93 -14.82 16.93
N ARG C 443 24.01 -15.85 17.77
CA ARG C 443 23.87 -17.24 17.34
C ARG C 443 22.62 -17.80 18.01
N SER C 444 21.47 -17.57 17.38
CA SER C 444 20.21 -18.06 17.95
C SER C 444 20.17 -19.59 17.95
N ASN C 445 20.70 -20.22 16.90
CA ASN C 445 20.69 -21.67 16.81
C ASN C 445 21.85 -22.28 17.58
N ASP C 446 21.99 -21.90 18.86
CA ASP C 446 22.99 -22.49 19.73
C ASP C 446 22.34 -23.22 20.89
N LEU C 447 21.50 -22.56 21.67
CA LEU C 447 20.77 -23.22 22.75
C LEU C 447 19.48 -23.87 22.27
N PHE C 448 19.01 -23.50 21.07
CA PHE C 448 17.77 -24.09 20.57
C PHE C 448 17.93 -25.56 20.25
N ASP C 449 19.08 -25.94 19.67
CA ASP C 449 19.27 -27.34 19.26
C ASP C 449 19.35 -28.26 20.47
N GLN C 450 20.12 -27.88 21.48
CA GLN C 450 20.35 -28.73 22.65
C GLN C 450 19.36 -28.47 23.78
N TRP C 451 18.41 -27.56 23.60
CA TRP C 451 17.43 -27.30 24.65
C TRP C 451 16.58 -28.53 24.93
N GLY C 452 16.17 -29.23 23.89
CA GLY C 452 15.28 -30.37 24.03
C GLY C 452 13.86 -30.02 23.63
N TYR C 453 13.14 -31.02 23.12
CA TYR C 453 11.80 -30.83 22.60
C TYR C 453 10.78 -31.49 23.53
N GLU C 454 9.54 -30.99 23.44
CA GLU C 454 8.44 -31.45 24.26
C GLU C 454 7.25 -31.68 23.36
N GLU C 455 6.45 -32.71 23.67
CA GLU C 455 5.26 -32.99 22.88
C GLU C 455 4.41 -31.73 22.74
N SER C 456 3.61 -31.69 21.69
CA SER C 456 2.79 -30.53 21.42
C SER C 456 1.75 -30.37 22.53
N PRO C 457 1.33 -29.14 22.83
CA PRO C 457 0.31 -28.94 23.87
C PRO C 457 -1.07 -29.41 23.41
N LYS C 458 -1.33 -30.71 23.51
CA LYS C 458 -2.60 -31.26 23.08
C LYS C 458 -3.74 -30.57 23.81
N ALA C 459 -4.55 -29.80 23.08
CA ALA C 459 -5.67 -29.08 23.67
C ALA C 459 -6.49 -28.40 22.59
N SER C 460 -7.58 -27.73 22.99
CA SER C 460 -8.45 -27.09 22.01
C SER C 460 -7.72 -26.00 21.24
N GLU C 461 -6.98 -25.15 21.95
CA GLU C 461 -6.31 -24.00 21.35
C GLU C 461 -4.80 -24.02 21.52
N LEU C 462 -4.30 -24.40 22.69
CA LEU C 462 -2.87 -24.47 22.93
C LEU C 462 -2.19 -25.27 21.82
N HIS C 463 -1.28 -24.63 21.11
CA HIS C 463 -0.55 -25.29 20.03
C HIS C 463 0.91 -24.87 20.09
N GLY C 464 1.79 -25.75 19.62
CA GLY C 464 3.22 -25.59 19.81
C GLY C 464 3.88 -24.76 18.72
N ILE C 465 5.18 -24.54 18.92
CA ILE C 465 6.02 -23.82 17.97
C ILE C 465 7.42 -24.44 18.01
N ASN C 466 8.02 -24.62 16.83
CA ASN C 466 9.30 -25.27 16.72
C ASN C 466 10.43 -24.25 16.79
N GLU C 467 11.68 -24.73 16.66
CA GLU C 467 12.84 -23.86 16.81
C GLU C 467 12.91 -22.83 15.69
N SER C 468 12.29 -23.10 14.55
CA SER C 468 12.35 -22.19 13.41
C SER C 468 11.30 -21.08 13.49
N MET C 469 10.52 -21.02 14.56
CA MET C 469 9.48 -20.03 14.83
C MET C 469 8.23 -20.28 14.00
N ASN C 470 8.23 -21.24 13.08
CA ASN C 470 7.01 -21.57 12.37
C ASN C 470 6.01 -22.23 13.32
N ALA C 471 4.73 -22.03 13.04
CA ALA C 471 3.68 -22.59 13.89
C ALA C 471 3.62 -24.10 13.68
N SER C 472 4.69 -24.78 14.04
CA SER C 472 4.82 -26.23 13.82
C SER C 472 4.82 -26.95 15.16
N ASP C 473 4.24 -28.14 15.17
CA ASP C 473 4.13 -28.92 16.40
C ASP C 473 5.51 -29.45 16.81
N TYR C 474 5.52 -30.26 17.88
CA TYR C 474 6.77 -30.71 18.49
C TYR C 474 7.58 -29.52 18.97
N THR C 475 7.01 -28.79 19.93
CA THR C 475 7.53 -27.50 20.34
C THR C 475 8.74 -27.65 21.26
N LEU C 476 9.23 -26.51 21.74
CA LEU C 476 10.33 -26.48 22.69
C LEU C 476 9.84 -26.86 24.07
N LYS C 477 10.74 -27.38 24.89
CA LYS C 477 10.40 -27.77 26.25
C LYS C 477 9.94 -26.55 27.04
N GLY C 478 8.65 -26.51 27.37
CA GLY C 478 8.10 -25.44 28.18
C GLY C 478 7.32 -24.42 27.38
N VAL C 479 7.83 -24.05 26.21
CA VAL C 479 7.18 -23.01 25.41
C VAL C 479 5.79 -23.48 24.97
N VAL C 480 4.83 -22.57 25.02
CA VAL C 480 3.47 -22.86 24.57
C VAL C 480 2.91 -21.60 23.92
N VAL C 481 2.16 -21.79 22.84
CA VAL C 481 1.51 -20.69 22.14
C VAL C 481 0.00 -20.92 22.21
N THR C 482 -0.71 -20.01 22.88
CA THR C 482 -2.15 -20.10 23.02
C THR C 482 -2.82 -19.18 22.01
N ARG C 483 -3.87 -19.69 21.36
CA ARG C 483 -4.61 -18.91 20.39
C ARG C 483 -5.62 -18.01 21.09
N ASN C 484 -5.14 -17.24 22.07
CA ASN C 484 -5.97 -16.30 22.81
C ASN C 484 -5.24 -14.97 22.91
N VAL C 485 -5.76 -14.03 23.68
CA VAL C 485 -5.15 -12.72 23.86
C VAL C 485 -4.63 -12.62 25.29
N ILE C 486 -3.34 -12.38 25.44
CA ILE C 486 -2.71 -12.15 26.74
C ILE C 486 -2.57 -10.65 26.93
N ASP C 487 -3.25 -10.11 27.93
CA ASP C 487 -3.19 -8.69 28.27
C ASP C 487 -2.49 -8.56 29.62
N ASP C 488 -1.43 -7.76 29.67
CA ASP C 488 -0.54 -7.72 30.82
C ASP C 488 -0.20 -6.27 31.13
N PHE C 489 0.71 -6.09 32.08
CA PHE C 489 1.28 -4.78 32.40
C PHE C 489 0.21 -3.82 32.92
N SER C 490 -0.43 -4.25 34.00
CA SER C 490 -1.37 -3.39 34.72
C SER C 490 -0.64 -2.65 35.84
N SER C 491 -1.33 -1.67 36.43
CA SER C 491 -0.80 -0.89 37.54
C SER C 491 0.55 -0.27 37.20
N THR C 492 0.55 0.57 36.16
CA THR C 492 1.75 1.31 35.81
C THR C 492 1.97 2.42 36.82
N GLU C 493 2.40 2.05 38.02
CA GLU C 493 2.46 3.01 39.12
C GLU C 493 3.49 4.12 38.88
N THR C 494 4.46 3.89 38.00
CA THR C 494 5.57 4.83 37.84
C THR C 494 6.23 5.09 39.19
N GLU C 495 6.45 4.01 39.94
CA GLU C 495 6.95 4.12 41.30
C GLU C 495 8.28 4.88 41.32
N LYS C 496 8.60 5.41 42.50
CA LYS C 496 9.82 6.19 42.65
C LYS C 496 11.03 5.33 42.28
N VAL C 497 11.89 5.89 41.43
CA VAL C 497 13.08 5.20 40.93
C VAL C 497 14.27 6.14 41.04
N SER C 498 15.37 5.63 41.58
CA SER C 498 16.59 6.42 41.74
C SER C 498 17.50 6.22 40.53
N ILE C 499 18.46 7.14 40.39
CA ILE C 499 19.43 7.12 39.30
C ILE C 499 20.82 7.18 39.90
N THR C 500 21.65 6.18 39.59
CA THR C 500 23.04 6.21 40.00
C THR C 500 23.86 7.02 38.99
N LYS C 501 25.09 7.35 39.39
CA LYS C 501 25.96 8.12 38.50
C LYS C 501 26.19 7.40 37.19
N ASN C 502 26.25 6.06 37.22
CA ASN C 502 26.54 5.26 36.04
C ASN C 502 25.31 5.04 35.16
N LEU C 503 24.25 5.82 35.34
CA LEU C 503 23.03 5.82 34.52
C LEU C 503 22.13 4.63 34.83
N SER C 504 22.53 3.71 35.70
CA SER C 504 21.72 2.53 35.99
C SER C 504 20.70 2.85 37.07
N LEU C 505 19.44 2.58 36.78
CA LEU C 505 18.35 2.88 37.69
C LEU C 505 18.23 1.80 38.76
N ILE C 506 17.57 2.15 39.86
CA ILE C 506 17.33 1.24 40.97
C ILE C 506 15.99 1.57 41.60
N LYS C 507 15.40 0.57 42.26
CA LYS C 507 14.11 0.75 42.90
C LYS C 507 14.24 1.66 44.12
N ARG C 508 13.13 1.83 44.83
CA ARG C 508 13.18 2.49 46.13
C ARG C 508 14.20 1.82 47.03
N THR C 509 14.34 0.49 46.92
CA THR C 509 15.38 -0.25 47.58
C THR C 509 16.62 -0.27 46.70
N GLY C 510 17.60 -1.11 47.03
CA GLY C 510 18.82 -1.19 46.28
C GLY C 510 18.76 -2.02 45.01
N GLU C 511 17.62 -2.63 44.70
CA GLU C 511 17.51 -3.45 43.51
C GLU C 511 17.63 -2.59 42.25
N VAL C 512 18.25 -3.17 41.22
CA VAL C 512 18.50 -2.49 39.95
C VAL C 512 17.42 -2.89 38.96
N ILE C 513 16.82 -1.90 38.30
CA ILE C 513 15.76 -2.14 37.32
C ILE C 513 16.34 -2.07 35.92
N MET C 514 16.86 -0.90 35.55
CA MET C 514 17.49 -0.69 34.25
C MET C 514 19.00 -0.55 34.43
N GLY C 515 19.76 -1.28 33.63
CA GLY C 515 21.19 -1.18 33.62
C GLY C 515 21.69 -0.29 32.49
N ALA C 516 22.89 0.25 32.68
CA ALA C 516 23.45 1.15 31.67
C ALA C 516 23.65 0.45 30.33
N ASN C 517 23.73 -0.88 30.31
CA ASN C 517 24.05 -1.64 29.11
C ASN C 517 22.83 -2.27 28.46
N ASP C 518 21.62 -1.94 28.93
CA ASP C 518 20.43 -2.46 28.30
C ASP C 518 20.28 -1.95 26.87
N VAL C 519 20.74 -0.72 26.60
CA VAL C 519 20.62 -0.14 25.27
C VAL C 519 21.27 -1.06 24.25
N SER C 520 20.60 -1.20 23.10
CA SER C 520 21.15 -1.99 22.00
C SER C 520 22.04 -1.12 21.13
N GLU C 521 23.18 -1.68 20.74
CA GLU C 521 24.19 -0.94 19.97
C GLU C 521 23.85 -1.02 18.48
N LEU C 522 22.78 -0.32 18.12
CA LEU C 522 22.32 -0.24 16.74
C LEU C 522 22.27 1.22 16.32
N GLU C 523 22.93 1.54 15.20
CA GLU C 523 22.98 2.90 14.69
C GLU C 523 21.94 3.10 13.61
N SER C 524 21.43 4.33 13.53
CA SER C 524 20.47 4.72 12.51
C SER C 524 20.82 6.12 12.03
N GLN C 525 19.94 6.72 11.26
CA GLN C 525 20.11 8.08 10.76
C GLN C 525 19.02 8.97 11.33
N ALA C 526 19.43 10.05 11.97
CA ALA C 526 18.49 10.99 12.55
C ALA C 526 17.64 11.60 11.45
N GLN C 527 16.33 11.33 11.47
CA GLN C 527 15.42 11.90 10.48
C GLN C 527 15.20 13.38 10.66
N LEU C 528 15.85 14.00 11.65
CA LEU C 528 15.71 15.43 11.90
C LEU C 528 17.08 16.00 12.21
N MET C 529 17.15 17.32 12.27
CA MET C 529 18.41 18.01 12.57
C MET C 529 18.67 17.90 14.06
N ILE C 530 19.58 17.00 14.43
CA ILE C 530 19.97 16.83 15.82
C ILE C 530 21.05 17.84 16.14
N THR C 531 20.65 19.00 16.67
CA THR C 531 21.56 20.10 16.94
C THR C 531 21.86 20.14 18.43
N TYR C 532 23.11 19.90 18.79
CA TYR C 532 23.54 19.96 20.18
C TYR C 532 24.08 21.36 20.48
N ASP C 533 24.62 21.55 21.69
CA ASP C 533 25.20 22.82 22.07
C ASP C 533 26.54 22.65 22.80
N THR C 534 27.15 21.46 22.75
CA THR C 534 28.40 21.21 23.44
C THR C 534 29.44 20.68 22.46
N PRO C 535 30.67 21.19 22.49
CA PRO C 535 31.70 20.67 21.57
C PRO C 535 31.98 19.19 21.73
N LYS C 536 31.91 18.68 22.97
CA LYS C 536 32.29 17.29 23.22
C LYS C 536 31.48 16.31 22.38
N MET C 537 30.23 16.64 22.09
CA MET C 537 29.31 15.65 21.52
C MET C 537 29.65 15.32 20.08
N TRP C 538 29.70 16.34 19.21
CA TRP C 538 29.57 16.12 17.79
C TRP C 538 30.88 15.77 17.08
N GLU C 539 31.91 15.34 17.80
CA GLU C 539 33.13 14.88 17.13
C GLU C 539 33.06 13.39 16.83
N MET C 540 31.94 12.96 16.25
CA MET C 540 31.74 11.57 15.83
C MET C 540 31.34 11.45 14.37
N GLY C 541 30.38 12.24 13.93
CA GLY C 541 29.71 12.01 12.65
C GLY C 541 30.50 12.50 11.46
N THR C 542 29.77 12.68 10.36
CA THR C 542 30.36 13.05 9.09
C THR C 542 30.62 14.55 9.03
N THR C 543 31.29 14.97 7.95
CA THR C 543 31.63 16.38 7.78
C THR C 543 30.38 17.23 7.66
N LYS C 544 29.36 16.75 6.93
CA LYS C 544 28.14 17.52 6.78
C LYS C 544 27.50 17.80 8.13
N GLU C 545 27.46 16.78 9.00
CA GLU C 545 26.89 16.97 10.33
C GLU C 545 27.68 18.01 11.11
N LEU C 546 29.01 17.97 11.01
CA LEU C 546 29.83 18.95 11.72
C LEU C 546 29.54 20.36 11.24
N VAL C 547 29.46 20.55 9.92
CA VAL C 547 29.18 21.88 9.38
C VAL C 547 27.81 22.35 9.83
N GLN C 548 26.81 21.48 9.75
CA GLN C 548 25.46 21.85 10.14
C GLN C 548 25.41 22.25 11.61
N ASN C 549 26.06 21.47 12.49
CA ASN C 549 26.01 21.76 13.91
C ASN C 549 26.77 23.05 14.23
N THR C 550 27.91 23.28 13.57
CA THR C 550 28.64 24.52 13.80
C THR C 550 27.81 25.72 13.38
N TYR C 551 27.16 25.64 12.21
CA TYR C 551 26.33 26.74 11.76
C TYR C 551 25.13 26.95 12.68
N GLN C 552 24.55 25.87 13.20
CA GLN C 552 23.45 26.02 14.15
C GLN C 552 23.93 26.67 15.44
N TRP C 553 25.11 26.29 15.92
CA TRP C 553 25.66 26.94 17.11
C TRP C 553 25.86 28.43 16.86
N VAL C 554 26.38 28.79 15.69
CA VAL C 554 26.56 30.20 15.36
C VAL C 554 25.22 30.91 15.33
N LEU C 555 24.22 30.29 14.69
CA LEU C 555 22.93 30.93 14.53
C LEU C 555 22.22 31.15 15.86
N LYS C 556 22.27 30.15 16.75
CA LYS C 556 21.54 30.23 18.01
C LYS C 556 22.00 31.44 18.82
N ASN C 557 23.30 31.54 19.06
CA ASN C 557 23.88 32.68 19.79
C ASN C 557 24.43 33.71 18.80
N LEU C 558 23.54 34.19 17.93
CA LEU C 558 23.94 35.22 16.98
C LEU C 558 24.13 36.57 17.64
N VAL C 559 23.36 36.87 18.69
CA VAL C 559 23.44 38.17 19.34
C VAL C 559 24.82 38.40 19.92
N THR C 560 25.33 37.40 20.66
CA THR C 560 26.63 37.56 21.32
C THR C 560 27.74 37.72 20.29
N LEU C 561 27.74 36.89 19.24
CA LEU C 561 28.77 37.00 18.23
C LEU C 561 28.70 38.33 17.49
N LYS C 562 27.48 38.77 17.16
CA LYS C 562 27.33 40.05 16.49
C LYS C 562 27.83 41.20 17.37
N ALA C 563 27.52 41.15 18.67
CA ALA C 563 28.01 42.18 19.57
C ALA C 563 29.54 42.17 19.65
N GLN C 564 30.14 40.98 19.75
CA GLN C 564 31.59 40.89 19.81
C GLN C 564 32.24 41.34 18.50
N PHE C 565 31.52 41.23 17.39
CA PHE C 565 32.08 41.64 16.10
C PHE C 565 32.37 43.14 16.10
N LEU C 566 31.51 43.95 16.71
CA LEU C 566 31.71 45.39 16.70
C LEU C 566 33.01 45.78 17.40
N LEU C 567 33.33 45.11 18.51
CA LEU C 567 34.54 45.44 19.24
C LEU C 567 35.78 45.22 18.38
N GLY C 568 35.81 44.13 17.62
CA GLY C 568 36.94 43.85 16.76
C GLY C 568 38.15 43.32 17.51
N LYS C 569 38.00 42.16 18.15
CA LYS C 569 39.07 41.53 18.88
C LYS C 569 39.15 40.06 18.51
N GLU C 570 40.36 39.50 18.59
CA GLU C 570 40.58 38.11 18.18
C GLU C 570 39.95 37.13 19.15
N ASP C 571 39.58 37.56 20.36
CA ASP C 571 38.91 36.65 21.28
C ASP C 571 37.63 36.08 20.68
N MET C 572 36.99 36.84 19.78
CA MET C 572 35.77 36.37 19.14
C MET C 572 36.02 35.11 18.33
N PHE C 573 37.21 34.96 17.76
CA PHE C 573 37.48 33.86 16.84
C PHE C 573 37.98 32.60 17.53
N GLN C 574 38.62 32.75 18.70
CA GLN C 574 39.16 31.60 19.43
C GLN C 574 38.07 31.00 20.31
N TRP C 575 37.09 30.39 19.66
CA TRP C 575 35.99 29.70 20.32
C TRP C 575 36.12 28.20 20.14
N ASP C 576 35.80 27.46 21.21
CA ASP C 576 35.92 26.01 21.16
C ASP C 576 34.98 25.41 20.11
N ALA C 577 33.84 26.06 19.86
CA ALA C 577 32.86 25.50 18.94
C ALA C 577 33.46 25.27 17.55
N PHE C 578 34.44 26.08 17.16
CA PHE C 578 35.06 25.94 15.85
C PHE C 578 36.22 24.95 15.83
N GLU C 579 36.69 24.51 17.00
CA GLU C 579 37.80 23.55 17.01
C GLU C 579 37.43 22.26 16.30
N ALA C 580 36.22 21.75 16.56
CA ALA C 580 35.74 20.60 15.81
C ALA C 580 35.73 20.89 14.32
N PHE C 581 35.33 22.12 13.94
CA PHE C 581 35.36 22.50 12.53
C PHE C 581 36.77 22.38 11.98
N GLU C 582 37.78 22.72 12.79
CA GLU C 582 39.16 22.60 12.34
C GLU C 582 39.48 21.18 11.90
N SER C 583 38.80 20.19 12.47
CA SER C 583 39.07 18.80 12.12
C SER C 583 38.61 18.45 10.72
N ILE C 584 37.72 19.25 10.12
CA ILE C 584 37.17 18.95 8.80
C ILE C 584 37.66 19.93 7.75
N ILE C 585 38.76 20.65 8.03
CA ILE C 585 39.40 21.54 7.08
C ILE C 585 40.78 20.97 6.79
N PRO C 586 41.22 20.92 5.53
CA PRO C 586 42.54 20.37 5.25
C PRO C 586 43.63 21.11 6.03
N GLN C 587 44.53 20.33 6.64
CA GLN C 587 45.60 20.92 7.43
C GLN C 587 46.52 21.77 6.55
N LYS C 588 46.82 21.30 5.34
CA LYS C 588 47.76 22.00 4.47
C LYS C 588 47.22 23.33 3.97
N MET C 589 45.92 23.58 4.11
CA MET C 589 45.31 24.77 3.54
C MET C 589 44.38 25.51 4.51
N ALA C 590 44.13 24.98 5.70
CA ALA C 590 43.24 25.64 6.64
C ALA C 590 43.74 27.03 7.01
N GLY C 591 45.06 27.17 7.19
CA GLY C 591 45.60 28.46 7.57
C GLY C 591 45.33 29.54 6.55
N GLN C 592 45.45 29.20 5.26
CA GLN C 592 45.14 30.17 4.21
C GLN C 592 43.68 30.58 4.27
N TYR C 593 42.77 29.62 4.50
CA TYR C 593 41.37 29.95 4.67
C TYR C 593 41.17 30.91 5.84
N SER C 594 41.83 30.63 6.96
CA SER C 594 41.68 31.49 8.13
C SER C 594 42.15 32.91 7.83
N GLY C 595 43.30 33.03 7.19
CA GLY C 595 43.80 34.36 6.85
C GLY C 595 42.89 35.10 5.90
N PHE C 596 42.42 34.41 4.86
CA PHE C 596 41.52 35.04 3.89
C PHE C 596 40.23 35.49 4.55
N ALA C 597 39.64 34.64 5.39
CA ALA C 597 38.40 35.00 6.05
C ALA C 597 38.60 36.15 7.03
N ARG C 598 39.72 36.14 7.76
CA ARG C 598 40.01 37.23 8.67
C ARG C 598 40.13 38.55 7.91
N ALA C 599 40.85 38.55 6.79
CA ALA C 599 40.97 39.76 6.00
C ALA C 599 39.62 40.22 5.47
N VAL C 600 38.80 39.28 4.99
CA VAL C 600 37.50 39.65 4.44
C VAL C 600 36.62 40.24 5.52
N LEU C 601 36.65 39.66 6.72
CA LEU C 601 35.80 40.18 7.79
C LEU C 601 36.31 41.50 8.33
N LYS C 602 37.63 41.72 8.36
CA LYS C 602 38.14 43.04 8.72
C LYS C 602 37.68 44.08 7.70
N GLN C 603 37.74 43.75 6.40
CA GLN C 603 37.25 44.65 5.39
C GLN C 603 35.76 44.92 5.58
N MET C 604 34.99 43.88 5.92
CA MET C 604 33.57 44.05 6.17
C MET C 604 33.32 45.01 7.32
N ARG C 605 34.06 44.85 8.40
CA ARG C 605 33.88 45.74 9.55
C ARG C 605 34.29 47.17 9.21
N ASP C 606 35.29 47.34 8.35
CA ASP C 606 35.84 48.67 8.11
C ASP C 606 35.04 49.44 7.06
N GLN C 607 34.88 48.86 5.86
CA GLN C 607 34.45 49.60 4.69
C GLN C 607 33.09 49.16 4.15
N GLU C 608 32.21 48.67 5.02
CA GLU C 608 30.84 48.35 4.61
C GLU C 608 30.02 48.09 5.87
N VAL C 609 28.78 47.66 5.68
CA VAL C 609 27.81 47.55 6.77
C VAL C 609 27.41 46.09 6.98
N MET C 610 26.51 45.87 7.94
CA MET C 610 26.15 44.52 8.35
C MET C 610 25.69 43.67 7.18
N LYS C 611 26.17 42.43 7.14
CA LYS C 611 25.70 41.43 6.17
C LYS C 611 25.82 40.07 6.86
N THR C 612 24.69 39.62 7.44
CA THR C 612 24.71 38.45 8.31
C THR C 612 25.14 37.19 7.56
N ASP C 613 24.64 37.00 6.33
CA ASP C 613 24.86 35.74 5.63
C ASP C 613 26.35 35.50 5.41
N GLN C 614 27.05 36.46 4.81
CA GLN C 614 28.47 36.29 4.56
C GLN C 614 29.26 36.22 5.85
N PHE C 615 28.83 36.97 6.87
CA PHE C 615 29.49 36.90 8.17
C PHE C 615 29.46 35.48 8.71
N ILE C 616 28.28 34.86 8.72
CA ILE C 616 28.14 33.49 9.19
C ILE C 616 28.97 32.55 8.32
N LYS C 617 28.93 32.76 7.00
CA LYS C 617 29.64 31.86 6.10
C LYS C 617 31.14 31.90 6.34
N LEU C 618 31.69 33.07 6.62
CA LEU C 618 33.14 33.24 6.66
C LEU C 618 33.74 33.16 8.06
N LEU C 619 32.94 33.34 9.12
CA LEU C 619 33.50 33.34 10.46
C LEU C 619 34.19 32.03 10.82
N PRO C 620 33.57 30.86 10.66
CA PRO C 620 34.10 29.64 11.30
C PRO C 620 35.50 29.25 10.84
N PHE C 621 35.92 29.65 9.64
CA PHE C 621 37.17 29.17 9.08
C PHE C 621 38.41 29.83 9.70
N CYS C 622 38.23 30.80 10.59
CA CYS C 622 39.34 31.58 11.12
C CYS C 622 39.90 31.02 12.42
N PHE C 623 39.43 29.85 12.87
CA PHE C 623 39.95 29.29 14.11
C PHE C 623 41.45 29.02 14.01
N SER C 624 41.89 28.44 12.90
CA SER C 624 43.30 28.14 12.71
C SER C 624 44.08 29.43 12.49
N PRO C 625 45.38 29.42 12.81
CA PRO C 625 46.18 30.63 12.60
C PRO C 625 46.36 30.91 11.12
N PRO C 626 46.52 32.17 10.73
CA PRO C 626 46.69 32.50 9.32
C PRO C 626 48.11 32.25 8.83
N LYS C 627 48.23 32.15 7.52
CA LYS C 627 49.52 32.05 6.84
C LYS C 627 49.47 33.02 5.66
N LEU C 628 49.93 34.25 5.87
CA LEU C 628 49.82 35.30 4.87
C LEU C 628 50.83 35.05 3.74
N ARG C 629 50.66 35.83 2.66
CA ARG C 629 51.57 35.75 1.54
C ARG C 629 52.97 36.19 1.97
N SER C 630 53.97 35.76 1.18
CA SER C 630 55.35 36.11 1.51
C SER C 630 55.51 37.61 1.71
N ASN C 631 54.88 38.42 0.85
CA ASN C 631 54.92 39.85 1.06
C ASN C 631 54.16 40.24 2.33
N GLY C 632 53.05 39.55 2.61
CA GLY C 632 52.27 39.82 3.80
C GLY C 632 50.78 39.89 3.54
N GLU C 633 50.40 40.09 2.28
CA GLU C 633 49.00 40.19 1.95
C GLU C 633 48.30 38.84 2.10
N PRO C 634 47.00 38.84 2.38
CA PRO C 634 46.29 37.56 2.53
C PRO C 634 45.95 36.94 1.19
N TYR C 635 45.97 35.60 1.18
CA TYR C 635 45.58 34.87 -0.01
C TYR C 635 44.09 35.05 -0.28
N GLN C 636 43.71 34.97 -1.56
CA GLN C 636 42.34 35.16 -1.98
C GLN C 636 41.80 33.85 -2.54
N PHE C 637 40.57 33.50 -2.13
CA PHE C 637 39.90 32.31 -2.61
C PHE C 637 38.44 32.64 -2.89
N LEU C 638 37.79 31.73 -3.62
CA LEU C 638 36.36 31.83 -3.87
C LEU C 638 35.64 30.50 -3.71
N LYS C 639 36.34 29.43 -3.34
CA LYS C 639 35.75 28.09 -3.25
C LYS C 639 36.50 27.32 -2.17
N LEU C 640 35.90 27.24 -0.98
CA LEU C 640 36.54 26.59 0.16
C LEU C 640 36.24 25.09 0.11
N VAL C 641 37.26 24.28 -0.15
CA VAL C 641 37.08 22.84 -0.22
C VAL C 641 37.04 22.26 1.19
N LEU C 642 36.26 21.20 1.35
CA LEU C 642 36.08 20.54 2.65
C LEU C 642 36.43 19.07 2.50
N LYS C 643 36.64 18.42 3.65
CA LYS C 643 37.01 17.01 3.65
C LYS C 643 35.94 16.17 2.96
N GLY C 644 36.37 15.18 2.19
CA GLY C 644 35.50 14.36 1.39
C GLY C 644 35.37 14.81 -0.05
N GLY C 645 35.76 16.04 -0.36
CA GLY C 645 35.72 16.53 -1.72
C GLY C 645 34.31 16.49 -2.30
N GLY C 646 34.27 16.74 -3.61
CA GLY C 646 33.02 16.70 -4.33
C GLY C 646 32.01 17.71 -3.84
N GLU C 647 30.94 17.23 -3.20
CA GLU C 647 29.87 18.09 -2.73
C GLU C 647 30.22 18.81 -1.43
N ASN C 648 31.31 18.44 -0.77
CA ASN C 648 31.70 19.04 0.50
C ASN C 648 32.56 20.28 0.22
N PHE C 649 31.89 21.36 -0.20
CA PHE C 649 32.59 22.59 -0.55
C PHE C 649 31.65 23.78 -0.37
N ILE C 650 32.25 24.91 0.01
CA ILE C 650 31.52 26.14 0.29
C ILE C 650 31.85 27.18 -0.77
N GLU C 651 30.83 27.90 -1.22
CA GLU C 651 30.98 28.96 -2.21
C GLU C 651 31.01 30.30 -1.49
N VAL C 652 32.06 31.07 -1.74
CA VAL C 652 32.23 32.36 -1.05
C VAL C 652 31.21 33.38 -1.53
N ARG C 653 30.79 33.30 -2.79
CA ARG C 653 30.02 34.39 -3.39
C ARG C 653 28.55 34.34 -2.99
N LYS C 654 27.83 33.28 -3.40
CA LYS C 654 26.39 33.22 -3.22
C LYS C 654 25.94 32.03 -2.38
N GLY C 655 26.31 30.82 -2.74
CA GLY C 655 25.86 29.65 -2.00
C GLY C 655 26.36 28.38 -2.64
N SER C 656 26.19 27.28 -1.91
CA SER C 656 26.68 25.97 -2.30
C SER C 656 25.76 24.90 -1.74
N PRO C 657 26.04 23.62 -2.01
CA PRO C 657 25.15 22.58 -1.46
C PRO C 657 24.99 22.65 0.04
N LEU C 658 26.04 23.00 0.77
CA LEU C 658 25.97 23.06 2.23
C LEU C 658 25.45 24.39 2.75
N PHE C 659 25.53 25.46 1.95
CA PHE C 659 25.18 26.80 2.44
C PHE C 659 24.69 27.62 1.27
N SER C 660 23.45 28.11 1.36
CA SER C 660 22.92 29.02 0.34
C SER C 660 21.87 29.90 0.99
N TYR C 661 22.06 31.22 0.94
CA TYR C 661 21.12 32.17 1.49
C TYR C 661 20.50 32.97 0.36
N ASN C 662 19.17 32.97 0.29
CA ASN C 662 18.49 33.76 -0.74
C ASN C 662 17.94 35.04 -0.12
N PRO C 663 18.31 36.22 -0.64
CA PRO C 663 17.80 37.47 -0.06
C PRO C 663 16.45 37.90 -0.60
N GLN C 664 15.97 37.34 -1.71
CA GLN C 664 14.66 37.71 -2.22
C GLN C 664 13.58 37.38 -1.21
N THR C 665 13.66 36.21 -0.58
CA THR C 665 12.79 35.83 0.51
C THR C 665 13.52 35.78 1.84
N GLU C 666 14.82 36.09 1.87
CA GLU C 666 15.61 36.12 3.08
C GLU C 666 15.47 34.80 3.85
N VAL C 667 15.95 33.73 3.23
CA VAL C 667 15.91 32.41 3.84
C VAL C 667 17.28 31.77 3.73
N LEU C 668 17.55 30.83 4.63
CA LEU C 668 18.86 30.18 4.76
C LEU C 668 18.67 28.68 4.58
N THR C 669 19.45 28.09 3.68
CA THR C 669 19.44 26.65 3.45
C THR C 669 20.83 26.12 3.79
N ILE C 670 20.91 25.33 4.86
CA ILE C 670 22.17 24.73 5.31
C ILE C 670 22.02 23.22 5.26
N CYS C 671 22.95 22.56 4.58
CA CYS C 671 22.97 21.11 4.46
C CYS C 671 21.58 20.57 4.13
N GLY C 672 20.94 21.21 3.15
CA GLY C 672 19.63 20.78 2.70
C GLY C 672 18.56 20.93 3.75
N ARG C 673 18.54 22.07 4.44
CA ARG C 673 17.51 22.35 5.44
C ARG C 673 17.23 23.85 5.45
N MET C 674 15.98 24.21 5.19
CA MET C 674 15.58 25.61 5.11
C MET C 674 15.30 26.15 6.51
N MET C 675 15.87 27.31 6.82
CA MET C 675 15.61 28.01 8.07
C MET C 675 15.27 29.46 7.75
N SER C 676 14.38 30.03 8.56
CA SER C 676 13.81 31.35 8.31
C SER C 676 14.67 32.41 8.99
N LEU C 677 15.43 33.15 8.18
CA LEU C 677 16.07 34.39 8.61
C LEU C 677 15.13 35.51 8.14
N LYS C 678 14.14 35.83 8.98
CA LYS C 678 13.14 36.85 8.65
C LYS C 678 13.79 38.01 7.90
N GLY C 679 14.93 38.44 8.41
CA GLY C 679 15.72 39.48 7.78
C GLY C 679 17.06 39.55 8.49
N LYS C 680 17.53 40.78 8.74
CA LYS C 680 18.68 41.01 9.56
C LYS C 680 18.25 41.94 10.71
N ILE C 681 19.22 42.41 11.50
CA ILE C 681 19.00 43.50 12.44
C ILE C 681 18.40 42.99 13.74
N GLU C 682 18.66 43.74 14.83
CA GLU C 682 17.98 43.47 16.08
C GLU C 682 16.47 43.44 15.92
N ASP C 683 15.94 44.03 14.84
CA ASP C 683 14.51 43.89 14.56
C ASP C 683 14.15 42.42 14.33
N GLU C 684 14.92 41.72 13.51
CA GLU C 684 14.68 40.29 13.32
C GLU C 684 15.03 39.51 14.58
N GLU C 685 16.01 39.98 15.35
CA GLU C 685 16.27 39.35 16.65
C GLU C 685 15.02 39.40 17.53
N ARG C 686 14.38 40.57 17.62
CA ARG C 686 13.20 40.71 18.45
C ARG C 686 12.01 39.97 17.87
N ASN C 687 11.92 39.86 16.54
CA ASN C 687 10.89 39.02 15.95
C ASN C 687 11.09 37.56 16.35
N ARG C 688 12.34 37.10 16.39
CA ARG C 688 12.61 35.78 16.94
C ARG C 688 12.15 35.70 18.39
N SER C 689 12.40 36.76 19.16
CA SER C 689 11.91 36.87 20.53
C SER C 689 10.41 37.17 20.61
N MET C 690 9.70 37.15 19.48
CA MET C 690 8.27 37.45 19.47
C MET C 690 7.45 36.45 20.24
N GLY C 691 8.01 35.31 20.61
CA GLY C 691 7.30 34.34 21.43
C GLY C 691 7.61 34.58 22.89
N ASN C 692 8.45 33.74 23.47
CA ASN C 692 8.96 34.01 24.83
C ASN C 692 7.76 33.95 25.78
N ALA C 693 7.66 34.89 26.72
CA ALA C 693 6.56 34.90 27.68
C ALA C 693 6.42 36.30 28.25
N VAL C 694 5.17 36.70 28.50
CA VAL C 694 4.95 37.99 29.14
C VAL C 694 5.67 38.02 30.47
N LEU C 695 6.35 39.12 30.76
CA LEU C 695 7.16 39.25 31.97
C LEU C 695 8.32 38.26 31.94
N ALA C 696 9.02 38.22 30.80
CA ALA C 696 10.22 37.41 30.64
C ALA C 696 11.51 38.22 30.66
N GLY C 697 11.45 39.50 30.30
CA GLY C 697 12.59 40.38 30.31
C GLY C 697 12.77 41.15 31.60
N PHE C 698 12.07 40.79 32.67
CA PHE C 698 12.14 41.50 33.94
C PHE C 698 12.35 40.50 35.06
N LEU C 699 13.33 40.79 35.92
CA LEU C 699 13.58 40.00 37.11
C LEU C 699 12.97 40.70 38.32
N VAL C 700 12.83 39.95 39.41
CA VAL C 700 12.23 40.45 40.64
C VAL C 700 13.34 40.88 41.60
N SER C 701 13.16 42.04 42.21
CA SER C 701 14.12 42.55 43.20
C SER C 701 13.42 43.58 44.07
N GLY C 702 13.31 43.29 45.36
CA GLY C 702 12.75 44.22 46.31
C GLY C 702 11.26 44.02 46.52
N LYS C 703 10.72 44.85 47.41
CA LYS C 703 9.32 44.83 47.77
C LYS C 703 8.59 45.96 47.05
N TYR C 704 7.33 46.20 47.46
CA TYR C 704 6.47 47.20 46.81
C TYR C 704 7.23 48.47 46.45
N ASP C 705 7.87 49.10 47.44
CA ASP C 705 8.64 50.31 47.18
C ASP C 705 7.74 51.37 46.56
N PRO C 706 6.85 51.99 47.35
CA PRO C 706 5.84 52.89 46.77
C PRO C 706 6.41 54.15 46.12
N ASP C 707 7.74 54.27 46.08
CA ASP C 707 8.35 55.49 45.53
C ASP C 707 7.91 55.72 44.09
N LEU C 708 7.55 54.66 43.37
CA LEU C 708 7.12 54.79 41.98
C LEU C 708 5.64 55.15 41.84
N GLY C 709 4.90 55.24 42.95
CA GLY C 709 3.48 55.52 42.86
C GLY C 709 2.67 54.30 42.49
N ASP C 710 1.75 54.45 41.54
CA ASP C 710 0.92 53.34 41.13
C ASP C 710 1.70 52.38 40.25
N PHE C 711 1.08 51.23 39.95
CA PHE C 711 1.71 50.22 39.12
C PHE C 711 1.62 50.64 37.64
N LYS C 712 2.39 49.92 36.80
CA LYS C 712 2.42 50.18 35.38
C LYS C 712 2.23 48.89 34.61
N THR C 713 1.62 49.00 33.44
CA THR C 713 1.28 47.84 32.62
C THR C 713 2.52 47.31 31.89
N ILE C 714 2.35 46.17 31.23
CA ILE C 714 3.44 45.58 30.45
C ILE C 714 3.87 46.54 29.35
N GLU C 715 2.89 47.14 28.66
CA GLU C 715 3.22 48.07 27.58
C GLU C 715 4.04 49.25 28.10
N GLU C 716 3.63 49.83 29.23
CA GLU C 716 4.41 50.89 29.84
C GLU C 716 5.69 50.34 30.47
N LEU C 717 5.69 49.07 30.87
CA LEU C 717 6.92 48.46 31.39
C LEU C 717 8.01 48.44 30.33
N GLU C 718 7.65 48.09 29.09
CA GLU C 718 8.64 48.01 28.02
C GLU C 718 9.31 49.35 27.78
N LYS C 719 8.60 50.45 28.04
CA LYS C 719 9.16 51.78 27.80
C LYS C 719 10.39 52.04 28.65
N LEU C 720 10.51 51.40 29.81
CA LEU C 720 11.63 51.64 30.70
C LEU C 720 12.91 51.07 30.09
N LYS C 721 14.00 51.83 30.22
CA LYS C 721 15.28 51.38 29.69
C LYS C 721 15.85 50.28 30.57
N PRO C 722 16.79 49.48 30.05
CA PRO C 722 17.34 48.39 30.85
C PRO C 722 17.96 48.90 32.14
N GLY C 723 17.80 48.12 33.21
CA GLY C 723 18.36 48.45 34.50
C GLY C 723 17.48 49.32 35.38
N GLU C 724 16.31 49.75 34.89
CA GLU C 724 15.42 50.55 35.70
C GLU C 724 14.73 49.71 36.77
N LYS C 725 14.01 50.39 37.65
CA LYS C 725 13.18 49.77 38.66
C LYS C 725 11.73 50.12 38.39
N ALA C 726 10.85 49.12 38.47
CA ALA C 726 9.43 49.30 38.22
C ALA C 726 8.64 48.60 39.31
N ASN C 727 7.42 49.09 39.54
CA ASN C 727 6.52 48.53 40.53
C ASN C 727 5.41 47.78 39.80
N ILE C 728 5.33 46.47 40.01
CA ILE C 728 4.43 45.61 39.26
C ILE C 728 3.67 44.73 40.25
N LEU C 729 2.66 44.04 39.74
CA LEU C 729 1.87 43.07 40.49
C LEU C 729 2.16 41.67 39.98
N LEU C 730 2.46 40.76 40.90
CA LEU C 730 2.85 39.40 40.57
C LEU C 730 1.71 38.44 40.90
N TYR C 731 1.32 37.63 39.93
CA TYR C 731 0.23 36.66 40.12
C TYR C 731 -1.02 37.45 40.50
N GLN C 732 -1.86 36.94 41.41
CA GLN C 732 -3.07 37.64 41.85
C GLN C 732 -2.69 38.64 42.93
N GLY C 733 -2.19 39.79 42.49
CA GLY C 733 -1.78 40.85 43.41
C GLY C 733 -0.29 40.76 43.71
N LYS C 734 0.04 40.71 45.00
CA LYS C 734 1.44 40.60 45.43
C LYS C 734 2.29 41.69 44.78
N PRO C 735 2.15 42.94 45.20
CA PRO C 735 3.01 43.99 44.65
C PRO C 735 4.48 43.70 44.90
N VAL C 736 5.31 43.98 43.91
CA VAL C 736 6.75 43.76 43.98
C VAL C 736 7.46 44.79 43.12
N LYS C 737 8.78 44.85 43.25
CA LYS C 737 9.64 45.71 42.46
C LYS C 737 10.50 44.85 41.55
N VAL C 738 10.58 45.21 40.28
CA VAL C 738 11.26 44.42 39.27
C VAL C 738 12.26 45.31 38.54
N VAL C 739 13.24 44.67 37.93
CA VAL C 739 14.28 45.33 37.14
C VAL C 739 14.30 44.71 35.75
N LYS C 740 14.28 45.56 34.73
CA LYS C 740 14.33 45.07 33.36
C LYS C 740 15.66 44.36 33.11
N ARG C 741 15.59 43.19 32.46
CA ARG C 741 16.77 42.40 32.21
C ARG C 741 17.57 42.95 31.03
N LYS C 742 18.89 42.77 31.09
CA LYS C 742 19.78 43.16 30.01
C LYS C 742 20.28 41.96 29.20
N ARG C 743 19.78 40.76 29.48
CA ARG C 743 20.27 39.55 28.85
C ARG C 743 19.15 38.51 28.83
N TYR C 744 19.47 37.35 28.27
CA TYR C 744 18.61 36.17 28.34
C TYR C 744 19.33 35.08 29.11
N SER C 745 18.60 34.38 29.97
CA SER C 745 19.18 33.47 30.95
C SER C 745 18.89 32.02 30.58
N ALA C 746 19.72 31.13 31.15
CA ALA C 746 19.54 29.69 30.97
C ALA C 746 20.06 29.03 32.24
N LEU C 747 19.13 28.67 33.14
CA LEU C 747 19.53 28.09 34.42
C LEU C 747 20.26 26.77 34.24
N SER C 748 19.83 25.97 33.26
CA SER C 748 20.48 24.68 33.01
C SER C 748 21.94 24.87 32.65
N ASN C 749 22.24 25.86 31.79
CA ASN C 749 23.62 26.14 31.44
C ASN C 749 24.44 26.52 32.66
N ASP C 750 23.88 27.37 33.52
CA ASP C 750 24.60 27.79 34.72
C ASP C 750 24.89 26.60 35.63
N ILE C 751 23.90 25.74 35.84
CA ILE C 751 24.10 24.58 36.70
C ILE C 751 25.15 23.65 36.11
N SER C 752 25.08 23.41 34.79
CA SER C 752 26.04 22.53 34.16
C SER C 752 27.46 23.09 34.28
N GLN C 753 27.64 24.39 34.05
CA GLN C 753 28.96 24.99 34.17
C GLN C 753 29.45 24.92 35.61
N GLY C 754 28.57 25.15 36.58
CA GLY C 754 28.96 25.02 37.97
C GLY C 754 29.43 23.61 38.30
N ILE C 755 28.71 22.60 37.82
CA ILE C 755 29.13 21.22 38.05
C ILE C 755 30.47 20.95 37.38
N LYS C 756 30.66 21.47 36.17
CA LYS C 756 31.93 21.28 35.47
C LYS C 756 33.09 21.88 36.26
N ARG C 757 32.90 23.10 36.76
CA ARG C 757 33.95 23.72 37.57
C ARG C 757 34.19 22.93 38.85
N GLN C 758 33.13 22.44 39.49
CA GLN C 758 33.28 21.68 40.71
C GLN C 758 34.10 20.42 40.47
N ARG C 759 33.79 19.69 39.40
CA ARG C 759 34.51 18.45 39.13
C ARG C 759 35.92 18.73 38.64
N MET C 760 36.14 19.84 37.93
CA MET C 760 37.49 20.24 37.58
C MET C 760 38.32 20.48 38.84
N THR C 761 37.73 21.17 39.82
CA THR C 761 38.42 21.39 41.08
C THR C 761 38.70 20.07 41.79
N VAL C 762 37.72 19.17 41.81
CA VAL C 762 37.91 17.89 42.49
C VAL C 762 39.04 17.12 41.85
N GLU C 763 39.07 17.06 40.51
CA GLU C 763 40.14 16.33 39.83
C GLU C 763 41.49 16.99 40.07
N SER C 764 41.55 18.32 40.01
CA SER C 764 42.83 19.01 40.21
C SER C 764 43.37 18.76 41.60
N MET C 765 42.51 18.81 42.63
CA MET C 765 42.98 18.49 43.97
C MET C 765 43.39 17.03 44.08
N GLY C 766 42.63 16.14 43.44
CA GLY C 766 42.95 14.72 43.46
C GLY C 766 44.25 14.40 42.75
N LYS D 353 -86.52 19.04 56.49
CA LYS D 353 -85.12 18.97 56.08
C LYS D 353 -84.80 17.63 55.43
N GLY D 354 -85.70 16.66 55.59
CA GLY D 354 -85.50 15.34 55.02
C GLY D 354 -85.01 14.33 56.03
N PHE D 355 -83.93 13.63 55.70
CA PHE D 355 -83.36 12.63 56.60
C PHE D 355 -81.84 12.70 56.50
N MET D 356 -81.17 11.92 57.33
CA MET D 356 -79.71 11.87 57.37
C MET D 356 -79.26 10.42 57.25
N ILE D 357 -78.38 10.14 56.29
CA ILE D 357 -77.78 8.83 56.14
C ILE D 357 -76.31 8.93 56.48
N THR D 358 -75.72 7.79 56.85
CA THR D 358 -74.37 7.79 57.38
C THR D 358 -73.72 6.44 57.16
N SER D 359 -72.43 6.47 56.83
CA SER D 359 -71.59 5.28 56.75
C SER D 359 -70.60 5.32 57.90
N LYS D 360 -70.65 4.30 58.76
CA LYS D 360 -69.79 4.26 59.94
C LYS D 360 -68.36 3.89 59.58
N THR D 361 -68.18 2.95 58.65
CA THR D 361 -66.83 2.53 58.29
C THR D 361 -66.04 3.68 57.70
N LYS D 362 -66.65 4.45 56.81
CA LYS D 362 -65.99 5.64 56.26
C LYS D 362 -66.17 6.86 57.15
N ARG D 363 -67.03 6.80 58.15
CA ARG D 363 -67.31 7.93 59.02
C ARG D 363 -67.74 9.14 58.19
N LEU D 364 -68.83 8.96 57.46
CA LEU D 364 -69.35 10.01 56.59
C LEU D 364 -70.85 10.16 56.82
N LYS D 365 -71.34 11.38 56.67
CA LYS D 365 -72.76 11.67 56.84
C LYS D 365 -73.22 12.57 55.71
N ALA D 366 -74.50 12.45 55.36
CA ALA D 366 -75.08 13.29 54.32
C ALA D 366 -76.58 13.41 54.55
N GLN D 367 -77.12 14.56 54.16
CA GLN D 367 -78.53 14.87 54.35
C GLN D 367 -79.28 14.66 53.03
N ILE D 368 -80.26 13.77 53.04
CA ILE D 368 -81.14 13.55 51.91
C ILE D 368 -82.31 14.53 52.03
N PRO D 369 -82.46 15.48 51.12
CA PRO D 369 -83.57 16.43 51.21
C PRO D 369 -84.91 15.76 50.91
N CYS D 370 -85.98 16.42 51.35
CA CYS D 370 -87.32 15.89 51.17
C CYS D 370 -87.65 15.55 49.72
N PRO D 371 -87.32 16.39 48.73
CA PRO D 371 -87.62 16.02 47.34
C PRO D 371 -86.93 14.74 46.88
N ASP D 372 -85.86 14.31 47.54
CA ASP D 372 -85.09 13.14 47.13
C ASP D 372 -85.25 11.98 48.11
N LEU D 373 -86.45 11.82 48.66
CA LEU D 373 -86.69 10.76 49.63
C LEU D 373 -86.97 9.40 49.00
N PHE D 374 -87.04 9.32 47.67
CA PHE D 374 -87.27 8.06 46.99
C PHE D 374 -86.18 7.76 45.95
N SER D 375 -85.07 8.48 45.98
CA SER D 375 -83.97 8.24 45.05
C SER D 375 -82.89 7.39 45.70
N THR E 359 -54.85 22.39 73.73
CA THR E 359 -55.97 22.56 72.80
C THR E 359 -55.97 21.44 71.76
N ASN E 360 -54.81 21.17 71.18
CA ASN E 360 -54.71 20.08 70.21
C ASN E 360 -55.00 18.74 70.87
N TYR E 361 -54.48 18.52 72.07
CA TYR E 361 -54.73 17.26 72.78
C TYR E 361 -56.18 17.14 73.21
N ALA E 362 -56.76 18.22 73.75
CA ALA E 362 -58.14 18.19 74.19
C ALA E 362 -59.10 17.88 73.06
N LYS E 363 -58.72 18.17 71.82
CA LYS E 363 -59.60 17.89 70.69
C LYS E 363 -59.89 16.40 70.59
N TRP E 364 -58.86 15.57 70.74
CA TRP E 364 -59.04 14.12 70.70
C TRP E 364 -59.43 13.55 72.06
N ALA E 365 -59.03 14.20 73.15
CA ALA E 365 -59.42 13.73 74.48
C ALA E 365 -60.93 13.85 74.68
N THR E 366 -61.53 14.95 74.22
CA THR E 366 -62.95 15.17 74.41
C THR E 366 -63.81 14.51 73.34
N GLY E 367 -63.20 13.91 72.31
CA GLY E 367 -63.96 13.25 71.27
C GLY E 367 -64.53 14.19 70.22
N ASP E 368 -64.21 15.49 70.28
CA ASP E 368 -64.74 16.42 69.30
C ASP E 368 -64.16 16.17 67.91
N GLY E 369 -62.93 15.66 67.84
CA GLY E 369 -62.31 15.37 66.56
C GLY E 369 -62.83 14.12 65.87
N LEU E 370 -63.62 13.31 66.57
CA LEU E 370 -64.21 12.10 65.99
C LEU E 370 -65.60 12.39 65.44
N THR E 371 -65.69 13.37 64.55
CA THR E 371 -66.95 13.79 63.96
C THR E 371 -66.99 13.38 62.49
N TYR E 372 -68.14 12.84 62.06
CA TYR E 372 -68.29 12.40 60.69
C TYR E 372 -68.27 13.59 59.75
N GLN E 373 -67.83 13.36 58.52
CA GLN E 373 -67.61 14.41 57.53
C GLN E 373 -68.82 14.54 56.62
N LYS E 374 -69.30 15.76 56.46
CA LYS E 374 -70.42 16.03 55.57
C LYS E 374 -69.97 15.98 54.11
N ILE E 375 -70.85 15.46 53.25
CA ILE E 375 -70.57 15.35 51.82
C ILE E 375 -71.79 15.78 51.03
N MET E 376 -71.58 16.07 49.74
CA MET E 376 -72.66 16.51 48.89
C MET E 376 -73.67 15.38 48.69
N LYS E 377 -74.93 15.77 48.50
CA LYS E 377 -76.00 14.78 48.40
C LYS E 377 -75.82 13.88 47.19
N GLU E 378 -75.19 14.39 46.12
CA GLU E 378 -75.00 13.57 44.92
C GLU E 378 -74.19 12.33 45.24
N VAL E 379 -73.05 12.49 45.90
CA VAL E 379 -72.20 11.36 46.23
C VAL E 379 -72.93 10.40 47.17
N ALA E 380 -73.63 10.95 48.17
CA ALA E 380 -74.31 10.11 49.14
C ALA E 380 -75.38 9.26 48.47
N ILE E 381 -76.16 9.85 47.56
CA ILE E 381 -77.15 9.07 46.81
C ILE E 381 -76.45 8.06 45.92
N ASP E 382 -75.29 8.41 45.37
CA ASP E 382 -74.55 7.51 44.50
C ASP E 382 -73.76 6.46 45.25
N ASP E 383 -73.70 6.55 46.58
CA ASP E 383 -73.00 5.55 47.40
C ASP E 383 -74.04 4.66 48.05
N GLU E 384 -73.91 3.35 47.86
CA GLU E 384 -74.87 2.38 48.35
C GLU E 384 -74.57 1.92 49.77
N THR E 385 -73.42 2.29 50.34
CA THR E 385 -73.06 1.88 51.69
C THR E 385 -73.49 2.88 52.75
N MET E 386 -74.07 4.01 52.36
CA MET E 386 -74.56 5.01 53.30
C MET E 386 -76.03 4.74 53.59
N CYS E 387 -76.36 4.59 54.86
CA CYS E 387 -77.73 4.31 55.28
C CYS E 387 -78.21 5.32 56.29
N MET F 1 18.82 -48.32 -49.15
CA MET F 1 17.52 -48.40 -49.88
C MET F 1 17.57 -47.56 -51.15
N ASP F 2 17.83 -46.26 -50.99
CA ASP F 2 17.88 -45.37 -52.15
C ASP F 2 18.93 -45.81 -53.14
N THR F 3 20.04 -46.37 -52.66
CA THR F 3 21.06 -46.89 -53.57
C THR F 3 20.49 -48.00 -54.45
N PHE F 4 19.72 -48.90 -53.85
CA PHE F 4 19.05 -49.94 -54.63
C PHE F 4 18.10 -49.32 -55.64
N ILE F 5 17.39 -48.27 -55.25
CA ILE F 5 16.45 -47.63 -56.16
C ILE F 5 17.17 -47.05 -57.37
N THR F 6 18.29 -46.36 -57.14
CA THR F 6 19.02 -45.72 -58.23
C THR F 6 19.84 -46.72 -59.03
N ARG F 7 20.10 -47.91 -58.51
CA ARG F 7 20.88 -48.90 -59.24
C ARG F 7 20.00 -49.85 -60.06
N ASN F 8 18.84 -50.24 -59.53
CA ASN F 8 18.00 -51.24 -60.17
C ASN F 8 17.08 -50.68 -61.23
N PHE F 9 16.95 -49.35 -61.34
CA PHE F 9 16.04 -48.73 -62.29
C PHE F 9 16.74 -47.62 -63.06
N GLN F 10 16.29 -47.38 -64.28
CA GLN F 10 16.84 -46.32 -65.10
C GLN F 10 16.47 -44.96 -64.51
N THR F 11 17.31 -43.96 -64.79
CA THR F 11 17.12 -42.64 -64.21
C THR F 11 15.74 -42.08 -64.55
N THR F 12 15.25 -42.36 -65.76
CA THR F 12 13.94 -41.84 -66.16
C THR F 12 12.84 -42.40 -65.27
N ILE F 13 12.87 -43.71 -65.01
CA ILE F 13 11.85 -44.32 -64.16
C ILE F 13 11.90 -43.74 -62.76
N ILE F 14 13.11 -43.59 -62.21
CA ILE F 14 13.25 -43.06 -60.86
C ILE F 14 12.72 -41.63 -60.79
N GLN F 15 13.07 -40.80 -61.79
CA GLN F 15 12.60 -39.43 -61.79
C GLN F 15 11.09 -39.36 -61.92
N LYS F 16 10.50 -40.19 -62.79
CA LYS F 16 9.06 -40.18 -62.95
C LYS F 16 8.36 -40.59 -61.66
N ALA F 17 8.84 -41.66 -61.02
CA ALA F 17 8.24 -42.08 -59.76
C ALA F 17 8.38 -41.00 -58.70
N LYS F 18 9.56 -40.38 -58.61
CA LYS F 18 9.79 -39.36 -57.60
C LYS F 18 8.87 -38.16 -57.80
N ASN F 19 8.76 -37.68 -59.04
CA ASN F 19 7.96 -36.48 -59.27
C ASN F 19 6.47 -36.77 -59.20
N THR F 20 6.07 -38.02 -59.46
CA THR F 20 4.66 -38.38 -59.32
C THR F 20 4.28 -38.56 -57.85
N MET F 21 5.21 -39.07 -57.03
CA MET F 21 4.93 -39.27 -55.62
C MET F 21 5.10 -38.01 -54.79
N ALA F 22 5.93 -37.07 -55.23
CA ALA F 22 6.12 -35.82 -54.51
C ALA F 22 4.86 -34.97 -54.47
N GLU F 23 3.87 -35.28 -55.31
CA GLU F 23 2.61 -34.55 -55.28
C GLU F 23 1.78 -34.88 -54.05
N PHE F 24 2.18 -35.87 -53.27
CA PHE F 24 1.48 -36.20 -52.04
C PHE F 24 1.58 -35.11 -50.98
N SER F 25 2.45 -34.13 -51.18
CA SER F 25 2.66 -33.04 -50.22
C SER F 25 3.20 -33.59 -48.89
N GLU F 26 4.31 -34.30 -49.00
CA GLU F 26 4.97 -34.88 -47.84
C GLU F 26 6.43 -35.12 -48.19
N ASP F 27 7.24 -35.35 -47.15
CA ASP F 27 8.67 -35.56 -47.36
C ASP F 27 8.90 -36.86 -48.12
N PRO F 28 9.57 -36.84 -49.27
CA PRO F 28 9.82 -38.09 -49.99
C PRO F 28 11.01 -38.90 -49.47
N GLU F 29 11.74 -38.40 -48.48
CA GLU F 29 12.98 -39.04 -48.04
C GLU F 29 12.75 -40.06 -46.93
N LEU F 30 12.12 -39.64 -45.83
CA LEU F 30 12.01 -40.52 -44.67
C LEU F 30 11.19 -41.77 -44.95
N GLN F 31 10.41 -41.78 -46.03
CA GLN F 31 9.54 -42.92 -46.36
C GLN F 31 9.81 -43.31 -47.81
N PRO F 32 10.85 -44.11 -48.07
CA PRO F 32 11.15 -44.55 -49.43
C PRO F 32 10.55 -45.89 -49.84
N ALA F 33 9.87 -46.59 -48.94
CA ALA F 33 9.29 -47.88 -49.31
C ALA F 33 8.25 -47.73 -50.42
N MET F 34 7.37 -46.75 -50.27
CA MET F 34 6.39 -46.52 -51.33
C MET F 34 7.07 -46.04 -52.60
N LEU F 35 8.23 -45.40 -52.49
CA LEU F 35 8.98 -45.04 -53.69
C LEU F 35 9.40 -46.29 -54.44
N PHE F 36 9.91 -47.30 -53.73
CA PHE F 36 10.26 -48.56 -54.38
C PHE F 36 9.03 -49.23 -54.97
N ASN F 37 7.92 -49.25 -54.24
CA ASN F 37 6.71 -49.86 -54.77
C ASN F 37 6.25 -49.16 -56.05
N ILE F 38 6.27 -47.83 -56.06
CA ILE F 38 5.82 -47.09 -57.22
C ILE F 38 6.77 -47.28 -58.39
N CYS F 39 8.08 -47.35 -58.12
CA CYS F 39 9.04 -47.61 -59.20
C CYS F 39 8.80 -48.99 -59.82
N VAL F 40 8.59 -50.00 -58.98
CA VAL F 40 8.32 -51.34 -59.50
C VAL F 40 7.04 -51.34 -60.31
N HIS F 41 5.99 -50.67 -59.82
CA HIS F 41 4.73 -50.61 -60.55
C HIS F 41 4.91 -49.91 -61.89
N LEU F 42 5.67 -48.81 -61.91
CA LEU F 42 5.92 -48.09 -63.15
C LEU F 42 6.65 -48.98 -64.15
N GLU F 43 7.67 -49.71 -63.68
CA GLU F 43 8.38 -50.63 -64.56
C GLU F 43 7.46 -51.71 -65.09
N VAL F 44 6.60 -52.25 -64.24
CA VAL F 44 5.70 -53.32 -64.65
C VAL F 44 4.76 -52.82 -65.75
N CYS F 45 4.16 -51.65 -65.54
CA CYS F 45 3.21 -51.15 -66.54
C CYS F 45 3.93 -50.72 -67.82
N TYR F 46 5.15 -50.21 -67.71
CA TYR F 46 5.92 -49.88 -68.92
C TYR F 46 6.21 -51.14 -69.72
N VAL F 47 6.59 -52.22 -69.05
CA VAL F 47 6.85 -53.48 -69.75
C VAL F 47 5.57 -54.00 -70.38
N ILE F 48 4.45 -53.89 -69.66
CA ILE F 48 3.19 -54.44 -70.16
C ILE F 48 2.77 -53.75 -71.45
N SER F 49 3.19 -52.52 -71.66
CA SER F 49 2.76 -51.71 -72.81
C SER F 49 3.88 -51.48 -73.81
N ASP F 50 4.68 -52.52 -74.07
CA ASP F 50 5.80 -52.39 -75.00
C ASP F 50 5.92 -53.53 -76.00
N MET F 51 5.03 -54.52 -75.96
CA MET F 51 5.11 -55.67 -76.85
C MET F 51 3.92 -55.80 -77.80
N ASN F 52 2.72 -55.45 -77.35
CA ASN F 52 1.51 -55.61 -78.16
C ASN F 52 1.17 -54.29 -78.84
N PHE F 53 0.84 -54.36 -80.13
CA PHE F 53 0.46 -53.21 -80.92
C PHE F 53 -0.77 -53.53 -81.74
N LEU F 54 -1.50 -52.49 -82.11
CA LEU F 54 -2.69 -52.58 -82.95
C LEU F 54 -2.42 -51.92 -84.31
N ASP F 55 -3.43 -51.92 -85.15
CA ASP F 55 -3.34 -51.32 -86.48
C ASP F 55 -4.70 -50.73 -86.83
N GLU F 56 -4.88 -50.38 -88.11
CA GLU F 56 -6.12 -49.77 -88.54
C GLU F 56 -7.32 -50.66 -88.25
N GLU F 57 -7.11 -51.97 -88.19
CA GLU F 57 -8.17 -52.92 -87.87
C GLU F 57 -7.94 -53.69 -86.58
N GLY F 58 -6.74 -53.67 -86.02
CA GLY F 58 -6.48 -54.32 -84.76
C GLY F 58 -5.51 -55.48 -84.85
N LYS F 59 -4.62 -55.44 -85.84
CA LYS F 59 -3.62 -56.49 -85.97
C LYS F 59 -2.69 -56.51 -84.77
N ALA F 60 -2.43 -57.71 -84.25
CA ALA F 60 -1.56 -57.88 -83.09
C ALA F 60 -0.13 -58.05 -83.59
N TYR F 61 0.67 -56.99 -83.44
CA TYR F 61 2.06 -57.01 -83.87
C TYR F 61 2.92 -56.16 -82.95
N PRO F 75 -0.36 -48.31 -80.35
CA PRO F 75 -0.38 -49.59 -79.62
C PRO F 75 -1.75 -49.94 -79.07
N GLN F 76 -1.82 -50.95 -78.21
CA GLN F 76 -3.06 -51.32 -77.55
C GLN F 76 -3.16 -50.80 -76.12
N TYR F 77 -2.03 -50.57 -75.47
CA TYR F 77 -1.99 -50.13 -74.07
C TYR F 77 -1.60 -48.67 -74.01
N GLU F 78 -2.45 -47.85 -73.38
CA GLU F 78 -2.17 -46.45 -73.13
C GLU F 78 -1.79 -46.28 -71.67
N VAL F 79 -0.65 -45.65 -71.44
CA VAL F 79 -0.11 -45.45 -70.08
C VAL F 79 -0.66 -44.15 -69.52
N ILE F 80 -1.26 -44.23 -68.34
CA ILE F 80 -1.81 -43.07 -67.65
C ILE F 80 -0.94 -42.66 -66.47
N GLU F 81 -0.37 -43.63 -65.75
CA GLU F 81 0.50 -43.33 -64.63
C GLU F 81 1.80 -42.71 -65.12
N GLY F 82 2.47 -42.00 -64.21
CA GLY F 82 3.72 -41.32 -64.51
C GLY F 82 3.51 -39.89 -64.97
N MET F 83 2.52 -39.67 -65.84
CA MET F 83 2.22 -38.33 -66.31
C MET F 83 1.58 -37.52 -65.19
N PRO F 84 1.55 -36.20 -65.32
CA PRO F 84 0.93 -35.37 -64.27
C PRO F 84 -0.52 -35.76 -64.05
N ARG F 85 -0.94 -35.67 -62.78
CA ARG F 85 -2.28 -36.12 -62.42
C ARG F 85 -3.35 -35.35 -63.18
N THR F 86 -3.15 -34.05 -63.40
CA THR F 86 -4.12 -33.27 -64.16
C THR F 86 -4.22 -33.77 -65.60
N ILE F 87 -3.06 -33.90 -66.26
CA ILE F 87 -3.05 -34.36 -67.65
C ILE F 87 -3.60 -35.77 -67.73
N ALA F 88 -3.20 -36.63 -66.79
CA ALA F 88 -3.68 -38.01 -66.79
C ALA F 88 -5.21 -38.05 -66.64
N TRP F 89 -5.75 -37.26 -65.71
CA TRP F 89 -7.19 -37.28 -65.49
C TRP F 89 -7.95 -36.75 -66.70
N MET F 90 -7.47 -35.67 -67.32
CA MET F 90 -8.17 -35.16 -68.49
C MET F 90 -8.08 -36.15 -69.65
N VAL F 91 -6.93 -36.81 -69.82
CA VAL F 91 -6.80 -37.82 -70.87
C VAL F 91 -7.75 -38.97 -70.63
N GLN F 92 -7.85 -39.44 -69.37
CA GLN F 92 -8.77 -40.52 -69.06
C GLN F 92 -10.22 -40.12 -69.33
N ARG F 93 -10.59 -38.90 -68.95
CA ARG F 93 -11.95 -38.44 -69.21
C ARG F 93 -12.22 -38.36 -70.71
N SER F 94 -11.25 -37.87 -71.48
CA SER F 94 -11.43 -37.80 -72.93
C SER F 94 -11.60 -39.19 -73.52
N LEU F 95 -10.78 -40.16 -73.07
CA LEU F 95 -10.92 -41.53 -73.57
C LEU F 95 -12.28 -42.10 -73.23
N ALA F 96 -12.75 -41.90 -72.00
CA ALA F 96 -14.06 -42.41 -71.61
C ALA F 96 -15.17 -41.78 -72.44
N GLN F 97 -15.09 -40.47 -72.67
CA GLN F 97 -16.11 -39.80 -73.46
C GLN F 97 -16.11 -40.29 -74.90
N GLU F 98 -14.92 -40.46 -75.48
CA GLU F 98 -14.84 -40.88 -76.88
C GLU F 98 -15.26 -42.33 -77.06
N HIS F 99 -15.01 -43.18 -76.08
CA HIS F 99 -15.38 -44.60 -76.16
C HIS F 99 -16.77 -44.88 -75.61
N GLY F 100 -17.44 -43.88 -75.05
CA GLY F 100 -18.79 -44.07 -74.54
C GLY F 100 -18.87 -45.11 -73.43
N ILE F 101 -17.96 -45.03 -72.47
CA ILE F 101 -17.91 -45.98 -71.36
C ILE F 101 -17.81 -45.19 -70.05
N GLU F 102 -18.18 -45.86 -68.96
CA GLU F 102 -18.15 -45.23 -67.66
C GLU F 102 -16.71 -44.95 -67.24
N THR F 103 -16.50 -43.80 -66.60
CA THR F 103 -15.18 -43.38 -66.17
C THR F 103 -14.91 -43.91 -64.76
N PRO F 104 -13.87 -44.73 -64.56
CA PRO F 104 -13.58 -45.20 -63.19
C PRO F 104 -13.30 -44.03 -62.26
N LYS F 105 -13.76 -44.17 -61.01
CA LYS F 105 -13.56 -43.12 -60.03
C LYS F 105 -12.11 -43.01 -59.57
N TYR F 106 -11.34 -44.10 -59.69
CA TYR F 106 -9.92 -44.09 -59.35
C TYR F 106 -9.09 -44.01 -60.63
N LEU F 107 -8.01 -43.25 -60.57
CA LEU F 107 -7.15 -43.08 -61.74
C LEU F 107 -6.58 -44.41 -62.17
N ALA F 108 -7.04 -44.93 -63.30
CA ALA F 108 -6.54 -46.19 -63.81
C ALA F 108 -5.10 -46.02 -64.29
N ASP F 109 -4.27 -47.02 -63.98
CA ASP F 109 -2.86 -46.97 -64.35
C ASP F 109 -2.61 -47.34 -65.81
N LEU F 110 -3.59 -47.95 -66.48
CA LEU F 110 -3.40 -48.37 -67.86
C LEU F 110 -4.77 -48.53 -68.51
N PHE F 111 -4.82 -48.26 -69.81
CA PHE F 111 -6.05 -48.45 -70.59
C PHE F 111 -5.75 -49.36 -71.78
N ASP F 112 -6.76 -50.11 -72.20
CA ASP F 112 -6.66 -51.01 -73.33
C ASP F 112 -7.56 -50.53 -74.46
N TYR F 113 -7.01 -50.49 -75.68
CA TYR F 113 -7.78 -50.08 -76.84
C TYR F 113 -8.72 -51.18 -77.31
N LYS F 114 -8.37 -52.45 -77.11
CA LYS F 114 -9.16 -53.55 -77.62
C LYS F 114 -10.42 -53.77 -76.78
N THR F 115 -10.25 -54.05 -75.49
CA THR F 115 -11.38 -54.26 -74.60
C THR F 115 -12.19 -53.00 -74.35
N LYS F 116 -11.66 -51.83 -74.71
CA LYS F 116 -12.35 -50.56 -74.47
C LYS F 116 -12.67 -50.38 -73.00
N ARG F 117 -11.76 -50.84 -72.13
CA ARG F 117 -11.93 -50.77 -70.69
C ARG F 117 -10.64 -50.30 -70.05
N PHE F 118 -10.77 -49.50 -68.99
CA PHE F 118 -9.62 -49.15 -68.18
C PHE F 118 -9.21 -50.33 -67.31
N ILE F 119 -7.90 -50.42 -67.02
CA ILE F 119 -7.36 -51.54 -66.27
C ILE F 119 -6.38 -51.01 -65.23
N GLU F 120 -6.17 -51.82 -64.19
CA GLU F 120 -5.28 -51.48 -63.08
C GLU F 120 -4.31 -52.63 -62.87
N VAL F 121 -3.13 -52.30 -62.35
CA VAL F 121 -2.09 -53.28 -62.07
C VAL F 121 -1.64 -53.12 -60.64
N GLY F 122 -1.10 -54.20 -60.06
CA GLY F 122 -0.64 -54.18 -58.69
C GLY F 122 0.43 -55.22 -58.45
N ILE F 123 1.23 -54.99 -57.41
CA ILE F 123 2.33 -55.86 -57.03
C ILE F 123 2.18 -56.21 -55.56
N THR F 124 2.33 -57.49 -55.23
CA THR F 124 2.19 -57.95 -53.85
C THR F 124 3.35 -58.85 -53.46
N LYS F 125 3.24 -59.49 -52.30
CA LYS F 125 4.25 -60.44 -51.82
C LYS F 125 3.69 -61.83 -51.58
N GLY F 126 2.40 -61.95 -51.23
CA GLY F 126 1.75 -63.22 -51.05
C GLY F 126 0.93 -63.63 -52.27
N LEU F 127 -0.05 -64.49 -52.03
CA LEU F 127 -0.93 -64.92 -53.12
C LEU F 127 -1.75 -63.74 -53.62
N ALA F 128 -1.88 -63.65 -54.95
CA ALA F 128 -2.55 -62.51 -55.57
C ALA F 128 -4.06 -62.64 -55.60
N ASP F 129 -4.61 -63.82 -55.27
CA ASP F 129 -6.07 -64.00 -55.36
C ASP F 129 -6.79 -63.08 -54.39
N ASP F 130 -6.34 -63.04 -53.13
CA ASP F 130 -6.98 -62.18 -52.14
C ASP F 130 -6.83 -60.70 -52.51
N TYR F 131 -5.65 -60.31 -52.99
CA TYR F 131 -5.46 -58.93 -53.41
C TYR F 131 -6.41 -58.56 -54.53
N PHE F 132 -6.55 -59.44 -55.52
CA PHE F 132 -7.48 -59.19 -56.63
C PHE F 132 -8.91 -59.10 -56.13
N TRP F 133 -9.30 -60.00 -55.22
CA TRP F 133 -10.68 -59.98 -54.72
C TRP F 133 -10.98 -58.71 -53.95
N LYS F 134 -10.04 -58.25 -53.11
CA LYS F 134 -10.29 -57.04 -52.34
C LYS F 134 -10.25 -55.80 -53.23
N LYS F 135 -9.40 -55.81 -54.26
CA LYS F 135 -9.45 -54.70 -55.22
C LYS F 135 -10.77 -54.69 -55.97
N LYS F 136 -11.29 -55.86 -56.33
CA LYS F 136 -12.60 -55.94 -56.97
C LYS F 136 -13.68 -55.39 -56.05
N GLU F 137 -13.62 -55.73 -54.76
CA GLU F 137 -14.57 -55.20 -53.80
C GLU F 137 -14.45 -53.67 -53.70
N LYS F 138 -13.22 -53.16 -53.73
CA LYS F 138 -13.02 -51.72 -53.68
C LYS F 138 -13.63 -51.04 -54.90
N LEU F 139 -13.30 -51.51 -56.09
CA LEU F 139 -13.74 -50.90 -57.34
C LEU F 139 -14.96 -51.59 -57.94
N GLY F 140 -15.51 -52.60 -57.27
CA GLY F 140 -16.64 -53.31 -57.84
C GLY F 140 -16.24 -54.04 -59.11
N ASN F 141 -17.05 -53.86 -60.16
CA ASN F 141 -16.82 -54.50 -61.44
C ASN F 141 -16.64 -53.48 -62.57
N SER F 142 -16.32 -52.24 -62.23
CA SER F 142 -16.19 -51.17 -63.20
C SER F 142 -14.80 -51.08 -63.82
N MET F 143 -13.86 -51.91 -63.38
CA MET F 143 -12.50 -51.86 -63.89
C MET F 143 -11.89 -53.25 -63.88
N GLU F 144 -11.19 -53.60 -64.95
CA GLU F 144 -10.45 -54.85 -65.02
C GLU F 144 -9.10 -54.70 -64.34
N LEU F 145 -8.46 -55.84 -64.06
CA LEU F 145 -7.20 -55.82 -63.32
C LEU F 145 -6.35 -57.02 -63.71
N MET F 146 -5.03 -56.83 -63.69
CA MET F 146 -4.09 -57.94 -63.65
C MET F 146 -3.15 -57.70 -62.48
N ILE F 147 -2.81 -58.77 -61.77
CA ILE F 147 -1.99 -58.70 -60.57
C ILE F 147 -0.92 -59.78 -60.63
N PHE F 148 0.30 -59.41 -60.24
CA PHE F 148 1.40 -60.34 -60.14
C PHE F 148 2.02 -60.24 -58.74
N SER F 149 2.57 -61.34 -58.27
CA SER F 149 3.16 -61.42 -56.95
C SER F 149 4.60 -61.90 -57.03
N TYR F 150 5.42 -61.45 -56.10
CA TYR F 150 6.82 -61.85 -56.08
C TYR F 150 6.97 -63.36 -56.00
N ASN F 151 6.07 -64.04 -55.30
CA ASN F 151 6.13 -65.49 -55.16
C ASN F 151 5.38 -66.20 -56.30
N GLN F 152 5.69 -65.80 -57.52
CA GLN F 152 5.22 -66.47 -58.73
C GLN F 152 3.73 -66.82 -58.66
N ASP F 153 2.91 -65.76 -58.57
CA ASP F 153 1.47 -65.90 -58.66
C ASP F 153 0.94 -64.81 -59.58
N TYR F 154 -0.06 -65.16 -60.40
CA TYR F 154 -0.65 -64.23 -61.35
C TYR F 154 -2.17 -64.37 -61.32
N SER F 155 -2.85 -63.25 -61.56
CA SER F 155 -4.31 -63.23 -61.57
C SER F 155 -4.77 -62.23 -62.63
N LEU F 156 -5.68 -62.68 -63.50
CA LEU F 156 -6.23 -61.83 -64.56
C LEU F 156 -7.74 -61.94 -64.54
N SER F 157 -8.43 -60.80 -64.60
CA SER F 157 -9.89 -60.82 -64.72
C SER F 157 -10.32 -61.45 -66.04
N ASN F 158 -9.62 -61.12 -67.12
CA ASN F 158 -9.89 -61.68 -68.44
C ASN F 158 -8.63 -62.38 -68.93
N GLU F 159 -8.78 -63.65 -69.33
CA GLU F 159 -7.63 -64.44 -69.77
C GLU F 159 -7.09 -63.96 -71.12
N SER F 160 -7.87 -63.21 -71.88
CA SER F 160 -7.44 -62.69 -73.18
C SER F 160 -6.83 -61.30 -73.08
N SER F 161 -6.25 -60.96 -71.92
CA SER F 161 -5.68 -59.63 -71.71
C SER F 161 -4.20 -59.59 -72.07
N LEU F 162 -3.41 -60.47 -71.46
CA LEU F 162 -1.96 -60.50 -71.64
C LEU F 162 -1.53 -61.81 -72.28
N ASP F 163 -0.44 -61.74 -73.03
CA ASP F 163 0.15 -62.91 -73.67
C ASP F 163 1.24 -63.52 -72.79
N GLU F 164 1.73 -64.68 -73.22
CA GLU F 164 2.72 -65.40 -72.44
C GLU F 164 4.01 -64.60 -72.29
N GLU F 165 4.43 -63.91 -73.36
CA GLU F 165 5.70 -63.20 -73.32
C GLU F 165 5.71 -62.11 -72.24
N GLY F 166 4.65 -61.29 -72.20
CA GLY F 166 4.60 -60.22 -71.22
C GLY F 166 4.58 -60.76 -69.80
N LYS F 167 3.73 -61.75 -69.55
CA LYS F 167 3.64 -62.34 -68.22
C LYS F 167 4.98 -62.93 -67.80
N GLY F 168 5.64 -63.64 -68.72
CA GLY F 168 6.93 -64.23 -68.39
C GLY F 168 7.98 -63.20 -68.08
N ARG F 169 8.05 -62.14 -68.89
CA ARG F 169 9.05 -61.10 -68.64
C ARG F 169 8.79 -60.41 -67.30
N VAL F 170 7.53 -60.09 -67.01
CA VAL F 170 7.22 -59.43 -65.75
C VAL F 170 7.56 -60.35 -64.58
N LEU F 171 7.21 -61.63 -64.70
CA LEU F 171 7.52 -62.59 -63.64
C LEU F 171 9.02 -62.69 -63.42
N SER F 172 9.80 -62.76 -64.50
CA SER F 172 11.25 -62.85 -64.35
C SER F 172 11.80 -61.60 -63.67
N ARG F 173 11.31 -60.42 -64.07
CA ARG F 173 11.80 -59.18 -63.47
C ARG F 173 11.49 -59.12 -61.98
N LEU F 174 10.26 -59.45 -61.61
CA LEU F 174 9.88 -59.38 -60.20
C LEU F 174 10.59 -60.44 -59.37
N THR F 175 10.78 -61.64 -59.93
CA THR F 175 11.53 -62.67 -59.22
C THR F 175 12.97 -62.25 -59.02
N GLU F 176 13.59 -61.64 -60.04
CA GLU F 176 14.95 -61.14 -59.88
C GLU F 176 15.02 -60.08 -58.80
N LEU F 177 14.06 -59.16 -58.78
CA LEU F 177 14.04 -58.13 -57.74
C LEU F 177 13.90 -58.75 -56.36
N GLN F 178 13.01 -59.74 -56.22
CA GLN F 178 12.83 -60.40 -54.94
C GLN F 178 14.13 -61.08 -54.48
N ALA F 179 14.80 -61.78 -55.41
CA ALA F 179 16.05 -62.44 -55.05
C ALA F 179 17.11 -61.44 -54.65
N GLU F 180 17.20 -60.31 -55.37
CA GLU F 180 18.24 -59.33 -55.09
C GLU F 180 17.97 -58.56 -53.80
N LEU F 181 16.70 -58.40 -53.43
CA LEU F 181 16.38 -57.63 -52.23
C LEU F 181 16.98 -58.26 -50.98
N SER F 182 16.90 -59.59 -50.87
CA SER F 182 17.38 -60.27 -49.67
C SER F 182 18.91 -60.32 -49.61
N LEU F 183 19.61 -59.94 -50.67
CA LEU F 183 21.07 -59.98 -50.64
C LEU F 183 21.65 -58.85 -49.79
N LYS F 184 20.99 -57.69 -49.75
CA LYS F 184 21.46 -56.53 -49.01
C LYS F 184 20.57 -56.20 -47.81
N ASN F 185 19.87 -57.21 -47.29
CA ASN F 185 19.01 -57.05 -46.12
C ASN F 185 17.95 -55.96 -46.35
N LEU F 186 17.34 -56.00 -47.53
CA LEU F 186 16.27 -55.06 -47.87
C LEU F 186 14.90 -55.71 -47.93
N TRP F 187 14.82 -57.03 -48.14
CA TRP F 187 13.52 -57.70 -48.15
C TRP F 187 12.85 -57.64 -46.79
N GLN F 188 13.63 -57.59 -45.72
CA GLN F 188 13.06 -57.53 -44.37
C GLN F 188 12.26 -56.24 -44.17
N VAL F 189 12.77 -55.13 -44.67
CA VAL F 189 12.15 -53.82 -44.47
C VAL F 189 11.22 -53.48 -45.63
N LEU F 190 10.89 -54.45 -46.48
CA LEU F 190 9.99 -54.21 -47.59
C LEU F 190 8.55 -54.21 -47.11
N ILE F 191 7.89 -53.05 -47.22
CA ILE F 191 6.50 -52.92 -46.80
C ILE F 191 5.59 -53.42 -47.91
N GLY F 192 4.43 -53.92 -47.52
CA GLY F 192 3.46 -54.42 -48.49
C GLY F 192 2.86 -53.32 -49.34
N GLU F 193 1.75 -53.61 -50.01
CA GLU F 193 1.09 -52.67 -50.90
C GLU F 193 -0.27 -52.20 -50.40
N GLU F 194 -0.97 -53.05 -49.65
CA GLU F 194 -2.32 -52.68 -49.19
C GLU F 194 -2.29 -51.62 -48.10
N ASP F 195 -1.14 -51.42 -47.44
CA ASP F 195 -1.10 -50.50 -46.31
C ASP F 195 -1.50 -49.09 -46.73
N VAL F 196 -1.03 -48.64 -47.90
CA VAL F 196 -1.34 -47.29 -48.36
C VAL F 196 -2.81 -47.10 -48.69
N GLU F 197 -3.58 -48.19 -48.76
CA GLU F 197 -5.00 -48.11 -49.10
C GLU F 197 -5.83 -48.94 -48.13
N LYS F 198 -5.40 -48.99 -46.87
CA LYS F 198 -6.14 -49.75 -45.87
C LYS F 198 -7.54 -49.18 -45.65
N GLY F 199 -7.64 -47.85 -45.59
CA GLY F 199 -8.92 -47.21 -45.34
C GLY F 199 -9.70 -46.92 -46.61
N ILE F 200 -10.67 -47.78 -46.91
CA ILE F 200 -11.54 -47.59 -48.07
C ILE F 200 -12.99 -47.71 -47.65
N ASP F 201 -13.23 -48.06 -46.38
CA ASP F 201 -14.57 -48.18 -45.84
C ASP F 201 -14.82 -47.00 -44.91
N PHE F 202 -15.84 -46.21 -45.22
CA PHE F 202 -16.18 -45.03 -44.43
C PHE F 202 -17.70 -44.89 -44.44
N LYS F 203 -18.35 -45.42 -43.40
CA LYS F 203 -19.80 -45.39 -43.28
C LYS F 203 -20.20 -44.37 -42.22
N LEU F 204 -21.12 -43.48 -42.57
CA LEU F 204 -21.56 -42.45 -41.66
C LEU F 204 -22.66 -42.97 -40.74
N GLY F 205 -22.61 -42.55 -39.48
CA GLY F 205 -23.62 -42.95 -38.52
C GLY F 205 -24.91 -42.16 -38.68
N GLN F 206 -25.91 -42.57 -37.91
CA GLN F 206 -27.22 -41.93 -38.00
C GLN F 206 -27.15 -40.46 -37.61
N THR F 207 -26.47 -40.16 -36.51
CA THR F 207 -26.43 -38.78 -36.03
C THR F 207 -25.73 -37.88 -37.03
N ILE F 208 -24.59 -38.32 -37.56
CA ILE F 208 -23.86 -37.50 -38.51
C ILE F 208 -24.64 -37.34 -39.80
N SER F 209 -25.36 -38.39 -40.21
CA SER F 209 -26.20 -38.29 -41.40
C SER F 209 -27.30 -37.26 -41.20
N ARG F 210 -27.93 -37.26 -40.01
CA ARG F 210 -28.95 -36.26 -39.73
C ARG F 210 -28.36 -34.86 -39.73
N LEU F 211 -27.19 -34.69 -39.13
CA LEU F 211 -26.55 -33.37 -39.13
C LEU F 211 -26.25 -32.90 -40.54
N ARG F 212 -25.78 -33.82 -41.39
CA ARG F 212 -25.54 -33.47 -42.79
C ARG F 212 -26.84 -33.09 -43.49
N ASP F 213 -27.92 -33.85 -43.25
CA ASP F 213 -29.18 -33.57 -43.91
C ASP F 213 -29.71 -32.20 -43.52
N ILE F 214 -29.59 -31.82 -42.25
CA ILE F 214 -30.11 -30.54 -41.79
C ILE F 214 -29.16 -29.39 -42.07
N SER F 215 -28.06 -29.63 -42.77
CA SER F 215 -27.07 -28.60 -43.08
C SER F 215 -26.96 -28.35 -44.59
N VAL F 216 -28.10 -28.27 -45.26
CA VAL F 216 -28.14 -28.01 -46.70
C VAL F 216 -28.77 -26.65 -46.94
N PRO F 217 -28.47 -25.99 -48.05
CA PRO F 217 -29.08 -24.69 -48.31
C PRO F 217 -30.59 -24.81 -48.48
N ALA F 218 -31.29 -23.72 -48.18
CA ALA F 218 -32.75 -23.72 -48.29
C ALA F 218 -33.17 -24.13 -49.69
N GLY F 219 -34.19 -24.98 -49.75
CA GLY F 219 -34.69 -25.52 -51.00
C GLY F 219 -34.48 -27.01 -51.17
N PHE F 220 -33.73 -27.65 -50.27
CA PHE F 220 -33.49 -29.08 -50.32
C PHE F 220 -33.99 -29.72 -49.03
N SER F 221 -34.51 -30.95 -49.15
CA SER F 221 -35.01 -31.67 -47.99
C SER F 221 -33.95 -32.58 -47.38
N ASN F 222 -33.24 -33.32 -48.22
CA ASN F 222 -32.19 -34.23 -47.76
C ASN F 222 -30.94 -34.00 -48.59
N PHE F 223 -29.80 -34.38 -48.02
CA PHE F 223 -28.53 -34.15 -48.70
C PHE F 223 -28.43 -34.91 -50.01
N GLU F 224 -29.21 -35.98 -50.19
CA GLU F 224 -29.22 -36.67 -51.47
C GLU F 224 -29.71 -35.74 -52.57
N GLY F 225 -30.74 -34.96 -52.29
CA GLY F 225 -31.21 -33.99 -53.26
C GLY F 225 -30.15 -32.96 -53.62
N MET F 226 -29.43 -32.45 -52.62
CA MET F 226 -28.37 -31.50 -52.88
C MET F 226 -27.27 -32.12 -53.74
N ARG F 227 -26.88 -33.36 -53.41
CA ARG F 227 -25.83 -34.03 -54.17
C ARG F 227 -26.26 -34.22 -55.63
N SER F 228 -27.50 -34.68 -55.84
CA SER F 228 -27.98 -34.86 -57.20
C SER F 228 -28.05 -33.54 -57.94
N TYR F 229 -28.52 -32.48 -57.27
CA TYR F 229 -28.62 -31.17 -57.90
C TYR F 229 -27.24 -30.68 -58.32
N ILE F 230 -26.24 -30.86 -57.46
CA ILE F 230 -24.89 -30.40 -57.78
C ILE F 230 -24.32 -31.22 -58.93
N ASP F 231 -24.54 -32.53 -58.92
CA ASP F 231 -23.94 -33.41 -59.91
C ASP F 231 -24.67 -33.43 -61.25
N ASN F 232 -25.88 -32.89 -61.31
CA ASN F 232 -26.68 -32.95 -62.53
C ASN F 232 -26.94 -31.58 -63.16
N ILE F 233 -27.44 -30.62 -62.39
CA ILE F 233 -27.88 -29.37 -62.97
C ILE F 233 -26.72 -28.64 -63.64
N ASP F 234 -27.05 -27.90 -64.71
CA ASP F 234 -26.09 -27.07 -65.43
C ASP F 234 -26.36 -25.60 -65.10
N PRO F 235 -25.57 -24.97 -64.25
CA PRO F 235 -25.92 -23.62 -63.78
C PRO F 235 -25.41 -22.50 -64.67
N LYS F 236 -25.01 -22.80 -65.89
CA LYS F 236 -24.47 -21.76 -66.77
C LYS F 236 -25.49 -20.65 -66.94
N GLY F 237 -25.00 -19.41 -66.88
CA GLY F 237 -25.85 -18.25 -67.02
C GLY F 237 -26.60 -17.84 -65.77
N ALA F 238 -26.35 -18.52 -64.64
CA ALA F 238 -27.07 -18.18 -63.41
C ALA F 238 -26.63 -16.83 -62.86
N ILE F 239 -25.34 -16.50 -63.01
CA ILE F 239 -24.84 -15.25 -62.46
C ILE F 239 -25.54 -14.07 -63.12
N GLU F 240 -25.67 -14.11 -64.44
CA GLU F 240 -26.33 -13.01 -65.14
C GLU F 240 -27.79 -12.88 -64.73
N ARG F 241 -28.49 -14.02 -64.60
CA ARG F 241 -29.88 -13.97 -64.18
C ARG F 241 -30.03 -13.38 -62.79
N ASN F 242 -29.16 -13.78 -61.86
CA ASN F 242 -29.23 -13.24 -60.50
C ASN F 242 -28.89 -11.76 -60.47
N LEU F 243 -27.91 -11.33 -61.28
CA LEU F 243 -27.52 -9.94 -61.28
C LEU F 243 -28.57 -9.05 -61.93
N ALA F 244 -29.30 -9.57 -62.92
CA ALA F 244 -30.26 -8.75 -63.63
C ALA F 244 -31.34 -8.22 -62.70
N ARG F 245 -31.86 -9.08 -61.81
CA ARG F 245 -32.94 -8.70 -60.92
C ARG F 245 -32.46 -8.05 -59.63
N MET F 246 -31.15 -8.06 -59.36
CA MET F 246 -30.65 -7.42 -58.16
C MET F 246 -30.91 -5.93 -58.20
N SER F 247 -31.23 -5.36 -57.05
CA SER F 247 -31.60 -3.95 -57.00
C SER F 247 -30.43 -3.08 -57.43
N PRO F 248 -30.68 -1.96 -58.12
CA PRO F 248 -29.57 -1.05 -58.46
C PRO F 248 -28.91 -0.43 -57.24
N LEU F 249 -29.58 -0.45 -56.08
CA LEU F 249 -29.02 0.18 -54.89
C LEU F 249 -27.72 -0.48 -54.45
N VAL F 250 -27.44 -1.69 -54.90
CA VAL F 250 -26.21 -2.40 -54.53
C VAL F 250 -25.14 -1.94 -55.51
N SER F 251 -24.54 -0.80 -55.20
CA SER F 251 -23.51 -0.21 -56.05
C SER F 251 -22.41 0.37 -55.17
N VAL F 252 -21.16 0.18 -55.60
CA VAL F 252 -20.03 0.72 -54.85
C VAL F 252 -20.04 2.24 -54.86
N THR F 253 -20.75 2.86 -55.80
CA THR F 253 -20.78 4.31 -55.90
C THR F 253 -19.37 4.84 -56.12
N PRO F 254 -18.75 4.54 -57.27
CA PRO F 254 -17.41 5.05 -57.52
C PRO F 254 -17.41 6.57 -57.57
N LYS F 255 -16.33 7.16 -57.04
CA LYS F 255 -16.20 8.61 -56.99
C LYS F 255 -14.73 8.97 -57.21
N LYS F 256 -14.46 9.72 -58.27
CA LYS F 256 -13.09 10.14 -58.54
C LYS F 256 -12.62 11.08 -57.43
N LEU F 257 -11.43 10.80 -56.91
CA LEU F 257 -10.88 11.61 -55.82
C LEU F 257 -10.20 12.84 -56.37
N THR F 258 -10.21 13.90 -55.56
CA THR F 258 -9.58 15.16 -55.92
C THR F 258 -8.92 15.75 -54.68
N TRP F 259 -8.00 16.69 -54.92
CA TRP F 259 -7.28 17.31 -53.81
C TRP F 259 -8.25 17.98 -52.84
N GLU F 260 -9.22 18.72 -53.36
CA GLU F 260 -10.18 19.41 -52.49
C GLU F 260 -11.04 18.44 -51.69
N ASP F 261 -11.19 17.20 -52.16
CA ASP F 261 -12.00 16.23 -51.42
C ASP F 261 -11.39 15.93 -50.06
N LEU F 262 -10.07 15.79 -50.00
CA LEU F 262 -9.41 15.53 -48.73
C LEU F 262 -9.58 16.72 -47.79
N ARG F 263 -9.87 16.43 -46.53
CA ARG F 263 -10.10 17.44 -45.52
C ARG F 263 -9.36 17.04 -44.25
N PRO F 264 -9.11 17.98 -43.34
CA PRO F 264 -8.43 17.62 -42.09
C PRO F 264 -9.21 16.57 -41.32
N ILE F 265 -8.47 15.68 -40.66
CA ILE F 265 -9.05 14.56 -39.93
C ILE F 265 -9.16 14.93 -38.45
N GLY F 266 -10.33 14.67 -37.87
CA GLY F 266 -10.55 14.94 -36.47
C GLY F 266 -10.31 16.40 -36.11
N PRO F 267 -11.15 17.29 -36.63
CA PRO F 267 -11.01 18.71 -36.28
C PRO F 267 -11.27 19.00 -34.82
N HIS F 268 -11.92 18.08 -34.09
CA HIS F 268 -12.21 18.34 -32.68
C HIS F 268 -10.95 18.56 -31.86
N ILE F 269 -9.83 17.97 -32.29
CA ILE F 269 -8.58 18.16 -31.56
C ILE F 269 -8.21 19.63 -31.49
N TYR F 270 -8.71 20.44 -32.42
CA TYR F 270 -8.50 21.87 -32.39
C TYR F 270 -9.47 22.60 -31.47
N ASN F 271 -10.39 21.87 -30.84
CA ASN F 271 -11.39 22.48 -29.96
C ASN F 271 -10.71 22.82 -28.63
N HIS F 272 -10.59 24.12 -28.33
CA HIS F 272 -9.92 24.54 -27.11
C HIS F 272 -10.69 24.16 -25.85
N GLU F 273 -11.99 23.85 -25.98
CA GLU F 273 -12.76 23.48 -24.80
C GLU F 273 -12.24 22.20 -24.17
N LEU F 274 -11.86 21.22 -24.99
CA LEU F 274 -11.40 19.96 -24.47
C LEU F 274 -10.07 20.14 -23.74
N PRO F 275 -9.79 19.31 -22.74
CA PRO F 275 -8.55 19.47 -21.96
C PRO F 275 -7.33 19.01 -22.75
N GLU F 276 -6.16 19.44 -22.27
CA GLU F 276 -4.91 19.01 -22.86
C GLU F 276 -4.68 17.54 -22.56
N VAL F 277 -3.93 16.88 -23.44
CA VAL F 277 -3.66 15.45 -23.26
C VAL F 277 -2.63 15.27 -22.15
N PRO F 278 -2.88 14.43 -21.15
CA PRO F 278 -1.91 14.26 -20.07
C PRO F 278 -0.68 13.49 -20.55
N TYR F 279 0.29 13.37 -19.65
CA TYR F 279 1.52 12.64 -19.90
C TYR F 279 1.38 11.26 -19.26
N ASN F 280 1.10 10.25 -20.07
CA ASN F 280 0.83 8.90 -19.57
C ASN F 280 1.98 7.93 -19.85
N ALA F 281 3.13 8.43 -20.29
CA ALA F 281 4.28 7.55 -20.49
C ALA F 281 4.78 7.01 -19.16
N PHE F 282 5.35 5.81 -19.19
CA PHE F 282 5.78 5.16 -17.96
C PHE F 282 6.90 5.93 -17.29
N LEU F 283 7.91 6.33 -18.06
CA LEU F 283 9.07 7.02 -17.54
C LEU F 283 9.26 8.36 -18.24
N LEU F 284 9.72 9.35 -17.48
CA LEU F 284 10.03 10.65 -18.06
C LEU F 284 11.09 10.47 -19.14
N MET F 285 10.86 11.10 -20.29
CA MET F 285 11.74 10.97 -21.44
C MET F 285 12.59 12.21 -21.67
N SER F 286 11.97 13.38 -21.79
CA SER F 286 12.72 14.61 -22.02
C SER F 286 13.08 15.33 -20.73
N ASP F 287 12.40 15.05 -19.63
CA ASP F 287 12.61 15.73 -18.36
C ASP F 287 13.48 14.93 -17.40
N GLU F 288 14.06 13.82 -17.86
CA GLU F 288 14.86 12.98 -16.97
C GLU F 288 16.00 13.79 -16.36
N LEU F 289 16.54 13.26 -15.27
CA LEU F 289 17.69 13.87 -14.60
C LEU F 289 18.49 12.75 -13.95
N GLY F 290 19.64 12.42 -14.55
CA GLY F 290 20.46 11.35 -14.04
C GLY F 290 21.55 11.90 -13.13
N LEU F 291 21.66 11.32 -11.94
CA LEU F 291 22.70 11.69 -10.98
C LEU F 291 23.99 11.00 -11.41
N ALA F 292 24.76 11.69 -12.24
CA ALA F 292 25.96 11.09 -12.81
C ALA F 292 26.94 10.69 -11.72
N ASN F 293 27.62 9.56 -11.94
CA ASN F 293 28.63 9.07 -11.01
C ASN F 293 29.66 8.31 -11.83
N MET F 294 30.76 8.98 -12.18
CA MET F 294 31.77 8.37 -13.03
C MET F 294 32.29 7.08 -12.39
N THR F 295 32.44 6.05 -13.21
CA THR F 295 32.93 4.76 -12.75
C THR F 295 33.94 4.21 -13.75
N GLU F 296 34.77 3.29 -13.26
CA GLU F 296 35.79 2.69 -14.13
C GLU F 296 35.14 1.92 -15.27
N GLY F 297 34.07 1.19 -14.99
CA GLY F 297 33.39 0.42 -16.00
C GLY F 297 32.98 -0.96 -15.53
N LYS F 298 33.21 -1.25 -14.25
CA LYS F 298 32.82 -2.54 -13.71
C LYS F 298 31.30 -2.65 -13.59
N SER F 299 30.82 -3.90 -13.57
CA SER F 299 29.40 -4.17 -13.41
C SER F 299 29.09 -4.44 -11.95
N LYS F 300 28.10 -3.72 -11.42
CA LYS F 300 27.71 -3.83 -10.03
C LYS F 300 26.20 -3.92 -9.92
N LYS F 301 25.75 -4.50 -8.79
CA LYS F 301 24.33 -4.67 -8.59
C LYS F 301 23.63 -3.32 -8.53
N PRO F 302 22.37 -3.24 -8.98
CA PRO F 302 21.69 -1.94 -8.98
C PRO F 302 21.60 -1.30 -7.61
N LYS F 303 21.45 -2.10 -6.56
CA LYS F 303 21.33 -1.54 -5.22
C LYS F 303 22.60 -0.78 -4.83
N THR F 304 23.76 -1.38 -5.09
CA THR F 304 25.02 -0.71 -4.77
C THR F 304 25.21 0.54 -5.60
N LEU F 305 24.83 0.50 -6.88
CA LEU F 305 24.96 1.67 -7.74
C LEU F 305 24.08 2.80 -7.21
N ALA F 306 22.83 2.49 -6.85
CA ALA F 306 21.95 3.51 -6.30
C ALA F 306 22.49 4.06 -4.99
N LYS F 307 23.02 3.18 -4.14
CA LYS F 307 23.59 3.64 -2.87
C LYS F 307 24.73 4.61 -3.10
N GLU F 308 25.63 4.28 -4.03
CA GLU F 308 26.76 5.16 -4.31
C GLU F 308 26.28 6.47 -4.91
N CYS F 309 25.31 6.41 -5.82
CA CYS F 309 24.82 7.63 -6.46
C CYS F 309 24.18 8.55 -5.43
N LEU F 310 23.40 8.00 -4.51
CA LEU F 310 22.81 8.81 -3.46
C LEU F 310 23.88 9.34 -2.50
N GLU F 311 24.91 8.55 -2.23
CA GLU F 311 26.00 9.03 -1.38
C GLU F 311 26.68 10.23 -2.01
N LYS F 312 26.93 10.18 -3.33
CA LYS F 312 27.54 11.32 -4.00
C LYS F 312 26.68 12.56 -3.85
N TYR F 313 25.38 12.43 -4.09
CA TYR F 313 24.42 13.51 -3.87
C TYR F 313 23.73 13.33 -2.52
N SER F 314 24.53 13.40 -1.46
CA SER F 314 24.02 13.11 -0.12
C SER F 314 22.91 14.06 0.28
N THR F 315 22.97 15.31 -0.17
CA THR F 315 21.97 16.29 0.26
C THR F 315 20.56 15.84 -0.11
N LEU F 316 20.38 15.34 -1.33
CA LEU F 316 19.07 14.87 -1.74
C LEU F 316 18.63 13.65 -0.91
N ARG F 317 19.56 12.75 -0.61
CA ARG F 317 19.21 11.56 0.15
C ARG F 317 18.72 11.92 1.54
N ASP F 318 19.37 12.88 2.19
CA ASP F 318 19.06 13.26 3.56
C ASP F 318 17.92 14.26 3.66
N GLN F 319 17.18 14.49 2.58
CA GLN F 319 16.06 15.41 2.60
C GLN F 319 14.87 14.74 3.30
N THR F 320 14.38 15.37 4.36
CA THR F 320 13.26 14.83 5.13
C THR F 320 12.03 15.72 5.14
N ASP F 321 12.17 17.01 4.83
CA ASP F 321 11.03 17.91 4.79
C ASP F 321 10.67 18.17 3.33
N PRO F 322 9.55 17.64 2.83
CA PRO F 322 9.23 17.83 1.41
C PRO F 322 8.48 19.14 1.15
N ILE F 323 8.90 19.86 0.12
CA ILE F 323 8.23 21.09 -0.30
C ILE F 323 7.31 20.70 -1.45
N LEU F 324 6.09 20.32 -1.11
CA LEU F 324 5.12 19.91 -2.12
C LEU F 324 4.90 21.04 -3.11
N ILE F 325 4.89 20.69 -4.40
CA ILE F 325 4.71 21.66 -5.47
C ILE F 325 3.41 21.41 -6.24
N MET F 326 3.08 20.14 -6.50
CA MET F 326 1.85 19.80 -7.19
C MET F 326 1.36 18.47 -6.65
N LYS F 327 0.05 18.24 -6.80
CA LYS F 327 -0.59 17.06 -6.26
C LYS F 327 -1.55 16.48 -7.29
N SER F 328 -1.69 15.16 -7.29
CA SER F 328 -2.65 14.50 -8.16
C SER F 328 -4.06 14.63 -7.58
N GLU F 329 -5.04 14.34 -8.42
CA GLU F 329 -6.43 14.52 -8.00
C GLU F 329 -6.80 13.57 -6.85
N LYS F 330 -6.34 12.33 -6.92
CA LYS F 330 -6.71 11.32 -5.94
C LYS F 330 -5.56 10.87 -5.05
N ALA F 331 -4.32 10.88 -5.54
CA ALA F 331 -3.20 10.38 -4.76
C ALA F 331 -2.97 11.25 -3.53
N ASN F 332 -2.44 10.63 -2.48
CA ASN F 332 -2.14 11.30 -1.22
C ASN F 332 -0.65 11.60 -1.17
N GLU F 333 -0.30 12.88 -1.00
CA GLU F 333 1.11 13.26 -1.01
C GLU F 333 1.87 12.66 0.16
N ASN F 334 1.23 12.61 1.35
CA ASN F 334 1.92 12.11 2.53
C ASN F 334 2.34 10.66 2.35
N PHE F 335 1.42 9.83 1.84
CA PHE F 335 1.72 8.42 1.67
C PHE F 335 2.86 8.21 0.68
N LEU F 336 2.82 8.92 -0.45
CA LEU F 336 3.87 8.80 -1.44
C LEU F 336 5.21 9.24 -0.86
N TRP F 337 5.22 10.34 -0.12
CA TRP F 337 6.48 10.82 0.45
C TRP F 337 7.05 9.84 1.44
N LYS F 338 6.19 9.27 2.30
CA LYS F 338 6.69 8.29 3.26
C LYS F 338 7.20 7.05 2.56
N LEU F 339 6.53 6.63 1.48
CA LEU F 339 7.01 5.49 0.72
C LEU F 339 8.37 5.78 0.10
N TRP F 340 8.56 6.98 -0.44
CA TRP F 340 9.86 7.36 -0.99
C TRP F 340 10.93 7.38 0.08
N ARG F 341 10.59 7.87 1.27
CA ARG F 341 11.55 7.87 2.37
C ARG F 341 11.93 6.44 2.74
N ASP F 342 10.95 5.53 2.77
CA ASP F 342 11.26 4.13 3.04
C ASP F 342 12.15 3.54 1.96
N CYS F 343 11.88 3.89 0.70
CA CYS F 343 12.69 3.37 -0.40
C CYS F 343 14.14 3.83 -0.27
N VAL F 344 14.35 5.11 0.01
CA VAL F 344 15.71 5.62 0.14
C VAL F 344 16.39 5.01 1.36
N ASN F 345 15.64 4.81 2.45
CA ASN F 345 16.23 4.15 3.62
C ASN F 345 16.68 2.74 3.28
N THR F 346 15.86 2.00 2.54
CA THR F 346 16.25 0.65 2.15
C THR F 346 17.46 0.67 1.22
N ILE F 347 17.52 1.65 0.31
CA ILE F 347 18.66 1.74 -0.60
C ILE F 347 19.94 2.03 0.17
N SER F 348 19.84 2.89 1.19
CA SER F 348 21.03 3.33 1.92
C SER F 348 21.46 2.36 3.02
N ASN F 349 20.73 1.27 3.25
CA ASN F 349 21.08 0.33 4.31
C ASN F 349 22.20 -0.57 3.81
N GLU F 350 22.49 -1.64 4.56
CA GLU F 350 23.61 -2.52 4.27
C GLU F 350 23.21 -3.91 3.80
N GLU F 351 21.97 -4.34 4.05
CA GLU F 351 21.56 -5.68 3.65
C GLU F 351 21.59 -5.81 2.13
N MET F 352 21.98 -7.00 1.66
CA MET F 352 22.10 -7.23 0.22
C MET F 352 20.74 -7.11 -0.47
N SER F 353 19.70 -7.63 0.16
CA SER F 353 18.38 -7.63 -0.46
C SER F 353 17.88 -6.20 -0.63
N ASN F 354 17.10 -5.98 -1.69
CA ASN F 354 16.45 -4.70 -1.97
C ASN F 354 14.99 -4.73 -1.58
N GLU F 355 14.66 -5.43 -0.50
CA GLU F 355 13.28 -5.67 -0.10
C GLU F 355 12.87 -4.65 0.95
N LEU F 356 11.71 -4.03 0.75
CA LEU F 356 11.18 -3.11 1.74
C LEU F 356 10.81 -3.87 3.02
N GLN F 357 11.11 -3.26 4.16
CA GLN F 357 10.73 -3.81 5.45
C GLN F 357 9.61 -3.03 6.13
N LYS F 358 9.40 -1.77 5.75
CA LYS F 358 8.28 -0.98 6.26
C LYS F 358 7.17 -1.02 5.21
N THR F 359 6.44 -2.14 5.23
CA THR F 359 5.37 -2.38 4.26
C THR F 359 4.14 -1.50 4.52
N ASN F 360 4.08 -0.80 5.64
CA ASN F 360 2.89 -0.02 5.98
C ASN F 360 2.54 0.99 4.90
N TYR F 361 3.43 1.96 4.66
CA TYR F 361 3.14 3.02 3.71
C TYR F 361 3.06 2.50 2.30
N ALA F 362 3.88 1.50 1.96
CA ALA F 362 3.80 0.91 0.63
C ALA F 362 2.43 0.30 0.38
N LYS F 363 1.91 -0.43 1.37
CA LYS F 363 0.59 -1.05 1.24
C LYS F 363 -0.50 0.00 1.15
N TRP F 364 -0.42 1.04 1.98
CA TRP F 364 -1.51 2.01 2.04
C TRP F 364 -1.41 3.11 0.98
N ALA F 365 -0.30 3.20 0.25
CA ALA F 365 -0.11 4.28 -0.71
C ALA F 365 -0.59 3.93 -2.11
N THR F 366 -0.40 2.68 -2.53
CA THR F 366 -0.77 2.26 -3.87
C THR F 366 -2.22 1.79 -3.95
N GLY F 367 -3.01 2.03 -2.91
CA GLY F 367 -4.38 1.57 -2.91
C GLY F 367 -4.53 0.08 -3.02
N ASP F 368 -3.58 -0.68 -2.46
CA ASP F 368 -3.62 -2.13 -2.53
C ASP F 368 -4.60 -2.75 -1.54
N GLY F 369 -5.09 -1.97 -0.58
CA GLY F 369 -6.04 -2.48 0.39
C GLY F 369 -7.47 -2.13 0.04
N LEU F 370 -7.65 -1.31 -0.99
CA LEU F 370 -8.98 -0.86 -1.39
C LEU F 370 -9.62 -1.76 -2.43
N THR F 371 -8.98 -2.86 -2.81
CA THR F 371 -9.56 -3.76 -3.79
C THR F 371 -10.80 -4.43 -3.24
N TYR F 372 -11.81 -4.59 -4.09
CA TYR F 372 -13.05 -5.21 -3.67
C TYR F 372 -12.82 -6.69 -3.33
N GLN F 373 -13.66 -7.22 -2.45
CA GLN F 373 -13.58 -8.62 -2.06
C GLN F 373 -14.56 -9.43 -2.90
N LYS F 374 -14.07 -10.55 -3.46
CA LYS F 374 -14.91 -11.40 -4.28
C LYS F 374 -15.78 -12.30 -3.40
N ILE F 375 -17.06 -12.38 -3.74
CA ILE F 375 -18.00 -13.22 -3.02
C ILE F 375 -18.58 -14.25 -3.98
N MET F 376 -19.26 -15.24 -3.42
CA MET F 376 -19.82 -16.32 -4.23
C MET F 376 -20.86 -15.74 -5.19
N LYS F 377 -20.93 -16.33 -6.39
CA LYS F 377 -21.85 -15.82 -7.40
C LYS F 377 -23.30 -15.88 -6.93
N GLU F 378 -23.63 -16.88 -6.10
CA GLU F 378 -25.02 -17.03 -5.67
C GLU F 378 -25.51 -15.81 -4.92
N VAL F 379 -24.68 -15.28 -4.01
CA VAL F 379 -25.06 -14.08 -3.27
C VAL F 379 -25.30 -12.92 -4.22
N ALA F 380 -24.41 -12.75 -5.21
CA ALA F 380 -24.56 -11.66 -6.16
C ALA F 380 -25.87 -11.80 -6.94
N ILE F 381 -26.19 -13.02 -7.37
CA ILE F 381 -27.46 -13.23 -8.06
C ILE F 381 -28.62 -12.85 -7.15
N ASP F 382 -28.58 -13.30 -5.90
CA ASP F 382 -29.64 -12.95 -4.96
C ASP F 382 -29.65 -11.45 -4.67
N ASP F 383 -28.47 -10.85 -4.51
CA ASP F 383 -28.39 -9.44 -4.19
C ASP F 383 -28.92 -8.59 -5.33
N GLU F 384 -29.56 -7.47 -4.96
CA GLU F 384 -30.12 -6.54 -5.94
C GLU F 384 -29.25 -5.31 -6.19
N THR F 385 -28.32 -5.00 -5.29
CA THR F 385 -27.48 -3.82 -5.45
C THR F 385 -26.22 -4.08 -6.27
N MET F 386 -25.94 -5.34 -6.61
CA MET F 386 -24.77 -5.67 -7.41
C MET F 386 -25.15 -5.60 -8.89
N CYS F 387 -24.67 -4.56 -9.56
CA CYS F 387 -24.96 -4.33 -10.97
C CYS F 387 -23.68 -4.04 -11.72
N GLN F 388 -23.65 -4.44 -12.99
CA GLN F 388 -22.48 -4.19 -13.82
C GLN F 388 -22.25 -2.70 -13.98
N GLU F 389 -20.98 -2.31 -14.01
CA GLU F 389 -20.61 -0.90 -14.11
C GLU F 389 -20.35 -0.52 -15.56
N GLU F 390 -20.70 0.71 -15.90
CA GLU F 390 -20.54 1.19 -17.26
C GLU F 390 -19.06 1.29 -17.61
N PRO F 391 -18.70 1.16 -18.90
CA PRO F 391 -17.29 1.24 -19.29
C PRO F 391 -16.83 2.70 -19.31
N LYS F 392 -15.67 2.96 -18.70
CA LYS F 392 -15.10 4.30 -18.66
C LYS F 392 -14.44 4.56 -20.01
N ILE F 393 -15.25 4.98 -20.97
CA ILE F 393 -14.72 5.24 -22.31
C ILE F 393 -13.66 6.33 -22.21
N PRO F 394 -12.59 6.29 -23.01
CA PRO F 394 -11.57 7.34 -22.93
C PRO F 394 -12.17 8.70 -23.20
N ASN F 395 -11.70 9.70 -22.44
CA ASN F 395 -12.14 11.06 -22.67
C ASN F 395 -11.64 11.57 -24.02
N LYS F 396 -12.05 12.78 -24.38
CA LYS F 396 -11.62 13.43 -25.59
C LYS F 396 -10.79 14.65 -25.23
N CYS F 397 -9.60 14.76 -25.82
CA CYS F 397 -8.65 15.81 -25.47
C CYS F 397 -8.18 16.52 -26.73
N ARG F 398 -7.76 17.77 -26.56
CA ARG F 398 -7.29 18.57 -27.68
C ARG F 398 -5.79 18.38 -27.85
N VAL F 399 -5.18 19.18 -28.73
CA VAL F 399 -3.75 19.04 -29.01
C VAL F 399 -2.96 19.39 -27.76
N ALA F 400 -1.97 18.57 -27.44
CA ALA F 400 -1.07 18.80 -26.31
C ALA F 400 0.25 19.35 -26.83
N ALA F 401 0.64 20.52 -26.32
CA ALA F 401 1.84 21.19 -26.81
C ALA F 401 3.12 20.50 -26.37
N TRP F 402 3.08 19.62 -25.38
CA TRP F 402 4.30 19.00 -24.88
C TRP F 402 4.78 17.86 -25.76
N VAL F 403 3.93 17.29 -26.61
CA VAL F 403 4.39 16.22 -27.50
C VAL F 403 5.34 16.78 -28.55
N GLN F 404 5.07 18.00 -29.03
CA GLN F 404 6.01 18.63 -29.97
C GLN F 404 7.36 18.85 -29.33
N THR F 405 7.39 19.31 -28.07
CA THR F 405 8.65 19.48 -27.38
C THR F 405 9.35 18.15 -27.16
N GLU F 406 8.58 17.11 -26.83
CA GLU F 406 9.16 15.78 -26.67
C GLU F 406 9.86 15.34 -27.96
N MET F 407 9.16 15.47 -29.09
CA MET F 407 9.75 15.07 -30.36
C MET F 407 10.97 15.92 -30.69
N ASN F 408 10.90 17.23 -30.43
CA ASN F 408 12.02 18.11 -30.74
C ASN F 408 13.26 17.72 -29.93
N LEU F 409 13.07 17.52 -28.62
CA LEU F 409 14.22 17.29 -27.75
C LEU F 409 14.79 15.88 -27.91
N LEU F 410 13.93 14.87 -28.03
CA LEU F 410 14.43 13.50 -28.16
C LEU F 410 15.20 13.28 -29.46
N SER F 411 15.08 14.17 -30.44
CA SER F 411 15.82 14.07 -31.68
C SER F 411 17.13 14.85 -31.66
N THR F 412 17.47 15.50 -30.55
CA THR F 412 18.71 16.25 -30.47
C THR F 412 19.87 15.33 -30.15
N LEU F 413 21.08 15.83 -30.42
CA LEU F 413 22.30 15.12 -30.09
C LEU F 413 22.84 15.63 -28.76
N THR F 414 22.96 14.72 -27.78
CA THR F 414 23.48 15.07 -26.48
C THR F 414 24.98 14.80 -26.45
N SER F 415 25.57 14.86 -25.26
CA SER F 415 27.00 14.64 -25.07
C SER F 415 27.32 13.22 -24.64
N LYS F 416 26.33 12.34 -24.55
CA LYS F 416 26.56 10.99 -24.06
C LYS F 416 25.82 9.99 -24.94
N ARG F 417 26.39 8.79 -25.03
CA ARG F 417 25.80 7.68 -25.78
C ARG F 417 25.70 6.47 -24.87
N ALA F 418 24.73 5.61 -25.16
CA ALA F 418 24.46 4.45 -24.32
C ALA F 418 24.36 3.16 -25.13
N LEU F 419 24.96 3.11 -26.31
CA LEU F 419 24.91 1.94 -27.17
C LEU F 419 26.30 1.36 -27.32
N ASP F 420 26.45 0.07 -27.02
CA ASP F 420 27.72 -0.66 -27.19
C ASP F 420 27.36 -2.06 -27.65
N LEU F 421 27.34 -2.24 -28.97
CA LEU F 421 26.98 -3.53 -29.54
C LEU F 421 28.22 -4.36 -29.84
N PRO F 422 28.11 -5.68 -29.84
CA PRO F 422 29.29 -6.51 -30.11
C PRO F 422 29.79 -6.39 -31.54
N GLU F 423 30.81 -7.16 -31.88
CA GLU F 423 31.42 -7.09 -33.20
C GLU F 423 30.83 -8.14 -34.13
N ILE F 424 31.18 -8.02 -35.41
CA ILE F 424 30.76 -8.95 -36.44
C ILE F 424 31.99 -9.38 -37.22
N GLY F 425 31.86 -10.51 -37.92
CA GLY F 425 32.95 -11.05 -38.69
C GLY F 425 33.34 -10.13 -39.83
N PRO F 426 34.53 -10.33 -40.38
CA PRO F 426 34.97 -9.45 -41.48
C PRO F 426 34.04 -9.54 -42.67
N ASP F 427 33.86 -8.41 -43.34
CA ASP F 427 32.98 -8.33 -44.50
C ASP F 427 33.76 -8.62 -45.77
N VAL F 428 33.21 -9.48 -46.63
CA VAL F 428 33.86 -9.87 -47.86
C VAL F 428 32.95 -9.55 -49.04
N ALA F 429 31.73 -10.07 -49.02
CA ALA F 429 30.82 -9.89 -50.13
C ALA F 429 30.43 -8.42 -50.25
N PRO F 430 30.15 -7.95 -51.47
CA PRO F 430 29.76 -6.53 -51.62
C PRO F 430 28.53 -6.17 -50.81
N VAL F 431 27.58 -7.09 -50.68
CA VAL F 431 26.37 -6.80 -49.89
C VAL F 431 26.76 -6.58 -48.43
N GLU F 432 27.71 -7.35 -47.92
CA GLU F 432 28.19 -7.11 -46.57
C GLU F 432 28.84 -5.74 -46.42
N HIS F 433 29.62 -5.33 -47.42
CA HIS F 433 30.23 -4.01 -47.35
C HIS F 433 29.16 -2.92 -47.34
N VAL F 434 28.14 -3.06 -48.17
CA VAL F 434 27.06 -2.07 -48.20
C VAL F 434 26.35 -2.02 -46.85
N GLY F 435 26.04 -3.19 -46.30
CA GLY F 435 25.38 -3.22 -45.01
C GLY F 435 26.23 -2.61 -43.91
N SER F 436 27.54 -2.89 -43.93
CA SER F 436 28.43 -2.33 -42.93
C SER F 436 28.51 -0.81 -43.05
N GLU F 437 28.56 -0.30 -44.28
CA GLU F 437 28.58 1.15 -44.46
C GLU F 437 27.29 1.77 -43.93
N ARG F 438 26.15 1.15 -44.24
CA ARG F 438 24.88 1.66 -43.74
C ARG F 438 24.85 1.65 -42.22
N ARG F 439 25.32 0.57 -41.60
CA ARG F 439 25.36 0.50 -40.14
C ARG F 439 26.27 1.57 -39.58
N LYS F 440 27.43 1.77 -40.17
CA LYS F 440 28.35 2.80 -39.71
C LYS F 440 27.69 4.16 -39.74
N TYR F 441 27.08 4.53 -40.87
CA TYR F 441 26.42 5.82 -40.96
C TYR F 441 25.30 5.94 -39.93
N PHE F 442 24.48 4.90 -39.80
CA PHE F 442 23.35 4.96 -38.89
C PHE F 442 23.81 5.16 -37.45
N VAL F 443 24.75 4.34 -36.99
CA VAL F 443 25.20 4.45 -35.60
C VAL F 443 25.89 5.79 -35.38
N ASN F 444 26.74 6.21 -36.31
CA ASN F 444 27.40 7.51 -36.16
C ASN F 444 26.36 8.62 -36.03
N GLU F 445 25.25 8.50 -36.76
CA GLU F 445 24.25 9.57 -36.73
C GLU F 445 23.45 9.54 -35.44
N ILE F 446 23.09 8.35 -34.95
CA ILE F 446 22.17 8.27 -33.82
C ILE F 446 22.83 7.64 -32.60
N ASN F 447 24.17 7.68 -32.55
CA ASN F 447 24.86 7.16 -31.37
C ASN F 447 24.53 7.98 -30.14
N TYR F 448 24.65 9.30 -30.24
CA TYR F 448 24.47 10.20 -29.09
C TYR F 448 23.06 10.75 -28.99
N CYS F 449 22.16 10.39 -29.90
CA CYS F 449 20.81 10.92 -29.87
C CYS F 449 20.15 10.61 -28.53
N LYS F 450 19.48 11.60 -27.95
CA LYS F 450 18.85 11.42 -26.65
C LYS F 450 17.82 10.29 -26.69
N ALA F 451 17.21 10.07 -27.86
CA ALA F 451 16.24 8.99 -27.98
C ALA F 451 16.88 7.64 -27.68
N SER F 452 18.12 7.44 -28.11
CA SER F 452 18.79 6.18 -27.84
C SER F 452 18.99 5.97 -26.34
N THR F 453 19.41 7.01 -25.62
CA THR F 453 19.58 6.89 -24.18
C THR F 453 18.25 6.62 -23.48
N VAL F 454 17.19 7.32 -23.90
CA VAL F 454 15.89 7.09 -23.29
C VAL F 454 15.42 5.67 -23.55
N MET F 455 15.63 5.18 -24.78
CA MET F 455 15.26 3.81 -25.12
C MET F 455 16.04 2.81 -24.27
N MET F 456 17.33 3.05 -24.07
CA MET F 456 18.12 2.14 -23.26
C MET F 456 17.65 2.15 -21.81
N LYS F 457 17.34 3.33 -21.27
CA LYS F 457 16.80 3.40 -19.92
C LYS F 457 15.49 2.63 -19.82
N TYR F 458 14.61 2.82 -20.80
CA TYR F 458 13.32 2.14 -20.79
C TYR F 458 13.51 0.63 -20.79
N VAL F 459 14.31 0.12 -21.73
CA VAL F 459 14.47 -1.32 -21.85
C VAL F 459 15.15 -1.89 -20.61
N LEU F 460 16.17 -1.20 -20.08
CA LEU F 460 16.85 -1.70 -18.89
C LEU F 460 15.92 -1.74 -17.69
N PHE F 461 15.12 -0.68 -17.50
CA PHE F 461 14.20 -0.67 -16.37
C PHE F 461 13.17 -1.78 -16.49
N HIS F 462 12.62 -1.98 -17.69
CA HIS F 462 11.65 -3.04 -17.87
C HIS F 462 12.27 -4.41 -17.67
N THR F 463 13.52 -4.59 -18.11
CA THR F 463 14.21 -5.85 -17.90
C THR F 463 14.39 -6.11 -16.41
N SER F 464 14.79 -5.10 -15.66
CA SER F 464 14.95 -5.26 -14.22
C SER F 464 13.61 -5.57 -13.55
N LEU F 465 12.55 -4.89 -13.98
CA LEU F 465 11.22 -5.16 -13.42
C LEU F 465 10.83 -6.61 -13.67
N LEU F 466 11.04 -7.09 -14.90
CA LEU F 466 10.72 -8.48 -15.21
C LEU F 466 11.55 -9.45 -14.38
N ASN F 467 12.85 -9.17 -14.23
CA ASN F 467 13.71 -10.07 -13.47
C ASN F 467 13.28 -10.12 -12.01
N GLU F 468 12.91 -8.98 -11.43
CA GLU F 468 12.53 -8.96 -10.02
C GLU F 468 11.30 -9.83 -9.76
N SER F 469 10.46 -10.03 -10.77
CA SER F 469 9.28 -10.88 -10.65
C SER F 469 9.62 -12.36 -10.75
N ASN F 470 10.90 -12.72 -10.73
CA ASN F 470 11.29 -14.13 -10.86
C ASN F 470 10.73 -14.95 -9.70
N ALA F 471 11.16 -14.65 -8.48
CA ALA F 471 10.73 -15.36 -7.29
C ALA F 471 9.96 -14.50 -6.30
N SER F 472 10.17 -13.19 -6.30
CA SER F 472 9.48 -12.29 -5.38
C SER F 472 8.19 -11.82 -6.03
N MET F 473 7.06 -12.33 -5.56
CA MET F 473 5.76 -11.96 -6.11
C MET F 473 4.83 -11.47 -5.01
N GLY F 474 5.04 -11.96 -3.78
CA GLY F 474 4.22 -11.56 -2.66
C GLY F 474 4.88 -10.52 -1.78
N LYS F 475 5.90 -9.85 -2.29
CA LYS F 475 6.70 -8.93 -1.51
C LYS F 475 7.00 -7.68 -2.33
N TYR F 476 7.23 -6.58 -1.61
CA TYR F 476 7.58 -5.31 -2.24
C TYR F 476 9.07 -5.29 -2.55
N LYS F 477 9.41 -4.81 -3.75
CA LYS F 477 10.81 -4.76 -4.17
C LYS F 477 11.15 -3.35 -4.62
N VAL F 478 12.27 -2.82 -4.13
CA VAL F 478 12.76 -1.52 -4.54
C VAL F 478 13.73 -1.71 -5.69
N ILE F 479 13.56 -0.92 -6.75
CA ILE F 479 14.36 -1.05 -7.97
C ILE F 479 14.80 0.34 -8.39
N PRO F 480 16.10 0.61 -8.50
CA PRO F 480 16.54 1.92 -8.98
C PRO F 480 16.50 1.98 -10.50
N ILE F 481 16.12 3.15 -11.01
CA ILE F 481 16.04 3.38 -12.46
C ILE F 481 17.41 3.87 -12.89
N THR F 482 18.31 2.92 -13.17
CA THR F 482 19.70 3.22 -13.48
C THR F 482 19.96 3.06 -14.97
N ASN F 483 21.14 3.52 -15.37
CA ASN F 483 21.56 3.45 -16.76
C ASN F 483 23.08 3.53 -16.82
N ARG F 484 23.65 2.90 -17.83
CA ARG F 484 25.09 2.94 -18.07
C ARG F 484 25.33 3.73 -19.34
N VAL F 485 26.13 4.79 -19.25
CA VAL F 485 26.28 5.73 -20.35
C VAL F 485 27.76 5.98 -20.60
N VAL F 486 28.08 6.38 -21.83
CA VAL F 486 29.45 6.65 -22.24
C VAL F 486 29.46 7.96 -23.02
N ASN F 487 30.49 8.76 -22.80
CA ASN F 487 30.62 10.07 -23.43
C ASN F 487 31.70 10.03 -24.50
N GLU F 488 31.90 11.17 -25.18
CA GLU F 488 32.86 11.24 -26.26
C GLU F 488 34.28 11.00 -25.75
N LYS F 489 34.63 11.60 -24.61
CA LYS F 489 36.00 11.49 -24.11
C LYS F 489 36.36 10.04 -23.77
N GLY F 490 35.37 9.16 -23.63
CA GLY F 490 35.59 7.77 -23.34
C GLY F 490 35.25 7.37 -21.91
N GLU F 491 35.31 8.31 -20.98
CA GLU F 491 34.93 8.00 -19.60
C GLU F 491 33.45 7.67 -19.53
N SER F 492 33.12 6.63 -18.77
CA SER F 492 31.76 6.12 -18.71
C SER F 492 31.16 6.43 -17.34
N PHE F 493 29.87 6.76 -17.34
CA PHE F 493 29.14 7.13 -16.14
C PHE F 493 28.02 6.13 -15.87
N ASP F 494 27.61 6.09 -14.61
CA ASP F 494 26.51 5.25 -14.15
C ASP F 494 25.44 6.18 -13.58
N MET F 495 24.41 6.46 -14.39
CA MET F 495 23.39 7.42 -14.02
C MET F 495 22.27 6.74 -13.24
N LEU F 496 21.70 7.46 -12.28
CA LEU F 496 20.53 7.04 -11.53
C LEU F 496 19.42 8.04 -11.77
N TYR F 497 18.31 7.58 -12.34
CA TYR F 497 17.21 8.46 -12.70
C TYR F 497 16.09 8.47 -11.67
N GLY F 498 16.23 7.73 -10.58
CA GLY F 498 15.22 7.65 -9.56
C GLY F 498 15.01 6.22 -9.13
N LEU F 499 13.96 5.99 -8.34
CA LEU F 499 13.65 4.69 -7.81
C LEU F 499 12.22 4.30 -8.19
N ALA F 500 11.86 3.07 -7.88
CA ALA F 500 10.50 2.60 -8.10
C ALA F 500 10.27 1.37 -7.25
N VAL F 501 9.20 1.35 -6.48
CA VAL F 501 8.87 0.19 -5.66
C VAL F 501 7.73 -0.56 -6.31
N LYS F 502 7.93 -1.85 -6.52
CA LYS F 502 6.97 -2.74 -7.16
C LYS F 502 6.28 -3.56 -6.09
N GLY F 503 4.95 -3.62 -6.16
CA GLY F 503 4.14 -4.33 -5.20
C GLY F 503 4.03 -5.80 -5.51
N GLN F 504 3.09 -6.45 -4.84
CA GLN F 504 2.89 -7.89 -4.96
C GLN F 504 1.80 -8.21 -5.96
N SER F 505 1.93 -9.38 -6.59
CA SER F 505 0.91 -9.92 -7.49
C SER F 505 0.65 -11.35 -7.03
N HIS F 506 -0.29 -11.50 -6.08
CA HIS F 506 -0.57 -12.83 -5.54
C HIS F 506 -1.04 -13.78 -6.63
N LEU F 507 -1.87 -13.28 -7.55
CA LEU F 507 -2.32 -14.11 -8.67
C LEU F 507 -1.16 -14.47 -9.57
N ARG F 508 -1.13 -15.72 -10.02
CA ARG F 508 -0.03 -16.21 -10.85
C ARG F 508 -0.17 -15.84 -12.31
N GLY F 509 -1.28 -15.22 -12.71
CA GLY F 509 -1.46 -14.87 -14.11
C GLY F 509 -0.42 -13.86 -14.56
N ASP F 510 -0.05 -13.97 -15.84
CA ASP F 510 0.93 -13.07 -16.42
C ASP F 510 0.32 -11.77 -16.93
N THR F 511 -0.97 -11.77 -17.27
CA THR F 511 -1.66 -10.57 -17.70
C THR F 511 -2.32 -9.83 -16.53
N ASP F 512 -1.80 -10.00 -15.32
CA ASP F 512 -2.38 -9.40 -14.13
C ASP F 512 -1.54 -8.21 -13.70
N VAL F 513 -2.21 -7.08 -13.44
CA VAL F 513 -1.50 -5.85 -13.11
C VAL F 513 -0.85 -5.98 -11.74
N VAL F 514 0.43 -5.65 -11.67
CA VAL F 514 1.16 -5.53 -10.41
C VAL F 514 1.49 -4.06 -10.23
N THR F 515 0.89 -3.42 -9.24
CA THR F 515 1.05 -1.98 -9.08
C THR F 515 2.48 -1.64 -8.69
N VAL F 516 3.06 -0.66 -9.38
CA VAL F 516 4.39 -0.15 -9.08
C VAL F 516 4.31 1.36 -9.05
N VAL F 517 4.96 1.97 -8.06
CA VAL F 517 4.99 3.42 -7.94
C VAL F 517 6.42 3.89 -8.14
N THR F 518 6.59 4.86 -9.03
CA THR F 518 7.90 5.29 -9.49
C THR F 518 8.14 6.73 -9.08
N PHE F 519 9.31 7.01 -8.51
CA PHE F 519 9.76 8.35 -8.16
C PHE F 519 10.96 8.68 -9.03
N GLU F 520 10.79 9.58 -9.99
CA GLU F 520 11.85 9.97 -10.91
C GLU F 520 12.26 11.41 -10.68
N PHE F 521 13.57 11.65 -10.67
CA PHE F 521 14.07 13.01 -10.53
C PHE F 521 13.86 13.78 -11.82
N SER F 522 13.77 15.10 -11.69
CA SER F 522 13.63 15.96 -12.86
C SER F 522 14.09 17.37 -12.47
N SER F 523 14.34 18.19 -13.49
CA SER F 523 14.76 19.56 -13.30
C SER F 523 13.77 20.58 -13.85
N THR F 524 12.57 20.13 -14.25
CA THR F 524 11.58 20.99 -14.87
C THR F 524 10.46 21.26 -13.88
N ASP F 525 10.14 22.55 -13.70
CA ASP F 525 9.07 22.92 -12.80
C ASP F 525 7.72 22.60 -13.45
N PRO F 526 6.91 21.73 -12.84
CA PRO F 526 5.62 21.37 -13.49
C PRO F 526 4.67 22.53 -13.66
N ARG F 527 4.80 23.59 -12.86
CA ARG F 527 3.88 24.71 -12.97
C ARG F 527 3.93 25.36 -14.34
N VAL F 528 5.03 25.21 -15.08
CA VAL F 528 5.12 25.83 -16.40
C VAL F 528 4.06 25.26 -17.33
N ASP F 529 3.87 23.93 -17.30
CA ASP F 529 2.86 23.26 -18.10
C ASP F 529 1.99 22.45 -17.16
N SER F 530 0.98 23.10 -16.59
CA SER F 530 0.11 22.43 -15.62
C SER F 530 -0.64 21.27 -16.25
N GLY F 531 -1.00 21.40 -17.53
CA GLY F 531 -1.75 20.34 -18.20
C GLY F 531 -0.93 19.13 -18.56
N LYS F 532 0.40 19.22 -18.50
CA LYS F 532 1.23 18.07 -18.85
C LYS F 532 1.25 17.01 -17.77
N TRP F 533 1.01 17.39 -16.51
CA TRP F 533 1.08 16.46 -15.37
C TRP F 533 -0.19 16.55 -14.53
N PRO F 534 -1.34 16.10 -15.06
CA PRO F 534 -2.51 15.91 -14.20
C PRO F 534 -2.49 14.61 -13.42
N LYS F 535 -1.52 13.74 -13.65
CA LYS F 535 -1.48 12.43 -13.02
C LYS F 535 -0.26 12.21 -12.12
N TYR F 536 0.57 13.23 -11.93
CA TYR F 536 1.82 13.09 -11.19
C TYR F 536 1.74 13.83 -9.86
N THR F 537 2.40 13.27 -8.85
CA THR F 537 2.60 13.92 -7.56
C THR F 537 4.08 14.28 -7.46
N VAL F 538 4.37 15.57 -7.31
CA VAL F 538 5.72 16.09 -7.44
C VAL F 538 6.10 16.82 -6.15
N PHE F 539 7.31 16.55 -5.67
CA PHE F 539 7.89 17.25 -4.54
C PHE F 539 9.11 18.03 -5.02
N ARG F 540 9.80 18.66 -4.07
CA ARG F 540 11.06 19.35 -4.34
C ARG F 540 12.06 18.89 -3.29
N ILE F 541 13.05 18.12 -3.71
CA ILE F 541 13.99 17.50 -2.78
C ILE F 541 15.16 18.41 -2.45
N GLY F 542 15.81 18.95 -3.48
CA GLY F 542 16.98 19.79 -3.25
C GLY F 542 17.42 20.56 -4.48
N SER F 543 18.70 20.89 -4.56
CA SER F 543 19.22 21.70 -5.65
C SER F 543 20.62 21.22 -6.00
N LEU F 544 20.87 21.04 -7.30
CA LEU F 544 22.17 20.66 -7.81
C LEU F 544 22.92 21.87 -8.32
N PHE F 545 24.24 21.72 -8.43
CA PHE F 545 25.12 22.76 -8.96
C PHE F 545 25.94 22.16 -10.08
N VAL F 546 25.89 22.78 -11.26
CA VAL F 546 26.57 22.29 -12.45
C VAL F 546 27.72 23.21 -12.85
N SER F 547 27.46 24.51 -12.95
CA SER F 547 28.47 25.52 -13.27
C SER F 547 28.47 26.61 -12.20
N GLY F 548 28.38 26.20 -10.94
CA GLY F 548 28.25 27.14 -9.85
C GLY F 548 26.86 27.74 -9.71
N ARG F 549 25.89 27.25 -10.47
CA ARG F 549 24.54 27.79 -10.48
C ARG F 549 23.58 26.76 -9.91
N GLU F 550 22.65 27.21 -9.07
CA GLU F 550 21.72 26.32 -8.40
C GLU F 550 20.53 26.02 -9.32
N LYS F 551 20.27 24.74 -9.55
CA LYS F 551 19.11 24.30 -10.31
C LYS F 551 18.31 23.34 -9.44
N SER F 552 17.01 23.56 -9.35
CA SER F 552 16.18 22.78 -8.45
C SER F 552 16.05 21.34 -8.95
N VAL F 553 15.61 20.46 -8.06
CA VAL F 553 15.35 19.07 -8.38
C VAL F 553 13.99 18.68 -7.81
N TYR F 554 13.10 18.22 -8.68
CA TYR F 554 11.79 17.73 -8.28
C TYR F 554 11.75 16.22 -8.39
N LEU F 555 10.86 15.62 -7.62
CA LEU F 555 10.68 14.16 -7.58
C LEU F 555 9.25 13.86 -8.01
N TYR F 556 9.08 13.45 -9.27
CA TYR F 556 7.77 13.08 -9.78
C TYR F 556 7.45 11.68 -9.30
N CYS F 557 6.44 11.57 -8.43
CA CYS F 557 5.97 10.29 -7.90
C CYS F 557 4.66 9.94 -8.57
N ARG F 558 4.58 8.75 -9.15
CA ARG F 558 3.37 8.33 -9.84
C ARG F 558 3.11 6.85 -9.62
N VAL F 559 1.84 6.52 -9.40
CA VAL F 559 1.39 5.14 -9.30
C VAL F 559 1.08 4.64 -10.71
N ASN F 560 1.35 3.37 -10.96
CA ASN F 560 1.11 2.80 -12.28
C ASN F 560 0.81 1.32 -12.13
N GLY F 561 0.18 0.74 -13.15
CA GLY F 561 -0.15 -0.67 -13.14
C GLY F 561 0.17 -1.33 -14.46
N THR F 562 0.98 -2.39 -14.42
CA THR F 562 1.38 -3.12 -15.62
C THR F 562 1.54 -4.58 -15.28
N ASN F 563 1.42 -5.42 -16.31
CA ASN F 563 1.44 -6.87 -16.17
C ASN F 563 2.71 -7.44 -16.78
N LYS F 564 2.89 -8.75 -16.62
CA LYS F 564 4.10 -9.40 -17.10
C LYS F 564 4.25 -9.23 -18.60
N ILE F 565 3.14 -9.31 -19.35
CA ILE F 565 3.22 -9.13 -20.79
C ILE F 565 3.67 -7.71 -21.12
N GLN F 566 3.27 -6.73 -20.31
CA GLN F 566 3.75 -5.37 -20.51
C GLN F 566 5.26 -5.28 -20.23
N MET F 567 5.75 -6.02 -19.24
CA MET F 567 7.19 -6.11 -19.05
C MET F 567 7.89 -6.69 -20.28
N LYS F 568 7.32 -7.75 -20.86
CA LYS F 568 7.89 -8.31 -22.08
C LYS F 568 7.88 -7.30 -23.21
N TRP F 569 6.79 -6.54 -23.34
CA TRP F 569 6.72 -5.52 -24.37
C TRP F 569 7.79 -4.45 -24.16
N GLY F 570 7.96 -4.00 -22.93
CA GLY F 570 9.01 -3.04 -22.64
C GLY F 570 10.38 -3.58 -22.96
N MET F 571 10.62 -4.85 -22.63
CA MET F 571 11.91 -5.47 -22.95
C MET F 571 12.14 -5.51 -24.44
N GLU F 572 11.12 -5.88 -25.21
CA GLU F 572 11.23 -5.90 -26.66
C GLU F 572 11.28 -4.50 -27.27
N ALA F 573 10.97 -3.46 -26.48
CA ALA F 573 11.02 -2.10 -26.99
C ALA F 573 12.37 -1.73 -27.59
N ARG F 574 13.39 -2.56 -27.44
CA ARG F 574 14.66 -2.31 -28.11
C ARG F 574 14.57 -2.54 -29.61
N ARG F 575 13.45 -3.09 -30.10
CA ARG F 575 13.28 -3.33 -31.53
C ARG F 575 13.14 -2.04 -32.33
N CYS F 576 12.99 -0.90 -31.65
CA CYS F 576 12.92 0.37 -32.37
C CYS F 576 14.19 0.63 -33.17
N LEU F 577 15.34 0.14 -32.68
CA LEU F 577 16.58 0.29 -33.44
C LEU F 577 16.48 -0.42 -34.78
N LEU F 578 16.07 -1.70 -34.76
CA LEU F 578 15.91 -2.44 -36.01
C LEU F 578 14.84 -1.81 -36.89
N GLN F 579 13.75 -1.34 -36.28
CA GLN F 579 12.69 -0.71 -37.06
C GLN F 579 13.20 0.51 -37.82
N SER F 580 13.90 1.41 -37.10
CA SER F 580 14.44 2.60 -37.74
C SER F 580 15.46 2.25 -38.81
N MET F 581 16.32 1.26 -38.53
CA MET F 581 17.30 0.85 -39.51
C MET F 581 16.63 0.30 -40.76
N GLN F 582 15.56 -0.47 -40.59
CA GLN F 582 14.83 -0.99 -41.74
C GLN F 582 14.18 0.12 -42.54
N GLN F 583 13.63 1.12 -41.86
CA GLN F 583 13.03 2.25 -42.58
C GLN F 583 14.09 3.00 -43.39
N MET F 584 15.23 3.28 -42.77
CA MET F 584 16.30 3.95 -43.50
C MET F 584 16.79 3.12 -44.66
N GLU F 585 16.89 1.80 -44.46
CA GLU F 585 17.34 0.92 -45.53
C GLU F 585 16.34 0.86 -46.66
N ALA F 586 15.04 0.93 -46.35
CA ALA F 586 14.03 0.99 -47.40
C ALA F 586 14.16 2.28 -48.20
N ILE F 587 14.40 3.40 -47.52
CA ILE F 587 14.61 4.66 -48.23
C ILE F 587 15.81 4.55 -49.17
N VAL F 588 16.92 4.01 -48.65
CA VAL F 588 18.13 3.88 -49.46
C VAL F 588 17.90 2.92 -50.62
N GLU F 589 17.16 1.84 -50.38
CA GLU F 589 16.89 0.86 -51.44
C GLU F 589 16.03 1.49 -52.53
N GLN F 590 15.05 2.31 -52.16
CA GLN F 590 14.27 3.01 -53.18
C GLN F 590 15.16 3.95 -53.99
N GLU F 591 16.02 4.71 -53.29
CA GLU F 591 16.89 5.64 -53.99
C GLU F 591 17.81 4.91 -54.96
N SER F 592 18.35 3.76 -54.55
CA SER F 592 19.19 2.94 -55.41
C SER F 592 18.40 2.29 -56.54
N SER F 593 17.14 1.93 -56.32
CA SER F 593 16.30 1.36 -57.35
C SER F 593 15.94 2.36 -58.43
N ILE F 594 15.85 3.65 -58.09
CA ILE F 594 15.76 4.66 -59.13
C ILE F 594 16.95 4.53 -60.09
N GLN F 595 18.15 4.36 -59.53
CA GLN F 595 19.33 4.07 -60.30
C GLN F 595 19.52 2.55 -60.38
N GLY F 596 20.69 2.10 -60.79
CA GLY F 596 21.00 0.69 -60.80
C GLY F 596 22.08 0.31 -59.82
N TYR F 597 22.64 1.29 -59.12
CA TYR F 597 23.75 1.07 -58.19
C TYR F 597 23.40 1.63 -56.83
N ASP F 598 24.12 1.17 -55.80
CA ASP F 598 23.84 1.56 -54.43
C ASP F 598 24.01 3.07 -54.28
N MET F 599 23.19 3.67 -53.41
CA MET F 599 23.10 5.10 -53.26
C MET F 599 23.39 5.52 -51.81
N THR F 600 24.08 4.66 -51.06
CA THR F 600 24.26 4.90 -49.63
C THR F 600 25.18 6.09 -49.38
N LYS F 601 26.44 5.99 -49.82
CA LYS F 601 27.39 7.08 -49.58
C LYS F 601 26.94 8.35 -50.26
N ALA F 602 26.42 8.23 -51.50
CA ALA F 602 25.99 9.42 -52.23
C ALA F 602 24.85 10.13 -51.51
N CYS F 603 23.87 9.38 -51.02
CA CYS F 603 22.74 9.99 -50.32
C CYS F 603 23.12 10.43 -48.91
N PHE F 604 24.23 9.94 -48.35
CA PHE F 604 24.69 10.39 -47.05
C PHE F 604 25.73 11.51 -47.19
N LYS F 605 26.84 11.23 -47.88
CA LYS F 605 27.92 12.19 -48.03
C LYS F 605 27.95 12.87 -49.39
N GLY F 606 27.51 12.20 -50.44
CA GLY F 606 27.51 12.80 -51.77
C GLY F 606 28.78 12.50 -52.54
N ASP F 607 28.62 12.10 -53.80
CA ASP F 607 29.75 11.81 -54.69
C ASP F 607 29.93 12.97 -55.66
N ARG F 608 30.83 12.80 -56.63
CA ARG F 608 31.03 13.84 -57.63
C ARG F 608 29.77 14.08 -58.45
N VAL F 609 29.11 13.01 -58.88
CA VAL F 609 27.91 13.14 -59.70
C VAL F 609 26.74 13.67 -58.89
N ASN F 610 26.58 13.17 -57.67
CA ASN F 610 25.41 13.47 -56.85
C ASN F 610 25.73 14.53 -55.81
N SER F 611 24.73 14.89 -55.03
CA SER F 611 24.84 15.86 -53.96
C SER F 611 24.25 15.27 -52.69
N PRO F 612 24.71 15.73 -51.52
CA PRO F 612 24.13 15.22 -50.26
C PRO F 612 22.62 15.38 -50.23
N LYS F 613 21.90 14.27 -50.19
CA LYS F 613 20.44 14.34 -50.17
C LYS F 613 19.96 15.09 -48.93
N THR F 614 18.94 15.91 -49.10
CA THR F 614 18.36 16.68 -48.03
C THR F 614 16.87 16.36 -47.91
N PHE F 615 16.39 16.28 -46.67
CA PHE F 615 15.01 15.93 -46.38
C PHE F 615 14.31 17.10 -45.70
N SER F 616 13.03 17.29 -46.03
CA SER F 616 12.23 18.30 -45.37
C SER F 616 11.91 17.83 -43.96
N ILE F 617 12.45 18.53 -42.96
CA ILE F 617 12.38 18.06 -41.58
C ILE F 617 11.10 18.56 -40.92
N GLY F 618 10.92 19.88 -40.86
CA GLY F 618 9.78 20.43 -40.16
C GLY F 618 9.41 21.83 -40.61
N THR F 619 9.04 22.68 -39.66
CA THR F 619 8.62 24.05 -39.95
C THR F 619 9.33 25.02 -39.01
N GLN F 620 9.68 26.19 -39.54
CA GLN F 620 10.28 27.26 -38.77
C GLN F 620 9.55 28.55 -39.12
N GLU F 621 8.80 29.09 -38.15
CA GLU F 621 8.01 30.29 -38.38
C GLU F 621 7.04 30.09 -39.54
N GLY F 622 6.52 28.88 -39.67
CA GLY F 622 5.56 28.57 -40.71
C GLY F 622 6.17 28.29 -42.07
N LYS F 623 7.49 28.21 -42.17
CA LYS F 623 8.17 27.95 -43.43
C LYS F 623 8.87 26.61 -43.38
N LEU F 624 8.92 25.93 -44.53
CA LEU F 624 9.58 24.65 -44.61
C LEU F 624 11.08 24.79 -44.34
N VAL F 625 11.65 23.76 -43.73
CA VAL F 625 13.07 23.72 -43.41
C VAL F 625 13.62 22.35 -43.83
N LYS F 626 14.81 22.35 -44.41
CA LYS F 626 15.48 21.14 -44.87
C LYS F 626 16.60 20.77 -43.91
N GLY F 627 17.07 19.54 -44.04
CA GLY F 627 18.15 19.06 -43.19
C GLY F 627 18.82 17.86 -43.79
N SER F 628 19.96 17.51 -43.20
CA SER F 628 20.74 16.38 -43.70
C SER F 628 20.01 15.06 -43.45
N PHE F 629 20.48 14.02 -44.14
CA PHE F 629 19.89 12.69 -43.93
C PHE F 629 20.05 12.24 -42.49
N GLY F 630 21.08 12.73 -41.80
CA GLY F 630 21.24 12.38 -40.39
C GLY F 630 20.07 12.85 -39.54
N LYS F 631 19.62 14.09 -39.78
CA LYS F 631 18.46 14.59 -39.05
C LYS F 631 17.23 13.76 -39.34
N ALA F 632 17.04 13.37 -40.61
CA ALA F 632 15.91 12.52 -40.95
C ALA F 632 15.99 11.18 -40.22
N LEU F 633 17.19 10.60 -40.14
CA LEU F 633 17.35 9.35 -39.42
C LEU F 633 17.03 9.51 -37.94
N ARG F 634 17.49 10.62 -37.35
CA ARG F 634 17.19 10.86 -35.93
C ARG F 634 15.70 11.04 -35.71
N VAL F 635 15.02 11.77 -36.60
CA VAL F 635 13.58 11.95 -36.48
C VAL F 635 12.86 10.62 -36.64
N ILE F 636 13.32 9.77 -37.56
CA ILE F 636 12.71 8.46 -37.74
C ILE F 636 12.86 7.63 -36.47
N PHE F 637 14.06 7.64 -35.89
CA PHE F 637 14.27 6.88 -34.66
C PHE F 637 13.41 7.39 -33.53
N THR F 638 13.32 8.71 -33.37
CA THR F 638 12.49 9.27 -32.31
C THR F 638 11.02 8.92 -32.53
N LYS F 639 10.56 8.98 -33.79
CA LYS F 639 9.17 8.63 -34.07
C LYS F 639 8.90 7.17 -33.73
N CYS F 640 9.82 6.27 -34.10
CA CYS F 640 9.63 4.87 -33.78
C CYS F 640 9.61 4.64 -32.28
N LEU F 641 10.52 5.29 -31.55
CA LEU F 641 10.56 5.13 -30.10
C LEU F 641 9.27 5.64 -29.47
N MET F 642 8.79 6.80 -29.90
CA MET F 642 7.55 7.33 -29.35
C MET F 642 6.37 6.43 -29.69
N HIS F 643 6.34 5.89 -30.92
CA HIS F 643 5.27 4.97 -31.28
C HIS F 643 5.26 3.75 -30.37
N TYR F 644 6.44 3.20 -30.07
CA TYR F 644 6.49 2.05 -29.18
C TYR F 644 6.09 2.43 -27.76
N VAL F 645 6.54 3.60 -27.27
CA VAL F 645 6.27 3.97 -25.88
C VAL F 645 4.80 4.32 -25.70
N PHE F 646 4.22 5.07 -26.63
CA PHE F 646 2.84 5.53 -26.53
C PHE F 646 1.85 4.58 -27.18
N GLY F 647 2.17 3.29 -27.24
CA GLY F 647 1.35 2.35 -27.97
C GLY F 647 0.14 1.82 -27.23
N ASN F 648 -1.03 2.01 -27.83
CA ASN F 648 -2.27 1.41 -27.36
C ASN F 648 -3.14 1.09 -28.57
N ALA F 649 -4.25 0.40 -28.34
CA ALA F 649 -5.10 -0.03 -29.46
C ALA F 649 -5.48 1.15 -30.34
N GLN F 650 -5.70 2.32 -29.73
CA GLN F 650 -6.02 3.51 -30.52
C GLN F 650 -4.89 3.82 -31.50
N LEU F 651 -3.64 3.76 -31.04
CA LEU F 651 -2.52 4.11 -31.90
C LEU F 651 -2.41 3.15 -33.08
N GLU F 652 -2.49 1.84 -32.82
CA GLU F 652 -2.34 0.88 -33.90
C GLU F 652 -3.49 0.99 -34.89
N GLY F 653 -4.71 1.17 -34.40
CA GLY F 653 -5.83 1.36 -35.33
C GLY F 653 -5.67 2.60 -36.18
N PHE F 654 -5.28 3.70 -35.54
CA PHE F 654 -5.09 4.95 -36.29
C PHE F 654 -4.01 4.79 -37.34
N SER F 655 -2.91 4.12 -37.00
CA SER F 655 -1.86 3.89 -37.98
C SER F 655 -2.38 3.02 -39.13
N ALA F 656 -3.13 1.97 -38.82
CA ALA F 656 -3.62 1.08 -39.86
C ALA F 656 -4.54 1.81 -40.84
N GLU F 657 -5.32 2.77 -40.36
CA GLU F 657 -6.23 3.47 -41.28
C GLU F 657 -5.53 4.64 -41.98
N SER F 658 -4.66 5.35 -41.28
CA SER F 658 -3.83 6.36 -41.92
C SER F 658 -2.97 5.74 -43.01
N ARG F 659 -2.68 4.44 -42.93
CA ARG F 659 -2.02 3.78 -44.05
C ARG F 659 -2.80 3.98 -45.34
N ARG F 660 -4.10 3.66 -45.31
CA ARG F 660 -4.93 3.79 -46.50
C ARG F 660 -5.02 5.25 -46.93
N LEU F 661 -5.21 6.15 -45.97
CA LEU F 661 -5.31 7.56 -46.35
C LEU F 661 -4.02 8.04 -47.02
N LEU F 662 -2.87 7.66 -46.46
CA LEU F 662 -1.59 8.07 -47.02
C LEU F 662 -1.37 7.47 -48.41
N LEU F 663 -1.78 6.21 -48.59
CA LEU F 663 -1.64 5.59 -49.90
C LEU F 663 -2.48 6.31 -50.94
N LEU F 664 -3.70 6.71 -50.57
CA LEU F 664 -4.52 7.48 -51.49
C LEU F 664 -3.88 8.82 -51.81
N ILE F 665 -3.31 9.48 -50.80
CA ILE F 665 -2.65 10.75 -51.06
C ILE F 665 -1.48 10.55 -52.02
N GLN F 666 -0.70 9.49 -51.81
CA GLN F 666 0.42 9.20 -52.72
C GLN F 666 -0.08 8.97 -54.13
N ALA F 667 -1.14 8.18 -54.29
CA ALA F 667 -1.70 7.97 -55.63
C ALA F 667 -2.10 9.28 -56.26
N LEU F 668 -2.66 10.20 -55.46
CA LEU F 668 -2.99 11.52 -55.98
C LEU F 668 -1.74 12.26 -56.43
N LYS F 669 -0.65 12.16 -55.66
CA LYS F 669 0.56 12.89 -55.98
C LYS F 669 1.13 12.44 -57.32
N ASP F 670 1.17 11.13 -57.56
CA ASP F 670 1.76 10.57 -58.77
C ASP F 670 0.85 10.65 -59.98
N ARG F 671 -0.24 11.42 -59.91
CA ARG F 671 -1.15 11.59 -61.04
C ARG F 671 -1.66 10.26 -61.55
N LYS F 672 -2.01 9.36 -60.61
CA LYS F 672 -2.56 8.06 -60.95
C LYS F 672 -4.08 8.05 -60.98
N GLY F 673 -4.72 9.20 -60.73
CA GLY F 673 -6.16 9.28 -60.78
C GLY F 673 -6.85 8.29 -59.88
N PRO F 674 -6.66 8.45 -58.56
CA PRO F 674 -7.31 7.53 -57.62
C PRO F 674 -8.80 7.77 -57.55
N TRP F 675 -9.54 6.70 -57.24
CA TRP F 675 -10.97 6.75 -57.05
C TRP F 675 -11.31 6.14 -55.70
N VAL F 676 -12.25 6.76 -54.99
CA VAL F 676 -12.68 6.31 -53.68
C VAL F 676 -14.17 5.98 -53.75
N PHE F 677 -14.56 4.89 -53.10
CA PHE F 677 -15.95 4.45 -53.10
C PHE F 677 -16.73 5.04 -51.93
N ASP F 678 -16.22 4.87 -50.71
CA ASP F 678 -16.84 5.44 -49.51
C ASP F 678 -15.75 6.16 -48.71
N LEU F 679 -15.50 7.42 -49.08
CA LEU F 679 -14.45 8.19 -48.42
C LEU F 679 -14.80 8.45 -46.96
N GLU F 680 -16.06 8.83 -46.71
CA GLU F 680 -16.48 9.11 -45.34
C GLU F 680 -16.36 7.89 -44.45
N GLY F 681 -16.49 6.69 -45.01
CA GLY F 681 -16.23 5.50 -44.21
C GLY F 681 -14.80 5.43 -43.72
N MET F 682 -13.84 5.72 -44.61
CA MET F 682 -12.44 5.77 -44.19
C MET F 682 -12.22 6.84 -43.14
N TYR F 683 -12.80 8.03 -43.36
CA TYR F 683 -12.59 9.11 -42.41
C TYR F 683 -13.16 8.77 -41.04
N SER F 684 -14.35 8.15 -41.01
CA SER F 684 -14.92 7.72 -39.73
C SER F 684 -14.04 6.66 -39.08
N GLY F 685 -13.55 5.70 -39.86
CA GLY F 685 -12.68 4.69 -39.29
C GLY F 685 -11.44 5.28 -38.67
N ILE F 686 -10.87 6.30 -39.31
CA ILE F 686 -9.68 6.95 -38.77
C ILE F 686 -10.02 7.74 -37.51
N GLU F 687 -11.10 8.52 -37.56
CA GLU F 687 -11.45 9.37 -36.43
C GLU F 687 -11.97 8.58 -35.24
N GLU F 688 -12.35 7.32 -35.44
CA GLU F 688 -12.82 6.50 -34.33
C GLU F 688 -11.72 6.25 -33.30
N CYS F 689 -10.45 6.46 -33.66
CA CYS F 689 -9.33 6.14 -32.79
C CYS F 689 -8.68 7.35 -32.15
N ILE F 690 -9.09 8.57 -32.52
CA ILE F 690 -8.50 9.79 -31.98
C ILE F 690 -9.32 10.20 -30.78
N SER F 691 -9.02 9.65 -29.61
CA SER F 691 -9.75 9.98 -28.40
C SER F 691 -8.88 10.67 -27.35
N ASN F 692 -7.82 10.01 -26.86
CA ASN F 692 -7.02 10.59 -25.78
C ASN F 692 -5.53 10.28 -25.86
N ASN F 693 -5.07 9.57 -26.88
CA ASN F 693 -3.65 9.24 -26.94
C ASN F 693 -2.85 10.46 -27.37
N PRO F 694 -1.84 10.88 -26.61
CA PRO F 694 -1.04 12.04 -27.06
C PRO F 694 -0.40 11.83 -28.41
N TRP F 695 0.14 10.64 -28.65
CA TRP F 695 0.81 10.38 -29.92
C TRP F 695 -0.19 10.42 -31.07
N VAL F 696 -1.37 9.84 -30.89
CA VAL F 696 -2.37 9.85 -31.95
C VAL F 696 -2.80 11.28 -32.27
N ILE F 697 -3.03 12.09 -31.25
CA ILE F 697 -3.49 13.45 -31.48
C ILE F 697 -2.41 14.27 -32.18
N GLN F 698 -1.16 14.15 -31.74
CA GLN F 698 -0.09 14.88 -32.41
C GLN F 698 0.12 14.37 -33.83
N SER F 699 -0.04 13.07 -34.06
CA SER F 699 0.08 12.55 -35.42
C SER F 699 -1.02 13.10 -36.30
N ALA F 700 -2.24 13.22 -35.78
CA ALA F 700 -3.32 13.84 -36.55
C ALA F 700 -3.00 15.28 -36.87
N TYR F 701 -2.47 16.02 -35.89
CA TYR F 701 -2.10 17.41 -36.13
C TYR F 701 -1.04 17.52 -37.23
N TRP F 702 0.00 16.69 -37.15
CA TRP F 702 1.07 16.71 -38.14
C TRP F 702 0.55 16.29 -39.50
N PHE F 703 -0.34 15.30 -39.54
CA PHE F 703 -0.92 14.87 -40.81
C PHE F 703 -1.72 16.00 -41.45
N ASN F 704 -2.49 16.73 -40.64
CA ASN F 704 -3.22 17.87 -41.18
C ASN F 704 -2.26 18.92 -41.73
N GLU F 705 -1.19 19.22 -40.98
CA GLU F 705 -0.24 20.23 -41.45
C GLU F 705 0.41 19.80 -42.76
N TRP F 706 0.83 18.53 -42.83
CA TRP F 706 1.49 18.04 -44.04
C TRP F 706 0.53 17.98 -45.21
N LEU F 707 -0.73 17.62 -44.96
CA LEU F 707 -1.72 17.62 -46.03
C LEU F 707 -1.94 19.03 -46.56
N GLY F 708 -2.01 20.02 -45.67
CA GLY F 708 -2.10 21.40 -46.12
C GLY F 708 -0.90 21.81 -46.96
N PHE F 709 0.29 21.41 -46.52
CA PHE F 709 1.49 21.73 -47.28
C PHE F 709 1.46 21.09 -48.67
N GLU F 710 1.04 19.83 -48.75
CA GLU F 710 0.96 19.15 -50.04
C GLU F 710 -0.06 19.82 -50.95
N LYS F 711 -1.23 20.17 -50.38
CA LYS F 711 -2.24 20.87 -51.18
C LYS F 711 -1.69 22.17 -51.74
N GLU F 712 -1.07 22.98 -50.88
CA GLU F 712 -0.57 24.28 -51.33
C GLU F 712 0.63 24.14 -52.27
N GLY F 713 1.34 23.02 -52.23
CA GLY F 713 2.49 22.81 -53.09
C GLY F 713 2.21 22.07 -54.37
N SER F 714 1.01 21.48 -54.49
CA SER F 714 0.65 20.74 -55.70
C SER F 714 0.13 21.64 -56.81
N LYS F 715 -0.18 22.90 -56.51
CA LYS F 715 -0.73 23.80 -57.53
C LYS F 715 0.34 24.36 -58.45
N VAL F 716 1.62 24.26 -58.07
CA VAL F 716 2.69 24.79 -58.89
C VAL F 716 2.77 24.04 -60.21
N MET G 1 12.56 25.23 -34.29
CA MET G 1 12.26 24.30 -35.42
C MET G 1 11.44 23.12 -34.96
N ASN G 2 10.12 23.20 -35.15
CA ASN G 2 9.20 22.15 -34.73
C ASN G 2 9.24 21.02 -35.76
N ILE G 3 9.72 19.85 -35.35
CA ILE G 3 9.80 18.72 -36.26
C ILE G 3 8.41 18.30 -36.68
N ASN G 4 8.30 17.81 -37.92
CA ASN G 4 7.07 17.24 -38.44
C ASN G 4 7.44 15.96 -39.21
N PRO G 5 7.37 14.79 -38.56
CA PRO G 5 7.85 13.58 -39.24
C PRO G 5 7.16 13.32 -40.57
N TYR G 6 5.87 13.63 -40.67
CA TYR G 6 5.16 13.39 -41.92
C TYR G 6 5.77 14.14 -43.09
N PHE G 7 6.52 15.22 -42.83
CA PHE G 7 7.16 15.94 -43.91
C PHE G 7 8.13 15.06 -44.68
N LEU G 8 8.61 13.97 -44.08
CA LEU G 8 9.45 13.05 -44.82
C LEU G 8 8.78 12.59 -46.11
N PHE G 9 7.46 12.40 -46.06
CA PHE G 9 6.74 11.95 -47.24
C PHE G 9 6.92 12.89 -48.43
N ILE G 10 7.23 14.16 -48.18
CA ILE G 10 7.46 15.09 -49.27
C ILE G 10 8.65 14.64 -50.10
N ASP G 11 9.74 14.23 -49.44
CA ASP G 11 10.97 13.88 -50.12
C ASP G 11 11.11 12.40 -50.41
N VAL G 12 10.17 11.56 -49.95
CA VAL G 12 10.27 10.12 -50.14
C VAL G 12 8.89 9.57 -50.52
N PRO G 13 8.80 8.64 -51.46
CA PRO G 13 7.51 8.01 -51.74
C PRO G 13 6.94 7.35 -50.49
N ILE G 14 5.63 7.48 -50.31
CA ILE G 14 5.00 6.99 -49.09
C ILE G 14 5.18 5.49 -48.95
N GLN G 15 5.25 4.76 -50.07
CA GLN G 15 5.41 3.32 -49.98
C GLN G 15 6.70 2.95 -49.26
N ALA G 16 7.80 3.65 -49.56
CA ALA G 16 9.05 3.40 -48.86
C ALA G 16 9.03 4.02 -47.46
N ALA G 17 8.41 5.20 -47.33
CA ALA G 17 8.50 5.94 -46.07
C ALA G 17 7.86 5.17 -44.92
N ILE G 18 6.72 4.54 -45.16
CA ILE G 18 5.97 3.88 -44.09
C ILE G 18 6.39 2.42 -43.99
N SER G 19 7.51 2.07 -44.60
CA SER G 19 8.00 0.70 -44.53
C SER G 19 8.21 0.30 -43.07
N THR G 20 7.77 -0.90 -42.72
CA THR G 20 7.93 -1.46 -41.39
C THR G 20 7.42 -0.46 -40.34
N THR G 21 6.11 -0.21 -40.41
CA THR G 21 5.48 0.65 -39.42
C THR G 21 5.26 -0.09 -38.10
N PHE G 22 4.89 -1.37 -38.17
CA PHE G 22 4.64 -2.17 -36.98
C PHE G 22 5.73 -3.23 -36.84
N PRO G 23 6.60 -3.15 -35.83
CA PRO G 23 7.65 -4.17 -35.69
C PRO G 23 7.11 -5.56 -35.44
N TYR G 24 5.86 -5.70 -35.00
CA TYR G 24 5.30 -6.97 -34.57
C TYR G 24 4.27 -7.45 -35.58
N THR G 25 4.43 -8.68 -36.05
CA THR G 25 3.45 -9.32 -36.92
C THR G 25 2.41 -10.11 -36.11
N GLY G 26 2.61 -10.26 -34.81
CA GLY G 26 1.69 -11.03 -33.99
C GLY G 26 0.55 -10.21 -33.43
N VAL G 27 0.42 -10.19 -32.11
CA VAL G 27 -0.70 -9.51 -31.44
C VAL G 27 -0.14 -8.63 -30.33
N PRO G 28 -0.61 -7.39 -30.19
CA PRO G 28 -0.16 -6.56 -29.07
C PRO G 28 -0.86 -6.97 -27.78
N PRO G 29 -0.41 -6.46 -26.63
CA PRO G 29 -1.03 -6.84 -25.36
C PRO G 29 -2.22 -5.97 -25.00
N TYR G 30 -2.33 -4.81 -25.65
CA TYR G 30 -3.33 -3.82 -25.31
C TYR G 30 -4.55 -3.87 -26.25
N SER G 31 -4.65 -4.92 -27.07
CA SER G 31 -5.79 -5.05 -27.96
C SER G 31 -7.08 -5.14 -27.16
N HIS G 32 -8.16 -4.61 -27.74
CA HIS G 32 -9.46 -4.61 -27.06
C HIS G 32 -9.77 -6.01 -26.53
N GLY G 33 -10.17 -6.06 -25.26
CA GLY G 33 -10.36 -7.33 -24.58
C GLY G 33 -11.29 -8.28 -25.30
N THR G 34 -10.82 -9.50 -25.54
CA THR G 34 -11.62 -10.53 -26.19
C THR G 34 -12.14 -11.47 -25.11
N GLY G 35 -13.22 -11.04 -24.46
CA GLY G 35 -13.85 -11.81 -23.41
C GLY G 35 -15.24 -12.26 -23.80
N THR G 36 -16.12 -12.44 -22.81
CA THR G 36 -17.48 -12.87 -23.11
C THR G 36 -18.20 -11.83 -23.95
N GLY G 37 -17.97 -10.55 -23.65
CA GLY G 37 -18.63 -9.50 -24.42
C GLY G 37 -18.27 -9.54 -25.90
N TYR G 38 -16.98 -9.75 -26.20
CA TYR G 38 -16.56 -9.76 -27.60
C TYR G 38 -17.16 -10.93 -28.35
N THR G 39 -17.16 -12.13 -27.76
CA THR G 39 -17.76 -13.28 -28.43
C THR G 39 -19.26 -13.12 -28.59
N ILE G 40 -19.92 -12.53 -27.59
CA ILE G 40 -21.35 -12.26 -27.71
C ILE G 40 -21.60 -11.31 -28.88
N ASP G 41 -20.77 -10.27 -28.99
CA ASP G 41 -20.93 -9.34 -30.11
C ASP G 41 -20.69 -10.03 -31.44
N THR G 42 -19.69 -10.92 -31.49
CA THR G 42 -19.40 -11.63 -32.73
C THR G 42 -20.59 -12.49 -33.16
N VAL G 43 -21.16 -13.25 -32.23
CA VAL G 43 -22.31 -14.08 -32.59
C VAL G 43 -23.51 -13.21 -32.97
N ILE G 44 -23.68 -12.09 -32.28
CA ILE G 44 -24.77 -11.18 -32.60
C ILE G 44 -24.64 -10.68 -34.03
N ARG G 45 -23.43 -10.25 -34.40
CA ARG G 45 -23.22 -9.75 -35.76
C ARG G 45 -23.37 -10.86 -36.79
N THR G 46 -22.89 -12.06 -36.47
CA THR G 46 -23.03 -13.17 -37.41
C THR G 46 -24.50 -13.46 -37.69
N HIS G 47 -25.34 -13.44 -36.65
CA HIS G 47 -26.76 -13.67 -36.85
C HIS G 47 -27.48 -12.45 -37.41
N GLU G 48 -26.89 -11.26 -37.29
CA GLU G 48 -27.57 -10.06 -37.75
C GLU G 48 -27.55 -9.96 -39.28
N TYR G 49 -26.43 -10.27 -39.91
CA TYR G 49 -26.31 -10.19 -41.35
C TYR G 49 -27.08 -11.29 -42.06
N SER G 50 -27.56 -12.30 -41.33
CA SER G 50 -28.27 -13.43 -41.93
C SER G 50 -29.67 -13.60 -41.35
N ASN G 51 -30.23 -12.57 -40.74
CA ASN G 51 -31.52 -12.69 -40.09
C ASN G 51 -32.69 -12.78 -41.06
N LYS G 52 -32.47 -12.52 -42.35
CA LYS G 52 -33.51 -12.66 -43.35
C LYS G 52 -33.59 -14.07 -43.93
N GLY G 53 -32.74 -14.99 -43.46
CA GLY G 53 -32.76 -16.35 -43.94
C GLY G 53 -33.83 -17.17 -43.25
N LYS G 54 -33.69 -18.49 -43.37
CA LYS G 54 -34.67 -19.42 -42.80
C LYS G 54 -34.22 -19.79 -41.39
N GLN G 55 -35.08 -19.55 -40.41
CA GLN G 55 -34.80 -19.86 -39.01
C GLN G 55 -35.60 -21.09 -38.60
N TYR G 56 -34.91 -22.07 -38.03
CA TYR G 56 -35.57 -23.31 -37.63
C TYR G 56 -34.91 -23.83 -36.36
N ILE G 57 -35.36 -25.00 -35.91
CA ILE G 57 -34.89 -25.62 -34.68
C ILE G 57 -34.24 -26.95 -35.05
N SER G 58 -32.96 -27.08 -34.72
CA SER G 58 -32.25 -28.33 -35.00
C SER G 58 -32.90 -29.47 -34.24
N ASP G 59 -33.13 -30.58 -34.95
CA ASP G 59 -33.74 -31.76 -34.35
C ASP G 59 -32.73 -32.68 -33.68
N VAL G 60 -31.44 -32.32 -33.72
CA VAL G 60 -30.41 -33.13 -33.09
C VAL G 60 -29.95 -32.44 -31.80
N THR G 61 -29.44 -31.22 -31.93
CA THR G 61 -28.94 -30.47 -30.79
C THR G 61 -29.99 -29.58 -30.14
N GLY G 62 -31.17 -29.45 -30.75
CA GLY G 62 -32.20 -28.61 -30.17
C GLY G 62 -31.79 -27.17 -30.00
N CYS G 63 -31.13 -26.60 -31.00
CA CYS G 63 -30.65 -25.22 -30.95
C CYS G 63 -31.19 -24.46 -32.16
N THR G 64 -31.33 -23.15 -32.00
CA THR G 64 -31.79 -22.31 -33.09
C THR G 64 -30.76 -22.31 -34.23
N MET G 65 -31.24 -22.43 -35.45
CA MET G 65 -30.40 -22.49 -36.64
C MET G 65 -30.89 -21.48 -37.66
N VAL G 66 -29.94 -20.79 -38.29
CA VAL G 66 -30.22 -19.80 -39.32
C VAL G 66 -29.53 -20.21 -40.60
N ASP G 67 -30.27 -20.24 -41.69
CA ASP G 67 -29.76 -20.63 -43.00
C ASP G 67 -30.03 -19.52 -44.00
N PRO G 68 -29.05 -18.66 -44.31
CA PRO G 68 -29.28 -17.59 -45.28
C PRO G 68 -29.11 -17.98 -46.73
N THR G 69 -28.48 -19.14 -47.01
CA THR G 69 -28.18 -19.49 -48.39
C THR G 69 -29.45 -19.56 -49.22
N ASN G 70 -29.34 -19.11 -50.47
CA ASN G 70 -30.49 -19.03 -51.38
C ASN G 70 -31.59 -18.13 -50.81
N GLY G 71 -31.21 -17.18 -49.96
CA GLY G 71 -32.14 -16.25 -49.38
C GLY G 71 -32.33 -15.03 -50.27
N PRO G 72 -33.17 -14.10 -49.83
CA PRO G 72 -33.42 -12.90 -50.64
C PRO G 72 -32.14 -12.10 -50.87
N LEU G 73 -31.99 -11.57 -52.07
CA LEU G 73 -30.81 -10.78 -52.39
C LEU G 73 -30.86 -9.45 -51.65
N PRO G 74 -29.71 -8.87 -51.33
CA PRO G 74 -29.70 -7.60 -50.59
C PRO G 74 -30.27 -6.46 -51.42
N GLU G 75 -30.93 -5.54 -50.71
CA GLU G 75 -31.39 -4.29 -51.30
C GLU G 75 -30.61 -3.09 -50.79
N ASP G 76 -29.50 -3.33 -50.08
CA ASP G 76 -28.70 -2.26 -49.51
C ASP G 76 -27.25 -2.70 -49.50
N ASN G 77 -26.35 -1.71 -49.40
CA ASN G 77 -24.92 -1.98 -49.43
C ASN G 77 -24.40 -2.61 -48.15
N GLU G 78 -25.26 -2.86 -47.17
CA GLU G 78 -24.81 -3.46 -45.92
C GLU G 78 -24.32 -4.88 -46.17
N PRO G 79 -23.48 -5.41 -45.28
CA PRO G 79 -22.99 -6.78 -45.46
C PRO G 79 -24.14 -7.78 -45.53
N SER G 80 -23.99 -8.78 -46.39
CA SER G 80 -25.01 -9.78 -46.59
C SER G 80 -24.36 -11.16 -46.68
N ALA G 81 -25.01 -12.15 -46.05
CA ALA G 81 -24.55 -13.52 -46.08
C ALA G 81 -25.40 -14.40 -46.99
N TYR G 82 -26.28 -13.81 -47.79
CA TYR G 82 -27.19 -14.56 -48.66
C TYR G 82 -26.46 -14.85 -49.97
N ALA G 83 -25.85 -16.04 -50.04
CA ALA G 83 -25.09 -16.46 -51.20
C ALA G 83 -25.91 -17.49 -51.97
N GLN G 84 -26.31 -17.13 -53.19
CA GLN G 84 -27.08 -18.05 -54.01
C GLN G 84 -26.21 -19.24 -54.41
N LEU G 85 -26.80 -20.44 -54.32
CA LEU G 85 -26.06 -21.65 -54.67
C LEU G 85 -25.74 -21.69 -56.15
N ASP G 86 -26.65 -21.21 -57.00
CA ASP G 86 -26.44 -21.29 -58.44
C ASP G 86 -25.23 -20.49 -58.87
N CYS G 87 -25.05 -19.30 -58.31
CA CYS G 87 -23.88 -18.48 -58.69
C CYS G 87 -22.59 -19.17 -58.29
N VAL G 88 -22.54 -19.76 -57.09
CA VAL G 88 -21.33 -20.44 -56.66
C VAL G 88 -21.05 -21.64 -57.56
N LEU G 89 -22.08 -22.41 -57.89
CA LEU G 89 -21.89 -23.56 -58.77
C LEU G 89 -21.40 -23.13 -60.14
N GLU G 90 -21.96 -22.05 -60.67
CA GLU G 90 -21.51 -21.56 -61.97
C GLU G 90 -20.06 -21.10 -61.91
N ALA G 91 -19.67 -20.42 -60.83
CA ALA G 91 -18.28 -19.98 -60.70
C ALA G 91 -17.34 -21.18 -60.63
N LEU G 92 -17.71 -22.21 -59.88
CA LEU G 92 -16.89 -23.41 -59.84
C LEU G 92 -16.81 -24.08 -61.22
N ASP G 93 -17.93 -24.09 -61.94
CA ASP G 93 -17.93 -24.65 -63.29
C ASP G 93 -16.97 -23.88 -64.19
N ARG G 94 -17.01 -22.55 -64.10
CA ARG G 94 -16.10 -21.74 -64.91
C ARG G 94 -14.65 -22.02 -64.56
N MET G 95 -14.34 -22.12 -63.26
CA MET G 95 -12.97 -22.42 -62.86
C MET G 95 -12.53 -23.78 -63.39
N ASP G 96 -13.39 -24.79 -63.27
CA ASP G 96 -13.03 -26.12 -63.73
C ASP G 96 -12.81 -26.13 -65.25
N GLU G 97 -13.69 -25.46 -65.99
CA GLU G 97 -13.52 -25.40 -67.44
C GLU G 97 -12.23 -24.71 -67.81
N GLU G 98 -11.91 -23.60 -67.14
CA GLU G 98 -10.66 -22.90 -67.43
C GLU G 98 -9.45 -23.78 -67.12
N HIS G 99 -9.50 -24.50 -66.00
CA HIS G 99 -8.41 -25.37 -65.58
C HIS G 99 -8.86 -26.82 -65.68
N PRO G 100 -8.92 -27.41 -66.87
CA PRO G 100 -9.40 -28.79 -67.00
C PRO G 100 -8.52 -29.75 -66.22
N GLY G 101 -9.15 -30.76 -65.62
CA GLY G 101 -8.43 -31.76 -64.88
C GLY G 101 -7.77 -31.26 -63.62
N LEU G 102 -8.26 -30.17 -63.04
CA LEU G 102 -7.69 -29.61 -61.83
C LEU G 102 -8.37 -30.14 -60.58
N PHE G 103 -9.71 -30.06 -60.54
CA PHE G 103 -10.43 -30.54 -59.37
C PHE G 103 -10.21 -32.03 -59.16
N GLN G 104 -10.25 -32.82 -60.23
CA GLN G 104 -10.06 -34.26 -60.10
C GLN G 104 -8.68 -34.58 -59.55
N ALA G 105 -7.64 -33.94 -60.10
CA ALA G 105 -6.28 -34.23 -59.65
C ALA G 105 -6.10 -33.79 -58.19
N ALA G 106 -6.61 -32.62 -57.83
CA ALA G 106 -6.46 -32.15 -56.45
C ALA G 106 -7.18 -33.08 -55.48
N SER G 107 -8.41 -33.51 -55.82
CA SER G 107 -9.13 -34.42 -54.94
C SER G 107 -8.40 -35.75 -54.82
N GLN G 108 -7.87 -36.26 -55.93
CA GLN G 108 -7.13 -37.52 -55.86
C GLN G 108 -5.91 -37.39 -54.97
N ASN G 109 -5.16 -36.30 -55.12
CA ASN G 109 -3.97 -36.11 -54.28
C ASN G 109 -4.35 -35.98 -52.81
N ALA G 110 -5.42 -35.24 -52.52
CA ALA G 110 -5.84 -35.08 -51.13
C ALA G 110 -6.25 -36.43 -50.54
N MET G 111 -7.00 -37.24 -51.29
CA MET G 111 -7.42 -38.52 -50.76
C MET G 111 -6.24 -39.46 -50.57
N GLU G 112 -5.27 -39.42 -51.48
CA GLU G 112 -4.08 -40.25 -51.30
C GLU G 112 -3.29 -39.84 -50.07
N THR G 113 -3.12 -38.52 -49.87
CA THR G 113 -2.42 -38.04 -48.68
C THR G 113 -3.17 -38.45 -47.41
N LEU G 114 -4.50 -38.35 -47.43
CA LEU G 114 -5.28 -38.79 -46.28
C LEU G 114 -5.09 -40.28 -46.03
N MET G 115 -5.06 -41.08 -47.08
CA MET G 115 -4.86 -42.51 -46.92
C MET G 115 -3.51 -42.81 -46.30
N VAL G 116 -2.47 -42.08 -46.70
CA VAL G 116 -1.11 -42.36 -46.21
C VAL G 116 -0.80 -41.64 -44.91
N THR G 117 -1.66 -40.75 -44.44
CA THR G 117 -1.36 -39.98 -43.24
C THR G 117 -1.63 -40.80 -41.98
N THR G 118 -1.28 -40.23 -40.83
CA THR G 118 -1.42 -40.89 -39.55
C THR G 118 -2.03 -39.92 -38.55
N VAL G 119 -2.60 -40.48 -37.47
CA VAL G 119 -3.27 -39.66 -36.47
C VAL G 119 -2.32 -38.66 -35.84
N ASP G 120 -1.03 -39.00 -35.78
CA ASP G 120 -0.06 -38.12 -35.13
C ASP G 120 -0.05 -36.74 -35.75
N LYS G 121 -0.45 -36.63 -37.02
CA LYS G 121 -0.46 -35.33 -37.68
C LYS G 121 -1.32 -34.33 -36.93
N LEU G 122 -2.35 -34.81 -36.22
CA LEU G 122 -3.23 -33.92 -35.48
C LEU G 122 -2.51 -33.20 -34.35
N THR G 123 -1.37 -33.70 -33.91
CA THR G 123 -0.65 -33.08 -32.79
C THR G 123 0.08 -31.81 -33.19
N GLN G 124 0.21 -31.52 -34.48
CA GLN G 124 0.86 -30.29 -34.94
C GLN G 124 -0.23 -29.22 -35.04
N GLY G 125 -0.41 -28.48 -33.95
CA GLY G 125 -1.43 -27.44 -33.94
C GLY G 125 -1.34 -26.62 -32.68
N ARG G 126 -2.11 -25.54 -32.66
CA ARG G 126 -2.14 -24.63 -31.53
C ARG G 126 -3.04 -25.21 -30.44
N GLN G 127 -3.39 -24.39 -29.45
CA GLN G 127 -4.24 -24.85 -28.36
C GLN G 127 -5.53 -25.43 -28.90
N THR G 128 -5.92 -26.58 -28.37
CA THR G 128 -7.13 -27.28 -28.80
C THR G 128 -8.10 -27.39 -27.64
N PHE G 129 -9.39 -27.29 -27.94
CA PHE G 129 -10.43 -27.34 -26.93
C PHE G 129 -10.69 -28.78 -26.54
N ASP G 130 -10.22 -29.17 -25.35
CA ASP G 130 -10.49 -30.50 -24.83
C ASP G 130 -11.88 -30.52 -24.20
N TRP G 131 -12.70 -31.48 -24.62
CA TRP G 131 -14.08 -31.60 -24.18
C TRP G 131 -14.21 -32.38 -22.87
N THR G 132 -13.32 -33.35 -22.62
CA THR G 132 -13.40 -34.11 -21.38
C THR G 132 -13.35 -33.18 -20.18
N VAL G 133 -12.46 -32.20 -20.19
CA VAL G 133 -12.37 -31.20 -19.14
C VAL G 133 -12.98 -29.86 -19.55
N CYS G 134 -13.27 -29.67 -20.83
CA CYS G 134 -13.89 -28.43 -21.32
C CYS G 134 -12.98 -27.23 -21.07
N ARG G 135 -11.77 -27.31 -21.63
CA ARG G 135 -10.80 -26.22 -21.46
C ARG G 135 -9.93 -26.17 -22.71
N ASN G 136 -8.88 -25.36 -22.66
CA ASN G 136 -7.89 -25.28 -23.74
C ASN G 136 -6.63 -25.98 -23.28
N GLN G 137 -6.20 -26.99 -24.03
CA GLN G 137 -5.04 -27.80 -23.69
C GLN G 137 -4.17 -27.98 -24.92
N PRO G 138 -2.91 -28.34 -24.73
CA PRO G 138 -2.03 -28.60 -25.88
C PRO G 138 -2.61 -29.70 -26.76
N ALA G 139 -2.19 -29.69 -28.03
CA ALA G 139 -2.73 -30.64 -28.99
C ALA G 139 -2.45 -32.08 -28.56
N ALA G 140 -1.23 -32.36 -28.11
CA ALA G 140 -0.89 -33.73 -27.72
C ALA G 140 -1.73 -34.20 -26.55
N THR G 141 -1.91 -33.35 -25.53
CA THR G 141 -2.70 -33.73 -24.38
C THR G 141 -4.16 -33.94 -24.76
N ALA G 142 -4.70 -33.07 -25.60
CA ALA G 142 -6.09 -33.23 -26.04
C ALA G 142 -6.27 -34.53 -26.81
N LEU G 143 -5.34 -34.83 -27.72
CA LEU G 143 -5.43 -36.07 -28.48
C LEU G 143 -5.35 -37.29 -27.55
N ASN G 144 -4.44 -37.25 -26.58
CA ASN G 144 -4.31 -38.36 -25.64
C ASN G 144 -5.57 -38.55 -24.83
N THR G 145 -6.17 -37.45 -24.35
CA THR G 145 -7.39 -37.56 -23.56
C THR G 145 -8.54 -38.11 -24.41
N THR G 146 -8.66 -37.64 -25.64
CA THR G 146 -9.70 -38.15 -26.52
C THR G 146 -9.50 -39.63 -26.79
N ILE G 147 -8.25 -40.05 -27.03
CA ILE G 147 -7.98 -41.46 -27.29
C ILE G 147 -8.33 -42.30 -26.07
N THR G 148 -7.98 -41.82 -24.87
CA THR G 148 -8.29 -42.57 -23.66
C THR G 148 -9.80 -42.70 -23.47
N SER G 149 -10.54 -41.61 -23.70
CA SER G 149 -11.99 -41.67 -23.58
C SER G 149 -12.58 -42.64 -24.60
N PHE G 150 -12.08 -42.61 -25.83
CA PHE G 150 -12.55 -43.53 -26.85
C PHE G 150 -12.29 -44.97 -26.44
N ARG G 151 -11.09 -45.25 -25.91
CA ARG G 151 -10.80 -46.60 -25.44
C ARG G 151 -11.75 -47.02 -24.33
N LEU G 152 -12.03 -46.11 -23.40
CA LEU G 152 -13.01 -46.41 -22.36
C LEU G 152 -14.38 -46.68 -22.96
N ASN G 153 -14.69 -46.07 -24.10
CA ASN G 153 -15.99 -46.24 -24.75
C ASN G 153 -15.92 -47.26 -25.90
N ASP G 154 -15.00 -48.23 -25.81
CA ASP G 154 -14.90 -49.29 -26.81
C ASP G 154 -14.66 -48.74 -28.21
N LEU G 155 -13.81 -47.72 -28.30
CA LEU G 155 -13.41 -47.14 -29.57
C LEU G 155 -11.89 -47.12 -29.64
N ASN G 156 -11.33 -47.86 -30.58
CA ASN G 156 -9.89 -48.07 -30.69
C ASN G 156 -9.38 -47.69 -32.07
N GLY G 157 -9.78 -46.52 -32.55
CA GLY G 157 -9.31 -46.06 -33.84
C GLY G 157 -7.80 -45.81 -33.86
N ALA G 158 -7.28 -45.20 -32.79
CA ALA G 158 -5.86 -44.88 -32.76
C ALA G 158 -5.00 -46.13 -32.78
N ASP G 159 -5.54 -47.26 -32.35
CA ASP G 159 -4.76 -48.50 -32.36
C ASP G 159 -4.34 -48.87 -33.78
N LYS G 160 -5.27 -48.75 -34.73
CA LYS G 160 -4.95 -49.07 -36.12
C LYS G 160 -3.89 -48.14 -36.69
N GLY G 161 -3.74 -46.94 -36.12
CA GLY G 161 -2.72 -46.00 -36.53
C GLY G 161 -3.17 -45.02 -37.60
N GLY G 162 -4.04 -45.45 -38.51
CA GLY G 162 -4.46 -44.57 -39.60
C GLY G 162 -5.40 -43.49 -39.13
N LEU G 163 -5.47 -42.42 -39.92
CA LEU G 163 -6.38 -41.32 -39.64
C LEU G 163 -7.82 -41.66 -40.01
N ILE G 164 -8.01 -42.43 -41.08
CA ILE G 164 -9.36 -42.83 -41.47
C ILE G 164 -10.07 -43.60 -40.37
N PRO G 165 -9.46 -44.62 -39.76
CA PRO G 165 -10.14 -45.28 -38.63
C PRO G 165 -10.40 -44.34 -37.47
N PHE G 166 -9.51 -43.38 -37.22
CA PHE G 166 -9.73 -42.42 -36.14
C PHE G 166 -10.97 -41.58 -36.40
N CYS G 167 -11.12 -41.08 -37.63
CA CYS G 167 -12.30 -40.27 -37.94
C CYS G 167 -13.56 -41.12 -37.99
N GLN G 168 -13.45 -42.36 -38.45
CA GLN G 168 -14.59 -43.26 -38.40
C GLN G 168 -15.04 -43.47 -36.95
N ASP G 169 -14.08 -43.66 -36.04
CA ASP G 169 -14.42 -43.80 -34.64
C ASP G 169 -14.98 -42.51 -34.06
N ILE G 170 -14.54 -41.35 -34.55
CA ILE G 170 -15.13 -40.09 -34.09
C ILE G 170 -16.60 -40.04 -34.46
N ILE G 171 -16.91 -40.30 -35.73
CA ILE G 171 -18.31 -40.23 -36.16
C ILE G 171 -19.14 -41.34 -35.54
N ASP G 172 -18.51 -42.45 -35.15
CA ASP G 172 -19.23 -43.50 -34.42
C ASP G 172 -19.50 -43.07 -32.98
N SER G 173 -18.51 -42.44 -32.33
CA SER G 173 -18.70 -41.92 -30.99
C SER G 173 -19.80 -40.89 -30.96
N LEU G 174 -20.01 -40.18 -32.08
CA LEU G 174 -21.15 -39.28 -32.18
C LEU G 174 -22.49 -40.03 -32.18
N ASP G 175 -22.50 -41.35 -32.01
CA ASP G 175 -23.73 -42.13 -32.03
C ASP G 175 -23.97 -42.95 -30.76
N ARG G 176 -23.04 -42.95 -29.81
CA ARG G 176 -23.22 -43.76 -28.62
C ARG G 176 -24.26 -43.12 -27.70
N PRO G 177 -25.18 -43.90 -27.13
CA PRO G 177 -26.17 -43.29 -26.22
C PRO G 177 -25.55 -42.62 -25.01
N GLU G 178 -24.48 -43.20 -24.46
CA GLU G 178 -23.83 -42.68 -23.27
C GLU G 178 -22.32 -42.76 -23.45
N MET G 179 -21.64 -41.65 -23.20
CA MET G 179 -20.19 -41.56 -23.39
C MET G 179 -19.52 -41.40 -22.03
N THR G 180 -18.62 -42.32 -21.70
CA THR G 180 -17.85 -42.28 -20.46
C THR G 180 -16.43 -41.82 -20.76
N PHE G 181 -15.86 -41.05 -19.85
CA PHE G 181 -14.56 -40.44 -20.09
C PHE G 181 -13.90 -40.10 -18.76
N PHE G 182 -12.62 -39.76 -18.84
CA PHE G 182 -11.84 -39.32 -17.70
C PHE G 182 -11.88 -37.80 -17.59
N SER G 183 -11.80 -37.31 -16.36
CA SER G 183 -11.76 -35.88 -16.09
C SER G 183 -10.90 -35.63 -14.87
N VAL G 184 -10.47 -34.38 -14.71
CA VAL G 184 -9.61 -33.97 -13.60
C VAL G 184 -10.43 -33.12 -12.66
N LYS G 185 -10.39 -33.46 -11.37
CA LYS G 185 -11.11 -32.73 -10.33
C LYS G 185 -10.13 -32.31 -9.25
N ASN G 186 -10.18 -31.04 -8.86
CA ASN G 186 -9.30 -30.50 -7.84
C ASN G 186 -9.96 -30.57 -6.48
N ILE G 187 -9.18 -30.94 -5.46
CA ILE G 187 -9.65 -31.00 -4.08
C ILE G 187 -8.66 -30.22 -3.22
N LYS G 188 -9.19 -29.55 -2.19
CA LYS G 188 -8.38 -28.69 -1.34
C LYS G 188 -7.30 -29.49 -0.62
N LYS G 189 -6.44 -28.81 0.14
CA LYS G 189 -5.27 -29.41 0.75
C LYS G 189 -5.30 -29.19 2.26
N LYS G 190 -4.63 -30.08 2.99
CA LYS G 190 -4.46 -29.94 4.43
C LYS G 190 -3.05 -30.30 4.89
N LEU G 191 -2.09 -30.43 3.98
CA LEU G 191 -0.76 -30.86 4.34
C LEU G 191 0.07 -29.69 4.85
N PRO G 192 1.11 -29.97 5.65
CA PRO G 192 1.86 -28.88 6.28
C PRO G 192 2.70 -28.10 5.29
N ALA G 193 2.98 -26.85 5.67
CA ALA G 193 3.87 -25.98 4.92
C ALA G 193 4.33 -24.86 5.84
N LYS G 194 5.63 -24.62 5.90
CA LYS G 194 6.20 -23.67 6.84
C LYS G 194 6.12 -22.26 6.28
N ASN G 195 5.08 -21.51 6.68
CA ASN G 195 5.07 -20.06 6.53
C ASN G 195 5.03 -19.38 7.88
N ARG G 196 4.00 -19.64 8.69
CA ARG G 196 4.04 -19.32 10.10
C ARG G 196 3.33 -20.35 10.97
N LYS G 197 2.77 -21.42 10.38
CA LYS G 197 2.01 -22.39 11.15
C LYS G 197 2.22 -23.83 10.70
N GLY G 198 3.09 -24.10 9.73
CA GLY G 198 3.23 -25.46 9.24
C GLY G 198 1.95 -26.02 8.70
N PHE G 199 1.17 -25.20 8.00
CA PHE G 199 -0.13 -25.61 7.49
C PHE G 199 -0.51 -24.68 6.34
N LEU G 200 -0.87 -25.26 5.19
CA LEU G 200 -1.24 -24.49 4.03
C LEU G 200 -2.34 -25.21 3.27
N ILE G 201 -3.11 -24.44 2.51
CA ILE G 201 -4.24 -24.94 1.73
C ILE G 201 -3.97 -24.65 0.26
N LYS G 202 -4.14 -25.67 -0.58
CA LYS G 202 -3.92 -25.57 -2.01
C LYS G 202 -4.89 -26.50 -2.70
N ARG G 203 -4.65 -26.78 -3.99
CA ARG G 203 -5.50 -27.65 -4.78
C ARG G 203 -4.68 -28.78 -5.37
N ILE G 204 -5.16 -30.00 -5.22
CA ILE G 204 -4.51 -31.20 -5.76
C ILE G 204 -5.47 -31.84 -6.75
N PRO G 205 -5.03 -32.21 -7.94
CA PRO G 205 -5.95 -32.85 -8.91
C PRO G 205 -5.96 -34.36 -8.81
N MET G 206 -7.11 -34.93 -9.16
CA MET G 206 -7.28 -36.37 -9.22
C MET G 206 -8.12 -36.74 -10.44
N LYS G 207 -7.91 -37.94 -10.94
CA LYS G 207 -8.60 -38.44 -12.12
C LYS G 207 -9.87 -39.17 -11.70
N VAL G 208 -10.98 -38.83 -12.35
CA VAL G 208 -12.28 -39.43 -12.06
C VAL G 208 -12.95 -39.81 -13.37
N LYS G 209 -13.98 -40.63 -13.27
CA LYS G 209 -14.74 -41.09 -14.42
C LYS G 209 -16.10 -40.39 -14.42
N ASP G 210 -16.48 -39.86 -15.57
CA ASP G 210 -17.76 -39.15 -15.72
C ASP G 210 -18.42 -39.57 -17.01
N LYS G 211 -19.75 -39.73 -16.97
CA LYS G 211 -20.54 -40.12 -18.13
C LYS G 211 -21.46 -38.98 -18.53
N ILE G 212 -21.73 -38.90 -19.83
CA ILE G 212 -22.58 -37.85 -20.39
C ILE G 212 -23.52 -38.46 -21.41
N THR G 213 -24.76 -37.98 -21.42
CA THR G 213 -25.76 -38.44 -22.37
C THR G 213 -25.31 -38.13 -23.80
N LYS G 214 -26.03 -38.70 -24.76
CA LYS G 214 -25.69 -38.52 -26.17
C LYS G 214 -25.74 -37.04 -26.56
N VAL G 215 -26.84 -36.36 -26.23
CA VAL G 215 -27.00 -34.97 -26.66
C VAL G 215 -25.90 -34.11 -26.06
N GLU G 216 -25.51 -34.39 -24.81
CA GLU G 216 -24.46 -33.60 -24.18
C GLU G 216 -23.15 -33.72 -24.94
N TYR G 217 -22.77 -34.94 -25.31
CA TYR G 217 -21.54 -35.13 -26.07
C TYR G 217 -21.65 -34.49 -27.45
N ILE G 218 -22.80 -34.61 -28.10
CA ILE G 218 -22.98 -33.99 -29.41
C ILE G 218 -22.75 -32.48 -29.31
N LYS G 219 -23.34 -31.85 -28.30
CA LYS G 219 -23.16 -30.41 -28.13
C LYS G 219 -21.71 -30.09 -27.79
N ARG G 220 -21.06 -30.92 -26.98
CA ARG G 220 -19.68 -30.63 -26.58
C ARG G 220 -18.73 -30.73 -27.78
N ALA G 221 -18.93 -31.71 -28.65
CA ALA G 221 -18.02 -31.87 -29.78
C ALA G 221 -18.08 -30.66 -30.71
N LEU G 222 -19.27 -30.15 -30.97
CA LEU G 222 -19.44 -29.01 -31.85
C LEU G 222 -19.04 -27.69 -31.20
N SER G 223 -18.79 -27.68 -29.89
CA SER G 223 -18.49 -26.44 -29.19
C SER G 223 -17.18 -25.84 -29.70
N LEU G 224 -17.15 -24.52 -29.78
CA LEU G 224 -15.95 -23.76 -30.12
C LEU G 224 -15.59 -22.86 -28.94
N ASN G 225 -14.46 -23.14 -28.31
CA ASN G 225 -14.04 -22.37 -27.16
C ASN G 225 -13.18 -21.19 -27.59
N THR G 226 -13.18 -20.15 -26.76
CA THR G 226 -12.42 -18.93 -27.02
C THR G 226 -11.31 -18.80 -25.99
N MET G 227 -10.15 -18.32 -26.43
CA MET G 227 -9.00 -18.16 -25.56
C MET G 227 -9.03 -16.80 -24.87
N ARG G 239 -5.60 -13.25 -35.54
CA ARG G 239 -6.46 -12.86 -34.44
C ARG G 239 -7.58 -13.87 -34.25
N ALA G 240 -7.21 -15.13 -34.01
CA ALA G 240 -8.20 -16.18 -33.84
C ALA G 240 -9.14 -15.86 -32.70
N ILE G 241 -10.43 -16.13 -32.90
CA ILE G 241 -11.44 -15.86 -31.90
C ILE G 241 -11.82 -17.10 -31.10
N ALA G 242 -11.61 -18.30 -31.65
CA ALA G 242 -12.00 -19.52 -30.97
C ALA G 242 -11.17 -20.67 -31.50
N THR G 243 -11.21 -21.79 -30.77
CA THR G 243 -10.51 -23.01 -31.13
C THR G 243 -11.50 -24.17 -31.16
N ALA G 244 -11.21 -25.16 -31.98
CA ALA G 244 -12.08 -26.32 -32.16
C ALA G 244 -11.43 -27.55 -31.57
N GLY G 245 -12.26 -28.47 -31.08
CA GLY G 245 -11.78 -29.66 -30.42
C GLY G 245 -11.09 -30.63 -31.36
N ILE G 246 -11.01 -31.90 -30.96
CA ILE G 246 -10.35 -32.91 -31.78
C ILE G 246 -11.32 -33.56 -32.76
N GLN G 247 -12.62 -33.60 -32.43
CA GLN G 247 -13.58 -34.23 -33.33
C GLN G 247 -13.64 -33.56 -34.68
N ILE G 248 -13.18 -32.31 -34.79
CA ILE G 248 -13.23 -31.57 -36.03
C ILE G 248 -11.89 -31.51 -36.75
N ARG G 249 -10.78 -31.75 -36.04
CA ARG G 249 -9.47 -31.41 -36.59
C ARG G 249 -9.15 -32.21 -37.84
N GLY G 250 -9.43 -33.52 -37.84
CA GLY G 250 -9.06 -34.34 -38.98
C GLY G 250 -9.78 -33.94 -40.25
N PHE G 251 -11.09 -33.70 -40.15
CA PHE G 251 -11.87 -33.36 -41.33
C PHE G 251 -11.45 -32.00 -41.90
N VAL G 252 -11.23 -31.02 -41.02
CA VAL G 252 -10.78 -29.71 -41.51
C VAL G 252 -9.40 -29.85 -42.13
N LEU G 253 -8.55 -30.70 -41.56
CA LEU G 253 -7.24 -30.92 -42.13
C LEU G 253 -7.35 -31.46 -43.55
N VAL G 254 -8.21 -32.46 -43.76
CA VAL G 254 -8.36 -33.04 -45.09
C VAL G 254 -8.91 -32.02 -46.07
N VAL G 255 -9.94 -31.28 -45.64
CA VAL G 255 -10.57 -30.31 -46.54
C VAL G 255 -9.57 -29.21 -46.90
N GLU G 256 -8.80 -28.73 -45.93
CA GLU G 256 -7.80 -27.71 -46.21
C GLU G 256 -6.69 -28.24 -47.09
N ASN G 257 -6.31 -29.52 -46.94
CA ASN G 257 -5.33 -30.10 -47.85
C ASN G 257 -5.86 -30.11 -49.28
N LEU G 258 -7.13 -30.48 -49.45
CA LEU G 258 -7.76 -30.44 -50.76
C LEU G 258 -7.73 -29.03 -51.34
N ALA G 259 -8.13 -28.06 -50.54
CA ALA G 259 -8.18 -26.68 -51.00
C ALA G 259 -6.79 -26.17 -51.36
N LYS G 260 -5.77 -26.55 -50.58
CA LYS G 260 -4.40 -26.17 -50.88
C LYS G 260 -3.93 -26.80 -52.19
N ASN G 261 -4.28 -28.07 -52.41
CA ASN G 261 -3.93 -28.70 -53.67
C ASN G 261 -4.55 -27.96 -54.84
N ILE G 262 -5.81 -27.55 -54.71
CA ILE G 262 -6.45 -26.78 -55.78
C ILE G 262 -5.75 -25.43 -55.96
N CYS G 263 -5.46 -24.74 -54.85
CA CYS G 263 -4.94 -23.38 -54.93
C CYS G 263 -3.54 -23.36 -55.52
N GLU G 264 -2.73 -24.37 -55.23
CA GLU G 264 -1.33 -24.35 -55.66
C GLU G 264 -1.21 -24.14 -57.16
N ASN G 265 -2.17 -24.64 -57.93
CA ASN G 265 -2.15 -24.53 -59.38
C ASN G 265 -3.01 -23.40 -59.91
N LEU G 266 -3.54 -22.54 -59.03
CA LEU G 266 -4.33 -21.39 -59.42
C LEU G 266 -3.42 -20.16 -59.45
N GLU G 267 -3.18 -19.63 -60.65
CA GLU G 267 -2.31 -18.47 -60.78
C GLU G 267 -2.82 -17.28 -59.97
N GLN G 268 -4.14 -17.19 -59.78
CA GLN G 268 -4.69 -16.09 -59.00
C GLN G 268 -4.38 -16.23 -57.52
N SER G 269 -4.33 -17.47 -57.01
CA SER G 269 -4.14 -17.67 -55.58
C SER G 269 -2.81 -17.07 -55.14
N GLY G 270 -2.84 -16.33 -54.04
CA GLY G 270 -1.66 -15.75 -53.43
C GLY G 270 -1.02 -16.61 -52.37
N LEU G 271 -1.46 -17.86 -52.22
CA LEU G 271 -0.95 -18.79 -51.23
C LEU G 271 -0.59 -20.10 -51.91
N PRO G 272 0.31 -20.89 -51.31
CA PRO G 272 1.06 -20.66 -50.07
C PRO G 272 2.40 -19.97 -50.33
N VAL G 273 2.39 -18.96 -51.21
CA VAL G 273 3.63 -18.27 -51.55
C VAL G 273 4.23 -17.63 -50.30
N GLY G 274 5.54 -17.70 -50.20
CA GLY G 274 6.26 -17.09 -49.09
C GLY G 274 7.67 -16.69 -49.45
N GLY G 275 8.02 -15.44 -49.19
CA GLY G 275 9.34 -14.92 -49.52
C GLY G 275 9.33 -13.97 -50.70
N ASN G 276 10.43 -13.92 -51.43
CA ASN G 276 10.50 -13.10 -52.64
C ASN G 276 9.57 -13.62 -53.72
N GLU G 277 9.17 -14.89 -53.64
CA GLU G 277 8.18 -15.41 -54.57
C GLU G 277 6.91 -14.57 -54.55
N LYS G 278 6.56 -14.01 -53.41
CA LYS G 278 5.42 -13.10 -53.33
C LYS G 278 5.65 -11.88 -54.20
N LYS G 279 6.84 -11.28 -54.13
CA LYS G 279 7.15 -10.13 -54.97
C LYS G 279 7.13 -10.51 -56.45
N ALA G 280 7.67 -11.68 -56.78
CA ALA G 280 7.65 -12.14 -58.16
C ALA G 280 6.23 -12.30 -58.66
N LYS G 281 5.36 -12.89 -57.85
CA LYS G 281 3.97 -13.06 -58.24
C LYS G 281 3.29 -11.71 -58.44
N LEU G 282 3.53 -10.77 -57.53
CA LEU G 282 2.93 -9.44 -57.66
C LEU G 282 3.36 -8.77 -58.96
N SER G 283 4.67 -8.70 -59.21
CA SER G 283 5.17 -8.04 -60.40
C SER G 283 4.70 -8.75 -61.67
N ASN G 284 4.69 -10.09 -61.65
CA ASN G 284 4.25 -10.83 -62.82
C ASN G 284 2.78 -10.58 -63.11
N ALA G 285 1.94 -10.53 -62.08
CA ALA G 285 0.53 -10.24 -62.30
C ALA G 285 0.36 -8.85 -62.90
N VAL G 286 1.07 -7.86 -62.36
CA VAL G 286 0.95 -6.51 -62.90
C VAL G 286 1.39 -6.49 -64.36
N ALA G 287 2.53 -7.10 -64.67
CA ALA G 287 3.05 -7.09 -66.03
C ALA G 287 2.09 -7.81 -66.98
N LYS G 288 1.56 -8.96 -66.56
CA LYS G 288 0.65 -9.70 -67.41
C LYS G 288 -0.59 -8.88 -67.72
N MET G 289 -1.16 -8.24 -66.70
CA MET G 289 -2.36 -7.44 -66.94
C MET G 289 -2.07 -6.26 -67.85
N LEU G 290 -0.94 -5.59 -67.65
CA LEU G 290 -0.61 -4.45 -68.51
C LEU G 290 -0.35 -4.89 -69.94
N SER G 291 0.23 -6.08 -70.13
CA SER G 291 0.61 -6.51 -71.47
C SER G 291 -0.61 -6.66 -72.37
N ASN G 292 -1.67 -7.30 -71.87
CA ASN G 292 -2.87 -7.57 -72.66
C ASN G 292 -3.91 -6.47 -72.53
N CYS G 293 -3.52 -5.29 -72.08
CA CYS G 293 -4.44 -4.17 -72.04
C CYS G 293 -4.83 -3.77 -73.46
N PRO G 294 -6.08 -3.40 -73.69
CA PRO G 294 -6.49 -3.00 -75.04
C PRO G 294 -5.66 -1.83 -75.54
N PRO G 295 -5.28 -1.82 -76.82
CA PRO G 295 -4.53 -0.67 -77.35
C PRO G 295 -5.30 0.63 -77.14
N GLY G 296 -4.73 1.50 -76.33
CA GLY G 296 -5.38 2.75 -75.98
C GLY G 296 -6.35 2.66 -74.83
N GLY G 297 -6.53 1.48 -74.24
CA GLY G 297 -7.43 1.32 -73.12
C GLY G 297 -6.80 1.76 -71.81
N ILE G 298 -7.55 1.57 -70.73
CA ILE G 298 -7.13 1.98 -69.39
C ILE G 298 -7.18 0.76 -68.47
N SER G 299 -6.16 0.63 -67.63
CA SER G 299 -6.06 -0.42 -66.64
C SER G 299 -6.16 0.18 -65.25
N MET G 300 -7.07 -0.34 -64.44
CA MET G 300 -7.32 0.15 -63.10
C MET G 300 -7.10 -0.97 -62.10
N THR G 301 -6.69 -0.61 -60.88
CA THR G 301 -6.35 -1.56 -59.84
C THR G 301 -7.04 -1.15 -58.55
N VAL G 302 -7.64 -2.12 -57.88
CA VAL G 302 -8.36 -1.92 -56.62
C VAL G 302 -7.66 -2.75 -55.55
N THR G 303 -7.27 -2.09 -54.47
CA THR G 303 -6.69 -2.76 -53.30
C THR G 303 -7.80 -3.14 -52.32
N GLY G 304 -8.70 -4.00 -52.80
CA GLY G 304 -9.91 -4.28 -52.06
C GLY G 304 -9.64 -4.96 -50.74
N ASP G 305 -10.56 -4.76 -49.81
CA ASP G 305 -10.57 -5.43 -48.53
C ASP G 305 -11.97 -5.95 -48.27
N ASN G 306 -12.08 -7.00 -47.46
CA ASN G 306 -13.35 -7.65 -47.18
C ASN G 306 -13.71 -7.44 -45.72
N THR G 307 -14.87 -6.83 -45.48
CA THR G 307 -15.38 -6.65 -44.13
C THR G 307 -16.22 -7.86 -43.72
N LYS G 308 -16.05 -8.27 -42.47
CA LYS G 308 -16.82 -9.39 -41.93
C LYS G 308 -16.67 -10.62 -42.83
N TRP G 309 -15.43 -10.87 -43.28
CA TRP G 309 -15.18 -11.98 -44.18
C TRP G 309 -15.68 -13.29 -43.59
N ASN G 310 -15.28 -13.59 -42.36
CA ASN G 310 -15.64 -14.85 -41.72
C ASN G 310 -16.98 -14.81 -41.01
N GLU G 311 -17.60 -13.63 -40.92
CA GLU G 311 -18.95 -13.51 -40.37
C GLU G 311 -20.03 -13.56 -41.44
N CYS G 312 -19.66 -13.77 -42.70
CA CYS G 312 -20.60 -13.84 -43.80
C CYS G 312 -20.53 -15.14 -44.57
N LEU G 313 -19.33 -15.71 -44.73
CA LEU G 313 -19.21 -17.00 -45.39
C LEU G 313 -20.01 -18.05 -44.62
N ASN G 314 -20.73 -18.88 -45.35
CA ASN G 314 -21.60 -19.87 -44.75
C ASN G 314 -21.01 -21.27 -44.89
N PRO G 315 -21.05 -22.09 -43.83
CA PRO G 315 -20.57 -23.47 -43.99
C PRO G 315 -21.33 -24.26 -45.05
N ARG G 316 -22.59 -23.91 -45.31
CA ARG G 316 -23.34 -24.61 -46.35
C ARG G 316 -22.75 -24.34 -47.73
N ILE G 317 -22.28 -23.12 -47.97
CA ILE G 317 -21.63 -22.82 -49.24
C ILE G 317 -20.32 -23.59 -49.38
N PHE G 318 -19.59 -23.75 -48.27
CA PHE G 318 -18.39 -24.57 -48.31
C PHE G 318 -18.73 -26.03 -48.59
N LEU G 319 -19.83 -26.52 -48.03
CA LEU G 319 -20.27 -27.87 -48.33
C LEU G 319 -20.59 -28.01 -49.82
N ALA G 320 -21.27 -27.01 -50.39
CA ALA G 320 -21.57 -27.05 -51.82
C ALA G 320 -20.29 -27.05 -52.64
N MET G 321 -19.31 -26.23 -52.26
CA MET G 321 -18.05 -26.19 -52.98
C MET G 321 -17.35 -27.55 -52.92
N THR G 322 -17.33 -28.16 -51.73
CA THR G 322 -16.68 -29.47 -51.60
C THR G 322 -17.40 -30.52 -52.45
N GLU G 323 -18.73 -30.49 -52.48
CA GLU G 323 -19.47 -31.45 -53.29
C GLU G 323 -19.18 -31.24 -54.77
N ARG G 324 -19.16 -29.99 -55.22
CA ARG G 324 -18.90 -29.72 -56.63
C ARG G 324 -17.49 -30.13 -57.03
N ILE G 325 -16.51 -29.83 -56.18
CA ILE G 325 -15.12 -30.16 -56.52
C ILE G 325 -14.96 -31.67 -56.65
N THR G 326 -15.43 -32.41 -55.64
CA THR G 326 -15.33 -33.88 -55.64
C THR G 326 -16.55 -34.51 -56.28
N ARG G 327 -16.90 -34.05 -57.49
CA ARG G 327 -18.03 -34.62 -58.20
C ARG G 327 -17.68 -35.97 -58.83
N ASP G 328 -16.42 -36.18 -59.18
CA ASP G 328 -15.94 -37.46 -59.71
C ASP G 328 -14.87 -37.97 -58.75
N SER G 329 -15.29 -38.68 -57.72
CA SER G 329 -14.41 -39.22 -56.71
C SER G 329 -15.13 -40.33 -55.98
N PRO G 330 -14.41 -41.22 -55.30
CA PRO G 330 -15.08 -42.30 -54.57
C PRO G 330 -16.06 -41.73 -53.54
N ILE G 331 -17.18 -42.42 -53.36
CA ILE G 331 -18.23 -41.91 -52.49
C ILE G 331 -17.73 -41.75 -51.06
N TRP G 332 -16.89 -42.69 -50.61
CA TRP G 332 -16.39 -42.61 -49.24
C TRP G 332 -15.55 -41.35 -49.05
N PHE G 333 -14.72 -41.00 -50.02
CA PHE G 333 -13.94 -39.77 -49.92
C PHE G 333 -14.84 -38.55 -49.97
N ARG G 334 -15.89 -38.60 -50.78
CA ARG G 334 -16.83 -37.48 -50.83
C ARG G 334 -17.47 -37.26 -49.47
N ASP G 335 -17.90 -38.34 -48.82
CA ASP G 335 -18.46 -38.22 -47.47
C ASP G 335 -17.41 -37.70 -46.49
N PHE G 336 -16.18 -38.19 -46.60
CA PHE G 336 -15.13 -37.74 -45.70
C PHE G 336 -14.90 -36.24 -45.83
N CYS G 337 -14.87 -35.74 -47.07
CA CYS G 337 -14.73 -34.30 -47.27
C CYS G 337 -15.94 -33.53 -46.76
N SER G 338 -17.14 -34.10 -46.91
CA SER G 338 -18.35 -33.41 -46.49
C SER G 338 -18.54 -33.40 -44.97
N ILE G 339 -17.86 -34.29 -44.24
CA ILE G 339 -18.09 -34.36 -42.79
C ILE G 339 -17.69 -33.07 -42.10
N ALA G 340 -16.73 -32.32 -42.66
CA ALA G 340 -16.27 -31.12 -41.99
C ALA G 340 -17.26 -29.98 -42.13
N PRO G 341 -17.69 -29.63 -43.35
CA PRO G 341 -18.68 -28.55 -43.48
C PRO G 341 -19.94 -28.77 -42.67
N VAL G 342 -20.43 -30.01 -42.60
CA VAL G 342 -21.66 -30.26 -41.85
C VAL G 342 -21.41 -30.06 -40.35
N LEU G 343 -20.23 -30.44 -39.87
CA LEU G 343 -19.89 -30.19 -38.48
C LEU G 343 -19.84 -28.70 -38.19
N PHE G 344 -19.26 -27.93 -39.11
CA PHE G 344 -19.19 -26.48 -38.90
C PHE G 344 -20.55 -25.82 -38.98
N SER G 345 -21.45 -26.35 -39.81
CA SER G 345 -22.77 -25.76 -39.99
C SER G 345 -23.59 -25.88 -38.71
N ASN G 346 -23.15 -26.74 -37.78
CA ASN G 346 -23.84 -26.89 -36.51
C ASN G 346 -22.99 -26.41 -35.33
N LYS G 347 -22.04 -25.51 -35.57
CA LYS G 347 -21.12 -25.13 -34.51
C LYS G 347 -21.85 -24.36 -33.41
N ILE G 348 -21.46 -24.64 -32.17
CA ILE G 348 -21.98 -23.97 -30.99
C ILE G 348 -20.82 -23.21 -30.35
N ALA G 349 -21.03 -21.93 -30.09
CA ALA G 349 -19.99 -21.10 -29.50
C ALA G 349 -20.11 -21.11 -27.98
N ARG G 350 -18.95 -21.09 -27.32
CA ARG G 350 -18.89 -20.95 -25.87
C ARG G 350 -18.55 -19.51 -25.54
N LEU G 351 -19.28 -18.92 -24.60
CA LEU G 351 -19.16 -17.50 -24.30
C LEU G 351 -18.01 -17.17 -23.37
N GLY G 352 -17.26 -18.16 -22.90
CA GLY G 352 -16.08 -17.90 -22.10
C GLY G 352 -16.31 -17.94 -20.60
N LYS G 353 -15.72 -16.99 -19.88
CA LYS G 353 -15.83 -16.98 -18.43
C LYS G 353 -17.15 -16.38 -17.98
N GLY G 354 -17.42 -15.14 -18.36
CA GLY G 354 -18.65 -14.47 -17.99
C GLY G 354 -18.41 -13.00 -17.74
N PHE G 355 -19.32 -12.41 -16.97
CA PHE G 355 -19.28 -11.00 -16.64
C PHE G 355 -18.88 -10.80 -15.19
N MET G 356 -18.71 -9.54 -14.81
CA MET G 356 -18.37 -9.16 -13.45
C MET G 356 -19.25 -7.99 -13.03
N ILE G 357 -19.91 -8.12 -11.88
CA ILE G 357 -20.79 -7.08 -11.36
C ILE G 357 -20.33 -6.71 -9.96
N THR G 358 -20.32 -5.40 -9.69
CA THR G 358 -19.77 -4.87 -8.45
C THR G 358 -20.80 -3.96 -7.79
N SER G 359 -20.60 -3.77 -6.48
CA SER G 359 -21.38 -2.84 -5.68
C SER G 359 -20.38 -1.92 -4.98
N LYS G 360 -20.38 -0.65 -5.38
CA LYS G 360 -19.43 0.31 -4.82
C LYS G 360 -19.76 0.64 -3.36
N THR G 361 -21.05 0.74 -3.03
CA THR G 361 -21.42 1.16 -1.69
C THR G 361 -20.90 0.19 -0.64
N LYS G 362 -21.02 -1.11 -0.89
CA LYS G 362 -20.54 -2.12 0.04
C LYS G 362 -19.16 -2.65 -0.33
N ARG G 363 -18.53 -2.10 -1.37
CA ARG G 363 -17.21 -2.55 -1.81
C ARG G 363 -17.19 -4.06 -2.01
N LEU G 364 -18.01 -4.52 -2.95
CA LEU G 364 -18.10 -5.94 -3.28
C LEU G 364 -18.01 -6.13 -4.77
N LYS G 365 -17.60 -7.33 -5.19
CA LYS G 365 -17.63 -7.69 -6.60
C LYS G 365 -17.83 -9.19 -6.71
N ALA G 366 -18.39 -9.61 -7.84
CA ALA G 366 -18.65 -11.02 -8.08
C ALA G 366 -18.60 -11.29 -9.58
N GLN G 367 -18.38 -12.56 -9.91
CA GLN G 367 -18.26 -13.03 -11.29
C GLN G 367 -19.49 -13.87 -11.63
N ILE G 368 -20.23 -13.44 -12.65
CA ILE G 368 -21.40 -14.16 -13.13
C ILE G 368 -20.95 -15.05 -14.29
N PRO G 369 -21.02 -16.37 -14.17
CA PRO G 369 -20.58 -17.24 -15.27
C PRO G 369 -21.66 -17.33 -16.34
N CYS G 370 -21.24 -17.86 -17.49
CA CYS G 370 -22.12 -17.85 -18.66
C CYS G 370 -23.47 -18.53 -18.43
N PRO G 371 -23.55 -19.69 -17.78
CA PRO G 371 -24.87 -20.31 -17.59
C PRO G 371 -25.85 -19.41 -16.85
N ASP G 372 -25.36 -18.59 -15.92
CA ASP G 372 -26.21 -17.65 -15.18
C ASP G 372 -26.19 -16.26 -15.81
N LEU G 373 -26.02 -16.18 -17.12
CA LEU G 373 -25.99 -14.87 -17.78
C LEU G 373 -27.32 -14.14 -17.62
N PHE G 374 -28.43 -14.86 -17.78
CA PHE G 374 -29.76 -14.29 -17.70
C PHE G 374 -30.43 -14.53 -16.34
N SER G 375 -29.67 -15.01 -15.36
CA SER G 375 -30.25 -15.28 -14.05
C SER G 375 -30.59 -14.01 -13.28
N ILE G 376 -30.20 -12.84 -13.78
CA ILE G 376 -30.47 -11.58 -13.09
C ILE G 376 -31.22 -10.65 -14.03
N PRO G 377 -32.02 -9.72 -13.53
CA PRO G 377 -32.72 -8.79 -14.43
C PRO G 377 -31.74 -8.04 -15.32
N LEU G 378 -32.15 -7.82 -16.57
CA LEU G 378 -31.28 -7.15 -17.52
C LEU G 378 -30.99 -5.71 -17.12
N GLU G 379 -31.80 -5.12 -16.24
CA GLU G 379 -31.57 -3.75 -15.81
C GLU G 379 -30.26 -3.59 -15.05
N ARG G 380 -29.69 -4.69 -14.54
CA ARG G 380 -28.44 -4.63 -13.79
C ARG G 380 -27.20 -4.64 -14.68
N TYR G 381 -27.36 -4.82 -15.98
CA TYR G 381 -26.26 -4.74 -16.92
C TYR G 381 -26.21 -3.36 -17.56
N ASN G 382 -25.01 -2.92 -17.90
CA ASN G 382 -24.86 -1.64 -18.60
C ASN G 382 -25.61 -1.70 -19.94
N GLU G 383 -25.71 -0.53 -20.58
CA GLU G 383 -26.55 -0.41 -21.75
C GLU G 383 -26.14 -1.39 -22.85
N GLU G 384 -24.85 -1.41 -23.20
CA GLU G 384 -24.42 -2.24 -24.32
C GLU G 384 -24.63 -3.72 -24.02
N THR G 385 -24.30 -4.17 -22.80
CA THR G 385 -24.52 -5.57 -22.45
C THR G 385 -26.00 -5.89 -22.39
N ARG G 386 -26.81 -4.94 -21.90
CA ARG G 386 -28.25 -5.16 -21.87
C ARG G 386 -28.79 -5.39 -23.27
N ALA G 387 -28.42 -4.53 -24.22
CA ALA G 387 -28.89 -4.70 -25.59
C ALA G 387 -28.36 -6.00 -26.20
N LYS G 388 -27.09 -6.32 -25.94
CA LYS G 388 -26.52 -7.52 -26.52
C LYS G 388 -27.23 -8.77 -26.00
N LEU G 389 -27.51 -8.83 -24.69
CA LEU G 389 -28.22 -9.97 -24.15
C LEU G 389 -29.65 -10.03 -24.67
N LYS G 390 -30.31 -8.87 -24.80
CA LYS G 390 -31.66 -8.86 -25.35
C LYS G 390 -31.67 -9.44 -26.76
N LYS G 391 -30.67 -9.10 -27.57
CA LYS G 391 -30.60 -9.62 -28.93
C LYS G 391 -30.18 -11.08 -28.97
N LEU G 392 -29.33 -11.51 -28.03
CA LEU G 392 -28.80 -12.87 -28.02
C LEU G 392 -29.74 -13.87 -27.37
N LYS G 393 -30.77 -13.41 -26.67
CA LYS G 393 -31.68 -14.34 -25.99
C LYS G 393 -32.17 -15.47 -26.88
N PRO G 394 -32.66 -15.23 -28.10
CA PRO G 394 -33.16 -16.35 -28.91
C PRO G 394 -32.10 -17.40 -29.23
N PHE G 395 -30.85 -17.00 -29.43
CA PHE G 395 -29.78 -17.93 -29.82
C PHE G 395 -28.95 -18.40 -28.63
N PHE G 396 -29.54 -18.45 -27.44
CA PHE G 396 -28.83 -18.84 -26.23
C PHE G 396 -29.37 -20.17 -25.72
N ASN G 397 -28.46 -21.00 -25.20
CA ASN G 397 -28.82 -22.28 -24.61
C ASN G 397 -28.69 -22.22 -23.10
N GLU G 398 -29.41 -23.11 -22.43
CA GLU G 398 -29.40 -23.13 -20.97
C GLU G 398 -28.05 -23.54 -20.39
N GLU G 399 -27.14 -24.08 -21.20
CA GLU G 399 -25.84 -24.55 -20.73
C GLU G 399 -24.73 -23.53 -20.98
N GLY G 400 -25.08 -22.25 -21.05
CA GLY G 400 -24.07 -21.23 -21.27
C GLY G 400 -23.36 -21.35 -22.60
N THR G 401 -24.12 -21.61 -23.67
CA THR G 401 -23.57 -21.68 -25.01
C THR G 401 -24.56 -21.05 -25.97
N ALA G 402 -24.04 -20.56 -27.10
CA ALA G 402 -24.85 -19.87 -28.10
C ALA G 402 -24.82 -20.64 -29.40
N SER G 403 -26.00 -20.92 -29.96
CA SER G 403 -26.07 -21.54 -31.26
C SER G 403 -25.59 -20.56 -32.32
N LEU G 404 -24.78 -21.06 -33.27
CA LEU G 404 -24.21 -20.21 -34.31
C LEU G 404 -24.06 -21.06 -35.57
N SER G 405 -25.02 -20.95 -36.48
CA SER G 405 -24.96 -21.68 -37.74
C SER G 405 -24.04 -20.98 -38.73
N PRO G 406 -24.27 -19.71 -39.05
CA PRO G 406 -23.44 -19.01 -40.02
C PRO G 406 -22.11 -18.59 -39.42
N GLY G 407 -21.30 -17.91 -40.22
CA GLY G 407 -20.03 -17.39 -39.78
C GLY G 407 -18.90 -18.40 -39.91
N MET G 408 -17.68 -17.91 -39.66
CA MET G 408 -16.49 -18.73 -39.75
C MET G 408 -15.48 -18.43 -38.66
N MET G 409 -15.80 -17.56 -37.71
CA MET G 409 -14.96 -17.27 -36.54
C MET G 409 -13.48 -17.26 -36.86
N MET G 410 -13.12 -16.41 -37.82
CA MET G 410 -11.73 -16.26 -38.28
C MET G 410 -11.28 -17.51 -39.04
N GLY G 411 -9.97 -17.74 -39.11
CA GLY G 411 -9.42 -18.71 -40.02
C GLY G 411 -9.55 -20.16 -39.60
N MET G 412 -10.42 -20.90 -40.29
CA MET G 412 -10.42 -22.36 -40.24
C MET G 412 -10.55 -23.01 -41.61
N PHE G 413 -11.09 -22.31 -42.60
CA PHE G 413 -11.14 -22.76 -43.99
C PHE G 413 -10.52 -21.69 -44.88
N ASN G 414 -9.33 -21.23 -44.50
CA ASN G 414 -8.68 -20.15 -45.25
C ASN G 414 -8.41 -20.56 -46.69
N MET G 415 -7.95 -21.79 -46.92
CA MET G 415 -7.70 -22.24 -48.27
C MET G 415 -8.98 -22.28 -49.09
N LEU G 416 -10.08 -22.79 -48.51
CA LEU G 416 -11.35 -22.80 -49.23
C LEU G 416 -11.86 -21.39 -49.46
N SER G 417 -11.62 -20.49 -48.51
CA SER G 417 -11.98 -19.09 -48.73
C SER G 417 -11.22 -18.51 -49.91
N THR G 418 -9.93 -18.82 -50.02
CA THR G 418 -9.16 -18.36 -51.17
C THR G 418 -9.68 -18.97 -52.45
N VAL G 419 -10.08 -20.23 -52.41
CA VAL G 419 -10.64 -20.88 -53.60
C VAL G 419 -11.93 -20.17 -54.03
N LEU G 420 -12.79 -19.84 -53.07
CA LEU G 420 -14.02 -19.13 -53.39
C LEU G 420 -13.71 -17.74 -53.97
N GLY G 421 -12.74 -17.05 -53.39
CA GLY G 421 -12.36 -15.76 -53.94
C GLY G 421 -11.82 -15.86 -55.35
N VAL G 422 -11.02 -16.88 -55.62
CA VAL G 422 -10.50 -17.11 -56.97
C VAL G 422 -11.65 -17.40 -57.92
N ALA G 423 -12.63 -18.17 -57.46
CA ALA G 423 -13.81 -18.44 -58.29
C ALA G 423 -14.52 -17.13 -58.63
N ALA G 424 -14.67 -16.24 -57.65
CA ALA G 424 -15.28 -14.95 -57.90
C ALA G 424 -14.47 -14.15 -58.92
N LEU G 425 -13.14 -14.22 -58.82
CA LEU G 425 -12.28 -13.48 -59.73
C LEU G 425 -12.21 -14.11 -61.11
N GLY G 426 -12.62 -15.38 -61.25
CA GLY G 426 -12.49 -16.08 -62.51
C GLY G 426 -13.59 -15.84 -63.51
N ILE G 427 -14.67 -15.15 -63.12
CA ILE G 427 -15.75 -14.88 -64.06
C ILE G 427 -15.26 -14.01 -65.20
N LYS G 428 -14.54 -12.93 -64.87
CA LYS G 428 -13.81 -12.11 -65.83
C LYS G 428 -14.72 -11.26 -66.72
N ASN G 429 -16.04 -11.45 -66.62
CA ASN G 429 -16.94 -10.66 -67.47
C ASN G 429 -18.38 -10.93 -67.07
N ILE G 430 -19.20 -9.90 -67.19
CA ILE G 430 -20.64 -10.00 -66.99
C ILE G 430 -21.33 -9.20 -68.08
N GLY G 431 -22.26 -9.82 -68.78
CA GLY G 431 -22.98 -9.14 -69.84
C GLY G 431 -22.18 -8.92 -71.10
N ASN G 432 -21.00 -9.51 -71.21
CA ASN G 432 -20.15 -9.34 -72.38
C ASN G 432 -19.86 -7.87 -72.65
N LYS G 433 -19.65 -7.11 -71.58
CA LYS G 433 -19.30 -5.70 -71.70
C LYS G 433 -17.82 -5.56 -72.03
N GLU G 434 -17.38 -4.32 -72.23
CA GLU G 434 -16.00 -4.04 -72.63
C GLU G 434 -15.11 -3.83 -71.41
N TYR G 435 -14.98 -4.90 -70.62
CA TYR G 435 -14.06 -4.89 -69.49
C TYR G 435 -13.68 -6.34 -69.16
N LEU G 436 -12.42 -6.52 -68.77
CA LEU G 436 -11.91 -7.81 -68.34
C LEU G 436 -11.21 -7.65 -67.00
N TRP G 437 -11.60 -8.45 -66.02
CA TRP G 437 -11.03 -8.35 -64.69
C TRP G 437 -10.30 -9.64 -64.31
N ASP G 438 -9.34 -9.49 -63.42
CA ASP G 438 -8.57 -10.61 -62.87
C ASP G 438 -7.90 -10.10 -61.59
N GLY G 439 -6.98 -10.87 -61.05
CA GLY G 439 -6.22 -10.35 -59.94
C GLY G 439 -5.72 -11.49 -59.05
N LEU G 440 -5.52 -11.14 -57.78
CA LEU G 440 -4.98 -12.06 -56.79
C LEU G 440 -5.82 -11.99 -55.52
N GLN G 441 -5.78 -13.08 -54.75
CA GLN G 441 -6.51 -13.14 -53.49
C GLN G 441 -5.86 -14.19 -52.60
N SER G 442 -5.62 -13.84 -51.33
CA SER G 442 -5.07 -14.78 -50.35
C SER G 442 -5.94 -14.74 -49.08
N SER G 443 -7.06 -15.45 -49.14
CA SER G 443 -7.84 -15.89 -48.00
C SER G 443 -8.46 -14.77 -47.15
N ASP G 444 -8.03 -13.53 -47.32
CA ASP G 444 -8.74 -12.40 -46.73
C ASP G 444 -8.76 -11.15 -47.60
N ASP G 445 -7.79 -10.94 -48.48
CA ASP G 445 -7.63 -9.70 -49.21
C ASP G 445 -7.40 -10.01 -50.68
N PHE G 446 -7.94 -9.15 -51.53
CA PHE G 446 -7.84 -9.33 -52.97
C PHE G 446 -7.37 -8.03 -53.61
N ALA G 447 -6.53 -8.17 -54.62
CA ALA G 447 -6.16 -7.08 -55.51
C ALA G 447 -6.79 -7.36 -56.85
N LEU G 448 -7.57 -6.40 -57.36
CA LEU G 448 -8.35 -6.58 -58.58
C LEU G 448 -7.81 -5.68 -59.67
N PHE G 449 -7.48 -6.24 -60.82
CA PHE G 449 -7.05 -5.48 -61.99
C PHE G 449 -8.10 -5.60 -63.08
N VAL G 450 -8.56 -4.48 -63.60
CA VAL G 450 -9.60 -4.43 -64.62
C VAL G 450 -9.09 -3.60 -65.80
N ASN G 451 -9.16 -4.17 -67.00
CA ASN G 451 -8.78 -3.49 -68.22
C ASN G 451 -10.03 -3.18 -69.01
N ALA G 452 -10.15 -1.94 -69.50
CA ALA G 452 -11.30 -1.50 -70.27
C ALA G 452 -10.84 -0.44 -71.26
N LYS G 453 -11.81 0.28 -71.84
CA LYS G 453 -11.51 1.36 -72.76
C LYS G 453 -11.29 2.68 -72.03
N ASP G 454 -12.28 3.10 -71.24
CA ASP G 454 -12.19 4.31 -70.43
C ASP G 454 -12.48 3.97 -68.99
N GLU G 455 -12.09 4.88 -68.08
CA GLU G 455 -12.26 4.63 -66.66
C GLU G 455 -13.73 4.40 -66.31
N GLU G 456 -14.65 4.96 -67.10
CA GLU G 456 -16.07 4.72 -66.84
C GLU G 456 -16.41 3.24 -66.99
N THR G 457 -15.93 2.62 -68.06
CA THR G 457 -16.19 1.19 -68.24
C THR G 457 -15.45 0.36 -67.21
N CYS G 458 -14.24 0.79 -66.81
CA CYS G 458 -13.54 0.09 -65.74
C CYS G 458 -14.33 0.10 -64.45
N MET G 459 -14.94 1.25 -64.12
CA MET G 459 -15.74 1.32 -62.90
C MET G 459 -17.05 0.57 -63.04
N GLU G 460 -17.62 0.51 -64.24
CA GLU G 460 -18.77 -0.35 -64.45
C GLU G 460 -18.39 -1.81 -64.20
N GLY G 461 -17.22 -2.22 -64.67
CA GLY G 461 -16.76 -3.57 -64.40
C GLY G 461 -16.50 -3.82 -62.92
N ILE G 462 -15.96 -2.82 -62.23
CA ILE G 462 -15.74 -2.95 -60.78
C ILE G 462 -17.07 -3.11 -60.06
N ASN G 463 -18.08 -2.33 -60.47
CA ASN G 463 -19.41 -2.47 -59.88
C ASN G 463 -19.99 -3.85 -60.14
N ASP G 464 -19.82 -4.36 -61.36
CA ASP G 464 -20.32 -5.70 -61.67
C ASP G 464 -19.61 -6.75 -60.83
N PHE G 465 -18.30 -6.61 -60.63
CA PHE G 465 -17.57 -7.53 -59.76
C PHE G 465 -18.07 -7.44 -58.33
N TYR G 466 -18.35 -6.23 -57.85
CA TYR G 466 -18.87 -6.06 -56.50
C TYR G 466 -20.20 -6.79 -56.35
N ARG G 467 -21.10 -6.62 -57.31
CA ARG G 467 -22.38 -7.31 -57.26
C ARG G 467 -22.18 -8.83 -57.32
N THR G 468 -21.28 -9.29 -58.18
CA THR G 468 -21.04 -10.72 -58.30
C THR G 468 -20.55 -11.31 -56.99
N CYS G 469 -19.56 -10.68 -56.37
CA CYS G 469 -19.06 -11.21 -55.10
C CYS G 469 -20.13 -11.13 -54.03
N LYS G 470 -20.98 -10.11 -54.08
CA LYS G 470 -22.14 -10.08 -53.18
C LYS G 470 -23.00 -11.32 -53.38
N LEU G 471 -23.20 -11.73 -54.64
CA LEU G 471 -24.00 -12.92 -54.90
C LEU G 471 -23.35 -14.18 -54.32
N LEU G 472 -22.03 -14.20 -54.24
CA LEU G 472 -21.31 -15.34 -53.67
C LEU G 472 -21.10 -15.21 -52.17
N GLY G 473 -21.61 -14.15 -51.54
CA GLY G 473 -21.46 -13.94 -50.12
C GLY G 473 -20.23 -13.17 -49.73
N ILE G 474 -19.33 -12.89 -50.66
CA ILE G 474 -18.13 -12.11 -50.36
C ILE G 474 -18.51 -10.64 -50.36
N ASN G 475 -18.24 -9.94 -49.25
CA ASN G 475 -18.61 -8.55 -49.09
C ASN G 475 -17.36 -7.69 -49.18
N MET G 476 -17.25 -6.93 -50.27
CA MET G 476 -16.13 -6.01 -50.44
C MET G 476 -16.28 -4.80 -49.51
N SER G 477 -15.16 -4.30 -49.01
CA SER G 477 -15.14 -3.20 -48.07
C SER G 477 -15.08 -1.89 -48.84
N LYS G 478 -16.19 -1.15 -48.86
CA LYS G 478 -16.19 0.16 -49.49
C LYS G 478 -15.48 1.19 -48.63
N LYS G 479 -15.44 0.99 -47.31
CA LYS G 479 -14.81 1.93 -46.40
C LYS G 479 -13.31 1.70 -46.25
N LYS G 480 -12.75 0.67 -46.89
CA LYS G 480 -11.33 0.39 -46.79
C LYS G 480 -10.73 -0.02 -48.13
N SER G 481 -11.33 0.45 -49.22
CA SER G 481 -10.87 0.11 -50.56
C SER G 481 -10.77 1.36 -51.40
N TYR G 482 -9.88 1.32 -52.40
CA TYR G 482 -9.69 2.43 -53.31
C TYR G 482 -9.20 1.89 -54.64
N CYS G 483 -9.32 2.72 -55.67
CA CYS G 483 -8.94 2.35 -57.02
C CYS G 483 -7.98 3.39 -57.58
N ASN G 484 -7.03 2.95 -58.39
CA ASN G 484 -6.05 3.85 -58.99
C ASN G 484 -5.49 3.19 -60.24
N GLU G 485 -4.88 4.00 -61.10
CA GLU G 485 -4.28 3.45 -62.31
C GLU G 485 -3.27 2.37 -61.95
N THR G 486 -3.28 1.28 -62.72
CA THR G 486 -2.46 0.13 -62.39
C THR G 486 -0.97 0.51 -62.40
N GLY G 487 -0.23 -0.12 -61.50
CA GLY G 487 1.19 0.14 -61.35
C GLY G 487 1.58 0.36 -59.91
N MET G 488 0.61 0.72 -59.07
CA MET G 488 0.83 0.96 -57.66
C MET G 488 -0.37 0.45 -56.89
N PHE G 489 -0.12 -0.39 -55.89
CA PHE G 489 -1.20 -1.00 -55.12
C PHE G 489 -0.59 -1.70 -53.91
N GLU G 490 -1.42 -2.45 -53.18
CA GLU G 490 -1.01 -3.19 -52.01
C GLU G 490 -1.64 -4.58 -52.06
N PHE G 491 -0.98 -5.54 -51.43
CA PHE G 491 -1.51 -6.91 -51.35
C PHE G 491 -0.92 -7.58 -50.12
N THR G 492 -1.74 -7.70 -49.07
CA THR G 492 -1.33 -8.36 -47.83
C THR G 492 -0.10 -7.69 -47.24
N SER G 493 -0.26 -6.41 -46.88
CA SER G 493 0.80 -5.65 -46.22
C SER G 493 2.09 -5.67 -47.03
N MET G 494 1.97 -5.49 -48.35
CA MET G 494 3.12 -5.48 -49.24
C MET G 494 2.82 -4.45 -50.33
N PHE G 495 3.41 -3.26 -50.20
CA PHE G 495 3.15 -2.18 -51.14
C PHE G 495 4.02 -2.35 -52.38
N TYR G 496 3.39 -2.37 -53.54
CA TYR G 496 4.08 -2.42 -54.82
C TYR G 496 3.88 -1.08 -55.53
N ARG G 497 4.97 -0.55 -56.09
CA ARG G 497 4.94 0.77 -56.71
C ARG G 497 5.96 0.76 -57.85
N ASP G 498 5.47 0.57 -59.08
CA ASP G 498 6.29 0.70 -60.28
C ASP G 498 7.62 -0.05 -60.12
N GLY G 499 7.53 -1.28 -59.63
CA GLY G 499 8.70 -2.12 -59.50
C GLY G 499 9.22 -2.21 -58.07
N PHE G 500 9.27 -1.10 -57.37
CA PHE G 500 9.70 -1.11 -55.99
C PHE G 500 8.67 -1.82 -55.11
N VAL G 501 9.15 -2.50 -54.07
CA VAL G 501 8.29 -3.26 -53.18
C VAL G 501 8.74 -3.06 -51.75
N SER G 502 7.78 -2.82 -50.85
CA SER G 502 8.08 -2.56 -49.45
C SER G 502 7.08 -3.31 -48.58
N ASN G 503 7.45 -3.49 -47.32
CA ASN G 503 6.62 -4.20 -46.35
C ASN G 503 6.10 -3.24 -45.29
N PHE G 504 4.88 -3.48 -44.84
CA PHE G 504 4.27 -2.62 -43.82
C PHE G 504 4.64 -3.08 -42.42
N ALA G 505 4.49 -4.37 -42.14
CA ALA G 505 4.82 -4.94 -40.83
C ALA G 505 5.74 -6.13 -41.03
N MET G 506 6.89 -6.10 -40.36
CA MET G 506 7.87 -7.16 -40.43
C MET G 506 8.19 -7.63 -39.03
N GLU G 507 8.14 -8.94 -38.81
CA GLU G 507 8.54 -9.51 -37.54
C GLU G 507 10.05 -9.37 -37.37
N LEU G 508 10.47 -8.96 -36.18
CA LEU G 508 11.88 -8.78 -35.88
C LEU G 508 12.30 -9.74 -34.78
N PRO G 509 13.58 -10.11 -34.71
CA PRO G 509 14.02 -11.05 -33.68
C PRO G 509 13.68 -10.53 -32.29
N SER G 510 13.20 -11.43 -31.44
CA SER G 510 12.83 -11.06 -30.08
C SER G 510 14.05 -11.16 -29.16
N PHE G 511 13.99 -10.41 -28.06
CA PHE G 511 15.07 -10.41 -27.11
C PHE G 511 15.28 -11.80 -26.53
N GLY G 512 16.53 -12.17 -26.31
CA GLY G 512 16.88 -13.41 -25.65
C GLY G 512 17.23 -14.51 -26.62
N VAL G 513 17.83 -15.56 -26.06
CA VAL G 513 18.25 -16.73 -26.83
C VAL G 513 17.07 -17.66 -27.05
N ALA G 514 17.23 -18.64 -27.94
CA ALA G 514 16.15 -19.56 -28.23
C ALA G 514 15.72 -20.32 -26.99
N GLY G 515 16.68 -20.78 -26.18
CA GLY G 515 16.38 -21.44 -24.94
C GLY G 515 16.57 -22.94 -24.97
N VAL G 516 17.64 -23.40 -25.64
CA VAL G 516 18.01 -24.80 -25.67
C VAL G 516 19.36 -25.04 -25.03
N ASN G 517 20.41 -24.42 -25.57
CA ASN G 517 21.76 -24.50 -25.01
C ASN G 517 22.65 -23.59 -25.84
N GLU G 518 23.93 -23.51 -25.46
CA GLU G 518 24.83 -22.55 -26.07
C GLU G 518 24.89 -22.72 -27.58
N SER G 519 25.41 -23.85 -28.04
CA SER G 519 25.54 -24.07 -29.48
C SER G 519 24.18 -24.09 -30.16
N ALA G 520 23.21 -24.77 -29.56
CA ALA G 520 21.88 -24.83 -30.16
C ALA G 520 21.26 -23.44 -30.24
N ASP G 521 21.40 -22.63 -29.18
CA ASP G 521 20.85 -21.29 -29.21
C ASP G 521 21.51 -20.44 -30.29
N MET G 522 22.84 -20.54 -30.41
CA MET G 522 23.52 -19.77 -31.44
C MET G 522 23.05 -20.18 -32.83
N ALA G 523 22.95 -21.50 -33.08
CA ALA G 523 22.51 -21.97 -34.38
C ALA G 523 21.08 -21.53 -34.67
N ILE G 524 20.19 -21.61 -33.68
CA ILE G 524 18.81 -21.22 -33.89
C ILE G 524 18.72 -19.73 -34.16
N GLY G 525 19.49 -18.91 -33.45
CA GLY G 525 19.47 -17.49 -33.71
C GLY G 525 19.94 -17.15 -35.11
N MET G 526 21.05 -17.76 -35.52
CA MET G 526 21.57 -17.47 -36.85
C MET G 526 20.60 -17.94 -37.94
N THR G 527 20.00 -19.12 -37.76
CA THR G 527 19.06 -19.60 -38.76
C THR G 527 17.79 -18.76 -38.77
N ILE G 528 17.38 -18.23 -37.62
CA ILE G 528 16.24 -17.33 -37.59
C ILE G 528 16.55 -16.05 -38.36
N ILE G 529 17.76 -15.52 -38.18
CA ILE G 529 18.14 -14.32 -38.93
C ILE G 529 18.15 -14.62 -40.43
N LYS G 530 18.70 -15.78 -40.81
CA LYS G 530 18.73 -16.16 -42.21
C LYS G 530 17.33 -16.28 -42.79
N ASN G 531 16.42 -16.93 -42.05
CA ASN G 531 15.05 -17.08 -42.52
C ASN G 531 14.35 -15.73 -42.62
N ASN G 532 14.61 -14.83 -41.67
CA ASN G 532 14.03 -13.50 -41.75
C ASN G 532 14.52 -12.77 -43.00
N MET G 533 15.81 -12.88 -43.31
CA MET G 533 16.32 -12.29 -44.54
C MET G 533 15.65 -12.90 -45.77
N ILE G 534 15.51 -14.22 -45.79
CA ILE G 534 15.01 -14.88 -46.99
C ILE G 534 13.53 -14.58 -47.21
N ASN G 535 12.74 -14.63 -46.15
CA ASN G 535 11.28 -14.54 -46.28
C ASN G 535 10.78 -13.11 -46.13
N ASN G 536 11.02 -12.51 -44.97
CA ASN G 536 10.46 -11.19 -44.67
C ASN G 536 11.23 -10.05 -45.32
N GLY G 537 12.34 -10.33 -45.98
CA GLY G 537 13.09 -9.30 -46.67
C GLY G 537 13.75 -8.31 -45.72
N MET G 538 14.71 -8.78 -44.94
CA MET G 538 15.50 -7.93 -44.06
C MET G 538 16.80 -7.57 -44.75
N GLY G 539 17.10 -6.28 -44.82
CA GLY G 539 18.26 -5.81 -45.54
C GLY G 539 19.56 -6.23 -44.88
N PRO G 540 20.67 -6.11 -45.61
CA PRO G 540 21.97 -6.50 -45.02
C PRO G 540 22.29 -5.76 -43.73
N ALA G 541 22.15 -4.44 -43.71
CA ALA G 541 22.49 -3.70 -42.50
C ALA G 541 21.59 -4.10 -41.33
N THR G 542 20.30 -4.27 -41.58
CA THR G 542 19.39 -4.70 -40.53
C THR G 542 19.76 -6.09 -40.02
N ALA G 543 20.11 -6.99 -40.93
CA ALA G 543 20.49 -8.35 -40.51
C ALA G 543 21.77 -8.32 -39.67
N GLN G 544 22.75 -7.50 -40.07
CA GLN G 544 23.98 -7.39 -39.28
C GLN G 544 23.70 -6.81 -37.90
N THR G 545 22.84 -5.80 -37.82
CA THR G 545 22.47 -5.26 -36.51
C THR G 545 21.74 -6.29 -35.68
N ALA G 546 20.89 -7.11 -36.30
CA ALA G 546 20.22 -8.18 -35.59
C ALA G 546 21.24 -9.19 -35.06
N ILE G 547 22.26 -9.49 -35.86
CA ILE G 547 23.33 -10.37 -35.39
C ILE G 547 24.01 -9.78 -34.16
N GLN G 548 24.30 -8.48 -34.22
CA GLN G 548 24.95 -7.83 -33.08
C GLN G 548 24.07 -7.91 -31.83
N LEU G 549 22.78 -7.61 -31.97
CA LEU G 549 21.89 -7.65 -30.83
C LEU G 549 21.78 -9.07 -30.27
N PHE G 550 21.69 -10.07 -31.16
CA PHE G 550 21.60 -11.44 -30.70
C PHE G 550 22.87 -11.85 -29.96
N ILE G 551 24.03 -11.43 -30.45
CA ILE G 551 25.28 -11.75 -29.75
C ILE G 551 25.29 -11.11 -28.38
N ALA G 552 24.85 -9.86 -28.29
CA ALA G 552 24.79 -9.19 -26.99
C ALA G 552 23.89 -9.95 -26.02
N ASP G 553 22.68 -10.30 -26.47
CA ASP G 553 21.75 -11.01 -25.60
C ASP G 553 22.30 -12.38 -25.21
N TYR G 554 22.93 -13.07 -26.15
CA TYR G 554 23.50 -14.38 -25.88
C TYR G 554 24.60 -14.29 -24.82
N ARG G 555 25.49 -13.31 -24.96
CA ARG G 555 26.55 -13.15 -23.98
C ARG G 555 25.98 -12.79 -22.61
N TYR G 556 24.97 -11.92 -22.57
CA TYR G 556 24.35 -11.60 -21.29
C TYR G 556 23.72 -12.84 -20.66
N THR G 557 23.02 -13.65 -21.45
CA THR G 557 22.31 -14.79 -20.90
C THR G 557 23.26 -15.86 -20.39
N TYR G 558 24.31 -16.15 -21.15
CA TYR G 558 25.24 -17.23 -20.81
C TYR G 558 26.47 -16.75 -20.06
N LYS G 559 26.57 -15.45 -19.76
CA LYS G 559 27.69 -14.91 -19.01
C LYS G 559 29.02 -15.31 -19.65
N CYS G 560 29.07 -15.23 -20.97
CA CYS G 560 30.24 -15.65 -21.73
C CYS G 560 30.86 -14.47 -22.47
N HIS G 561 31.05 -13.36 -21.78
CA HIS G 561 31.65 -12.19 -22.39
C HIS G 561 33.04 -12.53 -22.94
N ARG G 562 33.59 -11.59 -23.71
CA ARG G 562 34.87 -11.81 -24.36
C ARG G 562 35.95 -12.16 -23.34
N GLY G 563 36.84 -13.05 -23.72
CA GLY G 563 37.92 -13.46 -22.83
C GLY G 563 38.84 -12.31 -22.47
N ASP G 564 39.02 -11.36 -23.38
CA ASP G 564 39.88 -10.20 -23.14
C ASP G 564 39.13 -9.02 -22.55
N SER G 565 37.84 -9.17 -22.25
CA SER G 565 37.09 -8.10 -21.61
C SER G 565 37.51 -7.95 -20.16
N LYS G 566 37.01 -6.92 -19.48
CA LYS G 566 37.36 -6.63 -18.10
C LYS G 566 36.21 -6.93 -17.16
N VAL G 567 35.22 -7.69 -17.62
CA VAL G 567 34.07 -8.04 -16.79
C VAL G 567 34.47 -9.15 -15.83
N GLU G 568 33.73 -9.27 -14.73
CA GLU G 568 34.00 -10.24 -13.69
C GLU G 568 32.79 -11.14 -13.49
N GLY G 569 33.05 -12.43 -13.32
CA GLY G 569 31.98 -13.38 -13.10
C GLY G 569 32.55 -14.73 -12.71
N LYS G 570 31.67 -15.59 -12.23
CA LYS G 570 32.09 -16.92 -11.80
C LYS G 570 32.68 -17.71 -12.95
N ARG G 571 32.01 -17.69 -14.10
CA ARG G 571 32.54 -18.35 -15.29
C ARG G 571 33.60 -17.52 -16.00
N MET G 572 33.66 -16.21 -15.73
CA MET G 572 34.55 -15.35 -16.50
C MET G 572 36.00 -15.53 -16.12
N LYS G 573 36.28 -15.99 -14.90
CA LYS G 573 37.67 -16.25 -14.51
C LYS G 573 38.26 -17.38 -15.34
N ILE G 574 37.54 -18.49 -15.47
CA ILE G 574 38.02 -19.61 -16.28
C ILE G 574 38.11 -19.20 -17.74
N ILE G 575 37.15 -18.40 -18.20
CA ILE G 575 37.19 -17.93 -19.59
C ILE G 575 38.44 -17.10 -19.82
N LYS G 576 38.76 -16.21 -18.89
CA LYS G 576 39.95 -15.39 -19.03
C LYS G 576 41.21 -16.24 -19.01
N GLU G 577 41.26 -17.25 -18.14
CA GLU G 577 42.43 -18.13 -18.11
C GLU G 577 42.58 -18.88 -19.43
N LEU G 578 41.48 -19.40 -19.98
CA LEU G 578 41.54 -20.09 -21.25
C LEU G 578 42.00 -19.16 -22.36
N TRP G 579 41.50 -17.92 -22.37
CA TRP G 579 41.93 -16.94 -23.35
C TRP G 579 43.41 -16.64 -23.23
N GLU G 580 43.92 -16.53 -22.01
CA GLU G 580 45.35 -16.33 -21.81
C GLU G 580 46.18 -17.51 -22.28
N ASN G 581 45.70 -18.74 -22.06
CA ASN G 581 46.48 -19.93 -22.40
C ASN G 581 46.34 -20.34 -23.86
N THR G 582 45.39 -19.76 -24.60
CA THR G 582 45.13 -20.19 -25.96
C THR G 582 45.93 -19.36 -26.96
N LYS G 583 46.44 -20.02 -28.00
CA LYS G 583 47.15 -19.35 -29.08
C LYS G 583 46.20 -18.93 -30.20
N GLY G 584 45.34 -19.84 -30.65
CA GLY G 584 44.39 -19.53 -31.70
C GLY G 584 43.17 -18.82 -31.16
N ARG G 585 43.34 -17.54 -30.81
CA ARG G 585 42.25 -16.79 -30.19
C ARG G 585 41.12 -16.49 -31.16
N ASP G 586 41.37 -16.55 -32.46
CA ASP G 586 40.29 -16.39 -33.43
C ASP G 586 39.43 -17.64 -33.55
N GLY G 587 39.95 -18.80 -33.12
CA GLY G 587 39.22 -20.05 -33.20
C GLY G 587 38.35 -20.38 -32.02
N LEU G 588 38.48 -19.63 -30.92
CA LEU G 588 37.65 -19.88 -29.75
C LEU G 588 36.19 -19.55 -30.05
N LEU G 589 35.29 -20.38 -29.54
CA LEU G 589 33.87 -20.14 -29.75
C LEU G 589 33.42 -18.94 -28.92
N VAL G 590 32.32 -18.31 -29.36
CA VAL G 590 31.78 -17.17 -28.65
C VAL G 590 31.39 -17.57 -27.22
N ALA G 591 30.86 -18.79 -27.06
CA ALA G 591 30.48 -19.26 -25.73
C ALA G 591 31.67 -19.31 -24.79
N ASP G 592 32.89 -19.38 -25.32
CA ASP G 592 34.10 -19.37 -24.51
C ASP G 592 34.81 -18.01 -24.55
N GLY G 593 34.06 -16.93 -24.72
CA GLY G 593 34.63 -15.62 -24.71
C GLY G 593 35.44 -15.28 -25.94
N GLY G 594 35.35 -16.08 -27.00
CA GLY G 594 36.08 -15.82 -28.21
C GLY G 594 35.42 -14.73 -29.04
N PRO G 595 36.07 -14.40 -30.14
CA PRO G 595 35.50 -13.37 -31.03
C PRO G 595 34.47 -13.96 -31.97
N ASN G 596 33.35 -13.26 -32.10
CA ASN G 596 32.33 -13.63 -33.06
C ASN G 596 32.80 -13.31 -34.48
N ILE G 597 32.49 -14.20 -35.42
CA ILE G 597 32.94 -14.04 -36.80
C ILE G 597 31.76 -14.18 -37.76
N TYR G 598 30.56 -14.28 -37.22
CA TYR G 598 29.38 -14.48 -38.07
C TYR G 598 29.10 -13.24 -38.89
N ASN G 599 28.69 -13.45 -40.14
CA ASN G 599 28.27 -12.38 -41.03
C ASN G 599 27.31 -12.97 -42.06
N LEU G 600 26.91 -12.15 -43.03
CA LEU G 600 25.87 -12.56 -43.96
C LEU G 600 26.29 -13.78 -44.76
N ARG G 601 27.54 -13.80 -45.26
CA ARG G 601 27.97 -14.89 -46.13
C ARG G 601 28.02 -16.23 -45.42
N ASN G 602 28.12 -16.24 -44.09
CA ASN G 602 28.27 -17.46 -43.33
C ASN G 602 27.23 -17.54 -42.22
N LEU G 603 25.98 -17.29 -42.57
CA LEU G 603 24.87 -17.43 -41.64
C LEU G 603 24.29 -18.84 -41.63
N HIS G 604 24.78 -19.73 -42.48
CA HIS G 604 24.27 -21.10 -42.58
C HIS G 604 25.34 -22.13 -42.21
N ILE G 605 26.42 -21.71 -41.56
CA ILE G 605 27.52 -22.60 -41.22
C ILE G 605 27.65 -22.60 -39.70
N PRO G 606 27.67 -23.76 -39.05
CA PRO G 606 27.89 -23.78 -37.60
C PRO G 606 29.24 -23.18 -37.24
N GLU G 607 29.28 -22.48 -36.10
CA GLU G 607 30.51 -21.78 -35.71
C GLU G 607 31.65 -22.76 -35.47
N ILE G 608 31.34 -23.98 -35.03
CA ILE G 608 32.39 -24.98 -34.86
C ILE G 608 33.07 -25.25 -36.19
N VAL G 609 32.27 -25.45 -37.25
CA VAL G 609 32.84 -25.68 -38.57
C VAL G 609 33.58 -24.45 -39.07
N LEU G 610 33.05 -23.26 -38.77
CA LEU G 610 33.70 -22.04 -39.20
C LEU G 610 35.10 -21.91 -38.60
N LYS G 611 35.22 -22.19 -37.31
CA LYS G 611 36.46 -21.95 -36.57
C LYS G 611 37.36 -23.17 -36.48
N TYR G 612 36.95 -24.31 -37.03
CA TYR G 612 37.76 -25.52 -36.93
C TYR G 612 39.20 -25.28 -37.37
N ASN G 613 39.39 -24.64 -38.52
CA ASN G 613 40.74 -24.46 -39.05
C ASN G 613 41.60 -23.57 -38.18
N LEU G 614 40.99 -22.73 -37.32
CA LEU G 614 41.74 -21.82 -36.48
C LEU G 614 41.85 -22.28 -35.03
N MET G 615 41.15 -23.35 -34.64
CA MET G 615 41.14 -23.78 -33.26
C MET G 615 42.49 -24.36 -32.86
N ASP G 616 42.80 -24.25 -31.57
CA ASP G 616 43.99 -24.90 -31.03
C ASP G 616 43.78 -26.41 -31.01
N PRO G 617 44.73 -27.21 -31.51
CA PRO G 617 44.51 -28.66 -31.51
C PRO G 617 44.19 -29.22 -30.13
N GLU G 618 44.85 -28.73 -29.08
CA GLU G 618 44.48 -29.14 -27.73
C GLU G 618 43.08 -28.66 -27.39
N TYR G 619 42.76 -27.42 -27.76
CA TYR G 619 41.40 -26.91 -27.54
C TYR G 619 40.40 -27.70 -28.37
N LYS G 620 40.77 -28.09 -29.58
CA LYS G 620 39.89 -28.93 -30.39
C LYS G 620 39.62 -30.25 -29.70
N GLY G 621 40.65 -30.89 -29.17
CA GLY G 621 40.46 -32.15 -28.48
C GLY G 621 39.59 -32.01 -27.25
N ARG G 622 39.84 -30.98 -26.44
CA ARG G 622 39.02 -30.77 -25.25
C ARG G 622 37.58 -30.49 -25.61
N LEU G 623 37.36 -29.67 -26.64
CA LEU G 623 35.99 -29.27 -27.00
C LEU G 623 35.23 -30.42 -27.65
N LEU G 624 35.88 -31.17 -28.53
CA LEU G 624 35.24 -32.21 -29.31
C LEU G 624 35.59 -33.61 -28.77
N HIS G 625 35.89 -33.70 -27.49
CA HIS G 625 36.24 -34.99 -26.91
C HIS G 625 35.12 -35.98 -27.18
N PRO G 626 35.39 -37.14 -27.79
CA PRO G 626 34.30 -38.05 -28.13
C PRO G 626 33.46 -38.48 -26.94
N GLN G 627 34.08 -38.63 -25.77
CA GLN G 627 33.39 -39.03 -24.55
C GLN G 627 33.63 -37.95 -23.50
N ASN G 628 32.78 -36.94 -23.47
CA ASN G 628 32.77 -35.94 -22.43
C ASN G 628 31.52 -36.08 -21.58
N PRO G 629 31.55 -35.63 -20.33
CA PRO G 629 30.43 -35.91 -19.41
C PRO G 629 29.24 -34.98 -19.58
N PHE G 630 29.32 -33.99 -20.46
CA PHE G 630 28.23 -33.02 -20.61
C PHE G 630 27.20 -33.47 -21.64
N VAL G 631 27.66 -33.81 -22.85
CA VAL G 631 26.71 -34.13 -23.92
C VAL G 631 25.87 -35.33 -23.55
N GLY G 632 26.49 -36.37 -23.00
CA GLY G 632 25.73 -37.56 -22.63
C GLY G 632 25.02 -38.14 -23.82
N HIS G 633 23.74 -38.45 -23.65
CA HIS G 633 22.92 -39.02 -24.71
C HIS G 633 21.97 -37.98 -25.29
N ASP G 655 14.14 -26.67 -37.34
CA ASP G 655 15.31 -27.36 -36.81
C ASP G 655 16.55 -26.47 -36.91
N TYR G 656 17.72 -27.05 -36.66
CA TYR G 656 18.97 -26.31 -36.71
C TYR G 656 20.10 -27.27 -36.96
N ASP G 657 21.25 -26.72 -37.34
CA ASP G 657 22.46 -27.49 -37.60
C ASP G 657 23.58 -27.00 -36.69
N ALA G 658 24.20 -27.94 -35.97
CA ALA G 658 25.27 -27.61 -35.03
C ALA G 658 26.22 -28.81 -34.96
N VAL G 659 27.12 -28.78 -33.99
CA VAL G 659 28.10 -29.84 -33.79
C VAL G 659 27.99 -30.34 -32.36
N SER G 660 28.01 -31.66 -32.20
CA SER G 660 27.87 -32.29 -30.88
C SER G 660 29.23 -32.26 -30.19
N GLY G 661 29.39 -31.33 -29.24
CA GLY G 661 30.59 -31.21 -28.45
C GLY G 661 30.25 -31.11 -26.97
N THR G 662 31.14 -30.45 -26.23
CA THR G 662 30.92 -30.22 -24.81
C THR G 662 29.98 -29.06 -24.53
N HIS G 663 29.60 -28.30 -25.56
CA HIS G 663 28.68 -27.18 -25.41
C HIS G 663 27.23 -27.57 -25.70
N SER G 664 26.97 -28.85 -25.96
CA SER G 664 25.62 -29.34 -26.20
C SER G 664 25.00 -29.96 -24.95
N TRP G 665 25.34 -29.43 -23.78
CA TRP G 665 24.86 -29.98 -22.53
C TRP G 665 23.33 -29.95 -22.48
N ARG G 666 22.78 -30.64 -21.50
CA ARG G 666 21.35 -30.69 -21.26
C ARG G 666 21.06 -30.23 -19.83
N THR G 667 20.01 -29.44 -19.68
CA THR G 667 19.62 -28.93 -18.37
C THR G 667 18.64 -29.90 -17.71
N LYS G 668 18.64 -29.88 -16.37
CA LYS G 668 17.77 -30.76 -15.61
C LYS G 668 16.31 -30.44 -15.92
N ARG G 669 15.62 -31.40 -16.53
CA ARG G 669 14.19 -31.28 -16.84
C ARG G 669 13.47 -32.39 -16.10
N ASN G 670 13.14 -32.13 -14.83
CA ASN G 670 12.44 -33.10 -14.00
C ASN G 670 11.73 -32.34 -12.90
N ARG G 671 10.41 -32.26 -12.99
CA ARG G 671 9.61 -31.53 -12.01
C ARG G 671 8.23 -32.19 -11.92
N SER G 672 7.28 -31.48 -11.32
CA SER G 672 5.92 -31.98 -11.15
C SER G 672 5.91 -33.08 -10.09
N ILE G 673 4.87 -33.93 -10.11
CA ILE G 673 4.71 -35.00 -9.14
C ILE G 673 4.66 -36.33 -9.89
N LEU G 674 5.46 -37.28 -9.45
CA LEU G 674 5.37 -38.68 -9.85
C LEU G 674 5.05 -39.51 -8.62
N ASN G 675 4.86 -40.81 -8.83
CA ASN G 675 4.41 -41.70 -7.76
C ASN G 675 3.14 -41.15 -7.12
N THR G 676 2.20 -40.71 -7.97
CA THR G 676 1.05 -39.95 -7.49
C THR G 676 0.23 -40.77 -6.51
N ASP G 677 -0.03 -42.04 -6.82
CA ASP G 677 -0.88 -42.86 -5.96
C ASP G 677 -0.26 -43.03 -4.58
N GLN G 678 1.02 -43.41 -4.53
CA GLN G 678 1.67 -43.65 -3.25
C GLN G 678 1.77 -42.38 -2.43
N ARG G 679 2.16 -41.28 -3.06
CA ARG G 679 2.25 -40.01 -2.32
C ARG G 679 0.88 -39.58 -1.82
N ASN G 680 -0.15 -39.72 -2.64
CA ASN G 680 -1.48 -39.31 -2.23
C ASN G 680 -2.00 -40.15 -1.07
N MET G 681 -1.78 -41.46 -1.10
CA MET G 681 -2.25 -42.30 -0.01
C MET G 681 -1.43 -42.11 1.25
N ILE G 682 -0.13 -41.80 1.11
CA ILE G 682 0.69 -41.48 2.28
C ILE G 682 0.21 -40.19 2.92
N LEU G 683 0.00 -39.15 2.11
CA LEU G 683 -0.41 -37.85 2.64
C LEU G 683 -1.81 -37.89 3.23
N GLU G 684 -2.62 -38.87 2.85
CA GLU G 684 -3.98 -38.99 3.34
C GLU G 684 -4.08 -39.90 4.55
N GLU G 685 -2.96 -40.38 5.09
CA GLU G 685 -3.02 -41.33 6.21
C GLU G 685 -3.24 -40.62 7.53
N GLN G 686 -2.28 -39.79 7.95
CA GLN G 686 -2.38 -39.02 9.18
C GLN G 686 -1.04 -38.47 9.63
N CYS G 687 -0.09 -39.36 9.93
CA CYS G 687 1.11 -39.01 10.68
C CYS G 687 2.18 -38.32 9.84
N TYR G 688 1.90 -37.96 8.59
CA TYR G 688 2.93 -37.34 7.76
C TYR G 688 3.42 -36.03 8.38
N ALA G 689 2.50 -35.25 8.96
CA ALA G 689 2.87 -33.95 9.51
C ALA G 689 3.87 -34.09 10.65
N LYS G 690 3.68 -35.09 11.52
CA LYS G 690 4.62 -35.30 12.61
C LYS G 690 6.00 -35.68 12.08
N CYS G 691 6.05 -36.53 11.05
CA CYS G 691 7.32 -36.87 10.44
C CYS G 691 8.01 -35.63 9.90
N CYS G 692 7.26 -34.76 9.20
CA CYS G 692 7.85 -33.54 8.69
C CYS G 692 8.37 -32.66 9.82
N ASN G 693 7.60 -32.54 10.90
CA ASN G 693 8.02 -31.69 12.01
C ASN G 693 9.30 -32.20 12.63
N LEU G 694 9.40 -33.51 12.84
CA LEU G 694 10.63 -34.06 13.39
C LEU G 694 11.80 -33.88 12.44
N PHE G 695 11.55 -34.04 11.13
CA PHE G 695 12.61 -33.87 10.15
C PHE G 695 13.12 -32.43 10.13
N GLU G 696 12.22 -31.46 10.24
CA GLU G 696 12.54 -30.06 10.04
C GLU G 696 13.60 -29.58 11.02
N ALA G 697 13.38 -29.80 12.32
CA ALA G 697 14.30 -29.30 13.32
C ALA G 697 15.73 -29.77 13.02
N CYS G 698 15.93 -31.09 12.98
CA CYS G 698 17.27 -31.63 12.83
C CYS G 698 17.90 -31.22 11.51
N PHE G 699 17.17 -31.39 10.40
CA PHE G 699 17.78 -31.19 9.10
C PHE G 699 17.72 -29.74 8.62
N ASN G 700 17.19 -28.83 9.43
CA ASN G 700 17.32 -27.40 9.17
C ASN G 700 18.22 -26.69 10.15
N SER G 701 18.55 -27.32 11.29
CA SER G 701 19.57 -26.76 12.18
C SER G 701 20.86 -26.50 11.43
N ALA G 702 21.17 -27.34 10.44
CA ALA G 702 22.30 -27.13 9.54
C ALA G 702 21.78 -26.98 8.12
N SER G 703 22.50 -26.19 7.31
CA SER G 703 22.05 -25.91 5.96
C SER G 703 21.93 -27.18 5.14
N TYR G 704 22.93 -28.06 5.21
CA TYR G 704 22.93 -29.30 4.45
C TYR G 704 23.80 -30.32 5.17
N ARG G 705 23.17 -31.24 5.89
CA ARG G 705 23.84 -32.37 6.51
C ARG G 705 23.10 -33.66 6.20
N LYS G 706 22.38 -33.69 5.08
CA LYS G 706 21.54 -34.82 4.73
C LYS G 706 22.33 -35.83 3.91
N PRO G 707 22.46 -37.09 4.36
CA PRO G 707 23.03 -38.11 3.48
C PRO G 707 22.07 -38.49 2.36
N VAL G 708 21.80 -37.53 1.47
CA VAL G 708 20.83 -37.71 0.39
C VAL G 708 21.37 -38.73 -0.61
N GLY G 709 20.53 -39.12 -1.57
CA GLY G 709 20.89 -40.16 -2.51
C GLY G 709 20.11 -41.44 -2.32
N GLN G 710 18.81 -41.31 -2.06
CA GLN G 710 17.85 -42.40 -1.87
C GLN G 710 17.90 -42.96 -0.46
N HIS G 711 18.70 -42.38 0.44
CA HIS G 711 18.71 -42.85 1.82
C HIS G 711 17.34 -42.68 2.44
N SER G 712 16.86 -43.72 3.13
CA SER G 712 15.61 -43.61 3.85
C SER G 712 15.72 -42.53 4.91
N MET G 713 14.70 -41.68 5.00
CA MET G 713 14.75 -40.57 5.95
C MET G 713 14.96 -41.06 7.37
N LEU G 714 14.44 -42.24 7.71
CA LEU G 714 14.68 -42.80 9.02
C LEU G 714 16.16 -43.14 9.21
N GLU G 715 16.80 -43.69 8.18
CA GLU G 715 18.23 -43.97 8.26
C GLU G 715 19.02 -42.69 8.43
N ALA G 716 18.67 -41.64 7.68
CA ALA G 716 19.36 -40.36 7.80
C ALA G 716 19.18 -39.77 9.19
N MET G 717 17.97 -39.86 9.74
CA MET G 717 17.73 -39.41 11.11
C MET G 717 18.57 -40.20 12.11
N ALA G 718 18.66 -41.52 11.93
CA ALA G 718 19.46 -42.33 12.84
C ALA G 718 20.92 -41.89 12.81
N HIS G 719 21.47 -41.70 11.61
CA HIS G 719 22.85 -41.25 11.50
C HIS G 719 23.04 -39.87 12.10
N ARG G 720 22.09 -38.96 11.84
CA ARG G 720 22.21 -37.60 12.35
C ARG G 720 22.18 -37.59 13.88
N LEU G 721 21.29 -38.38 14.48
CA LEU G 721 21.22 -38.42 15.94
C LEU G 721 22.45 -39.09 16.54
N ARG G 722 22.97 -40.12 15.86
CA ARG G 722 24.21 -40.73 16.33
C ARG G 722 25.34 -39.71 16.35
N MET G 723 25.50 -38.96 15.26
CA MET G 723 26.55 -37.96 15.21
C MET G 723 26.32 -36.86 16.23
N ASP G 724 25.07 -36.44 16.42
CA ASP G 724 24.77 -35.40 17.40
C ASP G 724 25.12 -35.86 18.80
N ALA G 725 24.77 -37.10 19.15
CA ALA G 725 25.12 -37.62 20.47
C ALA G 725 26.64 -37.71 20.63
N ARG G 726 27.33 -38.17 19.59
CA ARG G 726 28.79 -38.24 19.66
C ARG G 726 29.38 -36.85 19.92
N LEU G 727 28.92 -35.85 19.18
CA LEU G 727 29.45 -34.49 19.35
C LEU G 727 29.10 -33.94 20.73
N ASP G 728 27.88 -34.19 21.20
CA ASP G 728 27.47 -33.71 22.52
C ASP G 728 28.36 -34.28 23.60
N TYR G 729 28.62 -35.59 23.54
CA TYR G 729 29.49 -36.21 24.54
C TYR G 729 30.92 -35.70 24.42
N GLU G 730 31.43 -35.55 23.19
CA GLU G 730 32.79 -35.09 23.01
C GLU G 730 32.98 -33.68 23.56
N SER G 731 32.02 -32.80 23.30
CA SER G 731 32.08 -31.44 23.83
C SER G 731 31.64 -31.37 25.29
N GLY G 732 31.02 -32.41 25.82
CA GLY G 732 30.61 -32.44 27.20
C GLY G 732 29.17 -32.03 27.47
N ARG G 733 28.36 -31.86 26.43
CA ARG G 733 26.97 -31.46 26.65
C ARG G 733 26.18 -32.53 27.38
N MET G 734 26.56 -33.79 27.23
CA MET G 734 25.87 -34.91 27.85
C MET G 734 26.86 -35.74 28.66
N SER G 735 26.36 -36.32 29.75
CA SER G 735 27.17 -37.22 30.58
C SER G 735 27.17 -38.62 29.98
N LYS G 736 28.00 -39.50 30.54
CA LYS G 736 28.10 -40.85 30.02
C LYS G 736 26.78 -41.60 30.14
N ASP G 737 25.99 -41.31 31.17
CA ASP G 737 24.70 -41.97 31.32
C ASP G 737 23.78 -41.65 30.14
N ASP G 738 23.65 -40.36 29.81
CA ASP G 738 22.83 -39.98 28.67
C ASP G 738 23.40 -40.54 27.38
N PHE G 739 24.73 -40.56 27.25
CA PHE G 739 25.37 -41.15 26.09
C PHE G 739 24.92 -42.59 25.89
N GLU G 740 25.06 -43.41 26.93
CA GLU G 740 24.70 -44.82 26.83
C GLU G 740 23.21 -45.00 26.59
N LYS G 741 22.38 -44.19 27.25
CA LYS G 741 20.95 -44.27 27.01
C LYS G 741 20.63 -43.99 25.55
N ALA G 742 21.26 -42.98 24.97
CA ALA G 742 21.02 -42.63 23.57
C ALA G 742 21.45 -43.75 22.64
N MET G 743 22.63 -44.34 22.87
CA MET G 743 23.05 -45.44 22.01
C MET G 743 22.13 -46.64 22.15
N ALA G 744 21.61 -46.89 23.36
CA ALA G 744 20.66 -48.00 23.61
C ALA G 744 19.46 -47.86 22.66
N HIS G 745 18.83 -46.68 22.66
CA HIS G 745 17.67 -46.31 21.80
C HIS G 745 18.05 -46.40 20.33
N LEU G 746 19.27 -45.93 20.00
CA LEU G 746 19.82 -45.94 18.63
C LEU G 746 20.07 -47.40 18.21
N GLY G 747 20.48 -48.24 19.17
CA GLY G 747 20.67 -49.68 18.94
C GLY G 747 19.33 -50.32 18.62
N GLU G 748 18.28 -49.87 19.30
CA GLU G 748 16.87 -50.33 19.12
C GLU G 748 16.34 -49.88 17.75
N ILE G 749 16.82 -48.74 17.23
CA ILE G 749 16.44 -48.22 15.87
C ILE G 749 16.75 -49.26 14.78
N GLY G 750 17.99 -49.76 14.68
CA GLY G 750 18.32 -50.74 13.68
C GLY G 750 19.43 -50.35 12.73
N TYR G 751 19.84 -49.09 12.74
CA TYR G 751 20.92 -48.61 11.88
C TYR G 751 22.24 -48.48 12.63
N ILE G 752 22.33 -49.04 13.83
CA ILE G 752 23.54 -48.96 14.63
C ILE G 752 23.95 -50.36 15.09
N MET H 1 17.66 -31.60 22.71
CA MET H 1 18.25 -32.74 23.45
C MET H 1 18.14 -34.01 22.64
N THR H 2 19.22 -34.81 22.63
CA THR H 2 19.20 -36.07 21.91
C THR H 2 18.15 -37.01 22.51
N LEU H 3 18.06 -37.04 23.84
CA LEU H 3 17.11 -37.94 24.50
C LEU H 3 15.68 -37.58 24.14
N ALA H 4 15.36 -36.27 24.12
CA ALA H 4 14.00 -35.87 23.78
C ALA H 4 13.62 -36.29 22.36
N LYS H 5 14.51 -36.02 21.40
CA LYS H 5 14.25 -36.45 20.03
C LYS H 5 14.12 -37.97 19.95
N ILE H 6 14.94 -38.69 20.70
CA ILE H 6 14.90 -40.14 20.69
C ILE H 6 13.55 -40.65 21.19
N GLU H 7 13.10 -40.11 22.32
CA GLU H 7 11.81 -40.53 22.87
C GLU H 7 10.67 -40.18 21.93
N LEU H 8 10.73 -39.00 21.32
CA LEU H 8 9.69 -38.61 20.37
C LEU H 8 9.67 -39.54 19.17
N LEU H 9 10.85 -39.93 18.67
CA LEU H 9 10.92 -40.88 17.57
C LEU H 9 10.35 -42.23 17.96
N LYS H 10 10.64 -42.69 19.18
CA LYS H 10 10.07 -43.96 19.62
C LYS H 10 8.55 -43.87 19.71
N GLN H 11 8.03 -42.78 20.27
CA GLN H 11 6.59 -42.60 20.35
C GLN H 11 5.95 -42.58 18.97
N LEU H 12 6.60 -41.90 18.03
CA LEU H 12 6.09 -41.89 16.65
C LEU H 12 6.13 -43.28 16.04
N LEU H 13 7.21 -44.03 16.29
CA LEU H 13 7.32 -45.38 15.77
C LEU H 13 6.24 -46.29 16.34
N ARG H 14 5.75 -45.98 17.54
CA ARG H 14 4.63 -46.74 18.08
C ARG H 14 3.49 -46.80 17.08
N ASP H 15 3.19 -45.70 16.41
CA ASP H 15 2.18 -45.69 15.36
C ASP H 15 2.72 -46.31 14.09
N ASN H 16 1.86 -47.05 13.39
CA ASN H 16 2.30 -47.77 12.19
C ASN H 16 2.49 -46.85 10.99
N GLU H 17 1.59 -45.88 10.78
CA GLU H 17 1.66 -45.05 9.58
C GLU H 17 2.95 -44.25 9.53
N ALA H 18 3.32 -43.62 10.65
CA ALA H 18 4.55 -42.84 10.67
C ALA H 18 5.77 -43.71 10.42
N LYS H 19 5.79 -44.90 11.05
CA LYS H 19 6.91 -45.82 10.84
C LYS H 19 7.01 -46.21 9.38
N THR H 20 5.88 -46.49 8.74
CA THR H 20 5.89 -46.89 7.33
C THR H 20 6.40 -45.76 6.45
N VAL H 21 5.87 -44.55 6.64
CA VAL H 21 6.27 -43.44 5.77
C VAL H 21 7.73 -43.11 5.97
N LEU H 22 8.23 -43.21 7.21
CA LEU H 22 9.65 -42.95 7.44
C LEU H 22 10.52 -44.05 6.86
N LYS H 23 10.06 -45.30 6.89
CA LYS H 23 10.87 -46.40 6.36
C LYS H 23 10.95 -46.35 4.85
N GLN H 24 9.85 -45.99 4.18
CA GLN H 24 9.81 -46.05 2.73
C GLN H 24 10.31 -44.76 2.10
N THR H 25 9.67 -43.64 2.44
CA THR H 25 10.03 -42.37 1.82
C THR H 25 11.48 -42.01 2.15
N THR H 26 12.21 -41.59 1.13
CA THR H 26 13.62 -41.26 1.27
C THR H 26 13.79 -39.75 1.48
N VAL H 27 15.01 -39.36 1.83
CA VAL H 27 15.31 -37.94 1.98
C VAL H 27 15.11 -37.22 0.66
N ASP H 28 15.45 -37.89 -0.45
CA ASP H 28 15.19 -37.31 -1.77
C ASP H 28 13.71 -37.05 -1.97
N GLN H 29 12.86 -38.02 -1.59
CA GLN H 29 11.42 -37.84 -1.74
C GLN H 29 10.89 -36.73 -0.84
N TYR H 30 11.60 -36.43 0.25
CA TYR H 30 11.16 -35.36 1.14
C TYR H 30 11.16 -34.00 0.44
N ASN H 31 12.16 -33.74 -0.40
CA ASN H 31 12.20 -32.48 -1.12
C ASN H 31 11.03 -32.34 -2.10
N ILE H 32 10.58 -33.45 -2.67
CA ILE H 32 9.58 -33.39 -3.73
C ILE H 32 8.29 -32.76 -3.22
N ILE H 33 7.85 -33.17 -2.03
CA ILE H 33 6.58 -32.69 -1.51
C ILE H 33 6.64 -31.18 -1.30
N ARG H 34 7.77 -30.67 -0.78
CA ARG H 34 7.90 -29.23 -0.57
C ARG H 34 7.84 -28.48 -1.90
N LYS H 35 8.41 -29.05 -2.96
CA LYS H 35 8.42 -28.38 -4.25
C LYS H 35 7.00 -28.06 -4.70
N PHE H 36 6.20 -29.09 -4.96
CA PHE H 36 4.82 -28.86 -5.35
C PHE H 36 4.03 -28.12 -4.27
N ASN H 37 4.46 -28.24 -3.02
CA ASN H 37 3.81 -27.49 -1.94
C ASN H 37 3.96 -25.99 -2.16
N THR H 38 5.13 -25.55 -2.64
CA THR H 38 5.38 -24.12 -2.82
C THR H 38 6.11 -23.80 -4.12
N SER H 39 6.03 -24.68 -5.12
CA SER H 39 6.68 -24.41 -6.40
C SER H 39 5.87 -25.06 -7.52
N ARG H 40 6.04 -24.53 -8.73
CA ARG H 40 5.35 -25.04 -9.90
C ARG H 40 6.17 -24.68 -11.13
N ILE H 41 5.60 -24.91 -12.32
CA ILE H 41 6.30 -24.74 -13.58
C ILE H 41 6.15 -23.29 -14.04
N GLU H 42 7.10 -22.84 -14.87
CA GLU H 42 7.10 -21.49 -15.44
C GLU H 42 7.10 -21.59 -16.95
N LYS H 43 7.21 -20.43 -17.61
CA LYS H 43 7.12 -20.34 -19.06
C LYS H 43 8.16 -19.32 -19.53
N ASN H 44 8.03 -18.85 -20.77
CA ASN H 44 8.96 -17.89 -21.35
C ASN H 44 10.37 -18.47 -21.39
N PRO H 45 10.64 -19.41 -22.30
CA PRO H 45 11.93 -20.12 -22.26
C PRO H 45 13.14 -19.21 -22.26
N SER H 46 13.10 -18.10 -23.00
CA SER H 46 14.25 -17.21 -23.06
C SER H 46 14.68 -16.77 -21.66
N LEU H 47 13.72 -16.34 -20.84
CA LEU H 47 14.04 -15.93 -19.48
C LEU H 47 14.28 -17.12 -18.56
N ARG H 48 13.68 -18.27 -18.87
CA ARG H 48 13.86 -19.45 -18.04
C ARG H 48 15.34 -19.83 -17.97
N MET H 49 16.00 -19.91 -19.11
CA MET H 49 17.42 -20.23 -19.12
C MET H 49 18.24 -19.12 -18.45
N LYS H 50 17.80 -17.87 -18.60
CA LYS H 50 18.50 -16.78 -17.93
C LYS H 50 18.52 -17.00 -16.43
N TRP H 51 17.36 -17.37 -15.86
CA TRP H 51 17.31 -17.68 -14.43
C TRP H 51 18.14 -18.92 -14.11
N ALA H 52 18.04 -19.96 -14.94
CA ALA H 52 18.70 -21.22 -14.63
C ALA H 52 20.21 -21.06 -14.60
N MET H 53 20.78 -20.32 -15.54
CA MET H 53 22.23 -20.19 -15.62
C MET H 53 22.80 -19.57 -14.35
N CYS H 54 22.13 -18.55 -13.81
CA CYS H 54 22.60 -17.88 -12.61
C CYS H 54 22.67 -18.83 -11.41
N SER H 55 21.95 -19.95 -11.46
CA SER H 55 21.95 -20.88 -10.34
C SER H 55 23.31 -21.56 -10.22
N ASN H 56 23.43 -22.43 -9.22
CA ASN H 56 24.72 -23.07 -8.93
C ASN H 56 25.00 -24.21 -9.89
N PHE H 57 24.12 -25.22 -9.92
CA PHE H 57 24.31 -26.43 -10.71
C PHE H 57 23.09 -26.64 -11.60
N PRO H 58 23.00 -25.91 -12.71
CA PRO H 58 21.84 -26.07 -13.60
C PRO H 58 22.06 -27.14 -14.67
N LEU H 59 23.31 -27.49 -14.93
CA LEU H 59 23.65 -28.39 -16.02
C LEU H 59 23.67 -29.83 -15.55
N ALA H 60 23.03 -30.71 -16.30
CA ALA H 60 23.11 -32.14 -16.02
C ALA H 60 24.51 -32.65 -16.34
N LEU H 61 24.91 -33.70 -15.63
CA LEU H 61 26.23 -34.29 -15.78
C LEU H 61 26.10 -35.79 -15.94
N THR H 62 26.94 -36.36 -16.82
CA THR H 62 26.98 -37.79 -17.01
C THR H 62 27.83 -38.44 -15.92
N LYS H 63 27.66 -39.75 -15.76
CA LYS H 63 28.42 -40.53 -14.79
C LYS H 63 29.50 -41.32 -15.50
N GLY H 64 30.74 -41.16 -15.04
CA GLY H 64 31.84 -41.87 -15.65
C GLY H 64 33.16 -41.33 -15.15
N ASP H 65 34.24 -41.91 -15.68
CA ASP H 65 35.58 -41.49 -15.29
C ASP H 65 35.83 -40.03 -15.67
N MET H 66 35.39 -39.63 -16.86
CA MET H 66 35.57 -38.24 -17.28
C MET H 66 34.84 -37.28 -16.35
N ALA H 67 33.62 -37.64 -15.92
CA ALA H 67 32.87 -36.77 -15.04
C ALA H 67 33.61 -36.53 -13.73
N ASN H 68 34.19 -37.58 -13.16
CA ASN H 68 34.96 -37.45 -11.93
C ASN H 68 36.35 -36.87 -12.18
N ARG H 69 36.80 -36.81 -13.43
CA ARG H 69 38.12 -36.24 -13.71
C ARG H 69 38.18 -34.77 -13.32
N ILE H 70 37.13 -34.01 -13.63
CA ILE H 70 37.09 -32.58 -13.30
C ILE H 70 36.94 -32.44 -11.78
N PRO H 71 37.53 -31.42 -11.17
CA PRO H 71 37.54 -31.33 -9.71
C PRO H 71 36.24 -30.78 -9.15
N LEU H 72 36.11 -30.87 -7.83
CA LEU H 72 34.96 -30.29 -7.14
C LEU H 72 35.08 -28.77 -7.05
N GLU H 73 36.28 -28.28 -6.75
CA GLU H 73 36.54 -26.86 -6.60
C GLU H 73 37.67 -26.46 -7.54
N TYR H 74 37.70 -25.18 -7.89
CA TYR H 74 38.74 -24.66 -8.76
C TYR H 74 38.93 -23.18 -8.44
N LYS H 75 40.07 -22.84 -7.84
CA LYS H 75 40.39 -21.45 -7.52
C LYS H 75 39.25 -20.78 -6.77
N GLY H 76 38.68 -21.51 -5.81
CA GLY H 76 37.57 -21.00 -5.04
C GLY H 76 36.25 -21.00 -5.76
N ILE H 77 36.11 -21.80 -6.81
CA ILE H 77 34.88 -21.90 -7.57
C ILE H 77 34.44 -23.36 -7.60
N GLN H 78 33.20 -23.60 -7.18
CA GLN H 78 32.64 -24.95 -7.24
C GLN H 78 32.31 -25.32 -8.68
N LEU H 79 32.40 -26.61 -8.98
CA LEU H 79 32.13 -27.11 -10.31
C LEU H 79 30.94 -28.07 -10.36
N LYS H 80 30.93 -29.09 -9.50
CA LYS H 80 29.87 -30.09 -9.52
C LYS H 80 29.52 -30.45 -8.07
N THR H 81 28.67 -31.45 -7.91
CA THR H 81 28.21 -31.90 -6.61
C THR H 81 28.43 -33.41 -6.49
N ASN H 82 28.65 -33.85 -5.25
CA ASN H 82 28.93 -35.26 -4.98
C ASN H 82 27.66 -36.09 -4.89
N ALA H 83 26.68 -35.64 -4.10
CA ALA H 83 25.48 -36.43 -3.87
C ALA H 83 24.70 -36.62 -5.16
N GLU H 84 24.08 -37.79 -5.27
CA GLU H 84 23.29 -38.11 -6.46
C GLU H 84 22.05 -37.22 -6.54
N ASP H 85 21.62 -36.96 -7.77
CA ASP H 85 20.40 -36.21 -8.04
C ASP H 85 19.22 -37.17 -8.24
N ILE H 86 18.02 -36.60 -8.23
CA ILE H 86 16.80 -37.37 -8.36
C ILE H 86 16.40 -37.49 -9.82
N GLY H 87 16.15 -36.35 -10.45
CA GLY H 87 15.70 -36.34 -11.84
C GLY H 87 16.66 -37.03 -12.78
N THR H 88 17.87 -36.48 -12.92
CA THR H 88 18.86 -37.06 -13.82
C THR H 88 19.43 -38.37 -13.30
N LYS H 89 19.16 -38.74 -12.05
CA LYS H 89 19.72 -39.95 -11.45
C LYS H 89 21.24 -39.96 -11.52
N GLY H 90 21.84 -38.78 -11.40
CA GLY H 90 23.28 -38.66 -11.46
C GLY H 90 23.72 -37.33 -10.90
N GLN H 91 24.99 -37.01 -11.14
CA GLN H 91 25.54 -35.76 -10.65
C GLN H 91 24.99 -34.58 -11.44
N MET H 92 25.11 -33.39 -10.86
CA MET H 92 24.79 -32.14 -11.51
C MET H 92 26.02 -31.25 -11.48
N CYS H 93 26.23 -30.50 -12.56
CA CYS H 93 27.43 -29.70 -12.74
C CYS H 93 27.07 -28.24 -12.99
N SER H 94 27.95 -27.36 -12.56
CA SER H 94 27.78 -25.93 -12.78
C SER H 94 28.19 -25.55 -14.19
N ILE H 95 27.78 -24.36 -14.61
CA ILE H 95 28.14 -23.88 -15.94
C ILE H 95 29.66 -23.79 -16.08
N ALA H 96 30.32 -23.26 -15.06
CA ALA H 96 31.77 -23.10 -15.12
C ALA H 96 32.46 -24.41 -15.43
N ALA H 97 31.88 -25.53 -14.99
CA ALA H 97 32.48 -26.84 -15.27
C ALA H 97 32.78 -26.98 -16.75
N VAL H 98 31.82 -26.63 -17.61
CA VAL H 98 32.03 -26.74 -19.04
C VAL H 98 33.28 -25.98 -19.44
N THR H 99 33.41 -24.73 -18.99
CA THR H 99 34.58 -23.95 -19.31
C THR H 99 35.84 -24.65 -18.82
N TRP H 100 35.78 -25.22 -17.61
CA TRP H 100 36.94 -25.97 -17.11
C TRP H 100 37.32 -27.07 -18.09
N TRP H 101 36.34 -27.80 -18.59
CA TRP H 101 36.64 -28.87 -19.54
C TRP H 101 37.30 -28.29 -20.79
N ASN H 102 36.90 -27.09 -21.20
CA ASN H 102 37.50 -26.46 -22.37
C ASN H 102 38.89 -25.94 -22.08
N THR H 103 39.28 -25.82 -20.81
CA THR H 103 40.57 -25.24 -20.45
C THR H 103 41.60 -26.31 -20.06
N TYR H 104 41.29 -27.14 -19.07
CA TYR H 104 42.23 -28.12 -18.54
C TYR H 104 41.69 -29.54 -18.62
N GLY H 105 40.66 -29.77 -19.42
CA GLY H 105 40.09 -31.09 -19.55
C GLY H 105 40.99 -32.01 -20.34
N PRO H 106 40.69 -33.31 -20.35
CA PRO H 106 41.49 -34.24 -21.14
C PRO H 106 41.42 -33.91 -22.61
N ILE H 107 42.55 -34.08 -23.30
CA ILE H 107 42.64 -33.79 -24.73
C ILE H 107 42.37 -35.09 -25.49
N GLY H 108 41.21 -35.18 -26.13
CA GLY H 108 40.88 -36.33 -26.93
C GLY H 108 41.44 -36.22 -28.34
N ASP H 109 41.17 -37.24 -29.13
CA ASP H 109 41.62 -37.30 -30.52
C ASP H 109 40.44 -36.99 -31.44
N THR H 110 40.63 -36.00 -32.32
CA THR H 110 39.58 -35.54 -33.22
C THR H 110 39.82 -35.98 -34.66
N GLU H 111 40.74 -36.93 -34.87
CA GLU H 111 41.01 -37.39 -36.22
C GLU H 111 39.75 -37.95 -36.86
N GLY H 112 39.55 -37.65 -38.13
CA GLY H 112 38.39 -38.10 -38.85
C GLY H 112 37.11 -37.34 -38.54
N PHE H 113 37.21 -36.24 -37.80
CA PHE H 113 36.02 -35.46 -37.48
C PHE H 113 35.38 -34.88 -38.73
N GLU H 114 36.21 -34.38 -39.66
CA GLU H 114 35.68 -33.77 -40.88
C GLU H 114 34.82 -34.76 -41.65
N ARG H 115 35.21 -36.05 -41.66
CA ARG H 115 34.45 -37.04 -42.38
C ARG H 115 33.02 -37.15 -41.83
N VAL H 116 32.88 -37.17 -40.51
CA VAL H 116 31.56 -37.35 -39.91
C VAL H 116 30.64 -36.20 -40.31
N TYR H 117 31.09 -34.97 -40.10
CA TYR H 117 30.34 -33.78 -40.52
C TYR H 117 30.92 -33.22 -41.82
N GLU H 118 30.82 -34.02 -42.87
CA GLU H 118 31.38 -33.64 -44.15
C GLU H 118 30.52 -32.61 -44.89
N SER H 119 29.19 -32.66 -44.69
CA SER H 119 28.32 -31.73 -45.42
C SER H 119 28.61 -30.28 -45.03
N PHE H 120 28.77 -30.01 -43.74
CA PHE H 120 29.06 -28.65 -43.30
C PHE H 120 30.40 -28.17 -43.83
N PHE H 121 31.40 -29.05 -43.81
CA PHE H 121 32.71 -28.68 -44.34
C PHE H 121 32.65 -28.42 -45.83
N LEU H 122 31.85 -29.21 -46.56
CA LEU H 122 31.67 -28.95 -47.98
C LEU H 122 31.01 -27.60 -48.21
N ARG H 123 30.01 -27.27 -47.40
CA ARG H 123 29.37 -25.96 -47.51
C ARG H 123 30.37 -24.84 -47.27
N LYS H 124 31.19 -24.99 -46.22
CA LYS H 124 32.19 -23.96 -45.91
C LYS H 124 33.21 -23.84 -47.04
N MET H 125 33.64 -24.97 -47.60
CA MET H 125 34.59 -24.93 -48.70
C MET H 125 34.00 -24.25 -49.93
N ARG H 126 32.73 -24.55 -50.23
CA ARG H 126 32.07 -23.89 -51.34
C ARG H 126 31.99 -22.39 -51.11
N LEU H 127 31.67 -21.98 -49.89
CA LEU H 127 31.61 -20.55 -49.58
C LEU H 127 32.98 -19.89 -49.74
N ASP H 128 34.03 -20.56 -49.25
CA ASP H 128 35.36 -19.97 -49.30
C ASP H 128 35.83 -19.75 -50.73
N ASN H 129 35.52 -20.69 -51.62
CA ASN H 129 35.93 -20.60 -53.02
C ASN H 129 34.98 -19.76 -53.86
N ALA H 130 34.15 -18.93 -53.23
CA ALA H 130 33.22 -18.09 -53.96
C ALA H 130 33.97 -16.98 -54.69
N THR H 131 33.33 -16.46 -55.74
CA THR H 131 33.85 -15.32 -56.51
C THR H 131 32.71 -14.31 -56.61
N TRP H 132 32.62 -13.44 -55.63
CA TRP H 132 31.55 -12.45 -55.59
C TRP H 132 31.71 -11.45 -56.72
N GLY H 133 30.57 -11.00 -57.26
CA GLY H 133 30.57 -10.07 -58.36
C GLY H 133 30.02 -8.71 -58.00
N ARG H 134 29.03 -8.24 -58.75
CA ARG H 134 28.42 -6.93 -58.54
C ARG H 134 27.12 -7.06 -57.76
N ILE H 135 26.57 -5.91 -57.38
CA ILE H 135 25.29 -5.83 -56.70
C ILE H 135 24.43 -4.84 -57.47
N THR H 136 23.24 -5.30 -57.91
CA THR H 136 22.36 -4.50 -58.75
C THR H 136 21.01 -4.35 -58.06
N PHE H 137 20.49 -3.12 -58.03
CA PHE H 137 19.27 -2.84 -57.29
C PHE H 137 18.07 -2.93 -58.25
N GLY H 138 16.88 -2.58 -57.74
CA GLY H 138 15.64 -2.82 -58.43
C GLY H 138 15.61 -2.27 -59.85
N PRO H 139 14.73 -2.82 -60.69
CA PRO H 139 14.61 -2.33 -62.06
C PRO H 139 13.96 -0.96 -62.15
N VAL H 140 12.82 -0.80 -61.49
CA VAL H 140 12.02 0.42 -61.58
C VAL H 140 11.62 0.68 -63.02
N SER H 227 19.03 -24.75 -58.80
CA SER H 227 20.37 -25.20 -58.46
C SER H 227 20.49 -25.52 -56.98
N ALA H 228 20.98 -26.71 -56.67
CA ALA H 228 21.12 -27.12 -55.28
C ALA H 228 22.09 -26.22 -54.53
N GLU H 229 23.19 -25.82 -55.19
CA GLU H 229 24.22 -25.04 -54.54
C GLU H 229 23.88 -23.54 -54.46
N PHE H 230 22.79 -23.11 -55.09
CA PHE H 230 22.40 -21.70 -55.06
C PHE H 230 21.32 -21.38 -54.04
N ILE H 231 20.43 -22.33 -53.76
CA ILE H 231 19.38 -22.08 -52.78
C ILE H 231 19.98 -21.92 -51.38
N GLU H 232 21.03 -22.66 -51.06
CA GLU H 232 21.58 -22.62 -49.71
C GLU H 232 22.04 -21.22 -49.35
N MET H 233 22.61 -20.49 -50.30
CA MET H 233 23.11 -19.14 -50.07
C MET H 233 22.08 -18.08 -50.41
N LEU H 234 20.83 -18.46 -50.69
CA LEU H 234 19.85 -17.52 -51.21
C LEU H 234 19.70 -16.29 -50.31
N HIS H 235 19.93 -16.45 -49.01
CA HIS H 235 19.81 -15.31 -48.11
C HIS H 235 20.76 -14.18 -48.47
N CYS H 236 21.89 -14.51 -49.11
CA CYS H 236 22.90 -13.52 -49.48
C CYS H 236 22.94 -13.26 -50.98
N LEU H 237 22.02 -13.83 -51.75
CA LEU H 237 22.00 -13.63 -53.20
C LEU H 237 20.92 -12.66 -53.65
N GLN H 238 19.66 -12.93 -53.29
CA GLN H 238 18.53 -12.19 -53.81
C GLN H 238 17.71 -11.60 -52.67
N GLY H 239 17.29 -10.36 -52.84
CA GLY H 239 16.42 -9.70 -51.88
C GLY H 239 15.23 -9.04 -52.54
N GLU H 240 14.47 -8.25 -51.79
CA GLU H 240 13.27 -7.64 -52.35
C GLU H 240 13.63 -6.68 -53.49
N ASN H 241 14.68 -5.87 -53.32
CA ASN H 241 15.04 -4.87 -54.31
C ASN H 241 16.53 -4.84 -54.59
N TRP H 242 17.22 -5.97 -54.43
CA TRP H 242 18.63 -6.05 -54.74
C TRP H 242 18.98 -7.47 -55.14
N ARG H 243 20.10 -7.59 -55.86
CA ARG H 243 20.58 -8.87 -56.37
C ARG H 243 22.09 -8.88 -56.29
N GLN H 244 22.64 -9.94 -55.70
CA GLN H 244 24.07 -10.11 -55.54
C GLN H 244 24.55 -11.17 -56.53
N ILE H 245 25.53 -10.82 -57.36
CA ILE H 245 26.07 -11.75 -58.35
C ILE H 245 27.13 -12.60 -57.65
N TYR H 246 26.82 -13.88 -57.48
CA TYR H 246 27.66 -14.81 -56.75
C TYR H 246 27.84 -16.08 -57.57
N HIS H 247 29.05 -16.63 -57.56
CA HIS H 247 29.33 -17.85 -58.31
C HIS H 247 29.83 -18.94 -57.36
N PRO H 248 29.53 -20.21 -57.63
CA PRO H 248 29.99 -21.28 -56.72
C PRO H 248 31.42 -21.68 -56.95
N GLY H 249 31.87 -22.72 -56.25
CA GLY H 249 33.23 -23.22 -56.42
C GLY H 249 33.31 -24.72 -56.22
N GLY H 250 34.44 -25.20 -55.70
CA GLY H 250 34.60 -26.61 -55.40
C GLY H 250 35.68 -27.31 -56.19
N ASN H 251 36.79 -27.62 -55.52
CA ASN H 251 37.90 -28.37 -56.10
C ASN H 251 38.24 -27.88 -57.50
N LYS H 252 38.62 -26.61 -57.59
CA LYS H 252 39.05 -26.01 -58.84
C LYS H 252 40.55 -25.70 -58.77
N LEU H 253 41.31 -26.58 -58.13
CA LEU H 253 42.74 -26.40 -57.94
C LEU H 253 43.51 -26.87 -59.16
N THR H 254 44.59 -26.15 -59.48
CA THR H 254 45.56 -26.47 -60.53
C THR H 254 46.17 -25.18 -61.06
N GLU H 255 45.34 -24.18 -61.30
CA GLU H 255 45.82 -22.86 -61.74
C GLU H 255 46.02 -21.94 -60.53
N SER H 256 46.73 -22.49 -59.54
CA SER H 256 46.92 -21.77 -58.28
C SER H 256 47.63 -20.44 -58.50
N ARG H 257 48.88 -20.49 -58.97
CA ARG H 257 49.67 -19.27 -59.10
C ARG H 257 48.92 -18.22 -59.90
N SER H 258 48.44 -18.60 -61.08
CA SER H 258 47.64 -17.66 -61.88
C SER H 258 46.46 -17.13 -61.06
N GLN H 259 45.68 -18.04 -60.48
CA GLN H 259 44.50 -17.60 -59.75
C GLN H 259 44.87 -16.63 -58.65
N SER H 260 46.11 -16.70 -58.17
CA SER H 260 46.57 -15.72 -57.20
C SER H 260 46.88 -14.39 -57.88
N MET H 261 47.83 -14.40 -58.83
CA MET H 261 48.37 -13.13 -59.31
C MET H 261 47.26 -12.20 -59.75
N ILE H 262 46.33 -12.72 -60.58
CA ILE H 262 45.24 -11.89 -61.09
C ILE H 262 44.62 -11.07 -59.97
N VAL H 263 44.13 -11.75 -58.92
CA VAL H 263 43.41 -11.03 -57.88
C VAL H 263 44.33 -10.00 -57.24
N ALA H 264 45.55 -10.40 -56.92
CA ALA H 264 46.50 -9.45 -56.37
C ALA H 264 46.61 -8.25 -57.29
N CYS H 265 46.88 -8.51 -58.57
CA CYS H 265 47.01 -7.42 -59.53
C CYS H 265 45.75 -6.55 -59.49
N ARG H 266 44.58 -7.18 -59.49
CA ARG H 266 43.35 -6.41 -59.44
C ARG H 266 43.38 -5.44 -58.28
N LYS H 267 43.71 -5.94 -57.09
CA LYS H 267 43.72 -5.07 -55.92
C LYS H 267 44.65 -3.88 -56.13
N ILE H 268 45.81 -4.11 -56.75
CA ILE H 268 46.74 -3.01 -56.98
C ILE H 268 46.04 -1.91 -57.75
N ILE H 269 45.35 -2.27 -58.83
CA ILE H 269 44.63 -1.27 -59.61
C ILE H 269 43.60 -0.57 -58.73
N ARG H 270 42.86 -1.35 -57.95
CA ARG H 270 41.87 -0.75 -57.07
C ARG H 270 42.51 0.23 -56.09
N ARG H 271 43.76 -0.01 -55.71
CA ARG H 271 44.44 0.93 -54.82
C ARG H 271 44.98 2.13 -55.56
N SER H 272 45.30 1.98 -56.85
CA SER H 272 45.96 3.05 -57.60
C SER H 272 44.97 4.01 -58.25
N ILE H 273 43.84 3.50 -58.75
CA ILE H 273 42.91 4.35 -59.47
C ILE H 273 42.37 5.46 -58.58
N VAL H 274 42.11 5.15 -57.31
CA VAL H 274 41.56 6.15 -56.40
C VAL H 274 42.61 7.22 -56.09
N ALA H 275 43.85 6.80 -55.86
CA ALA H 275 44.91 7.75 -55.52
C ALA H 275 45.31 8.56 -56.74
N SER H 276 45.71 9.81 -56.50
CA SER H 276 46.18 10.66 -57.56
C SER H 276 47.50 10.13 -58.15
N ASN H 277 47.66 10.33 -59.46
CA ASN H 277 48.84 9.84 -60.16
C ASN H 277 49.03 8.35 -59.89
N PRO H 278 48.17 7.49 -60.45
CA PRO H 278 48.25 6.06 -60.14
C PRO H 278 49.52 5.36 -60.59
N LEU H 279 50.31 5.95 -61.49
CA LEU H 279 51.41 5.20 -62.10
C LEU H 279 52.47 4.83 -61.08
N GLU H 280 53.02 5.82 -60.37
CA GLU H 280 54.11 5.54 -59.44
C GLU H 280 53.64 4.66 -58.29
N LEU H 281 52.45 4.94 -57.77
CA LEU H 281 51.92 4.12 -56.68
C LEU H 281 51.70 2.69 -57.14
N ALA H 282 51.16 2.51 -58.33
CA ALA H 282 50.91 1.16 -58.85
C ALA H 282 52.21 0.40 -59.02
N VAL H 283 53.23 1.03 -59.59
CA VAL H 283 54.51 0.35 -59.78
C VAL H 283 55.15 0.05 -58.43
N GLU H 284 55.02 0.96 -57.47
CA GLU H 284 55.58 0.74 -56.14
C GLU H 284 54.94 -0.48 -55.48
N ILE H 285 53.60 -0.56 -55.53
CA ILE H 285 52.91 -1.68 -54.90
C ILE H 285 53.23 -2.98 -55.64
N ALA H 286 53.35 -2.92 -56.97
CA ALA H 286 53.65 -4.11 -57.74
C ALA H 286 55.07 -4.62 -57.48
N ASN H 287 56.01 -3.71 -57.22
CA ASN H 287 57.38 -4.14 -56.97
C ASN H 287 57.54 -4.74 -55.58
N LYS H 288 56.70 -4.34 -54.62
CA LYS H 288 56.82 -4.76 -53.23
C LYS H 288 55.75 -5.78 -52.85
N THR H 289 55.37 -6.65 -53.78
CA THR H 289 54.40 -7.72 -53.51
C THR H 289 55.04 -9.06 -53.83
N VAL H 290 54.78 -10.03 -52.96
CA VAL H 290 55.38 -11.37 -53.05
C VAL H 290 54.27 -12.39 -52.92
N ILE H 291 54.22 -13.35 -53.83
CA ILE H 291 53.27 -14.47 -53.69
C ILE H 291 54.01 -15.54 -52.88
N ASP H 292 54.12 -15.27 -51.58
CA ASP H 292 54.49 -16.21 -50.53
C ASP H 292 55.90 -16.78 -50.68
N THR H 293 56.54 -16.62 -51.85
CA THR H 293 57.95 -16.96 -51.96
C THR H 293 58.70 -16.05 -52.93
N GLU H 294 57.99 -15.37 -53.82
CA GLU H 294 58.62 -14.71 -54.96
C GLU H 294 57.86 -13.44 -55.30
N PRO H 295 58.53 -12.47 -55.95
CA PRO H 295 57.85 -11.25 -56.34
C PRO H 295 56.80 -11.51 -57.41
N LEU H 296 55.80 -10.62 -57.47
CA LEU H 296 54.76 -10.75 -58.47
C LEU H 296 55.31 -10.64 -59.88
N LYS H 297 56.41 -9.91 -60.07
CA LYS H 297 56.97 -9.73 -61.40
C LYS H 297 57.37 -11.07 -62.01
N SER H 298 58.01 -11.93 -61.22
CA SER H 298 58.44 -13.22 -61.74
C SER H 298 57.24 -14.06 -62.15
N CYS H 299 56.19 -14.09 -61.33
CA CYS H 299 55.00 -14.87 -61.67
C CYS H 299 54.34 -14.33 -62.93
N LEU H 300 54.24 -13.01 -63.06
CA LEU H 300 53.63 -12.43 -64.24
C LEU H 300 54.43 -12.76 -65.50
N ALA H 301 55.76 -12.62 -65.42
CA ALA H 301 56.58 -12.87 -66.61
C ALA H 301 56.59 -14.34 -67.00
N ALA H 302 56.75 -15.23 -66.02
CA ALA H 302 56.85 -16.66 -66.33
C ALA H 302 55.55 -17.18 -66.92
N ILE H 303 54.41 -16.76 -66.38
CA ILE H 303 53.10 -17.30 -66.76
C ILE H 303 52.47 -16.35 -67.77
N ASP H 304 52.02 -16.92 -68.89
CA ASP H 304 51.27 -16.17 -69.90
C ASP H 304 49.79 -16.15 -69.54
N GLY H 305 49.51 -15.63 -68.34
CA GLY H 305 48.17 -15.60 -67.82
C GLY H 305 47.63 -14.19 -67.63
N GLY H 306 46.49 -14.09 -66.97
CA GLY H 306 45.84 -12.80 -66.77
C GLY H 306 44.97 -12.41 -67.94
N ASP H 307 44.01 -11.53 -67.66
CA ASP H 307 43.05 -11.07 -68.66
C ASP H 307 43.24 -9.60 -68.97
N VAL H 308 43.23 -8.73 -67.95
CA VAL H 308 43.33 -7.30 -68.18
C VAL H 308 44.25 -6.66 -67.14
N ALA H 309 43.97 -6.87 -65.85
CA ALA H 309 44.76 -6.24 -64.80
C ALA H 309 46.21 -6.65 -64.89
N CYS H 310 46.47 -7.92 -65.18
CA CYS H 310 47.85 -8.38 -65.35
C CYS H 310 48.52 -7.64 -66.49
N ASP H 311 47.82 -7.43 -67.59
CA ASP H 311 48.40 -6.69 -68.71
C ASP H 311 48.73 -5.26 -68.31
N ILE H 312 47.82 -4.60 -67.58
CA ILE H 312 48.05 -3.23 -67.16
C ILE H 312 49.28 -3.15 -66.26
N ILE H 313 49.38 -4.07 -65.29
CA ILE H 313 50.52 -4.06 -64.39
C ILE H 313 51.81 -4.36 -65.14
N ARG H 314 51.76 -5.30 -66.09
CA ARG H 314 52.95 -5.62 -66.87
C ARG H 314 53.41 -4.40 -67.65
N ALA H 315 52.49 -3.69 -68.29
CA ALA H 315 52.86 -2.49 -69.03
C ALA H 315 53.44 -1.43 -68.10
N ALA H 316 52.83 -1.26 -66.92
CA ALA H 316 53.37 -0.30 -65.96
C ALA H 316 54.80 -0.67 -65.56
N LEU H 317 55.07 -1.97 -65.41
CA LEU H 317 56.41 -2.44 -65.09
C LEU H 317 57.28 -2.64 -66.33
N GLY H 318 56.73 -2.48 -67.52
CA GLY H 318 57.50 -2.66 -68.74
C GLY H 318 57.82 -4.11 -69.03
N LEU H 319 56.79 -4.90 -69.29
CA LEU H 319 56.92 -6.32 -69.61
C LEU H 319 56.25 -6.60 -70.96
N LYS H 320 56.25 -7.87 -71.36
CA LYS H 320 55.69 -8.30 -72.63
C LYS H 320 54.25 -8.76 -72.42
N ILE H 321 53.34 -8.24 -73.23
CA ILE H 321 51.92 -8.57 -73.15
C ILE H 321 51.40 -8.89 -74.54
N ARG H 322 50.27 -9.59 -74.59
CA ARG H 322 49.63 -9.92 -75.85
C ARG H 322 48.94 -8.69 -76.42
N GLN H 323 48.82 -8.66 -77.75
CA GLN H 323 48.25 -7.53 -78.46
C GLN H 323 46.80 -7.84 -78.80
N ARG H 324 45.87 -7.19 -78.10
CA ARG H 324 44.45 -7.34 -78.39
C ARG H 324 43.63 -6.27 -77.69
N GLN H 325 42.74 -5.61 -78.44
CA GLN H 325 41.86 -4.62 -77.85
C GLN H 325 40.85 -5.30 -76.93
N ARG H 326 40.39 -4.57 -75.91
CA ARG H 326 39.45 -5.08 -74.95
C ARG H 326 38.34 -4.08 -74.69
N PHE H 327 37.13 -4.58 -74.47
CA PHE H 327 35.96 -3.79 -74.11
C PHE H 327 35.30 -4.39 -72.88
N GLY H 328 36.12 -4.73 -71.88
CA GLY H 328 35.65 -5.40 -70.69
C GLY H 328 35.94 -6.88 -70.75
N ARG H 329 34.92 -7.70 -70.59
CA ARG H 329 35.10 -9.14 -70.77
C ARG H 329 35.27 -9.54 -72.23
N LEU H 330 35.08 -8.61 -73.16
CA LEU H 330 35.17 -8.87 -74.59
C LEU H 330 36.47 -8.31 -75.13
N GLU H 331 37.32 -9.17 -75.68
CA GLU H 331 38.58 -8.77 -76.28
C GLU H 331 38.47 -8.88 -77.80
N LEU H 332 38.95 -7.86 -78.50
CA LEU H 332 38.79 -7.73 -79.94
C LEU H 332 40.15 -7.79 -80.63
N LYS H 333 40.14 -8.27 -81.87
CA LYS H 333 41.33 -8.32 -82.71
C LYS H 333 40.88 -8.00 -84.14
N ARG H 334 41.07 -6.75 -84.55
CA ARG H 334 40.65 -6.34 -85.88
C ARG H 334 41.38 -7.16 -86.94
N ILE H 335 40.63 -7.59 -87.96
CA ILE H 335 41.18 -8.36 -89.06
C ILE H 335 41.14 -7.60 -90.37
N SER H 336 40.10 -6.80 -90.59
CA SER H 336 39.96 -6.08 -91.85
C SER H 336 39.16 -4.80 -91.61
N GLY H 337 39.38 -3.83 -92.49
CA GLY H 337 38.65 -2.58 -92.45
C GLY H 337 39.25 -1.60 -91.46
N ARG H 338 38.82 -0.34 -91.59
CA ARG H 338 39.29 0.72 -90.72
C ARG H 338 38.15 1.72 -90.52
N GLY H 339 38.28 2.55 -89.49
CA GLY H 339 37.26 3.54 -89.19
C GLY H 339 37.86 4.75 -88.53
N PHE H 340 37.09 5.83 -88.52
CA PHE H 340 37.50 7.10 -87.92
C PHE H 340 36.61 7.41 -86.71
N LYS H 341 37.13 8.25 -85.83
CA LYS H 341 36.43 8.65 -84.61
C LYS H 341 35.90 10.07 -84.78
N ASN H 342 34.60 10.25 -84.53
CA ASN H 342 33.98 11.57 -84.61
C ASN H 342 33.12 11.78 -83.38
N ASP H 343 33.23 12.97 -82.79
CA ASP H 343 32.51 13.31 -81.57
C ASP H 343 31.22 14.04 -81.92
N GLU H 344 30.09 13.51 -81.44
CA GLU H 344 28.81 14.15 -81.70
C GLU H 344 27.80 13.68 -80.66
N GLU H 345 26.62 14.31 -80.67
CA GLU H 345 25.58 14.05 -79.69
C GLU H 345 24.58 13.04 -80.24
N ILE H 346 24.06 12.20 -79.34
CA ILE H 346 23.09 11.17 -79.70
C ILE H 346 21.97 11.15 -78.66
N LEU H 347 20.81 10.67 -79.09
CA LEU H 347 19.64 10.59 -78.24
C LEU H 347 19.41 9.16 -77.81
N ILE H 348 19.23 8.94 -76.50
CA ILE H 348 18.96 7.64 -75.97
C ILE H 348 17.47 7.53 -75.69
N GLY H 349 16.98 6.31 -75.50
CA GLY H 349 15.55 6.12 -75.24
C GLY H 349 15.07 6.90 -74.04
N ASN H 350 15.84 6.91 -72.96
CA ASN H 350 15.40 7.61 -71.75
C ASN H 350 15.30 9.11 -71.98
N GLY H 351 15.94 9.64 -73.02
CA GLY H 351 15.76 11.03 -73.39
C GLY H 351 16.80 11.97 -72.80
N THR H 352 18.07 11.64 -72.94
CA THR H 352 19.15 12.49 -72.51
C THR H 352 20.20 12.57 -73.61
N ILE H 353 20.93 13.69 -73.64
CA ILE H 353 21.91 13.98 -74.69
C ILE H 353 23.28 14.06 -74.05
N GLN H 354 24.24 13.30 -74.59
CA GLN H 354 25.60 13.28 -74.08
C GLN H 354 26.54 12.97 -75.23
N LYS H 355 27.65 13.71 -75.29
CA LYS H 355 28.58 13.57 -76.40
C LYS H 355 29.26 12.20 -76.39
N ILE H 356 29.48 11.65 -77.59
CA ILE H 356 30.12 10.36 -77.75
C ILE H 356 31.04 10.44 -78.97
N GLY H 357 32.19 9.76 -78.88
CA GLY H 357 33.03 9.56 -80.03
C GLY H 357 32.73 8.24 -80.71
N ILE H 358 31.92 8.29 -81.76
CA ILE H 358 31.54 7.10 -82.49
C ILE H 358 32.55 6.81 -83.59
N TRP H 359 32.67 5.53 -83.90
CA TRP H 359 33.57 5.04 -84.94
C TRP H 359 32.75 4.74 -86.19
N ASP H 360 33.13 5.37 -87.30
CA ASP H 360 32.44 5.18 -88.57
C ASP H 360 33.39 4.53 -89.56
N GLY H 361 32.86 3.56 -90.31
CA GLY H 361 33.65 2.83 -91.28
C GLY H 361 33.42 1.33 -91.19
N GLU H 362 33.72 0.61 -92.26
CA GLU H 362 33.55 -0.84 -92.26
C GLU H 362 34.66 -1.49 -91.45
N GLU H 363 34.28 -2.31 -90.47
CA GLU H 363 35.23 -2.96 -89.59
C GLU H 363 34.85 -4.41 -89.41
N GLU H 364 35.85 -5.29 -89.36
CA GLU H 364 35.66 -6.70 -89.07
C GLU H 364 36.55 -7.07 -87.90
N PHE H 365 35.95 -7.65 -86.87
CA PHE H 365 36.63 -7.95 -85.62
C PHE H 365 36.57 -9.44 -85.32
N HIS H 366 37.58 -9.93 -84.63
CA HIS H 366 37.61 -11.32 -84.17
C HIS H 366 37.12 -11.36 -82.72
N VAL H 367 35.82 -11.08 -82.58
CA VAL H 367 35.24 -10.93 -81.24
C VAL H 367 35.39 -12.23 -80.47
N ARG H 368 35.77 -12.12 -79.20
CA ARG H 368 35.85 -13.25 -78.30
C ARG H 368 35.57 -12.76 -76.89
N CYS H 369 35.03 -13.65 -76.06
CA CYS H 369 34.72 -13.30 -74.67
C CYS H 369 34.68 -14.59 -73.87
N GLY H 370 35.67 -14.80 -73.01
CA GLY H 370 35.75 -16.00 -72.22
C GLY H 370 36.23 -17.19 -73.02
N GLU H 371 35.31 -18.11 -73.33
CA GLU H 371 35.64 -19.30 -74.11
C GLU H 371 35.06 -19.29 -75.52
N CYS H 372 33.92 -18.64 -75.73
CA CYS H 372 33.28 -18.66 -77.03
C CYS H 372 33.96 -17.68 -77.98
N ARG H 373 34.06 -18.09 -79.25
CA ARG H 373 34.71 -17.31 -80.29
C ARG H 373 33.66 -16.79 -81.27
N GLY H 374 34.11 -16.04 -82.26
CA GLY H 374 33.23 -15.52 -83.28
C GLY H 374 33.86 -14.36 -84.02
N ILE H 375 33.10 -13.85 -84.99
CA ILE H 375 33.52 -12.70 -85.77
C ILE H 375 32.37 -11.69 -85.80
N LEU H 376 32.74 -10.41 -85.88
CA LEU H 376 31.79 -9.31 -85.82
C LEU H 376 32.01 -8.41 -87.02
N LYS H 377 30.92 -7.91 -87.59
CA LYS H 377 30.94 -6.91 -88.65
C LYS H 377 30.27 -5.65 -88.12
N LYS H 378 31.01 -4.53 -88.14
CA LYS H 378 30.55 -3.28 -87.55
C LYS H 378 30.64 -2.16 -88.56
N SER H 379 29.61 -1.33 -88.59
CA SER H 379 29.58 -0.12 -89.42
C SER H 379 28.86 0.96 -88.63
N LYS H 380 28.51 2.05 -89.32
CA LYS H 380 27.83 3.16 -88.67
C LYS H 380 26.43 2.73 -88.23
N MET H 381 26.24 2.59 -86.93
CA MET H 381 24.95 2.33 -86.29
C MET H 381 24.36 0.98 -86.63
N LYS H 382 25.08 0.12 -87.35
CA LYS H 382 24.54 -1.14 -87.82
C LYS H 382 25.44 -2.29 -87.40
N LEU H 383 24.81 -3.38 -86.97
CA LEU H 383 25.48 -4.65 -86.71
C LEU H 383 25.17 -5.55 -87.89
N GLU H 384 26.08 -5.55 -88.87
CA GLU H 384 25.81 -6.24 -90.14
C GLU H 384 25.55 -7.72 -89.91
N LYS H 385 26.53 -8.44 -89.39
CA LYS H 385 26.40 -9.87 -89.17
C LYS H 385 27.34 -10.30 -88.06
N LEU H 386 26.87 -11.21 -87.22
CA LEU H 386 27.63 -11.72 -86.10
C LEU H 386 27.54 -13.24 -86.08
N LEU H 387 28.67 -13.90 -85.88
CA LEU H 387 28.74 -15.35 -85.85
C LEU H 387 29.41 -15.79 -84.54
N ILE H 388 28.85 -16.82 -83.91
CA ILE H 388 29.35 -17.30 -82.63
C ILE H 388 29.39 -18.83 -82.66
N ASN H 389 30.11 -19.40 -81.68
CA ASN H 389 30.28 -20.84 -81.53
C ASN H 389 29.54 -21.31 -80.29
N SER H 390 29.71 -22.59 -79.97
CA SER H 390 29.04 -23.22 -78.84
C SER H 390 29.93 -23.21 -77.61
N ALA H 391 29.35 -22.89 -76.47
CA ALA H 391 30.06 -22.77 -75.19
C ALA H 391 29.01 -22.67 -74.10
N LYS H 392 29.45 -22.34 -72.89
CA LYS H 392 28.52 -22.11 -71.79
C LYS H 392 27.63 -20.92 -72.11
N LYS H 393 26.35 -21.02 -71.73
CA LYS H 393 25.36 -20.04 -72.16
C LYS H 393 25.78 -18.62 -71.79
N GLU H 394 26.14 -18.40 -70.52
CA GLU H 394 26.49 -17.05 -70.09
C GLU H 394 27.67 -16.50 -70.89
N ASP H 395 28.54 -17.38 -71.38
CA ASP H 395 29.70 -16.92 -72.16
C ASP H 395 29.25 -16.13 -73.37
N MET H 396 28.51 -16.75 -74.28
CA MET H 396 28.04 -16.00 -75.44
C MET H 396 26.98 -14.97 -75.07
N ARG H 397 26.27 -15.13 -73.95
CA ARG H 397 25.39 -14.06 -73.51
C ARG H 397 26.18 -12.76 -73.33
N ASP H 398 27.25 -12.82 -72.54
CA ASP H 398 28.11 -11.65 -72.36
C ASP H 398 28.74 -11.22 -73.67
N LEU H 399 29.23 -12.18 -74.45
CA LEU H 399 29.88 -11.84 -75.72
C LEU H 399 28.93 -11.03 -76.60
N ILE H 400 27.71 -11.52 -76.79
CA ILE H 400 26.78 -10.89 -77.72
C ILE H 400 26.30 -9.55 -77.16
N ILE H 401 26.06 -9.46 -75.85
CA ILE H 401 25.60 -8.18 -75.29
C ILE H 401 26.70 -7.13 -75.45
N LEU H 402 27.95 -7.51 -75.17
CA LEU H 402 29.06 -6.58 -75.37
C LEU H 402 29.21 -6.24 -76.86
N CYS H 403 28.91 -7.19 -77.74
CA CYS H 403 28.95 -6.89 -79.17
C CYS H 403 27.91 -5.85 -79.55
N MET H 404 26.69 -5.99 -79.04
CA MET H 404 25.70 -4.93 -79.24
C MET H 404 26.23 -3.60 -78.75
N VAL H 405 26.75 -3.56 -77.52
CA VAL H 405 27.17 -2.29 -76.94
C VAL H 405 28.29 -1.66 -77.76
N PHE H 406 29.21 -2.48 -78.25
CA PHE H 406 30.36 -1.96 -78.98
C PHE H 406 29.99 -1.54 -80.40
N SER H 407 29.02 -2.23 -81.02
CA SER H 407 28.62 -1.90 -82.38
C SER H 407 27.96 -0.54 -82.48
N GLN H 408 27.54 0.03 -81.35
CA GLN H 408 26.87 1.33 -81.33
C GLN H 408 25.62 1.34 -82.20
N ASP H 409 24.94 0.20 -82.27
CA ASP H 409 23.71 0.11 -83.05
C ASP H 409 22.65 1.02 -82.45
N THR H 410 21.96 1.77 -83.30
CA THR H 410 20.95 2.71 -82.81
C THR H 410 19.89 2.01 -81.97
N ARG H 411 19.60 0.75 -82.27
CA ARG H 411 18.63 0.01 -81.48
C ARG H 411 19.11 -0.13 -80.04
N MET H 412 20.41 -0.37 -79.85
CA MET H 412 20.94 -0.45 -78.49
C MET H 412 20.74 0.87 -77.76
N PHE H 413 20.96 1.99 -78.45
CA PHE H 413 20.70 3.30 -77.84
C PHE H 413 19.24 3.43 -77.44
N GLN H 414 18.33 3.02 -78.33
CA GLN H 414 16.90 3.11 -78.02
C GLN H 414 16.46 2.10 -76.97
N GLY H 415 17.30 1.13 -76.64
CA GLY H 415 16.93 0.09 -75.69
C GLY H 415 17.24 0.42 -74.24
N VAL H 416 17.48 1.69 -73.94
CA VAL H 416 17.76 2.15 -72.58
C VAL H 416 16.50 2.78 -72.03
N ARG H 417 16.13 2.41 -70.80
CA ARG H 417 14.93 2.91 -70.15
C ARG H 417 15.28 3.69 -68.89
N GLY H 418 16.08 3.11 -67.99
CA GLY H 418 16.41 3.74 -66.74
C GLY H 418 17.64 4.64 -66.84
N GLU H 419 17.96 5.27 -65.72
CA GLU H 419 19.11 6.16 -65.67
C GLU H 419 20.42 5.36 -65.69
N ILE H 420 21.44 5.95 -66.31
CA ILE H 420 22.71 5.28 -66.55
C ILE H 420 23.84 6.07 -65.90
N ASN H 421 23.56 6.72 -64.77
CA ASN H 421 24.52 7.58 -64.09
C ASN H 421 25.56 6.80 -63.28
N PHE H 422 25.83 5.54 -63.65
CA PHE H 422 26.74 4.68 -62.90
C PHE H 422 28.05 5.36 -62.54
N LEU H 423 28.57 5.03 -61.35
CA LEU H 423 29.84 5.54 -60.86
C LEU H 423 30.86 4.41 -60.81
N ASN H 424 32.13 4.77 -60.85
CA ASN H 424 33.23 3.81 -60.73
C ASN H 424 33.77 3.82 -59.30
N ARG H 425 34.75 2.96 -59.06
CA ARG H 425 35.32 2.85 -57.71
C ARG H 425 35.90 4.18 -57.25
N ALA H 426 36.63 4.86 -58.13
CA ALA H 426 37.21 6.15 -57.79
C ALA H 426 36.16 7.24 -57.60
N GLY H 427 34.92 6.98 -57.97
CA GLY H 427 33.88 7.99 -57.88
C GLY H 427 33.77 8.91 -59.06
N GLN H 428 34.43 8.59 -60.17
CA GLN H 428 34.39 9.39 -61.37
C GLN H 428 33.42 8.78 -62.37
N LEU H 429 32.67 9.65 -63.06
CA LEU H 429 31.67 9.18 -64.01
C LEU H 429 32.31 8.29 -65.08
N LEU H 430 31.67 7.15 -65.35
CA LEU H 430 32.16 6.26 -66.39
C LEU H 430 31.94 6.88 -67.76
N SER H 431 32.75 6.43 -68.72
CA SER H 431 32.57 6.85 -70.10
C SER H 431 31.21 6.34 -70.60
N PRO H 432 30.57 7.08 -71.52
CA PRO H 432 29.21 6.67 -71.94
C PRO H 432 29.13 5.25 -72.44
N MET H 433 30.12 4.81 -73.23
CA MET H 433 30.08 3.45 -73.76
C MET H 433 30.10 2.43 -72.63
N TYR H 434 30.96 2.64 -71.63
CA TYR H 434 31.02 1.72 -70.51
C TYR H 434 29.78 1.83 -69.64
N GLN H 435 29.17 3.02 -69.56
CA GLN H 435 27.91 3.15 -68.85
C GLN H 435 26.83 2.28 -69.49
N LEU H 436 26.70 2.36 -70.82
CA LEU H 436 25.74 1.50 -71.51
C LEU H 436 26.10 0.03 -71.35
N GLN H 437 27.39 -0.29 -71.43
CA GLN H 437 27.84 -1.66 -71.23
C GLN H 437 27.34 -2.20 -69.90
N ARG H 438 27.60 -1.45 -68.83
CA ARG H 438 27.21 -1.90 -67.50
C ARG H 438 25.69 -1.99 -67.36
N TYR H 439 24.97 -0.99 -67.89
CA TYR H 439 23.52 -1.00 -67.78
C TYR H 439 22.94 -2.23 -68.47
N PHE H 440 23.43 -2.54 -69.67
CA PHE H 440 22.88 -3.68 -70.41
C PHE H 440 23.36 -5.00 -69.83
N LEU H 441 24.55 -5.03 -69.23
CA LEU H 441 24.99 -6.24 -68.53
C LEU H 441 24.06 -6.54 -67.37
N ASN H 442 23.67 -5.51 -66.62
CA ASN H 442 22.68 -5.69 -65.57
C ASN H 442 21.27 -5.80 -66.12
N ARG H 443 21.02 -5.35 -67.35
CA ARG H 443 19.69 -5.34 -67.96
C ARG H 443 19.82 -5.91 -69.37
N SER H 444 19.61 -7.23 -69.49
CA SER H 444 19.75 -7.93 -70.76
C SER H 444 18.43 -8.11 -71.50
N ASN H 445 17.33 -8.31 -70.78
CA ASN H 445 16.05 -8.55 -71.43
C ASN H 445 15.60 -7.35 -72.26
N ASP H 446 15.81 -6.14 -71.74
CA ASP H 446 15.34 -4.94 -72.42
C ASP H 446 15.95 -4.83 -73.81
N LEU H 447 17.29 -4.93 -73.90
CA LEU H 447 17.95 -4.79 -75.19
C LEU H 447 17.54 -5.90 -76.15
N PHE H 448 17.46 -7.13 -75.64
CA PHE H 448 17.08 -8.26 -76.50
C PHE H 448 15.69 -8.05 -77.08
N ASP H 449 14.75 -7.60 -76.25
CA ASP H 449 13.40 -7.32 -76.75
C ASP H 449 13.41 -6.17 -77.74
N GLN H 450 14.20 -5.12 -77.47
CA GLN H 450 14.18 -3.95 -78.32
C GLN H 450 14.83 -4.21 -79.68
N TRP H 451 15.79 -5.14 -79.74
CA TRP H 451 16.57 -5.32 -80.96
C TRP H 451 15.71 -5.77 -82.12
N GLY H 452 14.81 -6.70 -81.89
CA GLY H 452 14.03 -7.27 -82.99
C GLY H 452 14.68 -8.52 -83.56
N TYR H 453 13.83 -9.44 -84.03
CA TYR H 453 14.26 -10.76 -84.48
C TYR H 453 14.12 -10.87 -85.99
N GLU H 454 14.64 -11.97 -86.53
CA GLU H 454 14.52 -12.29 -87.94
C GLU H 454 14.64 -13.80 -88.11
N GLU H 455 14.50 -14.25 -89.36
CA GLU H 455 14.57 -15.67 -89.67
C GLU H 455 16.02 -16.13 -89.74
N SER H 456 16.28 -17.31 -89.22
CA SER H 456 17.63 -17.88 -89.23
C SER H 456 17.99 -18.37 -90.62
N PRO H 457 19.29 -18.42 -90.93
CA PRO H 457 19.71 -18.94 -92.25
C PRO H 457 19.45 -20.43 -92.38
N LYS H 458 19.34 -20.86 -93.63
CA LYS H 458 19.00 -22.25 -93.94
C LYS H 458 20.22 -23.17 -93.99
N ALA H 459 21.41 -22.65 -93.73
CA ALA H 459 22.60 -23.50 -93.75
C ALA H 459 22.51 -24.55 -92.63
N SER H 460 23.16 -25.69 -92.87
CA SER H 460 23.06 -26.81 -91.93
C SER H 460 23.57 -26.41 -90.55
N GLU H 461 24.78 -25.86 -90.49
CA GLU H 461 25.40 -25.55 -89.20
C GLU H 461 24.95 -24.21 -88.63
N LEU H 462 24.25 -23.39 -89.41
CA LEU H 462 23.84 -22.07 -88.95
C LEU H 462 22.42 -22.14 -88.41
N HIS H 463 22.24 -21.74 -87.15
CA HIS H 463 20.94 -21.71 -86.51
C HIS H 463 20.88 -20.52 -85.56
N GLY H 464 19.65 -20.10 -85.25
CA GLY H 464 19.44 -18.94 -84.42
C GLY H 464 19.54 -19.25 -82.94
N ILE H 465 19.26 -18.23 -82.13
CA ILE H 465 19.24 -18.34 -80.68
C ILE H 465 18.28 -17.32 -80.12
N ASN H 466 17.59 -17.68 -79.05
CA ASN H 466 16.64 -16.80 -78.39
C ASN H 466 17.36 -15.97 -77.33
N GLU H 467 16.58 -15.28 -76.48
CA GLU H 467 17.17 -14.51 -75.41
C GLU H 467 17.94 -15.40 -74.44
N SER H 468 17.39 -16.57 -74.13
CA SER H 468 18.02 -17.52 -73.22
C SER H 468 18.94 -18.49 -73.95
N MET H 469 19.46 -18.12 -75.11
CA MET H 469 20.37 -18.96 -75.88
C MET H 469 19.74 -20.32 -76.19
N ASN H 470 18.48 -20.29 -76.61
CA ASN H 470 17.78 -21.48 -77.10
C ASN H 470 17.66 -21.39 -78.62
N ALA H 471 18.09 -22.45 -79.30
CA ALA H 471 18.04 -22.45 -80.76
C ALA H 471 16.60 -22.30 -81.24
N SER H 472 16.40 -21.38 -82.18
CA SER H 472 15.07 -21.12 -82.71
C SER H 472 15.19 -20.43 -84.06
N ASP H 473 14.11 -20.50 -84.84
CA ASP H 473 14.09 -19.81 -86.13
C ASP H 473 14.18 -18.30 -85.94
N TYR H 474 13.48 -17.77 -84.93
CA TYR H 474 13.55 -16.35 -84.61
C TYR H 474 14.86 -16.09 -83.88
N THR H 475 15.78 -15.39 -84.55
CA THR H 475 17.10 -15.11 -84.01
C THR H 475 17.36 -13.61 -84.01
N LEU H 476 18.20 -13.17 -83.09
CA LEU H 476 18.60 -11.77 -83.07
C LEU H 476 19.20 -11.39 -84.42
N LYS H 477 18.76 -10.27 -84.96
CA LYS H 477 19.18 -9.86 -86.30
C LYS H 477 20.71 -9.78 -86.36
N GLY H 478 21.29 -10.43 -87.37
CA GLY H 478 22.73 -10.42 -87.55
C GLY H 478 23.49 -11.32 -86.61
N VAL H 479 22.81 -12.20 -85.87
CA VAL H 479 23.45 -13.10 -84.92
C VAL H 479 23.11 -14.53 -85.32
N VAL H 480 24.15 -15.37 -85.44
CA VAL H 480 23.97 -16.77 -85.82
C VAL H 480 24.99 -17.63 -85.09
N VAL H 481 24.66 -18.90 -84.96
CA VAL H 481 25.55 -19.89 -84.38
C VAL H 481 26.24 -20.64 -85.51
N THR H 482 27.38 -21.25 -85.21
CA THR H 482 28.15 -21.96 -86.22
C THR H 482 29.01 -23.02 -85.54
N ARG H 483 28.96 -24.25 -86.05
CA ARG H 483 29.80 -25.33 -85.54
C ARG H 483 31.21 -25.31 -86.11
N ASN H 484 31.45 -24.53 -87.16
CA ASN H 484 32.79 -24.37 -87.72
C ASN H 484 33.57 -23.44 -86.81
N VAL H 485 34.18 -24.02 -85.78
CA VAL H 485 34.91 -23.23 -84.80
C VAL H 485 36.05 -22.49 -85.48
N ILE H 486 36.23 -21.23 -85.10
CA ILE H 486 37.30 -20.38 -85.63
C ILE H 486 38.47 -20.42 -84.66
N ASP H 487 39.68 -20.60 -85.21
CA ASP H 487 40.86 -20.71 -84.37
C ASP H 487 41.09 -19.42 -83.59
N ASP H 488 41.69 -19.56 -82.41
CA ASP H 488 41.96 -18.43 -81.53
C ASP H 488 42.71 -17.32 -82.28
N GLU H 493 54.76 -13.80 -80.58
CA GLU H 493 53.35 -13.42 -80.47
C GLU H 493 53.14 -12.43 -79.33
N THR H 494 54.17 -11.63 -79.04
CA THR H 494 54.11 -10.65 -77.96
C THR H 494 54.76 -9.37 -78.43
N GLU H 495 54.39 -8.27 -77.79
CA GLU H 495 54.90 -6.94 -78.11
C GLU H 495 55.02 -6.13 -76.83
N LYS H 496 55.43 -4.88 -76.97
CA LYS H 496 55.55 -3.95 -75.85
C LYS H 496 54.61 -2.78 -76.06
N VAL H 497 53.98 -2.34 -74.96
CA VAL H 497 53.00 -1.27 -75.00
C VAL H 497 53.34 -0.26 -73.91
N SER H 498 53.08 1.02 -74.20
CA SER H 498 53.34 2.09 -73.27
C SER H 498 52.12 2.34 -72.38
N ILE H 499 52.34 3.06 -71.28
CA ILE H 499 51.31 3.34 -70.30
C ILE H 499 51.30 4.84 -70.02
N THR H 500 50.16 5.31 -69.51
CA THR H 500 50.00 6.72 -69.16
C THR H 500 49.57 6.87 -67.71
N LYS H 501 49.21 8.10 -67.31
CA LYS H 501 48.87 8.35 -65.92
C LYS H 501 47.64 7.57 -65.49
N ASN H 502 46.60 7.54 -66.34
CA ASN H 502 45.33 6.96 -65.98
C ASN H 502 45.27 5.44 -66.18
N LEU H 503 46.43 4.77 -66.20
CA LEU H 503 46.48 3.31 -66.31
C LEU H 503 45.73 2.81 -67.54
N SER H 504 45.91 3.51 -68.65
CA SER H 504 45.31 3.13 -69.92
C SER H 504 46.40 2.75 -70.91
N LEU H 505 46.26 1.58 -71.50
CA LEU H 505 47.24 1.09 -72.47
C LEU H 505 47.02 1.78 -73.81
N ILE H 506 48.11 2.31 -74.38
CA ILE H 506 48.07 3.00 -75.68
C ILE H 506 49.15 2.38 -76.56
N LYS H 507 48.78 1.99 -77.76
CA LYS H 507 49.69 1.32 -78.67
C LYS H 507 50.74 2.30 -79.19
N ARG H 508 51.61 1.82 -80.07
CA ARG H 508 52.67 2.66 -80.60
C ARG H 508 52.11 3.86 -81.35
N THR H 509 51.09 3.64 -82.18
CA THR H 509 50.49 4.73 -82.93
C THR H 509 49.60 5.61 -82.06
N GLY H 510 49.22 5.14 -80.87
CA GLY H 510 48.46 5.93 -79.93
C GLY H 510 47.05 5.44 -79.66
N GLU H 511 46.57 4.38 -80.32
CA GLU H 511 45.23 3.90 -80.05
C GLU H 511 45.17 3.23 -78.69
N VAL H 512 44.03 3.38 -78.01
CA VAL H 512 43.85 2.79 -76.69
C VAL H 512 43.46 1.33 -76.86
N ILE H 513 44.18 0.44 -76.19
CA ILE H 513 43.95 -1.00 -76.32
C ILE H 513 43.30 -1.58 -75.07
N MET H 514 43.60 -1.07 -73.88
CA MET H 514 43.03 -1.60 -72.65
C MET H 514 42.93 -0.47 -71.64
N GLY H 515 41.71 -0.15 -71.21
CA GLY H 515 41.50 0.89 -70.23
C GLY H 515 41.47 0.36 -68.81
N ALA H 516 41.34 1.30 -67.87
CA ALA H 516 41.27 0.95 -66.46
C ALA H 516 39.88 0.48 -66.03
N ASN H 517 38.88 0.62 -66.89
CA ASN H 517 37.51 0.20 -66.58
C ASN H 517 37.20 -1.21 -67.08
N ASP H 518 38.14 -1.87 -67.74
CA ASP H 518 37.94 -3.22 -68.24
C ASP H 518 38.27 -4.28 -67.20
N VAL H 519 38.65 -3.89 -65.99
CA VAL H 519 39.02 -4.84 -64.95
C VAL H 519 37.76 -5.45 -64.37
N SER H 520 37.62 -6.76 -64.48
CA SER H 520 36.44 -7.43 -63.94
C SER H 520 36.37 -7.21 -62.44
N GLU H 521 35.17 -6.91 -61.95
CA GLU H 521 34.95 -6.66 -60.53
C GLU H 521 34.71 -7.94 -59.74
N LEU H 522 35.07 -9.10 -60.30
CA LEU H 522 34.84 -10.37 -59.62
C LEU H 522 35.83 -10.55 -58.47
N GLU H 523 35.43 -10.14 -57.27
CA GLU H 523 36.29 -10.30 -56.11
C GLU H 523 36.39 -11.76 -55.72
N SER H 524 37.56 -12.17 -55.24
CA SER H 524 37.78 -13.54 -54.81
C SER H 524 38.97 -13.56 -53.86
N GLN H 525 39.15 -14.70 -53.19
CA GLN H 525 40.23 -14.89 -52.24
C GLN H 525 41.32 -15.77 -52.87
N ALA H 526 42.55 -15.29 -52.82
CA ALA H 526 43.66 -16.03 -53.41
C ALA H 526 43.86 -17.36 -52.70
N GLN H 527 44.20 -18.38 -53.46
CA GLN H 527 44.45 -19.71 -52.89
C GLN H 527 45.75 -19.79 -52.13
N LEU H 528 46.60 -18.77 -52.21
CA LEU H 528 47.88 -18.74 -51.52
C LEU H 528 47.98 -17.48 -50.67
N MET H 529 48.65 -17.61 -49.53
CA MET H 529 48.77 -16.52 -48.56
C MET H 529 49.76 -15.49 -49.10
N ILE H 530 49.25 -14.63 -49.96
CA ILE H 530 50.09 -13.57 -50.54
C ILE H 530 50.47 -12.58 -49.44
N THR H 531 51.63 -11.95 -49.61
CA THR H 531 52.12 -10.95 -48.66
C THR H 531 52.52 -9.69 -49.40
N TYR H 532 52.34 -8.54 -48.76
CA TYR H 532 52.74 -7.25 -49.29
C TYR H 532 53.52 -6.48 -48.23
N ASP H 533 54.36 -5.56 -48.69
CA ASP H 533 55.21 -4.77 -47.80
C ASP H 533 54.80 -3.31 -47.71
N THR H 534 54.31 -2.73 -48.81
CA THR H 534 53.99 -1.31 -48.80
C THR H 534 52.89 -1.02 -47.79
N PRO H 535 53.01 0.05 -47.00
CA PRO H 535 51.94 0.39 -46.06
C PRO H 535 50.79 1.18 -46.68
N LYS H 536 50.98 1.72 -47.89
CA LYS H 536 49.95 2.53 -48.52
C LYS H 536 48.65 1.74 -48.75
N MET H 537 48.73 0.42 -48.83
CA MET H 537 47.59 -0.42 -49.15
C MET H 537 47.11 -1.23 -47.95
N TRP H 538 47.69 -1.01 -46.77
CA TRP H 538 47.25 -1.72 -45.58
C TRP H 538 45.77 -1.50 -45.31
N GLU H 539 45.20 -0.40 -45.80
CA GLU H 539 43.81 -0.09 -45.53
C GLU H 539 42.89 -1.18 -46.04
N MET H 540 43.32 -1.96 -47.05
CA MET H 540 42.48 -3.02 -47.57
C MET H 540 42.16 -4.05 -46.49
N GLY H 541 43.12 -4.34 -45.62
CA GLY H 541 42.88 -5.28 -44.54
C GLY H 541 41.99 -4.68 -43.46
N THR H 542 41.59 -5.55 -42.54
CA THR H 542 40.71 -5.13 -41.46
C THR H 542 41.45 -4.20 -40.50
N THR H 543 40.67 -3.55 -39.63
CA THR H 543 41.24 -2.53 -38.74
C THR H 543 42.29 -3.15 -37.81
N LYS H 544 42.00 -4.31 -37.24
CA LYS H 544 42.94 -4.94 -36.32
C LYS H 544 44.25 -5.27 -37.04
N GLU H 545 44.16 -5.79 -38.27
CA GLU H 545 45.38 -6.09 -39.03
C GLU H 545 46.16 -4.82 -39.34
N LEU H 546 45.45 -3.74 -39.67
CA LEU H 546 46.13 -2.47 -39.92
C LEU H 546 46.86 -1.99 -38.67
N VAL H 547 46.21 -2.08 -37.51
CA VAL H 547 46.84 -1.66 -36.26
C VAL H 547 48.06 -2.52 -35.98
N GLN H 548 47.93 -3.83 -36.16
CA GLN H 548 49.06 -4.73 -35.91
C GLN H 548 50.23 -4.38 -36.83
N ASN H 549 49.95 -4.15 -38.11
CA ASN H 549 51.02 -3.86 -39.05
C ASN H 549 51.69 -2.54 -38.73
N THR H 550 50.91 -1.49 -38.46
CA THR H 550 51.51 -0.20 -38.17
C THR H 550 52.33 -0.24 -36.88
N TYR H 551 51.84 -0.94 -35.85
CA TYR H 551 52.61 -1.01 -34.62
C TYR H 551 53.85 -1.87 -34.78
N GLN H 552 53.79 -2.93 -35.59
CA GLN H 552 55.00 -3.69 -35.90
C GLN H 552 56.01 -2.80 -36.61
N TRP H 553 55.56 -2.00 -37.57
CA TRP H 553 56.47 -1.10 -38.27
C TRP H 553 57.09 -0.09 -37.32
N VAL H 554 56.27 0.47 -36.42
CA VAL H 554 56.78 1.43 -35.45
C VAL H 554 57.83 0.77 -34.55
N LEU H 555 57.53 -0.44 -34.07
CA LEU H 555 58.42 -1.10 -33.13
C LEU H 555 59.74 -1.48 -33.79
N LYS H 556 59.69 -2.04 -34.99
CA LYS H 556 60.91 -2.56 -35.61
C LYS H 556 61.94 -1.46 -35.83
N ASN H 557 61.49 -0.30 -36.31
CA ASN H 557 62.38 0.85 -36.51
C ASN H 557 62.32 1.82 -35.36
N LEU H 558 62.01 1.34 -34.15
CA LEU H 558 61.81 2.24 -33.01
C LEU H 558 63.04 3.11 -32.76
N VAL H 559 64.23 2.61 -33.05
CA VAL H 559 65.44 3.38 -32.79
C VAL H 559 65.44 4.66 -33.62
N THR H 560 65.12 4.54 -34.91
CA THR H 560 65.09 5.72 -35.77
C THR H 560 64.01 6.69 -35.33
N LEU H 561 62.84 6.19 -34.93
CA LEU H 561 61.78 7.07 -34.46
C LEU H 561 62.21 7.83 -33.23
N LYS H 562 62.84 7.15 -32.27
CA LYS H 562 63.32 7.84 -31.08
C LYS H 562 64.38 8.88 -31.43
N ALA H 563 65.30 8.52 -32.33
CA ALA H 563 66.36 9.46 -32.69
C ALA H 563 65.79 10.72 -33.33
N GLN H 564 64.81 10.55 -34.22
CA GLN H 564 64.21 11.73 -34.86
C GLN H 564 63.36 12.52 -33.88
N PHE H 565 62.66 11.82 -32.98
CA PHE H 565 61.84 12.51 -32.00
C PHE H 565 62.68 13.38 -31.08
N LEU H 566 63.84 12.86 -30.65
CA LEU H 566 64.72 13.66 -29.79
C LEU H 566 65.18 14.93 -30.48
N LEU H 567 65.17 14.97 -31.81
CA LEU H 567 65.56 16.18 -32.52
C LEU H 567 64.49 17.26 -32.41
N GLY H 568 63.23 16.87 -32.34
CA GLY H 568 62.15 17.82 -32.13
C GLY H 568 61.54 18.41 -33.38
N LYS H 569 61.83 17.85 -34.55
CA LYS H 569 61.23 18.34 -35.79
C LYS H 569 59.83 17.74 -35.93
N GLU H 570 59.24 17.88 -37.13
CA GLU H 570 57.89 17.40 -37.39
C GLU H 570 57.83 16.40 -38.53
N ASP H 571 58.97 16.00 -39.08
CA ASP H 571 58.97 15.08 -40.22
C ASP H 571 58.66 13.64 -39.81
N MET H 572 58.63 13.32 -38.53
CA MET H 572 58.47 11.94 -38.08
C MET H 572 57.02 11.55 -37.81
N PHE H 573 56.07 12.47 -38.00
CA PHE H 573 54.65 12.15 -37.87
C PHE H 573 53.97 11.98 -39.23
N GLN H 574 54.75 11.94 -40.31
CA GLN H 574 54.20 11.86 -41.66
C GLN H 574 54.68 10.61 -42.40
N TRP H 575 55.14 9.59 -41.68
CA TRP H 575 55.56 8.36 -42.33
C TRP H 575 54.37 7.68 -42.99
N ASP H 576 54.67 6.94 -44.07
CA ASP H 576 53.60 6.27 -44.82
C ASP H 576 52.75 5.40 -43.91
N ALA H 577 53.37 4.76 -42.92
CA ALA H 577 52.60 3.91 -42.01
C ALA H 577 51.56 4.71 -41.26
N PHE H 578 51.92 5.92 -40.82
CA PHE H 578 50.96 6.75 -40.10
C PHE H 578 49.82 7.21 -41.03
N GLU H 579 50.14 7.50 -42.29
CA GLU H 579 49.08 7.85 -43.23
C GLU H 579 48.13 6.68 -43.44
N ALA H 580 48.66 5.46 -43.52
CA ALA H 580 47.80 4.29 -43.63
C ALA H 580 46.95 4.11 -42.38
N PHE H 581 47.54 4.37 -41.20
CA PHE H 581 46.82 4.16 -39.95
C PHE H 581 45.72 5.20 -39.75
N GLU H 582 45.92 6.42 -40.26
CA GLU H 582 44.94 7.48 -40.06
C GLU H 582 43.57 7.10 -40.58
N SER H 583 43.50 6.22 -41.58
CA SER H 583 42.22 5.93 -42.22
C SER H 583 41.20 5.39 -41.22
N ILE H 584 41.63 4.52 -40.30
CA ILE H 584 40.71 3.91 -39.35
C ILE H 584 40.34 4.84 -38.20
N ILE H 585 40.89 6.04 -38.16
CA ILE H 585 40.55 7.01 -37.11
C ILE H 585 39.32 7.81 -37.55
N PRO H 586 38.29 7.92 -36.72
CA PRO H 586 37.12 8.72 -37.13
C PRO H 586 37.50 10.15 -37.46
N GLN H 587 36.88 10.68 -38.51
CA GLN H 587 37.25 12.02 -39.00
C GLN H 587 36.98 13.08 -37.94
N LYS H 588 35.84 13.00 -37.26
CA LYS H 588 35.46 14.07 -36.33
C LYS H 588 36.47 14.20 -35.20
N MET H 589 36.91 13.09 -34.63
CA MET H 589 37.81 13.10 -33.49
C MET H 589 39.28 12.99 -33.87
N ALA H 590 39.59 12.92 -35.17
CA ALA H 590 40.99 12.76 -35.57
C ALA H 590 41.83 13.95 -35.14
N GLY H 591 41.31 15.17 -35.32
CA GLY H 591 42.06 16.35 -34.93
C GLY H 591 42.34 16.38 -33.44
N GLN H 592 41.33 16.08 -32.62
CA GLN H 592 41.55 16.07 -31.18
C GLN H 592 42.53 14.98 -30.78
N TYR H 593 42.41 13.79 -31.39
CA TYR H 593 43.36 12.72 -31.09
C TYR H 593 44.78 13.17 -31.38
N SER H 594 45.00 13.74 -32.56
CA SER H 594 46.35 14.16 -32.93
C SER H 594 46.86 15.27 -32.01
N GLY H 595 46.00 16.25 -31.69
CA GLY H 595 46.42 17.32 -30.81
C GLY H 595 46.82 16.80 -29.44
N PHE H 596 45.99 15.93 -28.87
CA PHE H 596 46.29 15.36 -27.56
C PHE H 596 47.57 14.54 -27.60
N ALA H 597 47.75 13.72 -28.63
CA ALA H 597 48.96 12.90 -28.74
C ALA H 597 50.20 13.77 -28.85
N ARG H 598 50.14 14.82 -29.68
CA ARG H 598 51.29 15.72 -29.81
C ARG H 598 51.58 16.41 -28.49
N ALA H 599 50.54 16.88 -27.80
CA ALA H 599 50.75 17.57 -26.53
C ALA H 599 51.39 16.65 -25.50
N VAL H 600 50.89 15.42 -25.40
CA VAL H 600 51.42 14.51 -24.39
C VAL H 600 52.85 14.10 -24.73
N LEU H 601 53.14 13.87 -26.01
CA LEU H 601 54.50 13.54 -26.40
C LEU H 601 55.45 14.69 -26.12
N LYS H 602 55.02 15.93 -26.43
CA LYS H 602 55.86 17.08 -26.15
C LYS H 602 56.12 17.23 -24.65
N GLN H 603 55.07 17.05 -23.84
CA GLN H 603 55.25 17.14 -22.39
C GLN H 603 56.20 16.05 -21.90
N MET H 604 56.08 14.84 -22.42
CA MET H 604 56.99 13.77 -22.03
C MET H 604 58.43 14.11 -22.41
N ARG H 605 58.62 14.65 -23.62
CA ARG H 605 59.97 14.99 -24.06
C ARG H 605 60.57 16.10 -23.21
N ASP H 606 59.80 17.15 -22.91
CA ASP H 606 60.33 18.27 -22.17
C ASP H 606 60.88 17.83 -20.82
N GLN H 607 60.01 17.32 -19.95
CA GLN H 607 60.42 16.77 -18.67
C GLN H 607 60.61 15.27 -18.83
N GLU H 608 61.82 14.79 -18.55
CA GLU H 608 62.20 13.43 -18.92
C GLU H 608 61.40 12.44 -18.09
N VAL H 609 60.33 11.91 -18.68
CA VAL H 609 59.61 10.78 -18.13
C VAL H 609 59.37 9.79 -19.26
N MET H 610 60.23 9.83 -20.27
CA MET H 610 60.06 9.06 -21.49
C MET H 610 59.70 7.61 -21.17
N LYS H 611 58.51 7.19 -21.58
CA LYS H 611 58.01 5.84 -21.38
C LYS H 611 57.81 5.19 -22.73
N THR H 612 58.44 4.04 -22.94
CA THR H 612 58.38 3.38 -24.24
C THR H 612 56.96 2.98 -24.58
N ASP H 613 56.23 2.42 -23.62
CA ASP H 613 54.88 1.94 -23.88
C ASP H 613 53.97 3.06 -24.36
N GLN H 614 53.97 4.19 -23.63
CA GLN H 614 53.12 5.31 -24.02
C GLN H 614 53.55 5.89 -25.35
N PHE H 615 54.86 6.00 -25.58
CA PHE H 615 55.35 6.52 -26.84
C PHE H 615 54.84 5.67 -28.01
N ILE H 616 55.03 4.36 -27.92
CA ILE H 616 54.56 3.48 -29.00
C ILE H 616 53.05 3.58 -29.16
N LYS H 617 52.33 3.60 -28.04
CA LYS H 617 50.87 3.61 -28.11
C LYS H 617 50.35 4.87 -28.80
N LEU H 618 50.92 6.03 -28.48
CA LEU H 618 50.37 7.31 -28.92
C LEU H 618 51.10 7.92 -30.10
N LEU H 619 52.15 7.29 -30.63
CA LEU H 619 52.82 7.84 -31.80
C LEU H 619 51.92 7.87 -33.03
N PRO H 620 51.22 6.79 -33.41
CA PRO H 620 50.50 6.81 -34.69
C PRO H 620 49.44 7.90 -34.78
N PHE H 621 48.83 8.28 -33.67
CA PHE H 621 47.74 9.25 -33.69
C PHE H 621 48.20 10.67 -33.99
N CYS H 622 49.51 10.93 -34.02
CA CYS H 622 50.03 12.28 -34.11
C CYS H 622 49.97 12.88 -35.51
N PHE H 623 49.60 12.10 -36.52
CA PHE H 623 49.60 12.58 -37.90
C PHE H 623 48.69 13.80 -38.02
N SER H 624 47.38 13.58 -37.86
CA SER H 624 46.38 14.55 -38.28
C SER H 624 46.70 15.93 -37.74
N PRO H 625 46.32 17.00 -38.44
CA PRO H 625 46.64 18.35 -37.97
C PRO H 625 46.05 18.59 -36.60
N PRO H 626 46.75 19.30 -35.72
CA PRO H 626 46.22 19.54 -34.37
C PRO H 626 44.93 20.35 -34.43
N LYS H 627 44.02 20.03 -33.50
CA LYS H 627 42.76 20.74 -33.35
C LYS H 627 42.62 21.07 -31.86
N LEU H 628 43.04 22.27 -31.50
CA LEU H 628 42.99 22.71 -30.11
C LEU H 628 41.66 23.41 -29.82
N ARG H 629 41.38 23.61 -28.53
CA ARG H 629 40.18 24.28 -28.10
C ARG H 629 40.32 25.80 -28.26
N SER H 630 39.20 26.50 -28.08
CA SER H 630 39.24 27.96 -28.15
C SER H 630 40.18 28.54 -27.12
N ASN H 631 40.35 27.86 -25.98
CA ASN H 631 41.28 28.31 -24.96
C ASN H 631 42.74 28.12 -25.38
N GLY H 632 43.00 27.44 -26.48
CA GLY H 632 44.36 27.15 -26.89
C GLY H 632 44.98 25.97 -26.17
N GLU H 633 44.20 25.24 -25.37
CA GLU H 633 44.70 24.08 -24.64
C GLU H 633 44.27 22.79 -25.33
N PRO H 634 45.15 21.80 -25.41
CA PRO H 634 44.79 20.55 -26.10
C PRO H 634 43.67 19.82 -25.38
N TYR H 635 42.86 19.09 -26.16
CA TYR H 635 41.80 18.30 -25.59
C TYR H 635 42.37 17.25 -24.64
N GLN H 636 41.48 16.62 -23.89
CA GLN H 636 41.82 15.53 -22.98
C GLN H 636 40.93 14.34 -23.27
N PHE H 637 41.49 13.14 -23.15
CA PHE H 637 40.78 11.90 -23.43
C PHE H 637 41.16 10.85 -22.42
N LEU H 638 40.27 9.87 -22.25
CA LEU H 638 40.56 8.66 -21.48
C LEU H 638 40.90 7.47 -22.35
N LYS H 639 40.17 7.29 -23.46
CA LYS H 639 40.47 6.24 -24.42
C LYS H 639 40.13 6.74 -25.80
N LEU H 640 40.96 6.37 -26.78
CA LEU H 640 40.79 6.80 -28.16
C LEU H 640 40.12 5.69 -28.95
N VAL H 641 38.93 5.97 -29.47
CA VAL H 641 38.15 4.97 -30.20
C VAL H 641 38.54 5.01 -31.67
N LEU H 642 38.53 3.85 -32.30
CA LEU H 642 38.82 3.70 -33.72
C LEU H 642 37.59 3.18 -34.45
N LYS H 643 37.68 3.09 -35.77
CA LYS H 643 36.56 2.65 -36.57
C LYS H 643 36.23 1.18 -36.26
N GLY H 644 34.96 0.83 -36.46
CA GLY H 644 34.46 -0.48 -36.10
C GLY H 644 33.83 -0.56 -34.73
N GLY H 645 34.04 0.44 -33.89
CA GLY H 645 33.41 0.48 -32.58
C GLY H 645 33.77 -0.68 -31.69
N GLY H 646 33.28 -0.65 -30.46
CA GLY H 646 33.50 -1.76 -29.56
C GLY H 646 34.98 -1.96 -29.27
N GLU H 647 35.47 -3.18 -29.53
CA GLU H 647 36.83 -3.54 -29.14
C GLU H 647 37.85 -2.57 -29.73
N ASN H 648 37.55 -1.97 -30.87
CA ASN H 648 38.53 -1.13 -31.56
C ASN H 648 38.73 0.19 -30.82
N PHE H 649 39.42 0.12 -29.69
CA PHE H 649 39.73 1.31 -28.89
C PHE H 649 41.05 1.09 -28.18
N ILE H 650 41.82 2.17 -28.04
CA ILE H 650 43.11 2.14 -27.37
C ILE H 650 42.97 2.92 -26.07
N GLU H 651 43.24 2.25 -24.95
CA GLU H 651 43.15 2.88 -23.64
C GLU H 651 44.39 3.72 -23.39
N VAL H 652 44.20 4.96 -22.94
CA VAL H 652 45.31 5.87 -22.72
C VAL H 652 46.02 5.65 -21.39
N ARG H 653 45.41 4.91 -20.47
CA ARG H 653 45.92 4.80 -19.11
C ARG H 653 46.32 3.39 -18.72
N LYS H 654 45.48 2.39 -18.98
CA LYS H 654 45.72 1.04 -18.49
C LYS H 654 46.10 0.07 -19.61
N GLY H 655 45.27 -0.06 -20.62
CA GLY H 655 45.51 -1.02 -21.69
C GLY H 655 44.20 -1.46 -22.31
N SER H 656 44.29 -1.85 -23.58
CA SER H 656 43.14 -2.23 -24.39
C SER H 656 43.44 -3.55 -25.08
N PRO H 657 42.40 -4.26 -25.53
CA PRO H 657 42.66 -5.51 -26.27
C PRO H 657 43.59 -5.31 -27.46
N LEU H 658 43.56 -4.14 -28.09
CA LEU H 658 44.46 -3.86 -29.21
C LEU H 658 45.86 -3.49 -28.77
N PHE H 659 46.07 -3.19 -27.50
CA PHE H 659 47.39 -2.75 -27.03
C PHE H 659 47.46 -2.92 -25.52
N SER H 660 48.45 -3.67 -25.05
CA SER H 660 48.65 -3.89 -23.63
C SER H 660 50.13 -4.06 -23.36
N TYR H 661 50.53 -3.77 -22.13
CA TYR H 661 51.94 -3.84 -21.73
C TYR H 661 52.05 -4.54 -20.38
N ASN H 662 53.01 -5.46 -20.28
CA ASN H 662 53.30 -6.16 -19.03
C ASN H 662 54.72 -5.80 -18.61
N PRO H 663 54.91 -4.86 -17.68
CA PRO H 663 56.27 -4.48 -17.29
C PRO H 663 56.98 -5.54 -16.45
N GLN H 664 56.25 -6.42 -15.79
CA GLN H 664 56.91 -7.45 -14.99
C GLN H 664 57.78 -8.34 -15.86
N THR H 665 57.24 -8.76 -17.02
CA THR H 665 58.01 -9.51 -18.01
C THR H 665 58.42 -8.64 -19.19
N GLU H 666 57.98 -7.38 -19.24
CA GLU H 666 58.29 -6.48 -20.34
C GLU H 666 57.85 -7.08 -21.67
N VAL H 667 56.54 -7.33 -21.78
CA VAL H 667 55.95 -7.98 -22.93
C VAL H 667 54.86 -7.06 -23.49
N LEU H 668 54.90 -6.85 -24.80
CA LEU H 668 53.94 -6.01 -25.50
C LEU H 668 52.94 -6.89 -26.23
N THR H 669 51.65 -6.66 -25.99
CA THR H 669 50.58 -7.43 -26.60
C THR H 669 49.81 -6.52 -27.56
N ILE H 670 49.86 -6.86 -28.85
CA ILE H 670 49.17 -6.12 -29.89
C ILE H 670 48.21 -7.07 -30.57
N CYS H 671 46.90 -6.81 -30.44
CA CYS H 671 45.87 -7.60 -31.10
C CYS H 671 46.05 -9.09 -30.83
N GLY H 672 46.38 -9.42 -29.58
CA GLY H 672 46.52 -10.81 -29.19
C GLY H 672 47.84 -11.46 -29.53
N ARG H 673 48.80 -10.71 -30.06
CA ARG H 673 50.13 -11.22 -30.38
C ARG H 673 51.13 -10.65 -29.40
N MET H 674 52.01 -11.51 -28.88
CA MET H 674 52.93 -11.13 -27.81
C MET H 674 54.35 -10.99 -28.36
N MET H 675 55.04 -9.95 -27.90
CA MET H 675 56.41 -9.69 -28.29
C MET H 675 57.20 -9.25 -27.08
N SER H 676 58.52 -9.39 -27.17
CA SER H 676 59.43 -8.98 -26.11
C SER H 676 60.17 -7.72 -26.53
N LEU H 677 60.24 -6.75 -25.60
CA LEU H 677 60.84 -5.46 -25.87
C LEU H 677 62.19 -5.30 -25.18
N LYS H 678 62.89 -6.40 -24.92
CA LYS H 678 64.18 -6.32 -24.25
C LYS H 678 65.15 -5.46 -25.06
N GLY H 679 65.91 -4.62 -24.35
CA GLY H 679 66.85 -3.71 -24.96
C GLY H 679 66.28 -2.37 -25.35
N LYS H 680 64.96 -2.24 -25.43
CA LYS H 680 64.30 -0.98 -25.75
C LYS H 680 63.69 -0.33 -24.51
N ILE H 681 64.05 -0.79 -23.32
CA ILE H 681 63.44 -0.32 -22.07
C ILE H 681 64.56 0.08 -21.11
N GLU H 682 64.43 1.25 -20.51
CA GLU H 682 65.40 1.75 -19.55
C GLU H 682 65.08 1.25 -18.15
N ASP H 683 66.11 1.16 -17.31
CA ASP H 683 65.92 0.71 -15.93
C ASP H 683 64.98 1.65 -15.18
N GLU H 684 65.20 2.96 -15.32
CA GLU H 684 64.39 3.94 -14.61
C GLU H 684 62.99 4.12 -15.22
N GLU H 685 62.73 3.48 -16.36
CA GLU H 685 61.41 3.63 -16.98
C GLU H 685 60.31 3.11 -16.07
N ARG H 686 60.54 1.97 -15.40
CA ARG H 686 59.50 1.38 -14.56
C ARG H 686 59.13 2.30 -13.40
N ASN H 687 60.12 2.96 -12.79
CA ASN H 687 59.85 3.76 -11.60
C ASN H 687 58.85 4.86 -11.90
N ARG H 688 59.06 5.59 -13.00
CA ARG H 688 58.09 6.60 -13.46
C ARG H 688 56.94 5.85 -14.13
N SER H 689 56.05 5.33 -13.29
CA SER H 689 55.16 4.25 -13.73
C SER H 689 54.22 4.64 -14.86
N MET H 690 53.21 5.47 -14.58
CA MET H 690 52.28 5.89 -15.63
C MET H 690 51.85 7.35 -15.55
N GLY H 691 51.92 8.00 -14.39
CA GLY H 691 51.12 9.20 -14.16
C GLY H 691 51.56 10.44 -14.92
N ASN H 692 52.76 10.42 -15.50
CA ASN H 692 53.26 11.59 -16.20
C ASN H 692 52.97 11.57 -17.69
N ALA H 693 52.28 10.55 -18.19
CA ALA H 693 52.02 10.40 -19.62
C ALA H 693 50.58 9.96 -19.85
N VAL H 694 49.64 10.60 -19.15
CA VAL H 694 48.22 10.31 -19.33
C VAL H 694 47.37 11.55 -19.59
N LEU H 695 47.87 12.75 -19.30
CA LEU H 695 47.12 13.97 -19.52
C LEU H 695 48.08 15.06 -19.98
N ALA H 696 47.53 16.06 -20.67
CA ALA H 696 48.32 17.17 -21.17
C ALA H 696 48.42 18.25 -20.10
N GLY H 697 49.65 18.64 -19.77
CA GLY H 697 49.86 19.68 -18.78
C GLY H 697 49.73 19.23 -17.35
N PHE H 698 49.76 17.92 -17.08
CA PHE H 698 49.61 17.39 -15.73
C PHE H 698 50.79 16.49 -15.42
N LEU H 699 51.24 16.52 -14.17
CA LEU H 699 52.35 15.68 -13.71
C LEU H 699 52.07 15.20 -12.30
N VAL H 700 52.69 14.07 -11.95
CA VAL H 700 52.45 13.44 -10.66
C VAL H 700 53.17 14.21 -9.57
N SER H 701 52.54 14.32 -8.40
CA SER H 701 53.15 14.98 -7.26
C SER H 701 52.97 14.24 -5.95
N GLY H 702 52.07 13.26 -5.85
CA GLY H 702 51.85 12.56 -4.61
C GLY H 702 51.14 11.24 -4.76
N LYS H 703 50.22 10.93 -3.84
CA LYS H 703 49.53 9.65 -3.84
C LYS H 703 48.08 9.89 -3.46
N TYR H 704 47.34 8.79 -3.31
CA TYR H 704 45.91 8.88 -2.99
C TYR H 704 45.70 9.53 -1.63
N ASP H 705 44.93 10.62 -1.61
CA ASP H 705 44.59 11.35 -0.39
C ASP H 705 43.08 11.50 -0.33
N PRO H 706 42.37 10.56 0.33
CA PRO H 706 40.91 10.67 0.41
C PRO H 706 40.43 12.06 0.84
N ASP H 707 41.26 12.79 1.59
CA ASP H 707 40.85 14.10 2.05
C ASP H 707 40.59 15.06 0.89
N LEU H 708 41.45 15.03 -0.13
CA LEU H 708 41.24 15.90 -1.28
C LEU H 708 39.94 15.59 -2.00
N GLY H 709 39.40 14.38 -1.85
CA GLY H 709 38.16 14.00 -2.47
C GLY H 709 38.32 12.78 -3.36
N ASP H 710 37.22 12.44 -4.03
CA ASP H 710 37.21 11.30 -4.93
C ASP H 710 37.88 11.66 -6.25
N PHE H 711 37.96 10.70 -7.15
CA PHE H 711 38.62 10.91 -8.43
C PHE H 711 37.84 11.92 -9.27
N LYS H 712 38.58 12.74 -10.01
CA LYS H 712 37.99 13.84 -10.77
C LYS H 712 37.88 13.44 -12.23
N THR H 713 36.70 13.66 -12.81
CA THR H 713 36.47 13.32 -14.21
C THR H 713 37.20 14.30 -15.13
N ILE H 714 37.28 13.91 -16.41
CA ILE H 714 37.96 14.75 -17.39
C ILE H 714 37.27 16.10 -17.49
N GLU H 715 35.96 16.15 -17.23
CA GLU H 715 35.25 17.42 -17.31
C GLU H 715 35.81 18.43 -16.32
N GLU H 716 36.11 17.99 -15.09
CA GLU H 716 36.70 18.89 -14.11
C GLU H 716 38.17 19.14 -14.39
N LEU H 717 38.89 18.15 -14.92
CA LEU H 717 40.29 18.35 -15.25
C LEU H 717 40.45 19.44 -16.30
N GLU H 718 39.60 19.42 -17.33
CA GLU H 718 39.74 20.38 -18.42
C GLU H 718 39.47 21.81 -17.95
N LYS H 719 38.55 21.99 -17.01
CA LYS H 719 38.22 23.33 -16.51
C LYS H 719 39.09 23.74 -15.34
N LEU H 720 40.09 22.95 -14.97
CA LEU H 720 40.93 23.27 -13.83
C LEU H 720 41.86 24.44 -14.18
N LYS H 721 42.42 25.05 -13.13
CA LYS H 721 43.31 26.19 -13.30
C LYS H 721 44.72 25.83 -12.84
N PRO H 722 45.75 26.48 -13.38
CA PRO H 722 47.12 26.08 -13.06
C PRO H 722 47.43 26.24 -11.58
N GLY H 723 48.28 25.35 -11.08
CA GLY H 723 48.66 25.37 -9.67
C GLY H 723 47.70 24.65 -8.75
N GLU H 724 46.71 23.94 -9.29
CA GLU H 724 45.73 23.21 -8.51
C GLU H 724 45.95 21.71 -8.69
N LYS H 725 45.89 20.99 -7.58
CA LYS H 725 46.19 19.56 -7.55
C LYS H 725 44.91 18.75 -7.52
N ALA H 726 44.89 17.64 -8.25
CA ALA H 726 43.71 16.79 -8.35
C ALA H 726 44.14 15.33 -8.24
N ASN H 727 43.16 14.44 -8.26
CA ASN H 727 43.37 13.00 -8.12
C ASN H 727 42.75 12.29 -9.31
N ILE H 728 43.45 11.29 -9.83
CA ILE H 728 42.97 10.51 -10.97
C ILE H 728 43.19 9.03 -10.67
N LEU H 729 42.60 8.19 -11.52
CA LEU H 729 42.67 6.75 -11.37
C LEU H 729 43.16 6.14 -12.67
N LEU H 730 44.24 5.36 -12.59
CA LEU H 730 44.75 4.67 -13.76
C LEU H 730 43.91 3.43 -14.07
N TYR H 731 43.85 2.48 -13.13
CA TYR H 731 42.94 1.36 -13.20
C TYR H 731 42.58 0.95 -11.78
N GLN H 732 41.73 -0.07 -11.67
CA GLN H 732 41.22 -0.48 -10.37
C GLN H 732 42.34 -0.72 -9.38
N GLY H 733 42.34 0.07 -8.31
CA GLY H 733 43.27 -0.12 -7.22
C GLY H 733 44.59 0.64 -7.33
N LYS H 734 44.78 1.43 -8.38
CA LYS H 734 46.02 2.19 -8.58
C LYS H 734 45.69 3.65 -8.85
N PRO H 735 45.17 4.35 -7.85
CA PRO H 735 44.97 5.80 -7.99
C PRO H 735 46.29 6.54 -7.91
N VAL H 736 46.25 7.82 -8.30
CA VAL H 736 47.42 8.67 -8.28
C VAL H 736 46.97 10.12 -8.12
N LYS H 737 47.91 10.97 -7.69
CA LYS H 737 47.66 12.38 -7.45
C LYS H 737 48.53 13.19 -8.40
N VAL H 738 47.92 14.12 -9.13
CA VAL H 738 48.61 14.88 -10.16
C VAL H 738 48.36 16.37 -9.93
N VAL H 739 49.13 17.18 -10.63
CA VAL H 739 49.06 18.63 -10.51
C VAL H 739 49.21 19.24 -11.90
N LYS H 740 48.41 20.26 -12.18
CA LYS H 740 48.50 20.96 -13.46
C LYS H 740 49.80 21.74 -13.55
N ARG H 741 50.31 21.87 -14.78
CA ARG H 741 51.54 22.61 -15.04
C ARG H 741 51.32 23.55 -16.22
N LYS H 742 51.95 24.72 -16.14
CA LYS H 742 51.83 25.70 -17.22
C LYS H 742 52.48 25.18 -18.50
N ARG H 743 53.65 24.56 -18.38
CA ARG H 743 54.37 24.04 -19.55
C ARG H 743 53.66 22.82 -20.11
N MET I 27 6.68 48.74 -1.47
CA MET I 27 8.05 49.06 -1.96
C MET I 27 8.01 49.41 -3.44
N GLU I 28 8.93 50.26 -3.87
CA GLU I 28 8.93 50.76 -5.24
C GLU I 28 10.38 50.97 -5.69
N MET I 29 10.55 51.09 -7.01
CA MET I 29 11.89 51.31 -7.56
C MET I 29 12.57 52.49 -6.90
N GLY I 30 11.81 53.55 -6.58
CA GLY I 30 12.40 54.69 -5.92
C GLY I 30 13.01 54.35 -4.58
N ARG I 31 12.31 53.53 -3.79
CA ARG I 31 12.84 53.13 -2.49
C ARG I 31 14.15 52.37 -2.64
N ARG I 32 14.20 51.46 -3.61
CA ARG I 32 15.43 50.70 -3.84
C ARG I 32 16.57 51.62 -4.28
N ILE I 33 16.26 52.60 -5.15
CA ILE I 33 17.29 53.54 -5.60
C ILE I 33 17.82 54.33 -4.41
N HIS I 34 16.92 54.82 -3.56
CA HIS I 34 17.35 55.60 -2.40
C HIS I 34 18.20 54.76 -1.46
N LEU I 35 17.78 53.52 -1.20
CA LEU I 35 18.53 52.67 -0.29
C LEU I 35 19.92 52.36 -0.82
N GLU I 36 20.03 52.05 -2.11
CA GLU I 36 21.32 51.71 -2.68
C GLU I 36 22.22 52.93 -2.77
N LEU I 37 21.68 54.04 -3.30
CA LEU I 37 22.46 55.27 -3.38
C LEU I 37 22.60 55.97 -2.04
N ARG I 38 21.71 55.69 -1.09
CA ARG I 38 21.76 56.30 0.24
C ARG I 38 21.72 57.82 0.14
N ASN I 39 20.95 58.33 -0.82
CA ASN I 39 20.77 59.77 -1.03
C ASN I 39 22.12 60.45 -1.30
N ARG I 40 22.76 60.00 -2.39
CA ARG I 40 24.05 60.52 -2.82
C ARG I 40 23.97 60.85 -4.30
N THR I 41 25.10 61.28 -4.87
CA THR I 41 25.13 61.61 -6.28
C THR I 41 24.91 60.36 -7.12
N PRO I 42 24.20 60.47 -8.26
CA PRO I 42 23.99 59.27 -9.08
C PRO I 42 25.27 58.57 -9.50
N SER I 43 26.32 59.34 -9.80
CA SER I 43 27.59 58.77 -10.25
C SER I 43 28.47 58.41 -9.05
N ASP I 44 27.96 57.48 -8.24
CA ASP I 44 28.70 56.96 -7.09
C ASP I 44 28.66 55.46 -6.96
N VAL I 45 27.76 54.77 -7.66
CA VAL I 45 27.65 53.32 -7.61
C VAL I 45 27.66 52.77 -9.03
N LYS I 46 28.40 51.69 -9.24
CA LYS I 46 28.50 51.06 -10.56
C LYS I 46 27.61 49.83 -10.68
N GLU I 47 26.69 49.63 -9.73
CA GLU I 47 25.80 48.47 -9.78
C GLU I 47 24.46 48.87 -9.18
N LEU I 48 23.43 48.09 -9.53
CA LEU I 48 22.08 48.30 -9.03
C LEU I 48 21.43 46.96 -8.74
N VAL I 49 20.49 46.96 -7.79
CA VAL I 49 19.73 45.76 -7.44
C VAL I 49 18.27 46.20 -7.39
N LEU I 50 17.56 46.02 -8.50
CA LEU I 50 16.13 46.31 -8.58
C LEU I 50 15.38 44.98 -8.60
N ASP I 51 15.14 44.43 -7.42
CA ASP I 51 14.50 43.14 -7.28
C ASP I 51 13.25 43.25 -6.41
N ASN I 52 12.25 42.45 -6.74
CA ASN I 52 10.98 42.43 -6.00
C ASN I 52 10.37 43.82 -5.93
N SER I 53 10.44 44.55 -7.04
CA SER I 53 9.94 45.91 -7.14
C SER I 53 8.78 45.96 -8.11
N ARG I 54 7.65 46.50 -7.66
CA ARG I 54 6.50 46.69 -8.54
C ARG I 54 6.78 47.83 -9.51
N SER I 55 6.34 47.66 -10.76
CA SER I 55 6.59 48.63 -11.80
C SER I 55 5.28 49.03 -12.48
N ASN I 56 5.24 50.25 -12.98
CA ASN I 56 4.06 50.79 -13.63
C ASN I 56 3.96 50.24 -15.05
N GLU I 57 2.99 49.36 -15.27
CA GLU I 57 2.75 48.77 -16.59
C GLU I 57 3.98 48.02 -17.11
N GLY I 58 4.80 47.52 -16.20
CA GLY I 58 5.97 46.74 -16.59
C GLY I 58 7.07 47.57 -17.22
N LYS I 59 7.69 48.45 -16.44
CA LYS I 59 8.81 49.27 -16.88
C LYS I 59 9.89 49.23 -15.81
N LEU I 60 10.96 50.00 -16.04
CA LEU I 60 12.08 50.08 -15.10
C LEU I 60 12.34 51.54 -14.75
N GLU I 61 11.26 52.26 -14.41
CA GLU I 61 11.40 53.65 -14.00
C GLU I 61 12.22 53.76 -12.72
N GLY I 62 12.51 55.00 -12.34
CA GLY I 62 13.35 55.26 -11.20
C GLY I 62 14.84 55.33 -11.49
N LEU I 63 15.24 55.05 -12.73
CA LEU I 63 16.64 55.12 -13.15
C LEU I 63 16.73 56.22 -14.20
N THR I 64 17.17 57.41 -13.80
CA THR I 64 17.22 58.54 -14.70
C THR I 64 18.35 58.38 -15.72
N ASP I 65 18.21 59.09 -16.83
CA ASP I 65 19.22 59.05 -17.89
C ASP I 65 20.55 59.65 -17.46
N GLU I 66 20.57 60.40 -16.35
CA GLU I 66 21.81 61.04 -15.90
C GLU I 66 22.88 60.04 -15.49
N PHE I 67 22.53 58.77 -15.29
CA PHE I 67 23.53 57.78 -14.93
C PHE I 67 24.60 57.69 -16.02
N GLU I 68 25.87 57.71 -15.60
CA GLU I 68 27.00 57.65 -16.51
C GLU I 68 27.89 56.44 -16.31
N GLU I 69 27.99 55.92 -15.09
CA GLU I 69 28.84 54.78 -14.79
C GLU I 69 27.99 53.67 -14.18
N LEU I 70 28.03 52.50 -14.79
CA LEU I 70 27.31 51.33 -14.30
C LEU I 70 27.96 50.09 -14.90
N GLU I 71 28.13 49.07 -14.07
CA GLU I 71 28.79 47.83 -14.47
C GLU I 71 27.87 46.62 -14.39
N PHE I 72 27.23 46.41 -13.25
CA PHE I 72 26.35 45.27 -13.02
C PHE I 72 24.91 45.74 -12.87
N LEU I 73 23.98 44.90 -13.31
CA LEU I 73 22.55 45.16 -13.20
C LEU I 73 21.86 43.90 -12.69
N SER I 74 20.70 44.10 -12.05
CA SER I 74 19.94 42.98 -11.49
C SER I 74 18.47 43.39 -11.47
N THR I 75 17.65 42.75 -12.29
CA THR I 75 16.22 42.99 -12.34
C THR I 75 15.50 41.65 -12.34
N ILE I 76 14.92 41.27 -11.20
CA ILE I 76 14.23 40.01 -11.04
C ILE I 76 12.87 40.28 -10.40
N ASN I 77 11.84 39.59 -10.90
CA ASN I 77 10.48 39.72 -10.38
C ASN I 77 10.00 41.17 -10.43
N VAL I 78 10.39 41.88 -11.49
CA VAL I 78 9.99 43.26 -11.69
C VAL I 78 8.79 43.39 -12.64
N GLY I 79 8.34 42.29 -13.23
CA GLY I 79 7.22 42.35 -14.15
C GLY I 79 7.49 43.21 -15.38
N LEU I 80 8.73 43.21 -15.85
CA LEU I 80 9.10 44.00 -17.02
C LEU I 80 8.56 43.32 -18.27
N THR I 81 7.77 44.06 -19.05
CA THR I 81 7.14 43.53 -20.25
C THR I 81 7.81 43.96 -21.53
N SER I 82 8.63 45.02 -21.49
CA SER I 82 9.31 45.49 -22.68
C SER I 82 10.56 46.27 -22.26
N ILE I 83 11.48 46.42 -23.22
CA ILE I 83 12.69 47.18 -22.99
C ILE I 83 12.64 48.42 -23.85
N ALA I 84 12.14 49.53 -23.29
CA ALA I 84 12.04 50.78 -24.02
C ALA I 84 12.56 51.98 -23.23
N ASN I 85 12.87 51.82 -21.94
CA ASN I 85 13.37 52.90 -21.10
C ASN I 85 14.66 52.43 -20.44
N LEU I 86 15.79 52.99 -20.87
CA LEU I 86 17.09 52.62 -20.32
C LEU I 86 18.11 53.71 -20.63
N PRO I 87 18.84 54.20 -19.63
CA PRO I 87 19.86 55.22 -19.91
C PRO I 87 20.90 54.72 -20.91
N LYS I 88 21.37 55.63 -21.75
CA LYS I 88 22.48 55.31 -22.65
C LYS I 88 23.75 55.16 -21.84
N LEU I 89 24.49 54.07 -22.09
CA LEU I 89 25.63 53.72 -21.28
C LEU I 89 26.75 53.18 -22.17
N ASN I 90 27.97 53.26 -21.64
CA ASN I 90 29.14 52.76 -22.36
C ASN I 90 30.10 51.99 -21.45
N LYS I 91 29.67 51.63 -20.23
CA LYS I 91 30.52 50.90 -19.30
C LYS I 91 29.88 49.64 -18.74
N LEU I 92 28.58 49.42 -18.95
CA LEU I 92 27.93 48.22 -18.45
C LEU I 92 28.45 46.99 -19.18
N LYS I 93 28.72 45.93 -18.41
CA LYS I 93 29.17 44.66 -18.97
C LYS I 93 28.25 43.49 -18.64
N LYS I 94 27.42 43.60 -17.61
CA LYS I 94 26.51 42.52 -17.22
C LYS I 94 25.12 43.10 -16.97
N LEU I 95 24.09 42.32 -17.29
CA LEU I 95 22.72 42.69 -17.02
C LEU I 95 21.93 41.40 -16.77
N GLU I 96 21.00 41.46 -15.82
CA GLU I 96 20.27 40.28 -15.37
C GLU I 96 18.77 40.56 -15.42
N LEU I 97 18.07 39.81 -16.27
CA LEU I 97 16.60 39.82 -16.34
C LEU I 97 16.10 38.40 -16.16
N SER I 98 15.11 38.23 -15.28
CA SER I 98 14.55 36.91 -15.04
C SER I 98 13.13 37.04 -14.52
N ASP I 99 12.37 35.96 -14.67
CA ASP I 99 10.99 35.88 -14.19
C ASP I 99 10.18 37.10 -14.64
N ASN I 100 10.16 37.31 -15.96
CA ASN I 100 9.44 38.41 -16.56
C ASN I 100 8.70 37.91 -17.80
N ARG I 101 7.65 38.62 -18.15
CA ARG I 101 6.86 38.30 -19.35
C ARG I 101 7.25 39.17 -20.54
N VAL I 102 8.50 39.64 -20.57
CA VAL I 102 8.96 40.48 -21.67
C VAL I 102 9.05 39.64 -22.94
N SER I 103 8.51 40.16 -24.03
CA SER I 103 8.58 39.49 -25.33
C SER I 103 8.62 40.58 -26.40
N GLY I 104 9.83 40.91 -26.85
CA GLY I 104 9.98 41.94 -27.86
C GLY I 104 11.42 42.02 -28.32
N GLY I 105 11.62 42.77 -29.40
CA GLY I 105 12.95 42.93 -29.94
C GLY I 105 13.88 43.60 -28.94
N LEU I 106 15.11 43.07 -28.84
CA LEU I 106 16.14 43.63 -27.97
C LEU I 106 17.15 44.47 -28.72
N GLU I 107 16.87 44.80 -29.98
CA GLU I 107 17.82 45.59 -30.77
C GLU I 107 18.14 46.91 -30.08
N VAL I 108 17.21 47.43 -29.29
CA VAL I 108 17.41 48.74 -28.66
C VAL I 108 18.65 48.76 -27.78
N LEU I 109 19.04 47.58 -27.27
CA LEU I 109 20.23 47.53 -26.43
C LEU I 109 21.47 48.02 -27.18
N ALA I 110 21.55 47.71 -28.48
CA ALA I 110 22.67 48.19 -29.27
C ALA I 110 22.73 49.71 -29.29
N GLU I 111 21.58 50.35 -29.46
CA GLU I 111 21.53 51.81 -29.49
C GLU I 111 21.66 52.41 -28.09
N LYS I 112 21.45 51.62 -27.04
CA LYS I 112 21.52 52.11 -25.67
C LYS I 112 22.83 51.77 -24.97
N CYS I 113 23.34 50.55 -25.16
CA CYS I 113 24.58 50.14 -24.53
C CYS I 113 25.18 48.94 -25.26
N PRO I 114 25.87 49.15 -26.39
CA PRO I 114 26.48 48.05 -27.13
C PRO I 114 27.80 47.55 -26.53
N ASN I 115 27.79 47.34 -25.21
CA ASN I 115 28.98 46.88 -24.50
C ASN I 115 28.65 45.76 -23.52
N LEU I 116 27.60 44.99 -23.81
CA LEU I 116 27.17 43.92 -22.92
C LEU I 116 28.03 42.69 -23.12
N THR I 117 28.40 42.04 -22.02
CA THR I 117 29.17 40.81 -22.05
C THR I 117 28.44 39.63 -21.43
N HIS I 118 27.68 39.86 -20.36
CA HIS I 118 26.88 38.82 -19.72
C HIS I 118 25.40 39.17 -19.87
N LEU I 119 24.64 38.28 -20.49
CA LEU I 119 23.21 38.45 -20.66
C LEU I 119 22.49 37.28 -20.01
N ASN I 120 21.45 37.59 -19.23
CA ASN I 120 20.69 36.58 -18.51
C ASN I 120 19.21 36.83 -18.75
N LEU I 121 18.55 35.90 -19.45
CA LEU I 121 17.12 35.95 -19.70
C LEU I 121 16.40 34.75 -19.09
N SER I 122 17.01 34.11 -18.08
CA SER I 122 16.43 32.91 -17.50
C SER I 122 15.04 33.20 -16.95
N GLY I 123 14.08 32.34 -17.29
CA GLY I 123 12.72 32.49 -16.82
C GLY I 123 11.88 33.46 -17.61
N ASN I 124 12.42 34.10 -18.63
CA ASN I 124 11.65 35.04 -19.43
C ASN I 124 10.70 34.29 -20.35
N LYS I 125 9.87 35.06 -21.06
CA LYS I 125 8.87 34.50 -21.97
C LYS I 125 9.19 34.98 -23.39
N ILE I 126 9.88 34.12 -24.15
CA ILE I 126 10.19 34.38 -25.54
C ILE I 126 9.55 33.29 -26.39
N LYS I 127 8.91 33.69 -27.48
CA LYS I 127 8.11 32.75 -28.26
C LYS I 127 8.96 31.90 -29.19
N ASP I 128 9.66 32.54 -30.13
CA ASP I 128 10.38 31.84 -31.18
C ASP I 128 11.79 32.38 -31.30
N LEU I 129 12.53 31.85 -32.28
CA LEU I 129 13.93 32.23 -32.46
C LEU I 129 14.07 33.69 -32.88
N SER I 130 13.06 34.23 -33.57
CA SER I 130 13.17 35.59 -34.09
C SER I 130 13.39 36.62 -32.98
N THR I 131 12.93 36.32 -31.75
CA THR I 131 13.06 37.28 -30.67
C THR I 131 14.52 37.55 -30.33
N ILE I 132 15.38 36.54 -30.45
CA ILE I 132 16.79 36.70 -30.12
C ILE I 132 17.63 37.09 -31.32
N GLU I 133 17.02 37.30 -32.48
CA GLU I 133 17.77 37.74 -33.65
C GLU I 133 18.50 39.06 -33.44
N PRO I 134 17.87 40.11 -32.88
CA PRO I 134 18.50 41.44 -32.92
C PRO I 134 19.82 41.53 -32.16
N LEU I 135 20.24 40.45 -31.50
CA LEU I 135 21.51 40.45 -30.79
C LEU I 135 22.71 40.28 -31.71
N LYS I 136 22.48 40.05 -33.01
CA LYS I 136 23.60 39.87 -33.93
C LYS I 136 24.45 41.13 -34.03
N LYS I 137 23.80 42.30 -34.07
CA LYS I 137 24.54 43.55 -34.22
C LYS I 137 25.44 43.84 -33.02
N LEU I 138 25.14 43.26 -31.86
CA LEU I 138 26.03 43.38 -30.71
C LEU I 138 27.16 42.36 -30.84
N GLU I 139 28.39 42.81 -30.58
CA GLU I 139 29.57 41.98 -30.77
C GLU I 139 30.31 41.68 -29.47
N ASN I 140 30.04 42.41 -28.39
CA ASN I 140 30.75 42.21 -27.14
C ASN I 140 30.11 41.15 -26.25
N LEU I 141 28.92 40.66 -26.60
CA LEU I 141 28.27 39.64 -25.79
C LEU I 141 29.04 38.33 -25.88
N LYS I 142 29.32 37.72 -24.71
CA LYS I 142 30.01 36.46 -24.64
C LYS I 142 29.22 35.35 -23.96
N SER I 143 28.26 35.68 -23.10
CA SER I 143 27.46 34.67 -22.41
C SER I 143 25.99 35.09 -22.43
N LEU I 144 25.12 34.16 -22.82
CA LEU I 144 23.68 34.39 -22.83
C LEU I 144 23.00 33.23 -22.12
N ASP I 145 22.03 33.57 -21.27
CA ASP I 145 21.31 32.58 -20.46
C ASP I 145 19.84 32.59 -20.84
N LEU I 146 19.30 31.40 -21.13
CA LEU I 146 17.88 31.24 -21.48
C LEU I 146 17.44 29.90 -20.89
N PHE I 147 16.72 29.95 -19.77
CA PHE I 147 16.28 28.77 -19.04
C PHE I 147 14.77 28.66 -19.11
N ASN I 148 14.29 27.42 -19.19
CA ASN I 148 12.86 27.12 -19.25
C ASN I 148 12.12 28.12 -20.14
N CYS I 149 12.73 28.49 -21.25
CA CYS I 149 12.13 29.40 -22.22
C CYS I 149 11.43 28.60 -23.30
N GLU I 150 10.31 29.15 -23.80
CA GLU I 150 9.57 28.46 -24.85
C GLU I 150 10.43 28.25 -26.09
N VAL I 151 11.46 29.06 -26.28
CA VAL I 151 12.36 28.87 -27.41
C VAL I 151 13.35 27.74 -27.15
N THR I 152 13.62 27.44 -25.87
CA THR I 152 14.64 26.45 -25.54
C THR I 152 14.23 25.03 -25.90
N ASN I 153 12.93 24.78 -26.08
CA ASN I 153 12.43 23.44 -26.37
C ASN I 153 12.24 23.27 -27.88
N LEU I 154 13.37 23.17 -28.58
CA LEU I 154 13.37 23.00 -30.02
C LEU I 154 14.57 22.17 -30.44
N ASN I 155 14.44 21.52 -31.59
CA ASN I 155 15.53 20.71 -32.12
C ASN I 155 16.66 21.61 -32.63
N ASP I 156 17.88 21.32 -32.19
CA ASP I 156 19.07 22.05 -32.64
C ASP I 156 18.99 23.51 -32.26
N TYR I 157 18.26 23.81 -31.19
CA TYR I 157 18.24 25.18 -30.67
C TYR I 157 19.62 25.63 -30.26
N ARG I 158 20.39 24.74 -29.63
CA ARG I 158 21.76 25.07 -29.24
C ARG I 158 22.60 25.41 -30.47
N GLU I 159 22.56 24.55 -31.49
CA GLU I 159 23.34 24.81 -32.69
C GLU I 159 22.80 26.00 -33.46
N ASN I 160 21.47 26.12 -33.57
CA ASN I 160 20.88 27.21 -34.33
C ASN I 160 21.25 28.57 -33.74
N VAL I 161 21.19 28.68 -32.42
CA VAL I 161 21.57 29.94 -31.77
C VAL I 161 23.04 30.23 -32.00
N PHE I 162 23.89 29.19 -31.94
CA PHE I 162 25.33 29.40 -32.06
C PHE I 162 25.69 29.99 -33.41
N LYS I 163 25.16 29.43 -34.49
CA LYS I 163 25.41 29.95 -35.83
C LYS I 163 24.65 31.24 -36.10
N LEU I 164 23.68 31.59 -35.27
CA LEU I 164 22.96 32.85 -35.41
C LEU I 164 23.64 34.00 -34.67
N LEU I 165 24.43 33.71 -33.65
CA LEU I 165 25.16 34.72 -32.88
C LEU I 165 26.63 34.30 -32.82
N PRO I 166 27.37 34.50 -33.91
CA PRO I 166 28.78 34.06 -33.91
C PRO I 166 29.60 34.73 -32.82
N GLN I 167 29.27 35.97 -32.45
CA GLN I 167 30.04 36.65 -31.41
C GLN I 167 29.95 35.94 -30.07
N LEU I 168 28.92 35.13 -29.85
CA LEU I 168 28.74 34.47 -28.56
C LEU I 168 29.90 33.53 -28.28
N THR I 169 30.45 33.63 -27.06
CA THR I 169 31.50 32.74 -26.61
C THR I 169 31.03 31.81 -25.48
N TYR I 170 29.90 32.10 -24.85
CA TYR I 170 29.34 31.25 -23.80
C TYR I 170 27.83 31.23 -23.94
N LEU I 171 27.21 30.29 -23.23
CA LEU I 171 25.77 30.07 -23.26
C LEU I 171 25.38 29.54 -21.88
N ASP I 172 24.25 28.84 -21.81
CA ASP I 172 23.69 28.38 -20.54
C ASP I 172 24.74 27.70 -19.66
N GLY I 173 25.89 27.34 -20.24
CA GLY I 173 27.02 26.92 -19.44
C GLY I 173 27.89 25.84 -20.08
N TYR I 174 27.45 25.29 -21.20
CA TYR I 174 28.10 24.13 -21.81
C TYR I 174 28.49 24.40 -23.25
N ASP I 175 29.18 25.51 -23.49
CA ASP I 175 29.79 25.74 -24.79
C ASP I 175 30.74 24.59 -25.11
N ARG I 176 31.82 24.50 -24.33
CA ARG I 176 32.76 23.38 -24.43
C ARG I 176 33.19 22.91 -23.05
N ASP I 177 33.06 23.79 -22.05
CA ASP I 177 33.53 23.52 -20.70
C ASP I 177 32.64 24.27 -19.73
N ASP I 178 33.05 24.33 -18.46
CA ASP I 178 32.26 24.96 -17.39
C ASP I 178 33.16 25.95 -16.65
N LYS I 179 32.91 27.25 -16.84
CA LYS I 179 33.52 28.30 -16.04
C LYS I 179 32.42 29.19 -15.46
N GLU I 180 32.79 29.97 -14.46
CA GLU I 180 31.84 30.74 -13.67
C GLU I 180 32.01 32.24 -13.94
N ALA I 181 30.91 32.95 -13.94
CA ALA I 181 30.92 34.40 -14.16
C ALA I 181 31.58 35.11 -12.99
#